data_5IY5
#
_entry.id   5IY5
#
_cell.length_a   113.290
_cell.length_b   183.872
_cell.length_c   148.929
_cell.angle_alpha   90.000
_cell.angle_beta   102.120
_cell.angle_gamma   90.000
#
_symmetry.space_group_name_H-M   'P 1 21 1'
#
loop_
_entity.id
_entity.type
_entity.pdbx_description
1 polymer 'Cytochrome c oxidase subunit 1'
2 polymer 'Cytochrome c oxidase subunit 2'
3 polymer 'Cytochrome c oxidase subunit 3'
4 polymer 'Cytochrome c oxidase subunit 4 isoform 1, mitochondrial'
5 polymer 'Cytochrome c oxidase subunit 5A, mitochondrial'
6 polymer 'Cytochrome c oxidase subunit 5B, mitochondrial'
7 polymer 'Cytochrome c oxidase subunit 6A2, mitochondrial'
8 polymer 'Cytochrome c oxidase subunit 6B1'
9 polymer 'Cytochrome c oxidase subunit 6C'
10 polymer 'Cytochrome c oxidase subunit 7A1, mitochondrial'
11 polymer 'Cytochrome c oxidase subunit 7B, mitochondrial'
12 polymer 'Cytochrome c oxidase subunit 7C, mitochondrial'
13 polymer 'Cytochrome c oxidase subunit 8B, mitochondrial'
14 polymer 'Cytochrome c'
15 non-polymer 'COPPER (II) ION'
16 non-polymer 'MAGNESIUM ION'
17 non-polymer 'SODIUM ION'
18 non-polymer HEME-A
19 non-polymer 'PEROXIDE ION'
20 non-polymer '(1R)-2-{[{[(2S)-2,3-DIHYDROXYPROPYL]OXY}(HYDROXY)PHOSPHORYL]OXY}-1-[(PALMITOYLOXY)METHYL]ETHYL (11E)-OCTADEC-11-ENOATE'
21 non-polymer TRISTEAROYLGLYCEROL
22 non-polymer 'DINUCLEAR COPPER ION'
23 non-polymer 1,2-ETHANEDIOL
24 non-polymer 'CHOLIC ACID'
25 non-polymer '(1S)-2-{[(2-AMINOETHOXY)(HYDROXY)PHOSPHORYL]OXY}-1-[(STEAROYLOXY)METHYL]ETHYL (5E,8E,11E,14E)-ICOSA-5,8,11,14-TETRAENOATE'
26 non-polymer CARDIOLIPIN
27 non-polymer 'UNKNOWN LIGAND'
28 non-polymer '(7R,17E,20E)-4-HYDROXY-N,N,N-TRIMETHYL-9-OXO-7-[(PALMITOYLOXY)METHYL]-3,5,8-TRIOXA-4-PHOSPHAHEXACOSA-17,20-DIEN-1-AMINIUM 4-OXIDE'
29 non-polymer 'ZINC ION'
30 non-polymer DECYL-BETA-D-MALTOPYRANOSIDE
31 non-polymer 'HEME C'
32 water water
#
loop_
_entity_poly.entity_id
_entity_poly.type
_entity_poly.pdbx_seq_one_letter_code
_entity_poly.pdbx_strand_id
1 'polypeptide(L)'
;(FME)FINRWLFSTNHKDIGTLYLLFGAWAGMVGTALSLLIRAELGQPGTLLGDDQIYNVVVTAHAFVMIFFMVMPIMIG
GFGNWLVPLMIGAPDMAFPRMNNMSFWLLPPSFLLLLASSMVEAGAGTGWTVYPPLAGNLAHAGASVDLTIFSLHLAGVS
SILGAINFITTIINMKPPAMSQYQTPLFVWSVMITAVLLLLSLPVLAAGITMLLTDRNLNTTFFDPAGGGDPILYQHLFW
FFGHPEVYILILPGFGMISHIVTYYSGKKEPFGYMGMVWAMMSIGFLGFIVWAHHMFTVGMDVDTRAYFTSATMIIAIPT
GVKVFSWLATLHGGNIKWSPAMMWALGFIFLFTVGGLTGIVLANSSLDIVLHDTYYVVAHFHYVLSMGAVFAIMGGFVHW
FPLFSGYTLNDTWAKIHFAIMFVGVNMTFFPQHFLGLSGMPRRYSDYPDAYTMWNTISSMGSFISLTAVMLMVFIIWEAF
ASKREVLTVDLTTTNLEWLNGCPPPYHTFEEPTYVNLK
;
A,N
2 'polypeptide(L)'
;(FME)AYPMQLGFQDATSPIMEELLHFHDHTLMIVFLISSLVLYIISLMLTTKLTHTSTMDAQEVETIWTILPAIILILI
ALPSLRILYMMDEINNPSLTVKTMGHQWYWSYEYTDYEDLSFDSYMIPTSELKPGELRLLEVDNRVVLPMEMTIRMLVSS
EDVLHSWAVPSLGLKTDAIPGRLNQTTLMSSRPGLYYGQCSEICGSNHSFMPIVLELVPLKYFEKWSASML
;
B,O
3 'polypeptide(L)'
;HQTHAYHMVNPSPWPLTGALSALLMTSGLTMWFHFNSMTLLMIGLTTNMLTMYQWWRDVIRESTFQGHHTPAVQKGLRYG
MILFIISEVLFFTGFFWAFYHSSLAPTPELGGCWPPTGIHPLNPLEVPLLNTSVLLASGVSITWAHHSLMEGDRKHMLQA
LFITITLGVYFTLLQASEYYEAPFTISDGVYGSTFFVATGFHGLHVIIGSTFLIVCFFRQLKFHFTSNHHFGFEAAAWYW
HFVDVVWLFLYVSIYWWGS
;
C,P
4 'polypeptide(L)'
;SVVKSEDYALPSYVDRRDYPLPDVAHVKNLSASQKALKEKEKASWSSLSIDEKVELYRLKFKESFAEMNRSTNEWKTVVG
AAMFFIGFTALLLIWEKHYVYGPIPHTFEEEWVAKQTKRMLDMKVAPIQGFSAKWDYDKNEWKK
;
D,Q
5 'polypeptide(L)'
;HETDEEFDARWVTYFNKPDIDAWELRKGMNTLVGYDLVPEPKIIDAALRACRRLNDFASAVRILEVVKDKAGPHKEIYPY
VIQELRPTLNELGISTPEELGLDKV
;
E,R
6 'polypeptide(L)'
;ASGGGVPTDEEQATGLEREVMLAARKGQDPYNILAPKATSGTKEDPNLVPSITNKRIVGCICEEDNSTVIWFWLHKGEAQ
RCPSCGTHYKLVPHQLAH
;
F,S
7 'polypeptide(L)'
;ASAAKGDHGG(TPO)GARTWRFLTFGLALPSVALCTLNSWLHSGHRERPAFIPYHHLRIRTKPFSWGDGNHTFFHNPRVN
PLPTGYEK
;
G,T
8 'polypeptide(L)' KIKNYQTAPFDSRFPNQNQTRNCWQNYLDFHRCEKAMTAKGGDVSVCEWYRRVYKSLCPISWVSTWDDRRAEGTFPGKI H,U
9 'polypeptide(L)' (SAC)TALAKPQMRGLLARRLRFHIVGAFMVSLGFATFYKFAVAEKRKKAYADFYRNYDSMKDFEEMRKAGIFQSAK I,V
10 'polypeptide(L)' FENRVAEKQKLFQEDNGLPVHLKGGATDNILYRVTMTLCLGGTLYSLYCLGWASFPHK J,W
11 'polypeptide(L)' APDFHDKYGNAVLASGATFCVAVWVYMATQIGIEWNPSPVGRVTPKEWR K,X
12 'polypeptide(L)' HYEEGPGKNIPFSVENKWRLLAMMTLFFGSGFAAPFFIVRHQLLKK L,Y
13 'polypeptide(L)' ITAKPAKTPTSPKEQAIGLSVTFLSFLLPAGWVLYHLDNYKKS M,Z
14 'polypeptide(L)'
;(ACE)GDVEKGKKIFVQKCAQCHTVEKGGKHKTGPNLHGLFGRKTGQAPGFTYTDANKNKGITWKEETLMEYLENPKKYI
PGTKMIFAGIKKKTEREDLIAYLKKATNE
;
1,2
#
# COMPACT_ATOMS: atom_id res chain seq x y z
N PHE A 2 15.30 -38.37 34.70
CA PHE A 2 16.23 -37.30 34.53
C PHE A 2 16.12 -36.76 33.12
N ILE A 3 16.06 -37.68 32.16
CA ILE A 3 15.96 -37.28 30.77
C ILE A 3 14.62 -36.56 30.49
N ASN A 4 13.50 -37.11 30.95
CA ASN A 4 12.20 -36.48 30.74
C ASN A 4 12.20 -35.04 31.31
N ARG A 5 12.90 -34.85 32.42
CA ARG A 5 12.79 -33.60 33.14
C ARG A 5 13.63 -32.54 32.46
N TRP A 6 14.83 -32.93 32.07
CA TRP A 6 15.94 -31.97 31.75
C TRP A 6 16.26 -31.89 30.28
N LEU A 7 15.89 -32.89 29.50
CA LEU A 7 16.07 -32.85 28.04
C LEU A 7 14.73 -32.64 27.32
N PHE A 8 13.63 -33.10 27.96
CA PHE A 8 12.29 -33.03 27.36
C PHE A 8 11.41 -32.04 28.11
N SER A 9 11.99 -31.07 28.80
CA SER A 9 11.21 -30.17 29.60
C SER A 9 10.08 -29.43 28.86
N THR A 10 8.96 -29.22 29.56
CA THR A 10 7.98 -28.24 29.08
C THR A 10 7.65 -27.32 30.25
N ASN A 11 8.63 -27.04 31.09
CA ASN A 11 8.33 -26.30 32.30
C ASN A 11 9.14 -25.04 32.34
N HIS A 12 8.50 -23.90 32.61
CA HIS A 12 9.22 -22.62 32.43
C HIS A 12 10.39 -22.45 33.42
N LYS A 13 10.24 -22.99 34.64
CA LYS A 13 11.25 -22.84 35.71
C LYS A 13 12.51 -23.67 35.38
N ASP A 14 12.34 -24.99 35.10
CA ASP A 14 13.47 -25.83 34.70
C ASP A 14 14.14 -25.30 33.42
N ILE A 15 13.33 -24.83 32.46
CA ILE A 15 13.94 -24.27 31.20
C ILE A 15 14.68 -23.00 31.59
N GLY A 16 14.11 -22.15 32.44
CA GLY A 16 14.92 -20.99 32.92
C GLY A 16 16.24 -21.36 33.66
N THR A 17 16.19 -22.43 34.48
CA THR A 17 17.39 -22.98 35.17
C THR A 17 18.43 -23.47 34.15
N LEU A 18 17.99 -24.14 33.09
CA LEU A 18 18.87 -24.54 32.01
C LEU A 18 19.58 -23.37 31.37
N TYR A 19 18.82 -22.29 31.10
CA TYR A 19 19.41 -21.11 30.49
C TYR A 19 20.47 -20.46 31.40
N LEU A 20 20.18 -20.40 32.71
CA LEU A 20 21.07 -19.83 33.72
C LEU A 20 22.36 -20.63 33.80
N LEU A 21 22.27 -21.96 33.71
CA LEU A 21 23.46 -22.81 33.75
C LEU A 21 24.29 -22.61 32.50
N PHE A 22 23.62 -22.61 31.38
CA PHE A 22 24.28 -22.36 30.07
C PHE A 22 24.94 -20.99 30.04
N GLY A 23 24.16 -19.95 30.41
CA GLY A 23 24.75 -18.58 30.45
C GLY A 23 25.93 -18.45 31.43
N ALA A 24 25.89 -19.16 32.57
CA ALA A 24 26.98 -19.11 33.56
C ALA A 24 28.24 -19.77 32.94
N TRP A 25 28.08 -20.94 32.35
CA TRP A 25 29.19 -21.61 31.66
C TRP A 25 29.75 -20.76 30.48
N ALA A 26 28.88 -20.18 29.63
CA ALA A 26 29.31 -19.29 28.58
C ALA A 26 30.08 -18.08 29.18
N GLY A 27 29.62 -17.51 30.32
CA GLY A 27 30.28 -16.34 30.94
C GLY A 27 31.77 -16.71 31.29
N MET A 28 32.04 -17.98 31.66
CA MET A 28 33.38 -18.42 31.96
C MET A 28 34.20 -18.40 30.67
N VAL A 29 33.57 -18.88 29.56
CA VAL A 29 34.22 -18.89 28.27
C VAL A 29 34.52 -17.42 27.86
N GLY A 30 33.51 -16.53 28.00
CA GLY A 30 33.71 -15.13 27.64
C GLY A 30 34.83 -14.48 28.45
N THR A 31 34.96 -14.85 29.73
CA THR A 31 35.88 -14.25 30.66
C THR A 31 37.31 -14.66 30.29
N ALA A 32 37.49 -15.95 30.00
CA ALA A 32 38.78 -16.46 29.59
C ALA A 32 39.24 -15.74 28.32
N LEU A 33 38.32 -15.60 27.35
CA LEU A 33 38.62 -14.88 26.14
C LEU A 33 38.96 -13.43 26.43
N SER A 34 38.27 -12.79 27.38
CA SER A 34 38.60 -11.40 27.69
C SER A 34 40.02 -11.36 28.30
N LEU A 35 40.43 -12.35 29.12
CA LEU A 35 41.81 -12.37 29.71
C LEU A 35 42.87 -12.59 28.66
N LEU A 36 42.57 -13.39 27.66
CA LEU A 36 43.54 -13.61 26.57
C LEU A 36 43.72 -12.29 25.79
N ILE A 37 42.64 -11.59 25.51
CA ILE A 37 42.81 -10.27 24.90
C ILE A 37 43.75 -9.37 25.72
N ARG A 38 43.46 -9.24 27.01
CA ARG A 38 44.17 -8.29 27.87
C ARG A 38 45.59 -8.79 28.23
N ALA A 39 45.79 -10.08 28.12
CA ALA A 39 47.16 -10.59 28.25
C ALA A 39 48.01 -10.22 27.05
N GLU A 40 47.43 -10.33 25.86
CA GLU A 40 48.14 -9.91 24.66
C GLU A 40 48.55 -8.45 24.74
N LEU A 41 47.69 -7.59 25.31
CA LEU A 41 47.90 -6.12 25.35
C LEU A 41 48.66 -5.65 26.63
N GLY A 42 48.91 -6.58 27.56
CA GLY A 42 49.26 -6.21 28.95
C GLY A 42 50.71 -5.76 29.04
N GLN A 43 51.50 -6.03 27.95
CA GLN A 43 52.76 -5.38 27.71
C GLN A 43 52.94 -5.21 26.20
N PRO A 44 53.77 -4.21 25.78
CA PRO A 44 54.09 -4.05 24.34
C PRO A 44 54.84 -5.27 23.77
N GLY A 45 54.53 -5.58 22.53
CA GLY A 45 55.12 -6.73 21.84
C GLY A 45 53.98 -7.69 21.49
N THR A 46 54.35 -8.83 20.98
CA THR A 46 53.42 -9.84 20.50
C THR A 46 53.54 -11.00 21.49
N LEU A 47 52.47 -11.37 22.11
CA LEU A 47 52.44 -12.52 23.01
C LEU A 47 52.03 -13.83 22.23
N LEU A 48 50.88 -13.81 21.53
CA LEU A 48 50.26 -15.01 20.95
C LEU A 48 50.66 -15.32 19.51
N GLY A 49 50.43 -14.38 18.63
CA GLY A 49 50.87 -14.45 17.23
C GLY A 49 50.33 -13.12 16.76
N ASP A 50 50.06 -13.10 15.47
CA ASP A 50 49.77 -11.90 14.73
C ASP A 50 48.30 -11.56 14.94
N ASP A 51 47.75 -10.62 14.18
CA ASP A 51 46.35 -10.25 14.42
C ASP A 51 45.30 -11.36 14.13
N GLN A 52 45.67 -12.49 13.47
CA GLN A 52 44.64 -13.46 13.02
C GLN A 52 44.19 -14.17 14.27
N ILE A 53 45.12 -14.76 15.01
CA ILE A 53 44.71 -15.50 16.19
C ILE A 53 44.20 -14.54 17.27
N TYR A 54 44.82 -13.37 17.36
CA TYR A 54 44.29 -12.33 18.31
C TYR A 54 42.81 -11.98 17.99
N ASN A 55 42.48 -11.75 16.73
CA ASN A 55 41.10 -11.35 16.47
C ASN A 55 40.11 -12.48 16.39
N VAL A 56 40.59 -13.74 16.28
CA VAL A 56 39.72 -14.89 16.44
C VAL A 56 39.20 -14.83 17.89
N VAL A 57 40.07 -14.48 18.81
CA VAL A 57 39.77 -14.35 20.26
C VAL A 57 38.88 -13.17 20.55
N VAL A 58 39.19 -12.01 19.96
CA VAL A 58 38.35 -10.84 20.17
C VAL A 58 36.90 -11.11 19.62
N THR A 59 36.82 -11.73 18.45
CA THR A 59 35.50 -11.98 17.80
C THR A 59 34.67 -13.00 18.65
N ALA A 60 35.32 -14.08 19.09
CA ALA A 60 34.63 -15.09 19.95
C ALA A 60 34.26 -14.43 21.29
N HIS A 61 35.14 -13.56 21.85
CA HIS A 61 34.81 -12.95 23.11
C HIS A 61 33.45 -12.28 23.00
N ALA A 62 33.29 -11.49 21.95
CA ALA A 62 32.10 -10.72 21.79
C ALA A 62 30.88 -11.64 21.52
N PHE A 63 31.00 -12.60 20.63
CA PHE A 63 29.81 -13.43 20.31
C PHE A 63 29.38 -14.17 21.56
N VAL A 64 30.37 -14.68 22.31
CA VAL A 64 30.07 -15.47 23.55
C VAL A 64 29.41 -14.60 24.61
N MET A 65 29.98 -13.44 24.89
CA MET A 65 29.35 -12.57 25.94
C MET A 65 27.91 -12.16 25.53
N ILE A 66 27.69 -11.82 24.24
CA ILE A 66 26.43 -11.30 23.80
C ILE A 66 25.37 -12.40 23.64
N PHE A 67 25.67 -13.37 22.76
CA PHE A 67 24.67 -14.41 22.36
C PHE A 67 24.61 -15.58 23.33
N PHE A 68 25.72 -15.89 24.02
CA PHE A 68 25.64 -17.04 24.88
C PHE A 68 25.57 -16.69 26.35
N MET A 69 25.91 -15.45 26.73
CA MET A 69 25.93 -15.07 28.15
C MET A 69 24.80 -14.12 28.43
N VAL A 70 24.81 -12.91 27.87
CA VAL A 70 23.83 -11.93 28.31
C VAL A 70 22.39 -12.31 27.88
N MET A 71 22.22 -12.66 26.62
CA MET A 71 20.81 -12.89 26.17
C MET A 71 20.22 -14.17 26.86
N PRO A 72 20.96 -15.28 26.93
CA PRO A 72 20.38 -16.45 27.60
C PRO A 72 20.06 -16.24 29.10
N ILE A 73 20.94 -15.53 29.79
CA ILE A 73 20.69 -15.29 31.17
C ILE A 73 19.49 -14.34 31.38
N MET A 74 19.48 -13.21 30.66
CA MET A 74 18.45 -12.18 30.91
C MET A 74 17.09 -12.68 30.43
N ILE A 75 17.04 -13.17 29.23
CA ILE A 75 15.77 -13.39 28.56
C ILE A 75 15.39 -14.86 28.80
N GLY A 76 16.28 -15.79 28.44
CA GLY A 76 15.93 -17.20 28.66
C GLY A 76 15.86 -17.53 30.15
N GLY A 77 16.73 -16.96 31.00
CA GLY A 77 16.85 -17.41 32.37
C GLY A 77 15.93 -16.63 33.28
N PHE A 78 16.21 -15.33 33.51
CA PHE A 78 15.30 -14.55 34.31
C PHE A 78 13.95 -14.44 33.63
N GLY A 79 13.90 -14.28 32.29
CA GLY A 79 12.57 -14.19 31.62
C GLY A 79 11.72 -15.41 31.88
N ASN A 80 12.25 -16.61 31.62
CA ASN A 80 11.41 -17.78 31.83
C ASN A 80 11.06 -17.99 33.26
N TRP A 81 12.02 -17.82 34.18
CA TRP A 81 11.74 -18.02 35.58
C TRP A 81 10.68 -17.03 36.05
N LEU A 82 10.86 -15.75 35.73
CA LEU A 82 10.09 -14.70 36.41
C LEU A 82 8.79 -14.31 35.70
N VAL A 83 8.80 -14.24 34.36
CA VAL A 83 7.64 -13.70 33.67
C VAL A 83 6.31 -14.46 33.96
N PRO A 84 6.28 -15.80 33.84
CA PRO A 84 5.02 -16.46 34.20
C PRO A 84 4.58 -16.23 35.64
N LEU A 85 5.54 -16.23 36.57
CA LEU A 85 5.27 -16.07 38.01
C LEU A 85 4.73 -14.67 38.30
N MET A 86 5.24 -13.67 37.59
CA MET A 86 4.84 -12.26 37.79
C MET A 86 3.44 -11.93 37.23
N ILE A 87 2.96 -12.73 36.29
CA ILE A 87 1.59 -12.54 35.78
C ILE A 87 0.62 -13.69 36.16
N GLY A 88 1.10 -14.60 37.02
CA GLY A 88 0.19 -15.63 37.60
C GLY A 88 -0.21 -16.67 36.56
N ALA A 89 0.60 -16.80 35.50
CA ALA A 89 0.40 -17.79 34.42
C ALA A 89 0.96 -19.12 34.82
N PRO A 90 0.34 -20.20 34.31
CA PRO A 90 0.78 -21.53 34.69
C PRO A 90 2.03 -21.96 33.96
N ASP A 91 2.38 -21.28 32.84
CA ASP A 91 3.62 -21.58 32.14
C ASP A 91 3.75 -20.57 31.02
N MET A 92 4.68 -20.78 30.08
CA MET A 92 4.72 -19.94 28.89
C MET A 92 3.56 -20.33 27.90
N ALA A 93 3.25 -19.52 26.85
CA ALA A 93 2.20 -19.94 25.92
C ALA A 93 2.54 -21.20 25.17
N PHE A 94 3.83 -21.37 24.81
CA PHE A 94 4.30 -22.50 23.91
C PHE A 94 5.42 -23.27 24.64
N PRO A 95 5.04 -24.09 25.66
CA PRO A 95 6.03 -24.61 26.62
C PRO A 95 7.00 -25.57 25.96
N ARG A 96 6.60 -26.21 24.88
CA ARG A 96 7.44 -27.16 24.15
C ARG A 96 8.28 -26.38 23.16
N MET A 97 7.69 -25.41 22.44
CA MET A 97 8.61 -24.53 21.65
C MET A 97 9.68 -23.83 22.51
N ASN A 98 9.35 -23.45 23.74
CA ASN A 98 10.30 -22.78 24.68
C ASN A 98 11.55 -23.68 24.88
N ASN A 99 11.32 -24.98 24.99
CA ASN A 99 12.41 -25.92 25.14
C ASN A 99 13.33 -26.00 23.90
N MET A 100 12.75 -25.76 22.71
CA MET A 100 13.61 -25.73 21.52
C MET A 100 14.50 -24.47 21.49
N SER A 101 13.97 -23.33 21.93
CA SER A 101 14.82 -22.13 22.01
C SER A 101 16.01 -22.42 22.88
N PHE A 102 15.81 -23.11 24.01
CA PHE A 102 16.96 -23.48 24.82
C PHE A 102 17.94 -24.40 24.06
N TRP A 103 17.44 -25.55 23.56
CA TRP A 103 18.32 -26.60 22.98
C TRP A 103 18.96 -26.19 21.68
N LEU A 104 18.51 -25.12 21.04
CA LEU A 104 19.31 -24.56 19.89
C LEU A 104 20.64 -23.89 20.30
N LEU A 105 20.78 -23.51 21.57
CA LEU A 105 21.99 -22.74 21.92
C LEU A 105 23.24 -23.65 22.07
N PRO A 106 23.14 -24.85 22.72
CA PRO A 106 24.35 -25.70 22.72
C PRO A 106 24.92 -25.97 21.33
N PRO A 107 24.07 -26.34 20.37
CA PRO A 107 24.59 -26.52 19.01
C PRO A 107 25.05 -25.17 18.42
N SER A 108 24.38 -24.06 18.73
CA SER A 108 24.91 -22.80 18.18
C SER A 108 26.36 -22.60 18.70
N PHE A 109 26.57 -22.88 19.99
CA PHE A 109 27.86 -22.63 20.64
C PHE A 109 28.86 -23.64 20.08
N LEU A 110 28.45 -24.89 19.86
CA LEU A 110 29.35 -25.85 19.25
C LEU A 110 29.85 -25.37 17.88
N LEU A 111 28.94 -24.80 17.10
CA LEU A 111 29.36 -24.26 15.77
C LEU A 111 30.40 -23.14 15.94
N LEU A 112 30.21 -22.28 16.92
CA LEU A 112 31.15 -21.21 17.21
C LEU A 112 32.56 -21.81 17.58
N LEU A 113 32.60 -22.80 18.46
N LEU A 113 32.59 -22.84 18.45
CA LEU A 113 33.84 -23.41 18.89
CA LEU A 113 33.80 -23.64 18.79
C LEU A 113 34.43 -24.32 17.70
C LEU A 113 34.46 -24.09 17.51
N ALA A 114 33.62 -24.70 16.69
CA ALA A 114 34.11 -25.37 15.50
C ALA A 114 34.76 -24.30 14.60
N SER A 115 34.15 -23.12 14.52
CA SER A 115 34.72 -22.05 13.70
C SER A 115 36.18 -21.76 14.12
N SER A 116 36.45 -21.80 15.42
CA SER A 116 37.77 -21.44 15.94
C SER A 116 38.78 -22.60 15.90
N MET A 117 38.28 -23.82 15.69
CA MET A 117 39.14 -25.00 15.67
C MET A 117 39.66 -25.36 14.30
N VAL A 118 38.84 -25.10 13.29
CA VAL A 118 39.21 -25.34 11.86
C VAL A 118 39.94 -24.17 11.21
N GLU A 119 40.69 -24.49 10.20
CA GLU A 119 41.47 -23.47 9.48
C GLU A 119 42.18 -22.58 10.49
N ALA A 120 42.13 -21.27 10.27
CA ALA A 120 42.71 -20.32 11.18
C ALA A 120 41.64 -19.52 11.97
N GLY A 121 40.35 -19.99 12.01
CA GLY A 121 39.33 -19.22 12.81
C GLY A 121 38.80 -18.07 12.00
N ALA A 122 37.74 -17.42 12.52
CA ALA A 122 37.02 -16.30 11.84
C ALA A 122 37.55 -15.11 12.60
N GLY A 123 38.64 -14.47 12.10
CA GLY A 123 39.24 -13.30 12.78
C GLY A 123 38.63 -12.08 12.16
N THR A 124 37.32 -11.87 12.36
CA THR A 124 36.63 -10.93 11.50
C THR A 124 36.09 -9.71 12.28
N GLY A 125 36.10 -9.78 13.60
CA GLY A 125 35.26 -8.86 14.41
C GLY A 125 33.87 -9.50 14.45
N TRP A 126 33.07 -9.14 15.46
CA TRP A 126 31.76 -9.78 15.66
C TRP A 126 30.78 -9.22 14.66
N THR A 127 31.15 -8.13 13.99
CA THR A 127 30.31 -7.55 12.88
C THR A 127 30.48 -8.34 11.59
N VAL A 128 31.56 -9.12 11.46
CA VAL A 128 31.71 -10.04 10.31
C VAL A 128 31.71 -9.34 8.93
N TYR A 129 32.34 -8.17 8.83
CA TYR A 129 32.23 -7.40 7.57
C TYR A 129 32.97 -8.09 6.43
N PRO A 130 32.36 -8.12 5.23
CA PRO A 130 33.17 -8.43 4.06
C PRO A 130 33.90 -7.19 3.57
N PRO A 131 34.87 -7.35 2.66
CA PRO A 131 35.44 -8.59 2.09
C PRO A 131 36.37 -9.42 3.03
N LEU A 132 36.77 -8.89 4.20
CA LEU A 132 37.62 -9.67 5.11
C LEU A 132 36.95 -10.98 5.43
N ALA A 133 35.63 -10.95 5.63
CA ALA A 133 34.88 -12.22 5.94
C ALA A 133 34.46 -13.04 4.68
N GLY A 134 34.82 -12.57 3.48
CA GLY A 134 34.41 -13.26 2.27
C GLY A 134 35.33 -14.44 1.96
N ASN A 135 35.11 -15.11 0.82
CA ASN A 135 35.77 -16.41 0.62
C ASN A 135 37.27 -16.31 0.14
N LEU A 136 37.79 -15.11 -0.12
CA LEU A 136 39.20 -15.00 -0.54
C LEU A 136 40.07 -14.60 0.67
N ALA A 137 39.62 -13.61 1.42
CA ALA A 137 40.36 -13.18 2.59
C ALA A 137 40.07 -14.12 3.79
N HIS A 138 38.98 -14.91 3.78
CA HIS A 138 38.78 -15.93 4.88
C HIS A 138 38.27 -17.20 4.26
N ALA A 139 39.07 -17.70 3.36
CA ALA A 139 38.80 -19.00 2.71
C ALA A 139 38.59 -20.16 3.71
N GLY A 140 37.71 -21.11 3.42
CA GLY A 140 37.55 -22.24 4.28
C GLY A 140 36.35 -22.06 5.19
N ALA A 141 36.15 -23.03 6.11
CA ALA A 141 34.86 -23.17 6.74
C ALA A 141 34.61 -22.23 7.90
N SER A 142 35.63 -21.56 8.43
CA SER A 142 35.37 -20.81 9.74
C SER A 142 34.22 -19.81 9.71
N VAL A 143 34.22 -18.92 8.71
CA VAL A 143 33.25 -17.90 8.73
C VAL A 143 31.89 -18.55 8.42
N ASP A 144 31.84 -19.61 7.61
CA ASP A 144 30.51 -20.26 7.39
C ASP A 144 30.02 -20.90 8.68
N LEU A 145 30.93 -21.49 9.48
CA LEU A 145 30.47 -22.00 10.76
C LEU A 145 29.94 -20.85 11.69
N THR A 146 30.65 -19.72 11.64
CA THR A 146 30.19 -18.58 12.36
C THR A 146 28.79 -18.13 11.88
N ILE A 147 28.56 -18.08 10.57
CA ILE A 147 27.25 -17.67 10.06
C ILE A 147 26.18 -18.64 10.58
N PHE A 148 26.45 -19.93 10.48
CA PHE A 148 25.48 -20.91 10.92
C PHE A 148 25.19 -20.81 12.44
N SER A 149 26.23 -20.54 13.21
CA SER A 149 26.04 -20.38 14.64
C SER A 149 25.04 -19.24 14.90
N LEU A 150 25.22 -18.11 14.21
CA LEU A 150 24.31 -16.95 14.30
C LEU A 150 22.90 -17.32 13.80
N HIS A 151 22.82 -18.15 12.76
CA HIS A 151 21.46 -18.57 12.31
C HIS A 151 20.71 -19.30 13.42
N LEU A 152 21.40 -20.23 14.14
CA LEU A 152 20.70 -21.00 15.19
C LEU A 152 20.38 -20.10 16.36
N ALA A 153 21.32 -19.28 16.81
CA ALA A 153 21.02 -18.38 17.96
C ALA A 153 19.86 -17.50 17.54
N GLY A 154 19.82 -17.10 16.25
CA GLY A 154 18.77 -16.19 15.70
C GLY A 154 17.40 -16.85 15.76
N VAL A 155 17.30 -18.08 15.25
CA VAL A 155 16.10 -18.84 15.36
C VAL A 155 15.67 -19.05 16.83
N SER A 156 16.62 -19.38 17.68
CA SER A 156 16.30 -19.62 19.12
C SER A 156 15.58 -18.37 19.67
N SER A 157 16.17 -17.19 19.42
CA SER A 157 15.63 -15.90 19.98
C SER A 157 14.35 -15.38 19.27
N ILE A 158 14.20 -15.62 17.96
CA ILE A 158 12.98 -15.27 17.32
C ILE A 158 11.77 -16.06 17.88
N LEU A 159 11.91 -17.38 18.00
CA LEU A 159 10.86 -18.20 18.55
C LEU A 159 10.68 -17.87 20.06
N GLY A 160 11.77 -17.55 20.80
CA GLY A 160 11.65 -17.09 22.20
C GLY A 160 10.82 -15.78 22.23
N ALA A 161 11.04 -14.89 21.24
CA ALA A 161 10.32 -13.57 21.15
C ALA A 161 8.85 -13.83 20.97
N ILE A 162 8.55 -14.70 20.04
CA ILE A 162 7.12 -15.02 19.76
C ILE A 162 6.44 -15.56 21.03
N ASN A 163 7.17 -16.41 21.75
CA ASN A 163 6.67 -17.05 23.01
C ASN A 163 6.44 -16.02 24.11
N PHE A 164 7.41 -15.14 24.31
CA PHE A 164 7.25 -14.10 25.36
C PHE A 164 6.16 -13.12 25.04
N ILE A 165 6.14 -12.54 23.81
CA ILE A 165 5.06 -11.65 23.41
C ILE A 165 3.72 -12.34 23.57
N THR A 166 3.57 -13.55 23.03
CA THR A 166 2.25 -14.21 23.10
C THR A 166 1.92 -14.45 24.61
N THR A 167 2.89 -14.96 25.37
CA THR A 167 2.64 -15.17 26.85
C THR A 167 2.22 -13.85 27.60
N ILE A 168 2.94 -12.76 27.33
CA ILE A 168 2.69 -11.53 28.12
C ILE A 168 1.36 -10.85 27.63
N ILE A 169 1.02 -10.98 26.35
CA ILE A 169 -0.24 -10.40 25.88
C ILE A 169 -1.43 -11.28 26.29
N ASN A 170 -1.27 -12.59 26.14
CA ASN A 170 -2.46 -13.44 26.17
C ASN A 170 -2.71 -14.04 27.57
N MET A 171 -1.69 -14.11 28.47
CA MET A 171 -1.82 -14.99 29.67
C MET A 171 -1.89 -14.27 30.99
N LYS A 172 -2.21 -12.97 30.98
CA LYS A 172 -2.37 -12.27 32.25
C LYS A 172 -3.70 -12.66 32.88
N PRO A 173 -3.91 -12.39 34.17
CA PRO A 173 -5.31 -12.63 34.62
C PRO A 173 -6.25 -11.69 33.84
N PRO A 174 -7.53 -12.12 33.64
CA PRO A 174 -8.34 -11.39 32.69
C PRO A 174 -8.62 -9.96 33.15
N ALA A 175 -8.68 -9.63 34.45
CA ALA A 175 -8.80 -8.22 34.90
C ALA A 175 -7.48 -7.41 34.82
N MET A 176 -6.34 -8.05 34.61
CA MET A 176 -5.09 -7.30 34.69
C MET A 176 -4.87 -6.71 33.30
N SER A 177 -4.82 -5.39 33.17
CA SER A 177 -4.42 -4.84 31.86
C SER A 177 -2.88 -4.87 31.69
N GLN A 178 -2.39 -4.50 30.52
CA GLN A 178 -0.93 -4.30 30.37
C GLN A 178 -0.35 -3.26 31.33
N TYR A 179 -1.14 -2.27 31.73
CA TYR A 179 -0.71 -1.22 32.68
C TYR A 179 -0.85 -1.67 34.15
N GLN A 180 -0.99 -2.99 34.33
CA GLN A 180 -0.92 -3.52 35.67
C GLN A 180 0.16 -4.62 35.74
N THR A 181 1.02 -4.71 34.74
CA THR A 181 2.04 -5.76 34.80
C THR A 181 3.32 -5.11 35.36
N PRO A 182 4.18 -5.93 35.98
CA PRO A 182 5.40 -5.31 36.50
C PRO A 182 6.36 -4.79 35.36
N LEU A 183 7.18 -3.76 35.65
CA LEU A 183 8.20 -3.27 34.71
C LEU A 183 9.12 -4.33 34.17
N PHE A 184 9.39 -5.37 34.91
CA PHE A 184 10.29 -6.40 34.31
C PHE A 184 9.54 -7.09 33.15
N VAL A 185 8.26 -7.37 33.39
CA VAL A 185 7.41 -7.93 32.27
C VAL A 185 7.40 -7.05 31.04
N TRP A 186 7.23 -5.73 31.27
CA TRP A 186 7.30 -4.79 30.16
C TRP A 186 8.61 -4.88 29.45
N SER A 187 9.72 -4.94 30.22
CA SER A 187 10.98 -4.84 29.62
C SER A 187 11.21 -6.08 28.71
N VAL A 188 10.76 -7.23 29.16
CA VAL A 188 10.93 -8.44 28.35
C VAL A 188 10.05 -8.39 27.12
N MET A 189 8.81 -7.89 27.29
CA MET A 189 7.99 -7.78 26.10
C MET A 189 8.61 -6.87 25.04
N ILE A 190 9.07 -5.69 25.45
CA ILE A 190 9.68 -4.77 24.51
C ILE A 190 10.95 -5.36 23.88
N THR A 191 11.79 -6.00 24.70
CA THR A 191 12.93 -6.72 24.14
C THR A 191 12.52 -7.76 23.09
N ALA A 192 11.55 -8.59 23.44
CA ALA A 192 10.95 -9.51 22.45
C ALA A 192 10.53 -8.86 21.12
N VAL A 193 9.86 -7.72 21.15
CA VAL A 193 9.45 -7.08 19.88
C VAL A 193 10.70 -6.67 19.11
N LEU A 194 11.70 -6.11 19.81
CA LEU A 194 12.97 -5.77 19.14
C LEU A 194 13.64 -7.02 18.47
N LEU A 195 13.62 -8.15 19.16
CA LEU A 195 14.22 -9.39 18.59
C LEU A 195 13.48 -9.79 17.40
N LEU A 196 12.12 -9.76 17.50
CA LEU A 196 11.26 -10.25 16.47
C LEU A 196 11.55 -9.52 15.15
N LEU A 197 11.77 -8.20 15.23
CA LEU A 197 11.92 -7.38 14.02
C LEU A 197 13.36 -7.33 13.58
N SER A 198 14.34 -7.34 14.51
CA SER A 198 15.70 -7.09 14.09
C SER A 198 16.48 -8.38 13.61
N LEU A 199 16.33 -9.49 14.32
CA LEU A 199 17.04 -10.74 13.90
C LEU A 199 16.75 -11.25 12.50
N PRO A 200 15.47 -11.14 11.97
CA PRO A 200 15.37 -11.60 10.54
C PRO A 200 16.19 -10.76 9.62
N VAL A 201 16.34 -9.47 9.92
CA VAL A 201 17.13 -8.65 8.97
C VAL A 201 18.63 -9.15 9.07
N LEU A 202 19.13 -9.37 10.30
CA LEU A 202 20.51 -9.90 10.46
C LEU A 202 20.55 -11.21 9.65
N ALA A 203 19.51 -12.04 9.77
CA ALA A 203 19.46 -13.34 9.11
C ALA A 203 19.58 -13.19 7.58
N ALA A 204 18.86 -12.20 7.02
CA ALA A 204 18.93 -11.95 5.55
C ALA A 204 20.35 -11.54 5.21
N GLY A 205 20.94 -10.63 5.97
CA GLY A 205 22.32 -10.16 5.66
C GLY A 205 23.42 -11.25 5.75
N ILE A 206 23.37 -12.11 6.78
CA ILE A 206 24.43 -13.14 6.93
C ILE A 206 24.18 -14.32 5.93
N THR A 207 22.93 -14.49 5.48
CA THR A 207 22.63 -15.44 4.39
C THR A 207 23.18 -14.95 3.11
N MET A 208 23.12 -13.64 2.90
CA MET A 208 23.74 -13.07 1.67
C MET A 208 25.27 -13.22 1.73
N LEU A 209 25.82 -13.05 2.94
CA LEU A 209 27.23 -13.29 3.07
C LEU A 209 27.56 -14.80 2.76
N LEU A 210 26.73 -15.75 3.27
CA LEU A 210 26.93 -17.15 2.99
C LEU A 210 26.86 -17.46 1.50
N THR A 211 25.95 -16.79 0.79
CA THR A 211 25.78 -17.10 -0.64
C THR A 211 26.90 -16.43 -1.43
N ASP A 212 27.30 -15.21 -1.04
CA ASP A 212 28.53 -14.66 -1.64
C ASP A 212 29.73 -15.63 -1.40
N ARG A 213 29.80 -16.22 -0.21
CA ARG A 213 30.96 -17.11 0.04
C ARG A 213 30.90 -18.47 -0.70
N ASN A 214 29.71 -18.96 -1.07
CA ASN A 214 29.59 -20.38 -1.54
C ASN A 214 28.71 -20.54 -2.78
N LEU A 215 27.90 -19.54 -3.16
CA LEU A 215 26.99 -19.76 -4.34
C LEU A 215 27.32 -18.73 -5.45
N ASN A 216 28.43 -17.98 -5.26
CA ASN A 216 28.91 -17.01 -6.29
C ASN A 216 27.95 -15.86 -6.52
N THR A 217 27.16 -15.53 -5.48
CA THR A 217 26.42 -14.29 -5.53
C THR A 217 27.36 -13.16 -5.30
N THR A 218 26.91 -11.95 -5.54
CA THR A 218 27.83 -10.82 -5.32
C THR A 218 27.08 -9.62 -4.67
N PHE A 219 26.29 -9.86 -3.62
CA PHE A 219 25.64 -8.79 -2.87
C PHE A 219 26.62 -7.75 -2.36
N PHE A 220 27.78 -8.24 -1.92
CA PHE A 220 28.77 -7.40 -1.24
C PHE A 220 30.09 -7.24 -1.98
N ASP A 221 30.14 -7.71 -3.23
CA ASP A 221 31.35 -7.74 -4.04
C ASP A 221 31.22 -6.81 -5.22
N PRO A 222 32.00 -5.70 -5.19
CA PRO A 222 31.95 -4.69 -6.26
C PRO A 222 32.12 -5.29 -7.67
N ALA A 223 32.97 -6.33 -7.83
CA ALA A 223 33.16 -6.97 -9.16
C ALA A 223 31.75 -7.34 -9.82
N GLY A 224 30.74 -7.67 -9.02
CA GLY A 224 29.42 -8.03 -9.60
C GLY A 224 28.40 -6.94 -9.45
N GLY A 225 28.86 -5.75 -9.07
CA GLY A 225 27.96 -4.65 -8.80
C GLY A 225 27.48 -4.60 -7.37
N GLY A 226 28.02 -5.44 -6.48
CA GLY A 226 27.58 -5.42 -5.05
C GLY A 226 28.34 -4.32 -4.26
N ASP A 227 28.08 -4.22 -2.98
CA ASP A 227 28.57 -3.14 -2.19
C ASP A 227 28.85 -3.61 -0.74
N PRO A 228 30.12 -3.66 -0.32
CA PRO A 228 30.39 -4.04 1.06
C PRO A 228 29.54 -3.18 2.05
N ILE A 229 29.27 -1.93 1.71
CA ILE A 229 28.57 -1.07 2.70
C ILE A 229 27.09 -1.56 2.83
N LEU A 230 26.55 -2.26 1.81
CA LEU A 230 25.16 -2.79 2.00
C LEU A 230 25.16 -3.78 3.21
N TYR A 231 26.25 -4.57 3.34
CA TYR A 231 26.27 -5.54 4.47
C TYR A 231 26.21 -4.76 5.84
N GLN A 232 26.86 -3.61 5.90
CA GLN A 232 27.00 -2.92 7.17
C GLN A 232 25.61 -2.37 7.53
N HIS A 233 24.88 -1.82 6.55
CA HIS A 233 23.49 -1.37 6.77
C HIS A 233 22.65 -2.47 7.36
N LEU A 234 22.77 -3.67 6.80
CA LEU A 234 21.89 -4.77 7.20
C LEU A 234 22.31 -5.20 8.57
N PHE A 235 23.62 -5.30 8.79
CA PHE A 235 24.11 -5.75 10.05
C PHE A 235 23.69 -4.77 11.15
N TRP A 236 23.94 -3.49 10.93
CA TRP A 236 23.66 -2.52 12.02
C TRP A 236 22.20 -2.22 12.22
N PHE A 237 21.38 -2.45 11.18
CA PHE A 237 19.89 -2.34 11.38
C PHE A 237 19.41 -3.34 12.45
N PHE A 238 20.02 -4.52 12.49
CA PHE A 238 19.90 -5.45 13.65
C PHE A 238 20.70 -4.96 14.84
N GLY A 239 21.92 -4.50 14.60
CA GLY A 239 22.92 -4.42 15.64
C GLY A 239 22.66 -3.26 16.58
N HIS A 240 22.13 -2.14 16.13
CA HIS A 240 21.73 -1.18 17.20
C HIS A 240 20.54 -1.67 18.10
N PRO A 241 19.39 -2.14 17.51
CA PRO A 241 18.30 -2.75 18.35
C PRO A 241 18.94 -3.81 19.29
N GLU A 242 19.89 -4.59 18.75
CA GLU A 242 20.60 -5.61 19.56
C GLU A 242 21.18 -5.00 20.89
N VAL A 243 21.73 -3.79 20.85
CA VAL A 243 22.32 -3.27 22.14
C VAL A 243 21.14 -2.90 23.07
N TYR A 244 20.00 -2.45 22.53
CA TYR A 244 18.87 -2.15 23.45
C TYR A 244 18.28 -3.41 24.01
N ILE A 245 18.31 -4.45 23.18
CA ILE A 245 17.94 -5.75 23.64
C ILE A 245 18.79 -6.25 24.78
N LEU A 246 20.10 -5.95 24.75
CA LEU A 246 20.99 -6.41 25.80
C LEU A 246 20.76 -5.62 27.09
N ILE A 247 20.28 -4.38 27.03
CA ILE A 247 20.07 -3.64 28.25
C ILE A 247 18.63 -3.58 28.79
N LEU A 248 17.59 -3.68 27.93
CA LEU A 248 16.24 -3.45 28.42
C LEU A 248 15.84 -4.39 29.56
N PRO A 249 16.14 -5.70 29.44
CA PRO A 249 15.71 -6.54 30.59
C PRO A 249 16.49 -6.16 31.85
N GLY A 250 17.74 -5.70 31.66
CA GLY A 250 18.51 -5.11 32.76
C GLY A 250 17.81 -3.92 33.35
N PHE A 251 17.37 -2.95 32.56
CA PHE A 251 16.50 -1.88 33.11
C PHE A 251 15.31 -2.43 33.92
N GLY A 252 14.71 -3.52 33.43
CA GLY A 252 13.54 -4.05 34.15
C GLY A 252 13.96 -4.57 35.51
N MET A 253 15.00 -5.40 35.53
CA MET A 253 15.54 -5.90 36.81
C MET A 253 15.95 -4.79 37.77
N ILE A 254 16.56 -3.75 37.23
CA ILE A 254 17.01 -2.65 38.08
C ILE A 254 15.76 -2.00 38.70
N SER A 255 14.68 -1.78 37.93
CA SER A 255 13.50 -1.14 38.54
C SER A 255 13.01 -2.03 39.69
N HIS A 256 12.95 -3.37 39.50
CA HIS A 256 12.57 -4.27 40.64
C HIS A 256 13.48 -4.20 41.84
N ILE A 257 14.80 -4.23 41.59
CA ILE A 257 15.79 -4.25 42.72
C ILE A 257 15.74 -2.94 43.49
N VAL A 258 15.72 -1.83 42.79
CA VAL A 258 15.80 -0.51 43.43
C VAL A 258 14.49 -0.34 44.19
N THR A 259 13.35 -0.79 43.62
CA THR A 259 12.09 -0.64 44.35
C THR A 259 12.11 -1.47 45.62
N TYR A 260 12.52 -2.72 45.46
CA TYR A 260 12.48 -3.65 46.55
C TYR A 260 13.37 -3.16 47.71
N TYR A 261 14.62 -2.85 47.40
CA TYR A 261 15.56 -2.51 48.51
C TYR A 261 15.41 -1.07 48.97
N SER A 262 14.52 -0.31 48.33
CA SER A 262 14.12 0.99 48.92
C SER A 262 12.94 0.82 49.89
N GLY A 263 12.44 -0.42 50.03
CA GLY A 263 11.24 -0.69 50.84
C GLY A 263 10.01 -0.05 50.25
N LYS A 264 9.94 0.14 48.92
CA LYS A 264 8.74 0.74 48.31
C LYS A 264 7.84 -0.36 47.78
N LYS A 265 6.58 -0.03 47.65
CA LYS A 265 5.66 -0.97 47.00
C LYS A 265 5.66 -0.88 45.47
N GLU A 266 6.29 0.17 44.92
CA GLU A 266 6.28 0.38 43.47
C GLU A 266 7.39 1.38 43.10
N PRO A 267 7.84 1.36 41.83
CA PRO A 267 8.82 2.26 41.29
C PRO A 267 8.12 3.63 41.18
N PHE A 268 8.90 4.69 41.28
CA PHE A 268 8.38 6.01 40.94
C PHE A 268 7.98 6.14 39.49
N GLY A 269 6.74 6.65 39.18
CA GLY A 269 6.49 7.12 37.79
C GLY A 269 6.41 5.90 36.81
N TYR A 270 5.56 4.93 37.18
CA TYR A 270 5.41 3.67 36.46
C TYR A 270 5.15 3.92 34.93
N MET A 271 4.10 4.71 34.61
CA MET A 271 3.74 4.97 33.21
C MET A 271 4.87 5.71 32.46
N GLY A 272 5.65 6.60 33.13
CA GLY A 272 6.83 7.19 32.54
C GLY A 272 7.90 6.11 32.20
N MET A 273 8.03 5.09 33.05
CA MET A 273 9.01 3.97 32.82
C MET A 273 8.54 3.13 31.62
N VAL A 274 7.23 2.87 31.52
CA VAL A 274 6.73 2.10 30.38
C VAL A 274 6.95 2.96 29.07
N TRP A 275 6.60 4.24 29.11
CA TRP A 275 6.80 5.17 28.00
C TRP A 275 8.26 5.23 27.59
N ALA A 276 9.15 5.29 28.58
CA ALA A 276 10.57 5.42 28.27
C ALA A 276 11.08 4.17 27.56
N MET A 277 10.68 3.00 28.01
CA MET A 277 11.16 1.74 27.35
C MET A 277 10.59 1.56 25.97
N MET A 278 9.31 1.93 25.77
N MET A 278 9.31 1.93 25.77
CA MET A 278 8.71 1.90 24.43
CA MET A 278 8.71 1.92 24.46
C MET A 278 9.37 2.94 23.51
C MET A 278 9.45 2.90 23.53
N SER A 279 9.69 4.12 24.04
CA SER A 279 10.35 5.18 23.27
C SER A 279 11.77 4.74 22.87
N ILE A 280 12.46 4.15 23.81
CA ILE A 280 13.82 3.61 23.55
C ILE A 280 13.74 2.47 22.51
N GLY A 281 12.77 1.55 22.66
CA GLY A 281 12.67 0.46 21.67
C GLY A 281 12.39 0.99 20.24
N PHE A 282 11.49 1.95 20.10
CA PHE A 282 11.23 2.59 18.82
C PHE A 282 12.42 3.38 18.20
N LEU A 283 13.03 4.27 19.00
CA LEU A 283 14.10 5.10 18.52
C LEU A 283 15.31 4.21 18.17
N GLY A 284 15.42 3.03 18.80
CA GLY A 284 16.62 2.16 18.63
C GLY A 284 16.63 1.59 17.20
N PHE A 285 15.49 1.73 16.45
CA PHE A 285 15.38 1.31 15.04
C PHE A 285 15.77 2.30 13.99
N ILE A 286 15.94 3.56 14.39
CA ILE A 286 16.10 4.57 13.39
C ILE A 286 17.46 5.25 13.52
N VAL A 287 18.43 4.58 14.14
CA VAL A 287 19.72 5.30 14.44
C VAL A 287 20.96 4.54 13.95
N TRP A 288 20.76 3.36 13.36
CA TRP A 288 21.87 2.40 13.15
C TRP A 288 23.09 2.96 12.43
N ALA A 289 22.90 3.91 11.51
CA ALA A 289 24.03 4.38 10.75
C ALA A 289 25.08 5.19 11.60
N HIS A 290 24.84 5.41 12.92
CA HIS A 290 25.92 6.03 13.74
C HIS A 290 27.06 5.04 13.90
N HIS A 291 26.88 3.79 13.48
CA HIS A 291 28.01 2.85 13.38
C HIS A 291 28.75 2.95 12.05
N MET A 292 28.46 3.98 11.26
CA MET A 292 28.95 3.99 9.87
C MET A 292 29.35 5.42 9.53
N PHE A 293 29.59 6.26 10.54
CA PHE A 293 29.95 7.66 10.24
C PHE A 293 31.29 7.88 9.45
N THR A 294 32.17 6.90 9.35
CA THR A 294 33.35 7.09 8.55
C THR A 294 33.30 6.35 7.17
N VAL A 295 32.10 5.85 6.79
CA VAL A 295 32.11 5.05 5.56
C VAL A 295 31.95 5.93 4.35
N GLY A 296 31.67 7.22 4.52
CA GLY A 296 31.48 8.02 3.30
C GLY A 296 30.04 8.32 2.87
N MET A 297 29.18 8.52 3.84
CA MET A 297 27.75 8.88 3.64
C MET A 297 27.66 10.40 3.48
N ASP A 298 26.58 10.84 2.89
CA ASP A 298 26.36 12.28 2.65
C ASP A 298 26.20 13.00 3.97
N VAL A 299 26.46 14.30 3.95
CA VAL A 299 26.41 15.09 5.15
C VAL A 299 25.02 15.19 5.81
N ASP A 300 23.96 15.32 5.03
CA ASP A 300 22.61 15.41 5.60
C ASP A 300 22.24 14.14 6.33
N THR A 301 22.64 12.99 5.78
CA THR A 301 22.38 11.73 6.43
C THR A 301 23.13 11.66 7.78
N ARG A 302 24.41 12.10 7.80
CA ARG A 302 25.16 12.11 9.02
C ARG A 302 24.51 13.07 10.03
N ALA A 303 24.04 14.21 9.57
CA ALA A 303 23.33 15.17 10.51
C ALA A 303 22.06 14.51 11.13
N TYR A 304 21.32 13.78 10.29
CA TYR A 304 20.08 13.14 10.79
C TYR A 304 20.49 12.06 11.82
N PHE A 305 21.48 11.23 11.50
CA PHE A 305 21.79 10.16 12.41
C PHE A 305 22.36 10.69 13.74
N THR A 306 23.09 11.78 13.67
CA THR A 306 23.58 12.42 14.89
C THR A 306 22.41 12.82 15.75
N SER A 307 21.45 13.52 15.14
CA SER A 307 20.34 14.11 15.97
C SER A 307 19.42 13.05 16.53
N ALA A 308 19.07 12.09 15.68
CA ALA A 308 18.12 11.02 16.09
C ALA A 308 18.77 10.20 17.21
N THR A 309 20.06 9.87 17.10
CA THR A 309 20.75 9.15 18.18
C THR A 309 20.72 9.85 19.57
N MET A 310 20.96 11.15 19.61
CA MET A 310 20.90 11.90 20.88
C MET A 310 19.56 11.93 21.55
N ILE A 311 18.49 11.85 20.75
CA ILE A 311 17.22 11.99 21.32
C ILE A 311 17.01 10.86 22.33
N ILE A 312 17.61 9.71 22.08
CA ILE A 312 17.37 8.54 23.00
C ILE A 312 17.78 8.86 24.45
N ALA A 313 18.63 9.89 24.65
CA ALA A 313 18.99 10.31 26.01
C ALA A 313 17.77 10.76 26.83
N ILE A 314 16.76 11.27 26.15
CA ILE A 314 15.62 11.84 26.89
C ILE A 314 14.82 10.70 27.57
N PRO A 315 14.23 9.73 26.81
CA PRO A 315 13.55 8.65 27.59
C PRO A 315 14.59 7.94 28.56
N THR A 316 15.84 7.70 28.17
CA THR A 316 16.76 7.02 29.13
C THR A 316 16.98 7.85 30.46
N GLY A 317 17.15 9.17 30.32
CA GLY A 317 17.25 10.06 31.50
C GLY A 317 16.03 9.98 32.39
N VAL A 318 14.83 9.82 31.78
CA VAL A 318 13.63 9.69 32.56
C VAL A 318 13.77 8.38 33.39
N LYS A 319 14.27 7.29 32.81
CA LYS A 319 14.43 6.10 33.66
C LYS A 319 15.49 6.34 34.81
N VAL A 320 16.58 6.99 34.49
CA VAL A 320 17.64 7.16 35.51
C VAL A 320 17.08 8.08 36.63
N PHE A 321 16.36 9.15 36.27
CA PHE A 321 15.84 10.01 37.31
C PHE A 321 14.75 9.32 38.10
N SER A 322 13.98 8.44 37.46
CA SER A 322 12.87 7.75 38.12
C SER A 322 13.46 6.71 39.10
N TRP A 323 14.61 6.07 38.77
CA TRP A 323 15.27 5.21 39.75
C TRP A 323 15.71 6.05 40.97
N LEU A 324 16.31 7.23 40.76
CA LEU A 324 16.69 8.08 41.89
C LEU A 324 15.47 8.48 42.75
N ALA A 325 14.32 8.75 42.09
CA ALA A 325 13.09 9.15 42.75
C ALA A 325 12.49 7.95 43.49
N THR A 326 12.82 6.72 43.08
CA THR A 326 12.47 5.53 43.80
C THR A 326 13.23 5.38 45.11
N LEU A 327 14.56 5.66 45.07
CA LEU A 327 15.38 5.65 46.26
C LEU A 327 14.82 6.72 47.22
N HIS A 328 14.35 7.83 46.67
CA HIS A 328 14.04 9.00 47.51
C HIS A 328 13.02 8.60 48.58
N GLY A 329 13.38 8.74 49.84
CA GLY A 329 12.45 8.46 50.95
C GLY A 329 12.42 6.94 51.25
N GLY A 330 13.31 6.14 50.66
CA GLY A 330 13.19 4.76 50.98
C GLY A 330 13.79 4.41 52.32
N ASN A 331 13.39 3.25 52.80
CA ASN A 331 14.06 2.62 53.92
C ASN A 331 15.12 1.71 53.26
N ILE A 332 16.35 2.23 53.15
CA ILE A 332 17.37 1.69 52.26
C ILE A 332 17.95 0.45 52.89
N LYS A 333 17.85 -0.68 52.23
CA LYS A 333 18.54 -1.84 52.71
C LYS A 333 19.73 -2.06 51.79
N TRP A 334 20.93 -2.05 52.39
CA TRP A 334 22.21 -2.20 51.70
C TRP A 334 22.60 -3.64 51.45
N SER A 335 21.76 -4.34 50.75
CA SER A 335 22.01 -5.74 50.40
C SER A 335 23.02 -5.74 49.25
N PRO A 336 23.58 -6.90 48.95
CA PRO A 336 24.53 -6.98 47.80
C PRO A 336 23.78 -6.58 46.53
N ALA A 337 22.55 -7.07 46.35
CA ALA A 337 21.79 -6.80 45.10
C ALA A 337 21.58 -5.27 44.92
N MET A 338 21.27 -4.55 46.00
CA MET A 338 21.12 -3.11 45.90
C MET A 338 22.43 -2.43 45.49
N MET A 339 23.58 -2.93 46.03
CA MET A 339 24.88 -2.41 45.68
C MET A 339 25.12 -2.57 44.17
N TRP A 340 24.82 -3.77 43.61
CA TRP A 340 24.85 -3.93 42.13
C TRP A 340 24.05 -2.91 41.38
N ALA A 341 22.83 -2.62 41.86
CA ALA A 341 21.88 -1.72 41.21
C ALA A 341 22.32 -0.24 41.29
N LEU A 342 22.83 0.18 42.44
CA LEU A 342 23.44 1.54 42.56
C LEU A 342 24.64 1.70 41.65
N GLY A 343 25.49 0.68 41.58
CA GLY A 343 26.68 0.76 40.66
C GLY A 343 26.14 0.84 39.20
N PHE A 344 25.17 0.04 38.88
CA PHE A 344 24.50 0.08 37.54
C PHE A 344 24.08 1.52 37.23
N ILE A 345 23.41 2.16 38.17
CA ILE A 345 22.78 3.46 37.83
C ILE A 345 23.86 4.46 37.44
N PHE A 346 24.90 4.57 38.24
CA PHE A 346 25.97 5.54 37.96
C PHE A 346 26.80 5.12 36.73
N LEU A 347 27.17 3.86 36.69
CA LEU A 347 28.10 3.44 35.66
C LEU A 347 27.44 3.35 34.28
N PHE A 348 26.18 2.92 34.24
CA PHE A 348 25.45 2.91 32.99
C PHE A 348 25.38 4.38 32.55
N THR A 349 25.12 5.29 33.50
CA THR A 349 25.04 6.70 33.12
C THR A 349 26.28 7.22 32.44
N VAL A 350 27.47 6.85 33.00
CA VAL A 350 28.72 7.24 32.41
C VAL A 350 28.88 6.68 31.00
N GLY A 351 28.69 5.38 30.83
CA GLY A 351 28.66 4.78 29.50
C GLY A 351 27.58 5.42 28.50
N GLY A 352 26.43 5.81 28.98
CA GLY A 352 25.42 6.35 28.06
C GLY A 352 25.91 7.75 27.62
N LEU A 353 26.54 8.50 28.55
CA LEU A 353 27.01 9.83 28.20
C LEU A 353 28.17 9.71 27.17
N THR A 354 29.10 8.72 27.31
CA THR A 354 30.13 8.68 26.28
C THR A 354 29.54 8.23 24.94
N GLY A 355 28.41 7.52 24.97
CA GLY A 355 27.66 7.20 23.72
C GLY A 355 27.15 8.48 23.05
N ILE A 356 26.61 9.40 23.83
CA ILE A 356 26.20 10.72 23.33
C ILE A 356 27.40 11.51 22.76
N VAL A 357 28.61 11.35 23.37
CA VAL A 357 29.76 12.00 22.75
C VAL A 357 29.98 11.39 21.37
N LEU A 358 29.93 10.06 21.31
CA LEU A 358 30.12 9.33 19.97
C LEU A 358 29.04 9.63 18.94
N ALA A 359 27.82 10.03 19.42
CA ALA A 359 26.67 10.32 18.49
C ALA A 359 27.01 11.49 17.55
N ASN A 360 27.96 12.36 17.92
CA ASN A 360 28.30 13.48 17.07
C ASN A 360 29.24 13.03 15.94
N SER A 361 28.74 12.94 14.69
CA SER A 361 29.49 12.33 13.55
C SER A 361 30.80 13.07 13.37
N SER A 362 30.83 14.38 13.69
CA SER A 362 32.03 15.17 13.50
C SER A 362 33.17 14.68 14.42
N LEU A 363 32.92 14.59 15.74
CA LEU A 363 33.88 14.02 16.66
C LEU A 363 34.13 12.52 16.44
N ASP A 364 33.08 11.82 16.08
CA ASP A 364 33.22 10.36 15.87
C ASP A 364 34.22 10.06 14.80
N ILE A 365 34.49 11.00 13.88
CA ILE A 365 35.51 10.71 12.85
C ILE A 365 36.81 10.32 13.59
N VAL A 366 37.14 11.08 14.60
CA VAL A 366 38.45 10.83 15.25
C VAL A 366 38.29 9.70 16.31
N LEU A 367 37.06 9.45 16.81
CA LEU A 367 36.92 8.39 17.88
C LEU A 367 36.53 6.98 17.35
N HIS A 368 35.97 6.96 16.16
CA HIS A 368 35.52 5.69 15.52
C HIS A 368 36.68 4.71 15.44
N ASP A 369 36.44 3.45 15.75
CA ASP A 369 37.50 2.45 15.58
C ASP A 369 38.70 2.76 16.47
N THR A 370 38.40 3.40 17.62
CA THR A 370 39.47 3.60 18.62
C THR A 370 38.91 3.03 19.95
N TYR A 371 39.76 2.88 20.95
CA TYR A 371 39.38 2.45 22.27
C TYR A 371 38.35 3.32 22.97
N TYR A 372 38.08 4.53 22.47
CA TYR A 372 37.01 5.33 23.15
C TYR A 372 35.65 4.59 22.95
N VAL A 373 35.48 3.89 21.85
CA VAL A 373 34.16 3.23 21.57
C VAL A 373 34.15 2.02 22.53
N VAL A 374 35.34 1.44 22.72
CA VAL A 374 35.44 0.20 23.52
C VAL A 374 35.16 0.56 24.98
N ALA A 375 35.61 1.75 25.39
CA ALA A 375 35.34 2.20 26.75
C ALA A 375 33.84 2.41 26.91
N HIS A 376 33.23 3.15 25.97
CA HIS A 376 31.77 3.35 25.95
C HIS A 376 31.02 2.07 26.12
N PHE A 377 31.27 1.06 25.24
CA PHE A 377 30.34 -0.07 25.31
C PHE A 377 30.59 -1.02 26.48
N HIS A 378 31.83 -1.05 27.00
CA HIS A 378 32.05 -1.87 28.23
C HIS A 378 31.47 -1.19 29.42
N TYR A 379 31.42 0.13 29.45
CA TYR A 379 30.71 0.76 30.64
C TYR A 379 29.20 0.28 30.57
N VAL A 380 28.59 0.31 29.39
CA VAL A 380 27.13 -0.04 29.40
C VAL A 380 26.96 -1.58 29.40
N LEU A 381 27.97 -2.38 28.98
CA LEU A 381 27.78 -3.86 28.95
C LEU A 381 28.45 -4.58 30.08
N SER A 382 29.75 -4.28 30.31
CA SER A 382 30.43 -4.93 31.37
C SER A 382 30.14 -4.28 32.71
N MET A 383 29.56 -3.10 32.73
N MET A 383 29.55 -3.08 32.71
CA MET A 383 29.10 -2.66 34.03
CA MET A 383 29.12 -2.40 33.99
C MET A 383 27.58 -2.75 34.04
C MET A 383 27.64 -1.98 34.04
N GLY A 384 26.94 -2.00 33.14
N GLY A 384 26.92 -2.25 32.98
CA GLY A 384 25.47 -2.02 33.02
CA GLY A 384 25.47 -2.04 32.98
C GLY A 384 24.84 -3.41 32.95
C GLY A 384 24.79 -3.39 32.94
N ALA A 385 24.88 -4.03 31.78
CA ALA A 385 24.21 -5.32 31.61
C ALA A 385 24.71 -6.32 32.66
N VAL A 386 26.05 -6.40 32.87
CA VAL A 386 26.59 -7.38 33.83
C VAL A 386 26.12 -7.01 35.28
N PHE A 387 26.12 -5.71 35.64
CA PHE A 387 25.71 -5.41 37.03
C PHE A 387 24.24 -5.77 37.24
N ALA A 388 23.41 -5.52 36.24
CA ALA A 388 21.99 -5.82 36.40
C ALA A 388 21.87 -7.36 36.53
N ILE A 389 22.64 -8.12 35.75
CA ILE A 389 22.58 -9.58 35.88
C ILE A 389 23.03 -10.05 37.27
N MET A 390 24.17 -9.53 37.78
CA MET A 390 24.60 -9.94 39.10
C MET A 390 23.62 -9.50 40.17
N GLY A 391 23.03 -8.30 40.03
CA GLY A 391 22.04 -7.83 41.04
C GLY A 391 20.84 -8.73 40.99
N GLY A 392 20.37 -9.08 39.80
CA GLY A 392 19.20 -9.99 39.63
C GLY A 392 19.51 -11.39 40.19
N PHE A 393 20.72 -11.86 39.91
CA PHE A 393 21.08 -13.18 40.39
C PHE A 393 21.17 -13.19 41.91
N VAL A 394 21.82 -12.22 42.53
CA VAL A 394 21.89 -12.34 43.94
C VAL A 394 20.47 -12.19 44.53
N HIS A 395 19.68 -11.28 43.96
CA HIS A 395 18.33 -10.97 44.48
C HIS A 395 17.43 -12.17 44.42
N TRP A 396 17.46 -12.86 43.29
CA TRP A 396 16.48 -13.95 43.06
C TRP A 396 17.02 -15.35 43.30
N PHE A 397 18.32 -15.48 43.53
CA PHE A 397 18.90 -16.83 43.75
C PHE A 397 18.21 -17.58 44.89
N PRO A 398 17.84 -16.92 46.00
CA PRO A 398 17.05 -17.73 47.01
C PRO A 398 15.62 -18.14 46.55
N LEU A 399 15.04 -17.42 45.59
CA LEU A 399 13.73 -17.87 45.00
C LEU A 399 13.91 -19.12 44.16
N PHE A 400 14.94 -19.10 43.32
CA PHE A 400 15.17 -20.21 42.37
C PHE A 400 15.63 -21.47 43.07
N SER A 401 16.51 -21.29 44.07
CA SER A 401 17.18 -22.42 44.70
C SER A 401 16.55 -22.83 46.00
N GLY A 402 15.85 -21.90 46.70
CA GLY A 402 15.42 -22.20 48.09
C GLY A 402 16.48 -21.91 49.16
N TYR A 403 17.67 -21.39 48.78
CA TYR A 403 18.81 -21.26 49.77
C TYR A 403 19.29 -19.86 49.77
N THR A 404 19.82 -19.38 50.88
CA THR A 404 20.35 -17.98 50.87
C THR A 404 21.89 -18.00 50.63
N LEU A 405 22.37 -16.90 50.03
CA LEU A 405 23.78 -16.59 49.86
C LEU A 405 24.33 -16.05 51.17
N ASN A 406 25.65 -16.10 51.36
CA ASN A 406 26.27 -15.34 52.46
C ASN A 406 26.41 -13.91 51.94
N ASP A 407 25.69 -12.96 52.54
CA ASP A 407 25.65 -11.56 52.05
C ASP A 407 27.01 -10.91 52.17
N THR A 408 27.79 -11.25 53.21
CA THR A 408 29.15 -10.62 53.41
C THR A 408 30.02 -10.98 52.21
N TRP A 409 30.13 -12.29 51.89
CA TRP A 409 30.83 -12.68 50.67
C TRP A 409 30.34 -11.95 49.44
N ALA A 410 29.00 -11.83 49.28
CA ALA A 410 28.45 -11.22 48.07
C ALA A 410 28.82 -9.71 48.01
N LYS A 411 28.89 -9.05 49.16
CA LYS A 411 29.36 -7.67 49.16
C LYS A 411 30.84 -7.61 48.76
N ILE A 412 31.63 -8.61 49.22
CA ILE A 412 33.05 -8.67 48.92
C ILE A 412 33.22 -8.85 47.41
N HIS A 413 32.41 -9.73 46.87
CA HIS A 413 32.38 -9.96 45.46
C HIS A 413 32.05 -8.69 44.69
N PHE A 414 31.03 -7.94 45.10
CA PHE A 414 30.70 -6.68 44.42
C PHE A 414 31.93 -5.73 44.45
N ALA A 415 32.55 -5.55 45.59
CA ALA A 415 33.67 -4.57 45.73
C ALA A 415 34.81 -4.91 44.77
N ILE A 416 35.15 -6.19 44.70
CA ILE A 416 36.30 -6.59 43.86
C ILE A 416 35.95 -6.32 42.42
N MET A 417 34.75 -6.72 42.02
N MET A 417 34.75 -6.74 42.00
CA MET A 417 34.31 -6.56 40.67
CA MET A 417 33.89 -7.08 39.18
CA MET A 417 34.37 -6.55 40.64
C MET A 417 34.31 -5.07 40.34
C MET A 417 34.33 -5.05 40.34
N PHE A 418 33.81 -4.24 41.26
CA PHE A 418 33.73 -2.80 41.04
C PHE A 418 35.10 -2.22 40.73
N VAL A 419 36.10 -2.59 41.52
CA VAL A 419 37.47 -2.09 41.30
C VAL A 419 37.99 -2.63 39.95
N GLY A 420 37.83 -3.92 39.70
CA GLY A 420 38.39 -4.46 38.46
C GLY A 420 37.83 -3.84 37.17
N VAL A 421 36.49 -3.76 37.06
CA VAL A 421 35.98 -3.27 35.80
C VAL A 421 36.36 -1.82 35.61
N ASN A 422 36.35 -1.00 36.67
CA ASN A 422 36.73 0.42 36.49
C ASN A 422 38.24 0.60 36.12
N MET A 423 39.08 -0.22 36.70
CA MET A 423 40.54 -0.18 36.44
C MET A 423 40.75 -0.66 35.02
N THR A 424 39.88 -1.57 34.56
CA THR A 424 40.07 -2.11 33.19
C THR A 424 39.68 -1.05 32.14
N PHE A 425 38.46 -0.45 32.23
CA PHE A 425 37.91 0.30 31.11
C PHE A 425 38.11 1.81 31.22
N PHE A 426 38.19 2.33 32.44
CA PHE A 426 38.36 3.77 32.55
C PHE A 426 39.59 4.30 31.73
N PRO A 427 40.73 3.65 31.80
CA PRO A 427 41.89 4.21 31.13
C PRO A 427 41.70 4.08 29.64
N GLN A 428 40.78 3.21 29.20
CA GLN A 428 40.59 3.02 27.73
C GLN A 428 40.03 4.31 27.04
N HIS A 429 39.43 5.19 27.83
CA HIS A 429 39.07 6.52 27.27
C HIS A 429 40.28 7.26 26.83
N PHE A 430 41.33 7.29 27.67
CA PHE A 430 42.55 8.04 27.31
C PHE A 430 43.15 7.39 26.03
N LEU A 431 43.18 6.06 25.97
CA LEU A 431 43.81 5.36 24.85
C LEU A 431 43.03 5.72 23.57
N GLY A 432 41.68 5.84 23.67
CA GLY A 432 40.91 6.13 22.48
C GLY A 432 41.10 7.60 22.06
N LEU A 433 40.97 8.53 23.02
CA LEU A 433 41.22 9.93 22.67
C LEU A 433 42.57 10.07 22.01
N SER A 434 43.60 9.39 22.53
CA SER A 434 44.96 9.65 22.02
C SER A 434 45.22 8.80 20.78
N GLY A 435 44.17 8.10 20.28
CA GLY A 435 44.38 7.45 18.98
C GLY A 435 44.62 5.94 18.91
N MET A 436 44.48 5.21 19.99
CA MET A 436 44.80 3.76 19.82
C MET A 436 43.65 3.05 19.10
N PRO A 437 43.95 2.35 18.01
CA PRO A 437 42.85 1.73 17.29
C PRO A 437 42.31 0.43 17.94
N ARG A 438 41.10 0.00 17.53
CA ARG A 438 40.48 -1.25 17.98
C ARG A 438 41.09 -2.37 17.20
N ARG A 439 40.95 -3.57 17.77
CA ARG A 439 41.30 -4.78 17.11
C ARG A 439 42.79 -4.90 16.77
N TYR A 440 43.60 -4.23 17.57
CA TYR A 440 45.09 -4.35 17.52
C TYR A 440 45.71 -5.33 18.55
N SER A 441 46.60 -6.22 18.08
CA SER A 441 47.32 -7.11 19.00
C SER A 441 48.50 -6.40 19.65
N ASP A 442 48.90 -5.23 19.10
CA ASP A 442 50.08 -4.47 19.63
C ASP A 442 49.92 -3.01 19.31
N TYR A 443 50.65 -2.13 20.01
CA TYR A 443 50.42 -0.68 19.95
C TYR A 443 51.78 0.03 20.01
N PRO A 444 51.87 1.18 19.38
CA PRO A 444 53.05 2.02 19.56
C PRO A 444 53.35 2.21 21.02
N ASP A 445 54.64 2.42 21.35
CA ASP A 445 55.13 2.42 22.73
C ASP A 445 54.43 3.41 23.63
N ALA A 446 54.08 4.58 23.07
CA ALA A 446 53.44 5.63 23.91
C ALA A 446 52.18 5.14 24.69
N TYR A 447 51.50 4.11 24.16
CA TYR A 447 50.22 3.61 24.75
C TYR A 447 50.41 2.56 25.83
N THR A 448 51.65 2.33 26.23
CA THR A 448 52.01 1.28 27.21
C THR A 448 51.36 1.46 28.55
N MET A 449 51.52 2.63 29.14
CA MET A 449 51.04 2.71 30.52
C MET A 449 49.56 2.38 30.67
N TRP A 450 48.69 2.96 29.87
CA TRP A 450 47.23 2.63 30.07
C TRP A 450 46.85 1.21 29.71
N ASN A 451 47.52 0.63 28.70
CA ASN A 451 47.27 -0.79 28.39
C ASN A 451 47.67 -1.71 29.51
N THR A 452 48.78 -1.35 30.20
CA THR A 452 49.29 -2.10 31.29
C THR A 452 48.30 -2.06 32.44
N ILE A 453 47.85 -0.84 32.80
CA ILE A 453 46.92 -0.70 33.87
C ILE A 453 45.61 -1.42 33.52
N SER A 454 45.17 -1.31 32.28
CA SER A 454 43.85 -1.90 31.93
C SER A 454 43.93 -3.45 32.07
N SER A 455 45.04 -4.05 31.58
CA SER A 455 45.22 -5.50 31.74
C SER A 455 45.29 -5.93 33.22
N MET A 456 45.89 -5.12 34.07
CA MET A 456 45.87 -5.44 35.49
C MET A 456 44.46 -5.47 36.03
N GLY A 457 43.68 -4.44 35.69
CA GLY A 457 42.22 -4.44 35.96
C GLY A 457 41.56 -5.74 35.60
N SER A 458 41.85 -6.28 34.40
CA SER A 458 41.14 -7.52 33.91
C SER A 458 41.41 -8.70 34.89
N PHE A 459 42.63 -8.78 35.44
CA PHE A 459 42.91 -9.84 36.43
C PHE A 459 42.12 -9.69 37.76
N ILE A 460 41.88 -8.46 38.22
CA ILE A 460 41.05 -8.27 39.39
C ILE A 460 39.62 -8.75 39.05
N SER A 461 39.10 -8.45 37.86
CA SER A 461 37.73 -8.96 37.57
C SER A 461 37.81 -10.49 37.53
N LEU A 462 38.97 -11.09 37.14
CA LEU A 462 38.97 -12.58 37.08
C LEU A 462 38.79 -13.08 38.53
N THR A 463 39.41 -12.39 39.47
CA THR A 463 39.41 -12.87 40.84
C THR A 463 37.96 -12.81 41.33
N ALA A 464 37.27 -11.72 41.05
CA ALA A 464 35.80 -11.67 41.30
C ALA A 464 35.02 -12.81 40.69
N VAL A 465 35.31 -13.18 39.46
CA VAL A 465 34.50 -14.23 38.86
C VAL A 465 34.76 -15.59 39.61
N MET A 466 36.01 -15.85 39.91
CA MET A 466 36.35 -17.08 40.67
C MET A 466 35.64 -17.11 42.03
N LEU A 467 35.66 -15.97 42.72
CA LEU A 467 35.01 -15.82 44.01
C LEU A 467 33.52 -16.07 43.87
N MET A 468 32.97 -15.61 42.77
CA MET A 468 31.49 -15.81 42.59
C MET A 468 31.17 -17.29 42.56
N VAL A 469 32.01 -18.08 41.86
CA VAL A 469 31.77 -19.54 41.82
C VAL A 469 31.79 -20.12 43.25
N PHE A 470 32.80 -19.73 44.04
CA PHE A 470 32.90 -20.18 45.40
C PHE A 470 31.64 -19.82 46.23
N ILE A 471 31.13 -18.58 46.07
CA ILE A 471 29.95 -18.12 46.80
C ILE A 471 28.68 -18.94 46.49
N ILE A 472 28.52 -19.30 45.22
CA ILE A 472 27.39 -20.14 44.87
C ILE A 472 27.57 -21.54 45.52
N TRP A 473 28.80 -22.08 45.42
CA TRP A 473 29.16 -23.31 46.13
C TRP A 473 28.85 -23.24 47.62
N GLU A 474 29.25 -22.18 48.28
CA GLU A 474 29.01 -22.08 49.73
C GLU A 474 27.54 -22.12 50.06
N ALA A 475 26.77 -21.52 49.20
CA ALA A 475 25.29 -21.46 49.45
C ALA A 475 24.72 -22.90 49.37
N PHE A 476 25.07 -23.60 48.29
CA PHE A 476 24.57 -24.94 48.10
C PHE A 476 25.18 -25.90 49.14
N ALA A 477 26.41 -25.63 49.59
CA ALA A 477 27.12 -26.42 50.58
C ALA A 477 26.54 -26.30 52.00
N SER A 478 26.10 -25.10 52.40
CA SER A 478 25.54 -24.79 53.70
C SER A 478 24.03 -25.09 53.89
N LYS A 479 23.26 -24.90 52.81
CA LYS A 479 21.80 -25.20 52.79
C LYS A 479 21.07 -24.44 53.89
N ARG A 480 21.15 -23.10 53.84
CA ARG A 480 20.27 -22.24 54.65
C ARG A 480 18.94 -22.05 53.89
N GLU A 481 17.86 -22.69 54.33
CA GLU A 481 16.58 -22.66 53.61
C GLU A 481 15.82 -21.41 53.97
N VAL A 482 15.34 -20.74 52.98
CA VAL A 482 14.58 -19.50 53.18
C VAL A 482 13.39 -19.68 54.15
N LEU A 483 13.30 -18.81 55.17
CA LEU A 483 12.14 -18.77 56.12
C LEU A 483 11.14 -17.70 55.59
N THR A 484 11.39 -16.41 55.90
CA THR A 484 10.55 -15.27 55.47
C THR A 484 11.22 -14.36 54.41
N VAL A 485 10.41 -13.85 53.49
CA VAL A 485 10.74 -12.84 52.49
C VAL A 485 9.79 -11.68 52.67
N ASP A 486 10.33 -10.48 52.74
CA ASP A 486 9.44 -9.30 52.85
C ASP A 486 8.84 -8.78 51.51
N LEU A 487 7.78 -7.97 51.62
CA LEU A 487 7.20 -7.25 50.46
C LEU A 487 6.60 -8.25 49.46
N THR A 488 6.11 -9.39 49.94
CA THR A 488 5.53 -10.32 48.96
C THR A 488 4.24 -9.68 48.34
N THR A 489 3.57 -8.73 49.04
CA THR A 489 2.34 -8.13 48.45
C THR A 489 2.58 -7.43 47.10
N THR A 490 3.82 -7.02 46.83
CA THR A 490 4.16 -6.32 45.57
C THR A 490 5.26 -7.08 44.85
N ASN A 491 5.40 -8.38 45.15
CA ASN A 491 6.44 -9.17 44.44
C ASN A 491 5.93 -10.58 44.31
N LEU A 492 4.91 -10.73 43.48
CA LEU A 492 4.16 -11.98 43.31
C LEU A 492 5.04 -13.22 43.08
N GLU A 493 6.18 -13.05 42.42
CA GLU A 493 7.07 -14.21 42.13
C GLU A 493 7.48 -14.99 43.38
N TRP A 494 7.47 -14.32 44.55
CA TRP A 494 7.85 -14.98 45.80
C TRP A 494 6.71 -15.68 46.48
N LEU A 495 5.46 -15.43 46.07
CA LEU A 495 4.39 -15.85 46.93
C LEU A 495 4.12 -17.41 46.93
N ASN A 496 4.74 -18.15 46.01
CA ASN A 496 4.62 -19.60 46.07
C ASN A 496 5.82 -20.25 46.85
N GLY A 497 6.62 -19.48 47.57
CA GLY A 497 7.70 -20.11 48.37
C GLY A 497 8.99 -20.35 47.57
N CYS A 498 9.98 -20.93 48.21
CA CYS A 498 11.34 -20.95 47.65
C CYS A 498 11.94 -22.34 47.78
N PRO A 499 12.20 -23.04 46.63
CA PRO A 499 11.76 -22.62 45.27
C PRO A 499 10.25 -22.89 45.19
N PRO A 500 9.53 -22.22 44.28
CA PRO A 500 8.12 -22.56 44.03
C PRO A 500 7.94 -24.00 43.52
N PRO A 501 6.77 -24.65 43.74
CA PRO A 501 6.66 -26.04 43.23
C PRO A 501 6.79 -26.09 41.71
N TYR A 502 6.98 -27.26 41.15
CA TYR A 502 7.14 -27.41 39.70
C TYR A 502 5.95 -26.75 38.96
N HIS A 503 4.71 -27.09 39.36
CA HIS A 503 3.55 -26.40 38.82
C HIS A 503 3.14 -25.34 39.78
N THR A 504 3.10 -24.11 39.32
CA THR A 504 2.45 -23.06 40.09
C THR A 504 1.26 -22.48 39.27
N PHE A 505 0.36 -21.82 40.01
CA PHE A 505 -0.86 -21.22 39.43
C PHE A 505 -1.72 -22.18 38.69
N GLU A 506 -1.76 -23.45 39.13
CA GLU A 506 -2.70 -24.46 38.60
C GLU A 506 -4.15 -23.99 38.83
N GLU A 507 -4.39 -23.36 39.98
CA GLU A 507 -5.46 -22.43 40.21
C GLU A 507 -4.97 -20.98 40.06
N PRO A 508 -5.47 -20.24 39.06
CA PRO A 508 -5.00 -18.92 38.77
C PRO A 508 -5.32 -18.00 39.95
N THR A 509 -4.73 -16.79 39.93
CA THR A 509 -5.01 -15.80 40.97
C THR A 509 -6.43 -15.28 40.71
N TYR A 510 -7.03 -14.66 41.71
CA TYR A 510 -8.36 -14.07 41.55
C TYR A 510 -8.10 -12.56 41.48
N VAL A 511 -8.56 -11.86 40.44
CA VAL A 511 -8.37 -10.40 40.40
C VAL A 511 -9.72 -9.81 39.90
N ASN A 512 -10.36 -8.94 40.69
CA ASN A 512 -11.74 -8.34 40.45
C ASN A 512 -11.55 -7.25 39.43
N LEU A 513 -12.57 -7.03 38.61
CA LEU A 513 -12.66 -5.80 37.82
C LEU A 513 -13.27 -4.64 38.51
N LYS A 514 -14.28 -4.82 39.34
CA LYS A 514 -14.50 -3.69 40.27
C LYS A 514 -15.23 -2.52 39.62
N ALA B 2 50.80 10.32 19.44
CA ALA B 2 50.66 10.14 20.91
C ALA B 2 51.99 10.06 21.63
N TYR B 3 51.98 10.44 22.88
CA TYR B 3 53.18 10.45 23.70
C TYR B 3 52.76 9.75 25.01
N PRO B 4 53.73 9.34 25.80
CA PRO B 4 53.42 8.50 26.99
C PRO B 4 52.56 9.20 28.00
N MET B 5 51.66 8.40 28.56
CA MET B 5 50.72 8.84 29.59
C MET B 5 49.70 9.89 29.11
N GLN B 6 49.47 9.94 27.81
CA GLN B 6 48.63 11.01 27.32
C GLN B 6 47.19 10.73 27.74
N LEU B 7 46.47 11.81 28.03
CA LEU B 7 45.07 11.73 28.46
C LEU B 7 44.04 12.03 27.35
N GLY B 8 44.33 13.04 26.52
CA GLY B 8 43.38 13.60 25.60
C GLY B 8 43.87 13.42 24.18
N PHE B 9 43.34 14.27 23.30
CA PHE B 9 43.67 14.23 21.86
C PHE B 9 45.09 14.63 21.63
N GLN B 10 45.66 14.08 20.56
CA GLN B 10 46.92 14.57 20.01
C GLN B 10 46.70 16.08 19.65
N ASP B 11 47.73 16.96 19.85
CA ASP B 11 47.64 18.37 19.47
C ASP B 11 47.10 18.51 18.04
N ALA B 12 46.23 19.47 17.86
CA ALA B 12 45.63 19.71 16.53
C ALA B 12 46.68 20.22 15.57
N THR B 13 46.65 19.70 14.33
CA THR B 13 47.55 20.16 13.27
C THR B 13 46.82 20.86 12.11
N SER B 14 45.49 20.88 12.18
CA SER B 14 44.62 21.46 11.12
C SER B 14 43.54 22.32 11.81
N PRO B 15 43.01 23.36 11.12
CA PRO B 15 42.00 24.16 11.89
C PRO B 15 40.78 23.31 12.27
N ILE B 16 40.47 22.27 11.49
CA ILE B 16 39.27 21.52 11.81
C ILE B 16 39.52 20.70 13.09
N MET B 17 40.73 20.15 13.24
CA MET B 17 41.05 19.35 14.44
C MET B 17 41.02 20.29 15.66
N GLU B 18 41.51 21.51 15.52
N GLU B 18 41.51 21.52 15.53
CA GLU B 18 41.33 22.52 16.59
CA GLU B 18 41.31 22.49 16.63
C GLU B 18 39.82 22.70 16.98
C GLU B 18 39.80 22.69 16.99
N GLU B 19 38.96 22.82 15.98
CA GLU B 19 37.49 22.95 16.19
C GLU B 19 37.02 21.76 16.99
N LEU B 20 37.43 20.55 16.56
CA LEU B 20 36.99 19.38 17.30
C LEU B 20 37.49 19.35 18.76
N LEU B 21 38.75 19.84 19.07
CA LEU B 21 39.17 19.88 20.48
C LEU B 21 38.24 20.72 21.30
N HIS B 22 37.90 21.93 20.80
CA HIS B 22 36.99 22.82 21.60
C HIS B 22 35.61 22.23 21.71
N PHE B 23 35.19 21.51 20.69
CA PHE B 23 33.82 20.97 20.76
C PHE B 23 33.83 19.80 21.79
N HIS B 24 34.92 19.03 21.79
CA HIS B 24 35.00 17.95 22.77
C HIS B 24 35.11 18.52 24.20
N ASP B 25 35.91 19.59 24.42
CA ASP B 25 35.90 20.27 25.71
C ASP B 25 34.43 20.67 26.09
N HIS B 26 33.66 21.19 25.14
CA HIS B 26 32.28 21.66 25.42
C HIS B 26 31.43 20.45 25.82
N THR B 27 31.59 19.35 25.08
CA THR B 27 30.79 18.17 25.39
C THR B 27 31.18 17.49 26.66
N LEU B 28 32.51 17.35 26.90
CA LEU B 28 33.01 16.71 28.11
C LEU B 28 32.62 17.52 29.36
N MET B 29 32.69 18.86 29.29
CA MET B 29 32.18 19.65 30.42
C MET B 29 30.70 19.26 30.81
N ILE B 30 29.87 19.13 29.79
CA ILE B 30 28.49 18.66 29.98
C ILE B 30 28.43 17.24 30.52
N VAL B 31 29.29 16.35 30.00
CA VAL B 31 29.27 14.99 30.50
C VAL B 31 29.63 15.01 32.01
N PHE B 32 30.61 15.88 32.39
CA PHE B 32 31.02 15.94 33.78
C PHE B 32 29.89 16.58 34.61
N LEU B 33 29.22 17.59 34.07
CA LEU B 33 28.10 18.20 34.81
C LEU B 33 27.06 17.10 35.11
N ILE B 34 26.64 16.34 34.08
CA ILE B 34 25.52 15.36 34.27
C ILE B 34 25.93 14.18 35.12
N SER B 35 27.15 13.71 34.94
CA SER B 35 27.58 12.53 35.69
C SER B 35 27.76 12.92 37.20
N SER B 36 28.25 14.12 37.46
CA SER B 36 28.45 14.48 38.86
C SER B 36 27.08 14.81 39.49
N LEU B 37 26.19 15.41 38.74
CA LEU B 37 24.83 15.65 39.30
C LEU B 37 24.17 14.30 39.71
N VAL B 38 24.26 13.31 38.80
CA VAL B 38 23.67 11.98 39.11
C VAL B 38 24.31 11.36 40.37
N LEU B 39 25.66 11.38 40.42
CA LEU B 39 26.37 10.83 41.59
C LEU B 39 26.00 11.65 42.87
N TYR B 40 25.93 12.96 42.77
CA TYR B 40 25.55 13.71 43.96
C TYR B 40 24.14 13.35 44.38
N ILE B 41 23.21 13.32 43.41
CA ILE B 41 21.81 13.02 43.79
C ILE B 41 21.69 11.60 44.41
N ILE B 42 22.30 10.61 43.79
CA ILE B 42 22.34 9.25 44.43
C ILE B 42 22.80 9.31 45.89
N SER B 43 23.92 10.02 46.17
CA SER B 43 24.45 10.12 47.53
C SER B 43 23.35 10.73 48.43
N LEU B 44 22.70 11.77 47.91
CA LEU B 44 21.71 12.50 48.67
C LEU B 44 20.56 11.53 49.04
N MET B 45 20.13 10.70 48.09
CA MET B 45 18.99 9.80 48.29
C MET B 45 19.34 8.78 49.34
N LEU B 46 20.66 8.52 49.53
CA LEU B 46 21.08 7.34 50.33
C LEU B 46 21.64 7.71 51.70
N THR B 47 21.60 8.98 52.03
CA THR B 47 22.20 9.44 53.27
C THR B 47 21.21 10.01 54.28
N THR B 48 19.95 9.55 54.29
CA THR B 48 19.05 10.03 55.35
C THR B 48 18.21 8.89 55.94
N LYS B 49 17.90 9.01 57.22
CA LYS B 49 16.97 8.08 57.85
C LYS B 49 15.54 8.52 57.67
N LEU B 50 15.28 9.73 57.12
CA LEU B 50 13.84 10.14 56.92
C LEU B 50 13.24 9.28 55.80
N THR B 51 11.97 8.89 55.92
CA THR B 51 11.39 8.06 54.89
C THR B 51 10.09 8.67 54.42
N HIS B 52 9.72 8.25 53.20
CA HIS B 52 8.42 8.61 52.56
C HIS B 52 8.18 7.48 51.60
N THR B 53 7.33 6.52 51.99
CA THR B 53 7.24 5.21 51.24
C THR B 53 5.86 5.04 50.66
N SER B 54 4.99 5.99 50.95
CA SER B 54 3.69 6.03 50.32
C SER B 54 3.85 6.52 48.87
N THR B 55 2.79 6.36 48.06
CA THR B 55 2.81 6.73 46.64
C THR B 55 3.25 8.19 46.38
N MET B 56 4.11 8.41 45.39
CA MET B 56 4.53 9.78 45.09
C MET B 56 4.00 10.19 43.71
N ASP B 57 3.50 11.43 43.60
CA ASP B 57 3.01 12.01 42.35
C ASP B 57 4.13 12.46 41.40
N ALA B 58 4.12 11.83 40.20
CA ALA B 58 5.13 11.88 39.12
C ALA B 58 4.97 12.90 37.95
N GLN B 59 3.97 13.77 38.03
CA GLN B 59 3.66 14.67 36.93
C GLN B 59 3.93 16.12 37.32
N GLU B 60 5.21 16.50 37.41
CA GLU B 60 5.64 17.91 37.66
C GLU B 60 7.14 17.97 37.60
N VAL B 61 7.75 17.01 38.30
CA VAL B 61 9.18 16.89 38.37
C VAL B 61 9.62 16.22 37.05
N GLU B 62 8.71 15.45 36.46
CA GLU B 62 8.96 14.75 35.19
C GLU B 62 9.16 15.69 33.95
N THR B 63 8.43 16.79 33.94
CA THR B 63 8.65 17.83 32.93
C THR B 63 10.09 18.30 32.96
N ILE B 64 10.55 18.65 34.16
CA ILE B 64 11.93 19.25 34.25
C ILE B 64 12.94 18.21 33.75
N TRP B 65 12.77 16.98 34.16
CA TRP B 65 13.75 16.04 33.81
C TRP B 65 13.57 15.42 32.45
N THR B 66 12.60 15.96 31.69
CA THR B 66 12.44 15.68 30.25
C THR B 66 12.91 16.87 29.43
N ILE B 67 12.48 18.06 29.84
CA ILE B 67 12.83 19.25 29.13
C ILE B 67 14.26 19.77 29.33
N LEU B 68 14.79 19.74 30.55
CA LEU B 68 16.17 20.21 30.73
C LEU B 68 17.18 19.33 29.91
N PRO B 69 17.05 17.98 29.96
CA PRO B 69 17.91 17.18 29.02
C PRO B 69 17.77 17.54 27.51
N ALA B 70 16.54 17.80 27.02
CA ALA B 70 16.34 18.24 25.62
C ALA B 70 17.11 19.49 25.32
N ILE B 71 17.03 20.45 26.23
CA ILE B 71 17.75 21.71 26.00
C ILE B 71 19.28 21.41 25.92
N ILE B 72 19.78 20.62 26.86
CA ILE B 72 21.18 20.23 26.87
C ILE B 72 21.59 19.57 25.56
N LEU B 73 20.71 18.72 25.01
CA LEU B 73 20.99 18.04 23.77
C LEU B 73 21.09 19.03 22.59
N ILE B 74 20.25 20.03 22.57
CA ILE B 74 20.37 21.03 21.50
C ILE B 74 21.68 21.85 21.67
N LEU B 75 22.03 22.14 22.91
CA LEU B 75 23.27 22.86 23.19
C LEU B 75 24.47 22.05 22.73
N ILE B 76 24.32 20.72 22.65
CA ILE B 76 25.44 19.93 22.12
C ILE B 76 25.35 19.87 20.56
N ALA B 77 24.13 19.65 20.05
CA ALA B 77 23.90 19.37 18.64
C ALA B 77 24.27 20.61 17.77
N LEU B 78 23.92 21.79 18.25
CA LEU B 78 24.16 23.03 17.51
C LEU B 78 25.67 23.20 17.15
N PRO B 79 26.57 23.23 18.15
CA PRO B 79 27.94 23.36 17.68
C PRO B 79 28.40 22.05 16.96
N SER B 80 27.85 20.89 17.28
CA SER B 80 28.31 19.66 16.63
C SER B 80 28.01 19.68 15.12
N LEU B 81 26.76 20.08 14.80
CA LEU B 81 26.30 20.22 13.40
C LEU B 81 26.98 21.43 12.65
N ARG B 82 27.19 22.57 13.32
CA ARG B 82 28.05 23.65 12.71
C ARG B 82 29.34 23.08 12.14
N ILE B 83 30.02 22.26 12.95
CA ILE B 83 31.31 21.68 12.52
C ILE B 83 31.17 20.62 11.43
N LEU B 84 30.16 19.76 11.54
CA LEU B 84 29.87 18.79 10.46
C LEU B 84 29.76 19.49 9.07
N TYR B 85 28.89 20.51 8.98
CA TYR B 85 28.71 21.31 7.78
C TYR B 85 29.99 22.08 7.36
N MET B 86 30.70 22.71 8.32
CA MET B 86 32.05 23.28 8.04
C MET B 86 32.95 22.27 7.34
N MET B 87 33.06 21.04 7.87
CA MET B 87 33.88 19.99 7.26
C MET B 87 33.35 19.61 5.86
N ASP B 88 32.08 19.86 5.57
CA ASP B 88 31.56 19.46 4.24
C ASP B 88 31.62 20.58 3.16
N GLU B 89 31.92 21.82 3.54
CA GLU B 89 31.83 22.95 2.62
C GLU B 89 32.88 22.95 1.52
N ILE B 90 32.53 23.57 0.39
CA ILE B 90 33.36 23.61 -0.81
C ILE B 90 34.74 24.19 -0.44
N ASN B 91 35.84 23.58 -0.92
CA ASN B 91 37.17 24.10 -0.56
C ASN B 91 38.19 24.47 -1.65
N ASN B 92 38.03 23.92 -2.84
CA ASN B 92 39.08 24.19 -3.88
C ASN B 92 40.53 23.69 -3.62
N PRO B 93 40.79 22.40 -3.82
CA PRO B 93 42.14 21.88 -3.50
C PRO B 93 43.16 22.22 -4.54
N SER B 94 44.44 22.23 -4.15
CA SER B 94 45.49 22.52 -5.12
C SER B 94 46.18 21.26 -5.58
N LEU B 95 45.82 20.13 -5.00
CA LEU B 95 46.48 18.84 -5.27
C LEU B 95 45.51 17.73 -4.91
N THR B 96 45.54 16.63 -5.65
CA THR B 96 44.82 15.44 -5.27
C THR B 96 45.76 14.29 -5.17
N VAL B 97 45.69 13.54 -4.04
CA VAL B 97 46.53 12.39 -3.78
C VAL B 97 45.60 11.23 -3.45
N LYS B 98 45.86 10.08 -4.04
CA LYS B 98 45.06 8.88 -3.78
C LYS B 98 45.85 7.91 -2.91
N THR B 99 45.18 7.23 -1.99
CA THR B 99 45.81 6.12 -1.34
C THR B 99 44.93 4.87 -1.43
N MET B 100 45.56 3.72 -1.69
CA MET B 100 44.90 2.42 -1.77
C MET B 100 45.36 1.58 -0.62
N GLY B 101 44.42 0.99 0.17
CA GLY B 101 44.79 0.09 1.22
C GLY B 101 45.07 -1.27 0.57
N HIS B 102 46.02 -2.01 1.20
CA HIS B 102 46.33 -3.36 0.82
C HIS B 102 46.55 -4.13 2.06
N GLN B 103 46.42 -5.46 1.97
CA GLN B 103 46.99 -6.32 3.00
C GLN B 103 48.55 -6.50 2.85
N TRP B 104 49.39 -5.87 3.66
CA TRP B 104 49.07 -4.91 4.69
C TRP B 104 50.08 -3.82 4.52
N TYR B 105 49.67 -2.82 3.71
CA TYR B 105 50.49 -1.65 3.46
C TYR B 105 49.64 -0.71 2.65
N TRP B 106 50.08 0.55 2.51
CA TRP B 106 49.37 1.56 1.75
C TRP B 106 50.15 1.90 0.49
N SER B 107 49.46 2.17 -0.63
CA SER B 107 50.14 2.72 -1.78
C SER B 107 49.57 4.12 -1.95
N TYR B 108 50.31 4.99 -2.61
CA TYR B 108 49.92 6.38 -2.85
C TYR B 108 50.11 6.70 -4.32
N GLU B 109 49.19 7.46 -4.89
CA GLU B 109 49.28 7.83 -6.31
C GLU B 109 49.12 9.32 -6.38
N TYR B 110 50.07 10.00 -7.05
CA TYR B 110 49.96 11.45 -7.21
C TYR B 110 49.96 11.68 -8.68
N THR B 111 48.78 11.85 -9.27
CA THR B 111 48.78 11.69 -10.67
C THR B 111 48.18 12.93 -11.30
N ASP B 112 48.19 14.06 -10.58
CA ASP B 112 47.76 15.31 -11.24
C ASP B 112 48.61 15.66 -12.50
N TYR B 113 49.93 15.40 -12.46
CA TYR B 113 50.90 15.86 -13.49
C TYR B 113 51.72 14.71 -14.06
N GLU B 114 52.24 13.83 -13.21
CA GLU B 114 53.05 12.72 -13.70
C GLU B 114 52.51 11.44 -13.12
N ASP B 115 52.98 10.31 -13.61
CA ASP B 115 52.53 9.08 -13.02
C ASP B 115 53.36 8.70 -11.82
N LEU B 116 53.14 9.41 -10.72
CA LEU B 116 53.92 9.09 -9.53
C LEU B 116 53.14 8.09 -8.61
N SER B 117 53.70 6.91 -8.33
CA SER B 117 53.07 6.10 -7.27
C SER B 117 54.13 5.34 -6.50
N PHE B 118 53.88 4.84 -5.27
CA PHE B 118 54.87 3.98 -4.59
C PHE B 118 54.11 3.27 -3.49
N ASP B 119 54.75 2.28 -2.90
CA ASP B 119 54.20 1.61 -1.72
C ASP B 119 54.72 2.22 -0.45
N SER B 120 54.08 1.92 0.68
CA SER B 120 54.50 2.51 1.99
C SER B 120 54.31 1.43 3.04
N TYR B 121 55.42 0.84 3.48
CA TYR B 121 55.35 -0.35 4.36
C TYR B 121 55.92 0.05 5.72
N MET B 122 55.34 -0.49 6.81
CA MET B 122 55.89 -0.37 8.13
C MET B 122 57.40 -0.73 8.18
N ILE B 123 58.20 0.02 8.90
CA ILE B 123 59.69 -0.37 9.10
C ILE B 123 59.68 -1.49 10.16
N PRO B 124 60.16 -2.69 9.82
CA PRO B 124 60.13 -3.72 10.86
C PRO B 124 60.98 -3.24 12.08
N THR B 125 60.61 -3.65 13.29
CA THR B 125 61.29 -3.28 14.51
C THR B 125 62.78 -3.57 14.44
N SER B 126 63.14 -4.72 13.89
CA SER B 126 64.54 -5.06 13.82
C SER B 126 65.31 -4.16 12.82
N GLU B 127 64.62 -3.32 12.03
CA GLU B 127 65.32 -2.43 11.11
C GLU B 127 65.14 -0.98 11.43
N LEU B 128 64.54 -0.67 12.58
CA LEU B 128 64.40 0.77 12.94
C LEU B 128 65.77 1.41 13.12
N LYS B 129 65.98 2.61 12.59
CA LYS B 129 67.21 3.32 12.87
C LYS B 129 67.08 3.91 14.29
N PRO B 130 68.22 4.18 14.97
CA PRO B 130 68.13 4.67 16.34
C PRO B 130 67.24 5.90 16.55
N GLY B 131 66.38 5.84 17.58
CA GLY B 131 65.46 7.01 17.76
C GLY B 131 64.16 6.96 16.94
N GLU B 132 64.02 5.99 16.06
CA GLU B 132 62.74 5.85 15.29
C GLU B 132 61.67 5.12 16.07
N LEU B 133 60.39 5.31 15.67
CA LEU B 133 59.28 4.83 16.47
C LEU B 133 58.79 3.46 16.12
N ARG B 134 58.76 2.55 17.11
CA ARG B 134 58.23 1.20 16.84
C ARG B 134 56.75 1.23 16.32
N LEU B 135 56.50 0.45 15.27
CA LEU B 135 55.16 0.25 14.60
C LEU B 135 54.65 1.45 13.80
N LEU B 136 55.36 2.58 13.87
CA LEU B 136 54.84 3.83 13.24
C LEU B 136 55.60 4.29 12.00
N GLU B 137 56.92 4.03 11.88
CA GLU B 137 57.62 4.53 10.70
C GLU B 137 57.30 3.65 9.49
N VAL B 138 57.45 4.26 8.32
CA VAL B 138 57.36 3.57 7.00
C VAL B 138 58.62 3.86 6.15
N ASP B 139 58.90 3.02 5.15
CA ASP B 139 59.99 3.29 4.19
C ASP B 139 59.71 4.54 3.36
N ASN B 140 58.50 4.68 2.79
CA ASN B 140 58.22 5.82 1.87
C ASN B 140 57.09 6.66 2.48
N ARG B 141 57.43 7.84 3.00
CA ARG B 141 56.41 8.71 3.61
C ARG B 141 55.52 9.40 2.59
N VAL B 142 54.35 9.87 3.04
CA VAL B 142 53.46 10.58 2.19
C VAL B 142 53.87 12.08 2.24
N VAL B 143 54.73 12.50 1.30
CA VAL B 143 55.27 13.86 1.28
C VAL B 143 54.18 14.80 0.69
N LEU B 144 53.90 15.92 1.35
CA LEU B 144 52.74 16.75 0.92
C LEU B 144 53.15 18.20 1.23
N PRO B 145 52.60 19.15 0.47
CA PRO B 145 52.87 20.54 0.79
C PRO B 145 52.01 21.00 1.96
N MET B 146 52.67 21.77 2.81
CA MET B 146 52.07 22.35 4.00
C MET B 146 51.25 23.55 3.58
N GLU B 147 50.30 23.95 4.44
CA GLU B 147 49.49 25.16 4.22
C GLU B 147 48.75 25.11 2.88
N MET B 148 48.40 23.92 2.41
CA MET B 148 47.70 23.85 1.13
C MET B 148 46.52 22.91 1.30
N THR B 149 45.38 23.20 0.66
CA THR B 149 44.21 22.35 0.74
C THR B 149 44.44 21.19 -0.22
N ILE B 150 44.44 19.98 0.30
CA ILE B 150 44.71 18.80 -0.49
C ILE B 150 43.46 17.90 -0.45
N ARG B 151 43.08 17.42 -1.62
CA ARG B 151 42.03 16.41 -1.70
C ARG B 151 42.71 15.03 -1.57
N MET B 152 42.36 14.27 -0.53
CA MET B 152 42.82 12.90 -0.35
C MET B 152 41.72 11.98 -0.83
N LEU B 153 42.03 11.04 -1.67
CA LEU B 153 40.96 10.12 -2.12
C LEU B 153 41.41 8.75 -1.68
N VAL B 154 40.48 7.96 -1.12
CA VAL B 154 40.82 6.77 -0.39
C VAL B 154 40.04 5.58 -0.93
N SER B 155 40.73 4.48 -1.20
CA SER B 155 40.08 3.23 -1.62
C SER B 155 40.91 2.02 -1.19
N SER B 156 40.52 0.84 -1.73
CA SER B 156 41.27 -0.38 -1.30
C SER B 156 41.36 -1.29 -2.49
N GLU B 157 42.41 -2.08 -2.58
CA GLU B 157 42.42 -3.11 -3.60
C GLU B 157 42.15 -4.50 -3.08
N ASP B 158 41.77 -4.63 -1.81
CA ASP B 158 41.43 -6.00 -1.28
C ASP B 158 40.29 -5.86 -0.23
N VAL B 159 40.63 -5.85 1.07
CA VAL B 159 39.56 -5.89 2.08
C VAL B 159 39.30 -4.40 2.55
N LEU B 160 38.42 -4.19 3.54
CA LEU B 160 38.30 -2.78 4.08
C LEU B 160 39.57 -2.41 4.87
N HIS B 161 40.05 -1.17 4.75
CA HIS B 161 41.06 -0.59 5.65
C HIS B 161 40.47 0.70 6.08
N SER B 162 41.24 1.52 6.78
CA SER B 162 40.69 2.86 7.04
C SER B 162 41.84 3.77 7.30
N TRP B 163 41.89 4.91 6.58
CA TRP B 163 43.07 5.70 6.55
C TRP B 163 42.87 6.83 7.55
N ALA B 164 43.73 6.91 8.57
CA ALA B 164 43.48 7.84 9.67
C ALA B 164 44.73 8.64 9.98
N VAL B 165 44.55 9.91 10.39
CA VAL B 165 45.71 10.68 10.92
C VAL B 165 45.10 11.56 12.01
N PRO B 166 45.19 11.10 13.27
CA PRO B 166 44.52 11.78 14.38
C PRO B 166 44.83 13.30 14.51
N SER B 167 46.08 13.71 14.35
CA SER B 167 46.53 15.13 14.40
C SER B 167 45.73 16.03 13.49
N LEU B 168 45.36 15.48 12.34
CA LEU B 168 44.61 16.27 11.34
C LEU B 168 43.08 16.08 11.44
N GLY B 169 42.61 15.24 12.36
CA GLY B 169 41.22 14.97 12.47
C GLY B 169 40.71 14.11 11.34
N LEU B 170 41.51 13.20 10.78
CA LEU B 170 41.08 12.46 9.59
C LEU B 170 40.82 11.01 9.86
N LYS B 171 39.75 10.46 9.31
CA LYS B 171 39.63 9.01 9.25
C LYS B 171 38.59 8.71 8.19
N THR B 172 39.04 8.07 7.13
CA THR B 172 38.19 7.88 6.00
C THR B 172 38.37 6.38 5.62
N ASP B 173 37.27 5.63 5.62
CA ASP B 173 37.34 4.19 5.29
C ASP B 173 37.72 3.95 3.81
N ALA B 174 38.38 2.84 3.58
CA ALA B 174 38.98 2.48 2.29
C ALA B 174 38.24 1.23 1.87
N ILE B 175 37.37 1.37 0.85
CA ILE B 175 36.37 0.40 0.55
C ILE B 175 36.63 0.09 -0.92
N PRO B 176 36.91 -1.20 -1.27
CA PRO B 176 37.13 -1.50 -2.65
C PRO B 176 35.88 -1.18 -3.47
N GLY B 177 36.08 -0.69 -4.72
CA GLY B 177 34.99 -0.33 -5.60
C GLY B 177 34.46 1.06 -5.32
N ARG B 178 35.05 1.73 -4.32
CA ARG B 178 34.50 3.03 -3.88
C ARG B 178 35.64 4.02 -3.66
N LEU B 179 35.38 5.30 -3.89
CA LEU B 179 36.43 6.30 -3.90
C LEU B 179 35.96 7.35 -2.89
N ASN B 180 36.44 7.32 -1.63
CA ASN B 180 35.98 8.30 -0.61
C ASN B 180 36.90 9.50 -0.54
N GLN B 181 36.36 10.66 -0.29
CA GLN B 181 37.17 11.85 -0.44
C GLN B 181 37.24 12.52 0.92
N THR B 182 38.40 13.03 1.31
CA THR B 182 38.44 13.88 2.49
C THR B 182 39.38 15.02 2.18
N THR B 183 39.37 16.07 2.99
CA THR B 183 40.27 17.13 2.65
C THR B 183 41.33 17.27 3.74
N LEU B 184 42.55 17.56 3.35
CA LEU B 184 43.61 17.66 4.33
C LEU B 184 44.26 19.04 4.17
N MET B 185 44.58 19.71 5.28
CA MET B 185 45.28 21.00 5.23
C MET B 185 46.07 21.07 6.53
N SER B 186 47.41 21.00 6.47
CA SER B 186 48.18 21.12 7.70
C SER B 186 48.61 22.57 7.88
N SER B 187 48.33 23.10 9.07
CA SER B 187 48.90 24.40 9.45
C SER B 187 50.41 24.40 9.67
N ARG B 188 51.06 23.24 9.70
CA ARG B 188 52.49 23.26 10.10
C ARG B 188 53.27 22.24 9.31
N PRO B 189 54.60 22.48 9.15
CA PRO B 189 55.42 21.42 8.59
C PRO B 189 55.59 20.27 9.63
N GLY B 190 56.14 19.14 9.23
CA GLY B 190 56.33 18.16 10.25
C GLY B 190 56.10 16.76 9.82
N LEU B 191 55.98 15.88 10.81
CA LEU B 191 55.72 14.47 10.59
C LEU B 191 54.50 14.11 11.42
N TYR B 192 53.49 13.50 10.75
CA TYR B 192 52.17 13.22 11.36
C TYR B 192 51.78 11.79 10.99
N TYR B 193 51.53 11.03 12.07
CA TYR B 193 51.36 9.58 12.00
C TYR B 193 49.86 9.19 12.17
N GLY B 194 49.52 8.01 11.62
CA GLY B 194 48.23 7.41 11.85
C GLY B 194 48.38 5.92 11.55
N GLN B 195 47.26 5.19 11.74
CA GLN B 195 47.33 3.73 11.72
C GLN B 195 46.04 3.24 11.12
N CYS B 196 46.15 2.11 10.39
CA CYS B 196 44.97 1.49 9.75
C CYS B 196 43.85 1.27 10.81
N SER B 197 42.66 1.69 10.46
CA SER B 197 41.60 1.82 11.42
C SER B 197 40.39 1.05 10.93
N GLU B 198 40.63 -0.06 10.19
CA GLU B 198 39.56 -1.06 10.02
C GLU B 198 40.29 -2.42 9.87
N ILE B 199 39.75 -3.32 10.75
CA ILE B 199 40.30 -4.67 10.86
C ILE B 199 40.35 -5.30 9.52
N CYS B 200 41.55 -5.69 9.14
CA CYS B 200 41.83 -6.05 7.76
C CYS B 200 42.67 -7.28 7.73
N GLY B 201 42.65 -8.03 8.83
CA GLY B 201 43.37 -9.35 8.82
C GLY B 201 44.69 -9.39 9.64
N SER B 202 45.60 -10.31 9.30
CA SER B 202 46.83 -10.64 10.10
C SER B 202 47.64 -9.47 10.55
N ASN B 203 47.80 -8.44 9.72
CA ASN B 203 48.77 -7.38 10.06
C ASN B 203 48.16 -6.01 10.10
N HIS B 204 46.85 -5.99 10.39
CA HIS B 204 46.04 -4.78 10.73
C HIS B 204 46.77 -3.77 11.59
N SER B 205 47.53 -4.28 12.60
CA SER B 205 48.27 -3.44 13.62
C SER B 205 49.55 -2.79 13.05
N PHE B 206 49.90 -3.24 11.82
CA PHE B 206 51.25 -3.11 11.25
C PHE B 206 51.27 -2.50 9.81
N MET B 207 50.37 -1.52 9.58
CA MET B 207 50.36 -0.80 8.27
C MET B 207 49.99 0.69 8.53
N PRO B 208 50.93 1.41 9.14
CA PRO B 208 50.72 2.81 9.54
C PRO B 208 50.86 3.79 8.36
N ILE B 209 50.54 5.06 8.67
CA ILE B 209 50.48 6.18 7.73
C ILE B 209 51.45 7.22 8.29
N VAL B 210 52.37 7.77 7.47
CA VAL B 210 53.17 8.85 7.99
C VAL B 210 53.12 9.96 6.92
N LEU B 211 52.68 11.17 7.31
CA LEU B 211 52.68 12.29 6.40
C LEU B 211 53.95 13.10 6.71
N GLU B 212 54.56 13.66 5.66
CA GLU B 212 55.64 14.53 5.77
C GLU B 212 55.26 15.86 5.10
N LEU B 213 55.06 16.88 5.91
CA LEU B 213 54.56 18.19 5.46
C LEU B 213 55.68 19.19 5.28
N VAL B 214 55.85 19.72 4.09
CA VAL B 214 57.06 20.54 3.81
C VAL B 214 56.63 21.63 2.82
N PRO B 215 57.51 22.65 2.56
CA PRO B 215 57.07 23.73 1.65
C PRO B 215 56.93 23.13 0.23
N LEU B 216 55.93 23.64 -0.51
CA LEU B 216 55.66 23.28 -1.90
C LEU B 216 56.95 23.03 -2.73
N LYS B 217 57.91 23.93 -2.63
CA LYS B 217 59.16 23.80 -3.44
C LYS B 217 59.97 22.57 -3.13
N TYR B 218 59.88 22.12 -1.88
CA TYR B 218 60.50 20.85 -1.53
C TYR B 218 59.70 19.68 -1.97
N PHE B 219 58.37 19.80 -1.87
CA PHE B 219 57.50 18.77 -2.36
C PHE B 219 57.78 18.53 -3.86
N GLU B 220 57.99 19.61 -4.60
CA GLU B 220 58.25 19.50 -6.09
C GLU B 220 59.50 18.75 -6.42
N LYS B 221 60.57 19.12 -5.75
CA LYS B 221 61.81 18.42 -5.94
C LYS B 221 61.67 16.94 -5.58
N TRP B 222 61.01 16.67 -4.46
CA TRP B 222 60.87 15.29 -4.05
C TRP B 222 60.05 14.51 -5.06
N SER B 223 58.95 15.10 -5.55
CA SER B 223 58.15 14.41 -6.56
C SER B 223 58.97 14.03 -7.77
N ALA B 224 59.70 15.00 -8.31
CA ALA B 224 60.54 14.78 -9.50
C ALA B 224 61.52 13.63 -9.23
N SER B 225 62.07 13.56 -8.01
CA SER B 225 63.08 12.55 -7.70
C SER B 225 62.43 11.21 -7.52
N MET B 226 61.11 11.17 -7.33
CA MET B 226 60.42 9.90 -7.10
C MET B 226 59.97 9.26 -8.42
N LEU B 227 59.98 10.02 -9.51
CA LEU B 227 59.63 9.51 -10.84
C LEU B 227 60.70 8.58 -11.38
N HIS C 1 -5.61 -30.78 39.74
CA HIS C 1 -6.42 -30.42 38.53
C HIS C 1 -6.50 -28.91 38.32
N GLN C 2 -6.24 -28.46 37.10
CA GLN C 2 -6.09 -27.05 36.86
C GLN C 2 -7.47 -26.35 36.85
N THR C 3 -7.55 -25.08 37.22
CA THR C 3 -8.83 -24.34 36.98
C THR C 3 -8.56 -23.07 36.10
N HIS C 4 -7.50 -23.17 35.30
CA HIS C 4 -7.26 -22.24 34.20
C HIS C 4 -7.49 -23.04 32.91
N ALA C 5 -7.47 -22.34 31.77
CA ALA C 5 -7.85 -22.94 30.53
C ALA C 5 -6.61 -23.27 29.63
N TYR C 6 -5.39 -23.10 30.14
CA TYR C 6 -4.17 -23.25 29.29
C TYR C 6 -3.66 -24.67 29.27
N HIS C 7 -2.83 -24.94 28.29
CA HIS C 7 -2.40 -26.32 28.06
C HIS C 7 -1.02 -26.55 28.64
N MET C 8 -0.94 -27.46 29.59
CA MET C 8 0.31 -28.03 30.10
C MET C 8 0.69 -29.22 29.17
N VAL C 9 1.73 -28.99 28.36
CA VAL C 9 2.15 -29.96 27.36
C VAL C 9 2.90 -31.10 28.02
N ASN C 10 2.72 -32.33 27.51
CA ASN C 10 3.44 -33.47 28.08
C ASN C 10 4.95 -33.25 27.74
N PRO C 11 5.87 -33.66 28.64
CA PRO C 11 7.26 -33.56 28.21
C PRO C 11 7.52 -34.25 26.83
N SER C 12 8.33 -33.61 25.98
CA SER C 12 8.40 -34.00 24.58
C SER C 12 9.84 -34.04 24.16
N PRO C 13 10.22 -35.01 23.29
CA PRO C 13 11.58 -35.06 22.76
C PRO C 13 11.81 -34.18 21.50
N TRP C 14 10.77 -33.64 20.87
CA TRP C 14 10.89 -33.00 19.56
C TRP C 14 11.66 -31.69 19.60
N PRO C 15 11.53 -30.89 20.69
CA PRO C 15 12.43 -29.75 20.73
C PRO C 15 13.92 -30.15 20.60
N LEU C 16 14.32 -31.17 21.33
CA LEU C 16 15.78 -31.59 21.30
C LEU C 16 16.06 -32.14 19.87
N THR C 17 15.13 -32.93 19.29
CA THR C 17 15.44 -33.48 17.94
C THR C 17 15.44 -32.36 16.91
N GLY C 18 14.61 -31.37 17.12
CA GLY C 18 14.53 -30.22 16.19
C GLY C 18 15.86 -29.47 16.30
N ALA C 19 16.29 -29.20 17.53
CA ALA C 19 17.60 -28.54 17.76
C ALA C 19 18.77 -29.30 17.11
N LEU C 20 18.77 -30.61 17.32
CA LEU C 20 19.83 -31.39 16.75
C LEU C 20 19.79 -31.46 15.24
N SER C 21 18.59 -31.50 14.65
CA SER C 21 18.54 -31.52 13.20
C SER C 21 19.08 -30.19 12.65
N ALA C 22 18.91 -29.07 13.39
CA ALA C 22 19.44 -27.81 12.98
C ALA C 22 21.00 -27.88 13.03
N LEU C 23 21.54 -28.54 14.05
CA LEU C 23 22.99 -28.74 14.09
C LEU C 23 23.41 -29.52 12.84
N LEU C 24 22.65 -30.58 12.51
CA LEU C 24 23.12 -31.48 11.46
C LEU C 24 22.94 -30.80 10.10
N MET C 25 21.88 -30.06 9.92
CA MET C 25 21.69 -29.39 8.61
C MET C 25 22.81 -28.34 8.38
N THR C 26 23.11 -27.55 9.44
CA THR C 26 24.12 -26.47 9.34
C THR C 26 25.53 -27.03 9.20
N SER C 27 25.86 -27.99 10.04
CA SER C 27 27.16 -28.62 9.89
C SER C 27 27.17 -29.41 8.55
N GLY C 28 26.00 -29.89 8.14
CA GLY C 28 25.87 -30.59 6.83
C GLY C 28 26.09 -29.65 5.63
N LEU C 29 25.52 -28.43 5.68
CA LEU C 29 25.83 -27.45 4.61
C LEU C 29 27.33 -27.12 4.65
N THR C 30 27.91 -27.09 5.84
CA THR C 30 29.34 -26.82 5.92
C THR C 30 30.15 -27.89 5.18
N MET C 31 29.83 -29.15 5.45
CA MET C 31 30.57 -30.26 4.85
C MET C 31 30.33 -30.32 3.33
N TRP C 32 29.10 -30.00 2.91
CA TRP C 32 28.77 -30.00 1.50
C TRP C 32 29.53 -28.88 0.80
N PHE C 33 29.47 -27.66 1.35
CA PHE C 33 30.25 -26.56 0.80
C PHE C 33 31.77 -26.74 0.76
N HIS C 34 32.33 -27.42 1.77
CA HIS C 34 33.82 -27.43 1.94
C HIS C 34 34.52 -28.76 1.89
N PHE C 35 33.79 -29.86 1.96
CA PHE C 35 34.46 -31.16 2.14
C PHE C 35 33.76 -32.12 1.25
N ASN C 36 33.14 -31.54 0.21
CA ASN C 36 32.50 -32.29 -0.81
C ASN C 36 31.72 -33.54 -0.36
N SER C 37 30.78 -33.35 0.54
CA SER C 37 30.04 -34.49 1.07
C SER C 37 28.63 -34.12 1.55
N MET C 38 27.65 -34.95 1.19
CA MET C 38 26.24 -34.64 1.45
C MET C 38 25.57 -35.38 2.62
N THR C 39 26.36 -36.17 3.34
CA THR C 39 25.89 -37.12 4.32
C THR C 39 25.27 -36.53 5.55
N LEU C 40 26.03 -35.73 6.28
CA LEU C 40 25.47 -34.99 7.37
C LEU C 40 24.19 -34.25 6.94
N LEU C 41 24.25 -33.57 5.78
CA LEU C 41 23.17 -32.72 5.36
C LEU C 41 21.89 -33.59 5.19
N MET C 42 22.02 -34.73 4.53
N MET C 42 22.05 -34.72 4.49
CA MET C 42 20.85 -35.58 4.33
CA MET C 42 21.00 -35.71 4.30
C MET C 42 20.31 -36.17 5.64
C MET C 42 20.34 -36.10 5.62
N ILE C 43 21.18 -36.44 6.60
CA ILE C 43 20.70 -36.87 7.93
C ILE C 43 19.90 -35.77 8.61
N GLY C 44 20.47 -34.56 8.61
CA GLY C 44 19.77 -33.46 9.20
C GLY C 44 18.42 -33.12 8.54
N LEU C 45 18.32 -33.14 7.21
CA LEU C 45 17.05 -32.86 6.56
C LEU C 45 16.06 -33.97 6.93
N THR C 46 16.55 -35.21 7.06
CA THR C 46 15.74 -36.33 7.50
C THR C 46 15.18 -36.16 8.88
N THR C 47 16.03 -35.89 9.85
CA THR C 47 15.59 -35.65 11.22
C THR C 47 14.72 -34.41 11.30
N ASN C 48 14.95 -33.43 10.44
CA ASN C 48 14.19 -32.17 10.51
C ASN C 48 12.73 -32.51 10.08
N MET C 49 12.57 -33.23 8.96
N MET C 49 12.58 -33.23 8.98
CA MET C 49 11.23 -33.68 8.51
CA MET C 49 11.22 -33.64 8.54
C MET C 49 10.53 -34.53 9.56
C MET C 49 10.52 -34.58 9.52
N LEU C 50 11.27 -35.52 10.12
CA LEU C 50 10.74 -36.43 11.17
C LEU C 50 10.28 -35.64 12.37
N THR C 51 11.13 -34.70 12.81
CA THR C 51 10.73 -33.80 13.91
C THR C 51 9.44 -32.98 13.61
N MET C 52 9.37 -32.33 12.45
CA MET C 52 8.19 -31.54 12.08
C MET C 52 6.94 -32.43 12.03
N TYR C 53 7.10 -33.59 11.43
CA TYR C 53 5.99 -34.51 11.33
C TYR C 53 5.45 -34.83 12.71
N GLN C 54 6.28 -35.28 13.62
CA GLN C 54 5.79 -35.78 14.95
C GLN C 54 5.31 -34.66 15.85
N TRP C 55 6.04 -33.54 15.81
CA TRP C 55 5.62 -32.34 16.52
C TRP C 55 4.20 -31.89 16.15
N TRP C 56 3.95 -31.63 14.88
CA TRP C 56 2.63 -31.16 14.42
C TRP C 56 1.56 -32.23 14.51
N ARG C 57 1.96 -33.47 14.24
CA ARG C 57 1.09 -34.67 14.63
C ARG C 57 0.57 -34.57 16.06
N ASP C 58 1.51 -34.27 16.98
CA ASP C 58 1.19 -34.21 18.43
C ASP C 58 0.28 -33.04 18.72
N VAL C 59 0.52 -31.92 18.02
CA VAL C 59 -0.40 -30.73 18.16
C VAL C 59 -1.81 -31.15 17.69
N ILE C 60 -1.90 -31.99 16.66
CA ILE C 60 -3.22 -32.44 16.18
C ILE C 60 -3.90 -33.36 17.22
N ARG C 61 -3.11 -34.27 17.83
CA ARG C 61 -3.61 -35.13 18.87
C ARG C 61 -4.11 -34.31 20.06
N GLU C 62 -3.29 -33.36 20.51
CA GLU C 62 -3.67 -32.51 21.61
C GLU C 62 -5.03 -31.75 21.39
N SER C 63 -5.33 -31.35 20.14
CA SER C 63 -6.39 -30.37 19.86
C SER C 63 -7.61 -31.16 19.37
N THR C 64 -7.48 -31.82 18.22
CA THR C 64 -8.62 -32.61 17.67
C THR C 64 -9.01 -33.77 18.57
N PHE C 65 -7.99 -34.50 19.08
CA PHE C 65 -8.23 -35.78 19.81
C PHE C 65 -8.40 -35.65 21.31
N GLN C 66 -7.81 -34.61 21.89
CA GLN C 66 -7.76 -34.49 23.35
C GLN C 66 -8.51 -33.27 23.91
N GLY C 67 -8.75 -32.27 23.06
CA GLY C 67 -9.62 -31.20 23.43
C GLY C 67 -8.89 -30.13 24.20
N HIS C 68 -7.53 -30.02 24.08
CA HIS C 68 -6.85 -28.99 24.84
C HIS C 68 -6.99 -27.60 24.28
N HIS C 69 -7.40 -27.45 23.04
CA HIS C 69 -7.41 -26.05 22.50
C HIS C 69 -8.69 -25.32 22.86
N THR C 70 -8.76 -24.87 24.10
CA THR C 70 -9.81 -23.95 24.56
C THR C 70 -9.66 -22.60 23.85
N PRO C 71 -10.67 -21.69 23.98
CA PRO C 71 -10.52 -20.43 23.23
C PRO C 71 -9.24 -19.68 23.65
N ALA C 72 -8.80 -19.79 24.91
CA ALA C 72 -7.62 -19.02 25.38
C ALA C 72 -6.42 -19.63 24.65
N VAL C 73 -6.36 -20.96 24.53
CA VAL C 73 -5.18 -21.60 23.86
C VAL C 73 -5.16 -21.19 22.34
N GLN C 74 -6.33 -21.19 21.72
CA GLN C 74 -6.46 -20.86 20.32
C GLN C 74 -6.05 -19.40 20.10
N LYS C 75 -6.43 -18.48 20.99
CA LYS C 75 -6.04 -17.10 20.83
C LYS C 75 -4.52 -16.95 20.89
N GLY C 76 -3.86 -17.67 21.83
CA GLY C 76 -2.42 -17.70 21.89
C GLY C 76 -1.81 -18.12 20.56
N LEU C 77 -2.39 -19.12 19.94
CA LEU C 77 -1.88 -19.59 18.65
C LEU C 77 -2.06 -18.55 17.54
N ARG C 78 -3.20 -17.83 17.56
N ARG C 78 -3.18 -17.80 17.55
CA ARG C 78 -3.39 -16.69 16.65
CA ARG C 78 -3.36 -16.69 16.56
C ARG C 78 -2.19 -15.76 16.79
C ARG C 78 -2.27 -15.60 16.75
N TYR C 79 -1.94 -15.25 18.00
CA TYR C 79 -0.79 -14.34 18.21
C TYR C 79 0.51 -14.94 17.65
N GLY C 80 0.75 -16.22 17.97
CA GLY C 80 2.02 -16.85 17.61
C GLY C 80 2.14 -16.84 16.09
N MET C 81 1.07 -17.18 15.42
CA MET C 81 1.19 -17.21 13.94
C MET C 81 1.35 -15.77 13.33
N ILE C 82 0.60 -14.81 13.82
CA ILE C 82 0.75 -13.44 13.36
C ILE C 82 2.23 -12.95 13.59
N LEU C 83 2.78 -13.19 14.77
CA LEU C 83 4.18 -12.75 15.09
C LEU C 83 5.21 -13.48 14.17
N PHE C 84 4.99 -14.78 13.95
CA PHE C 84 5.86 -15.53 13.04
C PHE C 84 5.83 -14.95 11.60
N ILE C 85 4.64 -14.60 11.11
CA ILE C 85 4.52 -14.00 9.82
C ILE C 85 5.19 -12.65 9.84
N ILE C 86 5.06 -11.90 10.93
CA ILE C 86 5.73 -10.60 10.98
C ILE C 86 7.26 -10.81 10.81
N SER C 87 7.79 -11.81 11.45
CA SER C 87 9.26 -12.06 11.38
C SER C 87 9.65 -12.49 9.98
N GLU C 88 8.76 -13.21 9.25
CA GLU C 88 9.04 -13.59 7.85
C GLU C 88 8.98 -12.36 6.89
N VAL C 89 8.21 -11.37 7.26
CA VAL C 89 8.07 -10.20 6.44
C VAL C 89 9.41 -9.48 6.62
N LEU C 90 9.86 -9.33 7.84
CA LEU C 90 11.16 -8.56 8.05
C LEU C 90 12.34 -9.31 7.36
N PHE C 91 12.29 -10.65 7.31
CA PHE C 91 13.32 -11.46 6.58
C PHE C 91 13.33 -11.04 5.11
N PHE C 92 12.17 -11.00 4.46
CA PHE C 92 12.12 -10.57 3.07
C PHE C 92 12.52 -9.14 2.95
N THR C 93 12.20 -8.32 3.94
CA THR C 93 12.53 -6.91 3.81
C THR C 93 14.04 -6.74 3.58
N GLY C 94 14.85 -7.56 4.21
CA GLY C 94 16.32 -7.52 3.97
C GLY C 94 16.72 -7.76 2.53
N PHE C 95 16.02 -8.67 1.83
CA PHE C 95 16.29 -8.93 0.43
C PHE C 95 15.78 -7.81 -0.46
N PHE C 96 14.65 -7.23 -0.12
CA PHE C 96 14.19 -6.06 -0.88
C PHE C 96 15.17 -4.89 -0.70
N TRP C 97 15.64 -4.72 0.52
CA TRP C 97 16.60 -3.65 0.77
C TRP C 97 17.80 -3.89 -0.12
N ALA C 98 18.29 -5.12 -0.17
CA ALA C 98 19.46 -5.43 -0.99
C ALA C 98 19.15 -5.13 -2.44
N PHE C 99 17.98 -5.60 -2.91
CA PHE C 99 17.58 -5.31 -4.27
C PHE C 99 17.56 -3.79 -4.62
N TYR C 100 16.88 -3.02 -3.81
CA TYR C 100 16.78 -1.56 -4.07
C TYR C 100 18.13 -0.87 -3.96
N HIS C 101 18.89 -1.26 -2.94
CA HIS C 101 20.28 -0.65 -2.80
C HIS C 101 21.09 -0.83 -4.07
N SER C 102 21.14 -2.03 -4.61
CA SER C 102 21.96 -2.28 -5.78
C SER C 102 21.33 -1.66 -7.03
N SER C 103 19.99 -1.63 -7.17
CA SER C 103 19.39 -1.26 -8.46
C SER C 103 19.25 0.29 -8.60
N LEU C 104 19.05 0.99 -7.49
CA LEU C 104 18.95 2.45 -7.46
C LEU C 104 20.27 3.12 -7.63
N ALA C 105 21.38 2.46 -7.32
CA ALA C 105 22.71 3.11 -7.51
C ALA C 105 23.64 2.18 -8.29
N PRO C 106 23.31 1.86 -9.54
CA PRO C 106 24.13 0.80 -10.13
C PRO C 106 25.64 1.18 -10.22
N THR C 107 26.52 0.23 -9.94
CA THR C 107 27.95 0.63 -9.90
C THR C 107 28.57 0.61 -11.33
N PRO C 108 29.85 1.11 -11.46
CA PRO C 108 30.48 1.15 -12.79
C PRO C 108 30.71 -0.23 -13.34
N GLU C 109 30.92 -1.24 -12.47
CA GLU C 109 31.19 -2.61 -12.95
C GLU C 109 30.00 -3.13 -13.74
N LEU C 110 28.82 -2.63 -13.39
CA LEU C 110 27.57 -2.94 -14.10
C LEU C 110 27.35 -2.20 -15.43
N GLY C 111 28.23 -1.22 -15.75
CA GLY C 111 28.00 -0.24 -16.79
C GLY C 111 27.27 0.99 -16.26
N GLY C 112 27.12 1.13 -14.92
CA GLY C 112 26.49 2.34 -14.31
C GLY C 112 25.01 2.47 -14.62
N CYS C 113 24.38 1.37 -14.98
CA CYS C 113 22.98 1.34 -15.41
C CYS C 113 22.30 0.11 -14.82
N TRP C 114 20.95 0.18 -14.75
CA TRP C 114 20.13 -0.93 -14.33
C TRP C 114 19.02 -1.12 -15.31
N PRO C 115 18.80 -2.36 -15.79
CA PRO C 115 19.54 -3.59 -15.54
C PRO C 115 20.97 -3.46 -16.04
N PRO C 116 21.92 -4.26 -15.49
CA PRO C 116 23.32 -4.14 -15.92
C PRO C 116 23.46 -4.43 -17.41
N THR C 117 24.52 -3.92 -18.03
CA THR C 117 24.93 -4.36 -19.37
C THR C 117 25.04 -5.88 -19.40
N GLY C 118 24.61 -6.50 -20.49
CA GLY C 118 24.66 -7.93 -20.68
C GLY C 118 23.50 -8.70 -20.05
N ILE C 119 22.57 -8.01 -19.39
CA ILE C 119 21.44 -8.68 -18.71
C ILE C 119 20.16 -8.47 -19.54
N HIS C 120 19.47 -9.53 -19.95
CA HIS C 120 18.21 -9.38 -20.66
C HIS C 120 17.10 -9.81 -19.72
N PRO C 121 16.48 -8.84 -19.05
CA PRO C 121 15.36 -9.19 -18.10
C PRO C 121 14.24 -9.99 -18.76
N LEU C 122 13.54 -10.77 -17.95
CA LEU C 122 12.29 -11.43 -18.39
C LEU C 122 11.23 -10.37 -18.70
N ASN C 123 10.27 -10.71 -19.54
CA ASN C 123 9.21 -9.77 -19.83
C ASN C 123 8.16 -9.96 -18.75
N PRO C 124 7.88 -8.90 -17.97
CA PRO C 124 6.97 -8.94 -16.81
C PRO C 124 5.50 -9.19 -17.28
N LEU C 125 5.26 -9.01 -18.56
CA LEU C 125 3.93 -9.31 -19.12
C LEU C 125 3.82 -10.71 -19.63
N GLU C 126 4.86 -11.52 -19.49
CA GLU C 126 4.72 -12.91 -19.96
C GLU C 126 4.44 -13.83 -18.79
N VAL C 127 5.34 -14.77 -18.49
CA VAL C 127 5.07 -15.73 -17.44
C VAL C 127 4.96 -15.05 -16.07
N PRO C 128 5.72 -13.98 -15.83
CA PRO C 128 5.49 -13.34 -14.51
C PRO C 128 4.06 -12.81 -14.29
N LEU C 129 3.45 -12.29 -15.32
CA LEU C 129 2.02 -11.89 -15.29
C LEU C 129 1.17 -13.13 -14.99
N LEU C 130 1.41 -14.23 -15.71
CA LEU C 130 0.67 -15.45 -15.40
C LEU C 130 0.84 -15.89 -13.93
N ASN C 131 2.06 -15.90 -13.40
CA ASN C 131 2.27 -16.30 -12.01
C ASN C 131 1.45 -15.42 -11.09
N THR C 132 1.40 -14.13 -11.43
CA THR C 132 0.68 -13.19 -10.65
C THR C 132 -0.81 -13.59 -10.66
N SER C 133 -1.35 -13.92 -11.82
CA SER C 133 -2.79 -14.17 -11.86
C SER C 133 -3.04 -15.50 -11.14
N VAL C 134 -2.05 -16.40 -11.12
CA VAL C 134 -2.25 -17.71 -10.48
C VAL C 134 -2.31 -17.56 -8.92
N LEU C 135 -1.42 -16.76 -8.33
CA LEU C 135 -1.40 -16.61 -6.90
C LEU C 135 -2.62 -15.82 -6.47
N LEU C 136 -2.93 -14.74 -7.19
CA LEU C 136 -4.17 -13.98 -6.90
C LEU C 136 -5.41 -14.86 -6.99
N ALA C 137 -5.54 -15.67 -8.04
CA ALA C 137 -6.74 -16.56 -8.15
C ALA C 137 -6.76 -17.52 -6.92
N SER C 138 -5.57 -17.91 -6.43
CA SER C 138 -5.54 -18.90 -5.35
C SER C 138 -5.95 -18.15 -4.05
N GLY C 139 -5.82 -16.81 -4.01
CA GLY C 139 -6.27 -16.08 -2.81
C GLY C 139 -7.80 -16.08 -2.77
N VAL C 140 -8.40 -16.05 -3.97
CA VAL C 140 -9.85 -16.08 -4.12
C VAL C 140 -10.31 -17.48 -3.74
N SER C 141 -9.66 -18.53 -4.27
CA SER C 141 -10.19 -19.90 -4.02
C SER C 141 -9.99 -20.28 -2.56
N ILE C 142 -8.94 -19.80 -1.87
CA ILE C 142 -8.79 -20.18 -0.47
CA ILE C 142 -8.75 -20.16 -0.47
C ILE C 142 -9.84 -19.49 0.38
N THR C 143 -10.30 -18.32 -0.06
CA THR C 143 -11.31 -17.61 0.69
C THR C 143 -12.65 -18.35 0.48
N TRP C 144 -12.89 -18.84 -0.74
CA TRP C 144 -14.04 -19.75 -0.92
C TRP C 144 -13.98 -20.98 0.02
N ALA C 145 -12.81 -21.59 0.16
CA ALA C 145 -12.67 -22.75 1.03
C ALA C 145 -13.01 -22.36 2.48
N HIS C 146 -12.58 -21.17 2.88
CA HIS C 146 -12.84 -20.76 4.23
C HIS C 146 -14.32 -20.62 4.51
N HIS C 147 -15.04 -19.96 3.61
CA HIS C 147 -16.47 -19.75 3.77
C HIS C 147 -17.20 -21.04 3.66
N SER C 148 -16.78 -21.94 2.77
CA SER C 148 -17.49 -23.23 2.73
C SER C 148 -17.38 -23.95 4.06
N LEU C 149 -16.17 -23.98 4.61
CA LEU C 149 -15.92 -24.58 5.93
C LEU C 149 -16.77 -23.93 7.04
N MET C 150 -16.77 -22.60 7.15
CA MET C 150 -17.67 -21.96 8.16
C MET C 150 -19.18 -22.30 7.94
N GLU C 151 -19.56 -22.56 6.69
CA GLU C 151 -20.97 -22.82 6.45
C GLU C 151 -21.21 -24.32 6.51
N GLY C 152 -20.19 -25.10 6.88
CA GLY C 152 -20.44 -26.54 7.09
C GLY C 152 -20.45 -27.37 5.82
N ASP C 153 -19.88 -26.88 4.70
CA ASP C 153 -20.01 -27.60 3.42
C ASP C 153 -18.69 -28.36 3.12
N ARG C 154 -18.66 -29.64 3.43
CA ARG C 154 -17.46 -30.45 3.30
C ARG C 154 -16.95 -30.48 1.87
N LYS C 155 -17.83 -30.84 0.95
CA LYS C 155 -17.47 -31.06 -0.43
C LYS C 155 -16.90 -29.79 -1.07
N HIS C 156 -17.48 -28.61 -0.79
CA HIS C 156 -16.99 -27.41 -1.51
C HIS C 156 -15.74 -26.89 -0.84
N MET C 157 -15.64 -27.11 0.47
CA MET C 157 -14.35 -26.80 1.14
C MET C 157 -13.23 -27.60 0.46
N LEU C 158 -13.41 -28.91 0.34
CA LEU C 158 -12.41 -29.76 -0.29
C LEU C 158 -12.14 -29.38 -1.75
N GLN C 159 -13.19 -29.11 -2.56
CA GLN C 159 -12.94 -28.67 -3.94
CA GLN C 159 -13.00 -28.63 -3.95
C GLN C 159 -12.16 -27.33 -4.00
N ALA C 160 -12.53 -26.36 -3.18
CA ALA C 160 -11.89 -25.05 -3.18
C ALA C 160 -10.37 -25.13 -2.72
N LEU C 161 -10.10 -25.96 -1.69
CA LEU C 161 -8.78 -26.15 -1.11
C LEU C 161 -7.99 -26.89 -2.18
N PHE C 162 -8.63 -27.85 -2.85
CA PHE C 162 -7.95 -28.58 -3.92
C PHE C 162 -7.54 -27.63 -5.06
N ILE C 163 -8.45 -26.75 -5.49
CA ILE C 163 -8.08 -25.74 -6.48
C ILE C 163 -6.91 -24.82 -5.99
N THR C 164 -6.94 -24.38 -4.73
CA THR C 164 -5.94 -23.52 -4.20
C THR C 164 -4.57 -24.23 -4.25
N ILE C 165 -4.52 -25.52 -3.88
CA ILE C 165 -3.27 -26.25 -3.92
C ILE C 165 -2.78 -26.43 -5.36
N THR C 166 -3.71 -26.73 -6.27
CA THR C 166 -3.37 -26.89 -7.67
C THR C 166 -2.74 -25.59 -8.23
N LEU C 167 -3.21 -24.42 -7.78
CA LEU C 167 -2.65 -23.19 -8.30
C LEU C 167 -1.25 -22.99 -7.70
N GLY C 168 -1.08 -23.38 -6.45
CA GLY C 168 0.26 -23.20 -5.83
C GLY C 168 1.27 -24.08 -6.55
N VAL C 169 0.84 -25.30 -6.86
CA VAL C 169 1.67 -26.23 -7.66
C VAL C 169 1.96 -25.66 -9.07
N TYR C 170 0.93 -25.09 -9.71
CA TYR C 170 1.11 -24.49 -11.02
C TYR C 170 2.13 -23.35 -10.96
N PHE C 171 2.01 -22.50 -9.96
CA PHE C 171 2.95 -21.42 -9.79
C PHE C 171 4.38 -22.00 -9.70
N THR C 172 4.52 -23.08 -8.91
CA THR C 172 5.83 -23.65 -8.57
C THR C 172 6.47 -24.26 -9.85
N LEU C 173 5.71 -24.99 -10.65
CA LEU C 173 6.19 -25.46 -11.93
C LEU C 173 6.40 -24.33 -12.94
N LEU C 174 5.59 -23.28 -12.93
CA LEU C 174 5.89 -22.17 -13.83
C LEU C 174 7.25 -21.60 -13.49
N GLN C 175 7.49 -21.41 -12.20
CA GLN C 175 8.70 -20.77 -11.67
C GLN C 175 9.92 -21.66 -11.95
N ALA C 176 9.84 -22.97 -11.65
CA ALA C 176 10.91 -23.92 -11.99
C ALA C 176 11.28 -23.84 -13.48
N SER C 177 10.28 -23.80 -14.33
CA SER C 177 10.51 -23.67 -15.74
C SER C 177 11.16 -22.33 -16.12
N GLU C 178 10.68 -21.21 -15.58
CA GLU C 178 11.25 -19.89 -15.81
C GLU C 178 12.72 -19.87 -15.30
N TYR C 179 13.00 -20.60 -14.23
CA TYR C 179 14.35 -20.66 -13.73
C TYR C 179 15.23 -21.32 -14.80
N TYR C 180 14.77 -22.45 -15.34
CA TYR C 180 15.50 -23.14 -16.39
C TYR C 180 15.66 -22.32 -17.66
N GLU C 181 14.64 -21.57 -18.07
CA GLU C 181 14.76 -20.78 -19.32
C GLU C 181 15.51 -19.47 -19.12
N ALA C 182 15.60 -18.93 -17.92
CA ALA C 182 16.18 -17.60 -17.77
C ALA C 182 17.61 -17.57 -18.37
N PRO C 183 17.97 -16.54 -19.14
CA PRO C 183 19.30 -16.53 -19.77
C PRO C 183 20.41 -15.99 -18.82
N PHE C 184 20.00 -15.59 -17.60
CA PHE C 184 20.93 -15.11 -16.58
C PHE C 184 20.82 -16.15 -15.44
N THR C 185 21.82 -16.15 -14.56
CA THR C 185 21.92 -17.12 -13.51
C THR C 185 22.22 -16.35 -12.20
N ILE C 186 22.33 -17.11 -11.12
CA ILE C 186 22.56 -16.55 -9.84
C ILE C 186 23.98 -15.94 -9.84
N SER C 187 24.86 -16.43 -10.72
CA SER C 187 26.26 -15.95 -10.71
C SER C 187 26.40 -14.72 -11.63
N ASP C 188 25.28 -14.22 -12.19
CA ASP C 188 25.38 -13.07 -13.08
C ASP C 188 25.32 -11.77 -12.30
N GLY C 189 26.32 -11.60 -11.45
CA GLY C 189 26.43 -10.35 -10.66
C GLY C 189 25.25 -10.15 -9.70
N VAL C 190 25.13 -8.91 -9.24
CA VAL C 190 24.12 -8.54 -8.26
C VAL C 190 22.66 -8.62 -8.85
N TYR C 191 22.48 -8.56 -10.16
CA TYR C 191 21.17 -8.76 -10.74
C TYR C 191 20.75 -10.22 -10.55
N GLY C 192 21.64 -11.18 -10.87
CA GLY C 192 21.29 -12.57 -10.72
C GLY C 192 21.12 -12.91 -9.22
N SER C 193 22.00 -12.36 -8.41
CA SER C 193 21.94 -12.56 -6.94
C SER C 193 20.64 -12.14 -6.36
N THR C 194 20.25 -10.88 -6.56
CA THR C 194 19.03 -10.37 -5.89
C THR C 194 17.87 -11.14 -6.49
N PHE C 195 17.90 -11.36 -7.80
CA PHE C 195 16.73 -11.99 -8.50
C PHE C 195 16.48 -13.40 -7.97
N PHE C 196 17.50 -14.28 -8.02
CA PHE C 196 17.31 -15.68 -7.56
C PHE C 196 17.18 -15.93 -6.07
N VAL C 197 17.94 -15.19 -5.26
CA VAL C 197 17.76 -15.31 -3.82
C VAL C 197 16.39 -14.81 -3.37
N ALA C 198 15.94 -13.63 -3.86
CA ALA C 198 14.63 -13.10 -3.42
C ALA C 198 13.51 -14.01 -3.95
N THR C 199 13.48 -14.33 -5.26
CA THR C 199 12.38 -15.14 -5.79
C THR C 199 12.57 -16.59 -5.33
N GLY C 200 13.81 -17.00 -5.04
CA GLY C 200 14.05 -18.42 -4.62
C GLY C 200 13.52 -18.60 -3.19
N PHE C 201 13.82 -17.67 -2.29
CA PHE C 201 13.26 -17.80 -0.95
C PHE C 201 11.71 -17.75 -1.06
N HIS C 202 11.20 -16.89 -1.95
CA HIS C 202 9.74 -16.82 -2.15
C HIS C 202 9.20 -18.17 -2.62
N GLY C 203 9.87 -18.78 -3.59
CA GLY C 203 9.55 -20.15 -4.11
C GLY C 203 9.49 -21.22 -3.03
N LEU C 204 10.45 -21.17 -2.11
CA LEU C 204 10.50 -22.02 -1.00
C LEU C 204 9.29 -21.79 -0.10
N HIS C 205 8.97 -20.52 0.13
CA HIS C 205 7.83 -20.22 0.98
C HIS C 205 6.53 -20.67 0.30
N VAL C 206 6.49 -20.69 -1.03
CA VAL C 206 5.27 -21.20 -1.74
C VAL C 206 5.20 -22.71 -1.52
N ILE C 207 6.36 -23.38 -1.55
CA ILE C 207 6.36 -24.85 -1.34
C ILE C 207 5.93 -25.14 0.11
N ILE C 208 6.46 -24.37 1.07
CA ILE C 208 6.02 -24.55 2.46
C ILE C 208 4.48 -24.34 2.58
N GLY C 209 3.99 -23.25 1.99
CA GLY C 209 2.60 -22.83 2.18
C GLY C 209 1.70 -23.89 1.54
N SER C 210 2.14 -24.43 0.40
CA SER C 210 1.36 -25.41 -0.39
C SER C 210 1.23 -26.75 0.43
N THR C 211 2.33 -27.13 1.05
CA THR C 211 2.45 -28.32 1.95
C THR C 211 1.56 -28.12 3.16
N PHE C 212 1.53 -26.93 3.76
CA PHE C 212 0.64 -26.68 4.85
C PHE C 212 -0.87 -26.87 4.32
N LEU C 213 -1.16 -26.32 3.12
CA LEU C 213 -2.49 -26.48 2.58
C LEU C 213 -2.79 -27.96 2.36
N ILE C 214 -1.76 -28.76 2.01
CA ILE C 214 -1.98 -30.20 1.75
C ILE C 214 -2.29 -30.88 3.07
N VAL C 215 -1.60 -30.46 4.10
CA VAL C 215 -1.91 -31.01 5.45
C VAL C 215 -3.36 -30.67 5.83
N CYS C 216 -3.78 -29.40 5.62
CA CYS C 216 -5.15 -29.05 5.91
C CYS C 216 -6.12 -29.92 5.07
N PHE C 217 -5.77 -30.19 3.83
CA PHE C 217 -6.68 -30.92 2.91
C PHE C 217 -6.86 -32.32 3.51
N PHE C 218 -5.76 -32.96 3.93
CA PHE C 218 -5.85 -34.31 4.52
C PHE C 218 -6.56 -34.31 5.86
N ARG C 219 -6.33 -33.24 6.68
CA ARG C 219 -7.06 -33.20 7.96
C ARG C 219 -8.59 -33.05 7.70
N GLN C 220 -8.94 -32.23 6.72
CA GLN C 220 -10.34 -32.05 6.28
C GLN C 220 -10.92 -33.38 5.77
N LEU C 221 -10.24 -34.10 4.90
CA LEU C 221 -10.68 -35.43 4.49
C LEU C 221 -11.00 -36.31 5.69
N LYS C 222 -10.26 -36.13 6.80
CA LYS C 222 -10.45 -36.96 8.02
C LYS C 222 -11.40 -36.29 9.05
N PHE C 223 -12.03 -35.17 8.67
CA PHE C 223 -13.08 -34.57 9.50
C PHE C 223 -12.60 -33.87 10.77
N HIS C 224 -11.31 -33.55 10.84
CA HIS C 224 -10.74 -32.83 11.98
C HIS C 224 -11.37 -31.50 12.27
N PHE C 225 -11.73 -30.76 11.22
CA PHE C 225 -12.18 -29.35 11.43
C PHE C 225 -13.65 -29.30 11.74
N THR C 226 -14.07 -28.43 12.64
CA THR C 226 -15.51 -28.25 12.83
C THR C 226 -15.76 -26.95 12.09
N SER C 227 -17.03 -26.57 11.96
CA SER C 227 -17.34 -25.34 11.21
C SER C 227 -16.93 -24.09 12.02
N ASN C 228 -16.65 -24.28 13.29
CA ASN C 228 -16.21 -23.17 14.08
C ASN C 228 -14.76 -23.27 14.56
N HIS C 229 -14.13 -24.42 14.47
CA HIS C 229 -12.81 -24.57 15.09
C HIS C 229 -11.94 -25.25 14.04
N HIS C 230 -11.02 -24.47 13.49
CA HIS C 230 -10.15 -24.89 12.39
C HIS C 230 -8.95 -23.92 12.27
N PHE C 231 -8.26 -23.72 13.38
CA PHE C 231 -7.16 -22.80 13.38
C PHE C 231 -6.02 -23.19 12.44
N GLY C 232 -5.73 -24.52 12.29
CA GLY C 232 -4.74 -24.95 11.29
C GLY C 232 -5.06 -24.42 9.91
N PHE C 233 -6.33 -24.44 9.54
CA PHE C 233 -6.77 -23.89 8.26
C PHE C 233 -6.58 -22.34 8.15
N GLU C 234 -6.96 -21.61 9.18
CA GLU C 234 -6.78 -20.18 9.15
C GLU C 234 -5.28 -19.78 9.10
N ALA C 235 -4.45 -20.47 9.91
CA ALA C 235 -2.97 -20.19 9.91
C ALA C 235 -2.42 -20.43 8.49
N ALA C 236 -2.86 -21.52 7.82
CA ALA C 236 -2.36 -21.82 6.49
C ALA C 236 -2.87 -20.76 5.46
N ALA C 237 -4.10 -20.26 5.62
CA ALA C 237 -4.64 -19.19 4.75
C ALA C 237 -3.87 -17.86 5.00
N TRP C 238 -3.68 -17.43 6.26
CA TRP C 238 -2.85 -16.22 6.52
C TRP C 238 -1.47 -16.34 5.93
N TYR C 239 -0.85 -17.50 6.08
CA TYR C 239 0.48 -17.73 5.50
C TYR C 239 0.41 -17.67 3.97
N TRP C 240 -0.67 -18.24 3.42
CA TRP C 240 -0.89 -18.23 1.96
C TRP C 240 -1.04 -16.79 1.48
N HIS C 241 -1.81 -16.00 2.21
CA HIS C 241 -1.96 -14.55 1.86
C HIS C 241 -0.59 -13.84 1.96
N PHE C 242 0.17 -14.15 2.99
CA PHE C 242 1.50 -13.52 3.17
C PHE C 242 2.32 -13.90 1.87
N VAL C 243 2.27 -15.17 1.47
CA VAL C 243 3.02 -15.60 0.28
C VAL C 243 2.62 -14.86 -1.01
N ASP C 244 1.33 -14.55 -1.13
CA ASP C 244 0.78 -13.85 -2.27
C ASP C 244 1.25 -12.36 -2.25
N VAL C 245 1.21 -11.72 -1.08
CA VAL C 245 1.60 -10.35 -1.01
C VAL C 245 3.10 -10.12 -1.30
N VAL C 246 3.97 -11.04 -0.83
CA VAL C 246 5.38 -10.95 -1.11
C VAL C 246 5.57 -11.09 -2.63
N TRP C 247 4.85 -12.02 -3.26
CA TRP C 247 4.95 -12.10 -4.72
C TRP C 247 4.59 -10.76 -5.38
N LEU C 248 3.47 -10.15 -5.00
CA LEU C 248 3.08 -8.82 -5.54
C LEU C 248 4.22 -7.79 -5.41
N PHE C 249 4.82 -7.73 -4.24
CA PHE C 249 6.03 -6.84 -4.02
C PHE C 249 7.18 -7.29 -4.92
N LEU C 250 7.42 -8.60 -5.07
CA LEU C 250 8.50 -9.05 -6.00
C LEU C 250 8.16 -8.63 -7.40
N TYR C 251 6.89 -8.86 -7.78
CA TYR C 251 6.52 -8.65 -9.15
C TYR C 251 6.64 -7.14 -9.49
N VAL C 252 6.14 -6.26 -8.62
CA VAL C 252 6.27 -4.83 -8.85
C VAL C 252 7.76 -4.33 -8.80
N SER C 253 8.51 -4.77 -7.80
CA SER C 253 9.90 -4.29 -7.56
C SER C 253 10.87 -4.88 -8.58
N ILE C 254 10.94 -6.20 -8.65
CA ILE C 254 12.05 -6.85 -9.34
C ILE C 254 11.72 -7.09 -10.81
N TYR C 255 10.52 -7.60 -11.10
CA TYR C 255 10.13 -7.88 -12.51
C TYR C 255 9.73 -6.68 -13.34
N TRP C 256 9.03 -5.72 -12.71
CA TRP C 256 8.40 -4.66 -13.46
C TRP C 256 9.27 -3.46 -13.30
N TRP C 257 9.35 -2.92 -12.10
CA TRP C 257 10.13 -1.73 -11.93
C TRP C 257 11.61 -1.96 -12.24
N GLY C 258 12.22 -3.08 -11.85
CA GLY C 258 13.68 -3.31 -12.09
C GLY C 258 14.06 -3.93 -13.45
N SER C 259 13.12 -3.96 -14.41
CA SER C 259 13.39 -4.53 -15.77
C SER C 259 13.77 -3.45 -16.80
N SER D 1 4.88 -25.78 67.31
CA SER D 1 4.62 -25.42 65.87
C SER D 1 4.87 -26.58 64.91
N VAL D 2 3.79 -27.23 64.46
CA VAL D 2 3.84 -28.08 63.25
C VAL D 2 3.38 -27.26 62.02
N VAL D 3 3.51 -25.92 62.11
CA VAL D 3 3.55 -25.02 60.94
C VAL D 3 5.00 -25.08 60.35
N LYS D 4 5.18 -25.70 59.17
CA LYS D 4 6.47 -25.66 58.40
C LYS D 4 6.41 -25.62 56.83
N SER D 5 5.53 -26.42 56.20
CA SER D 5 5.55 -26.66 54.72
C SER D 5 4.44 -26.01 53.81
N GLU D 6 3.29 -25.64 54.39
CA GLU D 6 2.29 -24.76 53.75
C GLU D 6 2.55 -23.31 54.28
N ASP D 7 3.68 -23.16 54.96
CA ASP D 7 3.94 -21.98 55.75
C ASP D 7 4.22 -20.76 54.98
N TYR D 8 4.68 -20.91 53.75
CA TYR D 8 5.00 -19.73 52.96
C TYR D 8 3.74 -18.98 52.61
N ALA D 9 2.55 -19.62 52.74
CA ALA D 9 1.31 -18.98 52.40
C ALA D 9 0.69 -18.28 53.60
N LEU D 10 1.33 -18.37 54.78
CA LEU D 10 0.71 -17.86 55.98
C LEU D 10 1.26 -16.50 56.33
N PRO D 11 0.46 -15.67 57.02
CA PRO D 11 1.02 -14.36 57.44
C PRO D 11 2.32 -14.56 58.27
N SER D 12 3.29 -13.69 58.17
CA SER D 12 4.49 -13.95 58.98
C SER D 12 5.05 -12.64 59.66
N TYR D 13 6.05 -12.81 60.46
CA TYR D 13 6.61 -11.80 61.30
C TYR D 13 7.77 -11.09 60.52
N VAL D 14 7.92 -9.76 60.62
CA VAL D 14 9.07 -9.07 60.06
C VAL D 14 9.39 -7.96 61.05
N ASP D 15 10.67 -7.75 61.33
CA ASP D 15 11.12 -6.51 61.95
C ASP D 15 11.51 -5.49 60.88
N ARG D 16 10.76 -4.41 60.70
CA ARG D 16 11.14 -3.36 59.72
C ARG D 16 10.63 -2.03 60.25
N ARG D 17 11.48 -0.99 60.14
CA ARG D 17 11.25 0.40 60.61
C ARG D 17 9.93 0.90 60.03
N ASP D 18 9.64 0.51 58.80
CA ASP D 18 8.53 1.11 58.02
C ASP D 18 7.27 0.17 58.10
N TYR D 19 7.36 -0.94 58.85
CA TYR D 19 6.20 -1.80 59.08
C TYR D 19 6.18 -2.16 60.61
N PRO D 20 5.94 -1.14 61.48
CA PRO D 20 6.17 -1.29 62.94
C PRO D 20 5.29 -2.37 63.56
N LEU D 21 4.06 -2.61 63.04
CA LEU D 21 3.15 -3.58 63.62
C LEU D 21 2.91 -4.77 62.67
N PRO D 22 3.79 -5.78 62.75
CA PRO D 22 3.68 -6.88 61.80
C PRO D 22 2.39 -7.66 61.95
N ASP D 23 2.15 -8.56 60.98
CA ASP D 23 0.82 -9.18 60.87
C ASP D 23 0.61 -10.27 61.91
N VAL D 24 1.66 -10.77 62.55
CA VAL D 24 1.58 -11.82 63.55
C VAL D 24 2.50 -11.45 64.70
N ALA D 25 2.27 -12.09 65.85
CA ALA D 25 3.04 -11.89 67.06
C ALA D 25 4.32 -12.65 66.89
N HIS D 26 5.41 -12.14 67.44
CA HIS D 26 6.64 -12.94 67.35
C HIS D 26 6.57 -14.31 67.99
N VAL D 27 6.14 -14.42 69.27
CA VAL D 27 6.16 -15.73 69.96
C VAL D 27 4.81 -16.47 69.67
N LYS D 28 4.90 -17.67 69.13
CA LYS D 28 3.75 -18.48 68.72
C LYS D 28 3.13 -19.25 69.91
N ASN D 29 3.96 -19.92 70.71
CA ASN D 29 3.50 -20.77 71.81
C ASN D 29 3.91 -20.24 73.15
N LEU D 30 2.92 -20.01 74.00
CA LEU D 30 3.12 -19.34 75.28
C LEU D 30 3.27 -20.35 76.37
N SER D 31 4.07 -20.04 77.38
CA SER D 31 4.08 -20.86 78.59
C SER D 31 2.85 -20.44 79.46
N ALA D 32 2.54 -21.24 80.47
CA ALA D 32 1.59 -20.91 81.49
C ALA D 32 1.77 -19.47 82.07
N SER D 33 2.98 -19.10 82.50
CA SER D 33 3.13 -17.74 83.11
C SER D 33 2.96 -16.69 82.04
N GLN D 34 3.35 -16.97 80.78
CA GLN D 34 3.06 -15.98 79.73
C GLN D 34 1.57 -15.87 79.49
N LYS D 35 0.85 -16.99 79.61
CA LYS D 35 -0.63 -16.90 79.43
C LYS D 35 -1.23 -16.12 80.61
N ALA D 36 -0.68 -16.37 81.82
CA ALA D 36 -1.16 -15.61 83.00
C ALA D 36 -0.91 -14.10 82.78
N LEU D 37 0.24 -13.79 82.17
CA LEU D 37 0.63 -12.38 81.95
C LEU D 37 -0.28 -11.71 80.88
N LYS D 38 -0.67 -12.46 79.85
CA LYS D 38 -1.68 -11.94 78.87
C LYS D 38 -3.02 -11.62 79.50
N GLU D 39 -3.40 -12.43 80.49
CA GLU D 39 -4.64 -12.18 81.18
C GLU D 39 -4.48 -10.94 82.08
N LYS D 40 -3.37 -10.82 82.80
CA LYS D 40 -3.10 -9.65 83.63
C LYS D 40 -3.04 -8.33 82.84
N GLU D 41 -2.53 -8.41 81.60
CA GLU D 41 -2.52 -7.32 80.64
C GLU D 41 -3.91 -6.68 80.37
N LYS D 42 -4.98 -7.45 80.60
CA LYS D 42 -6.35 -6.92 80.42
C LYS D 42 -6.72 -5.99 81.57
N ALA D 43 -5.92 -5.97 82.64
CA ALA D 43 -6.19 -5.04 83.72
C ALA D 43 -5.29 -3.81 83.53
N SER D 44 -5.32 -2.88 84.50
CA SER D 44 -4.58 -1.61 84.39
C SER D 44 -3.08 -1.88 84.13
N TRP D 45 -2.44 -1.16 83.19
CA TRP D 45 -1.02 -1.40 82.93
C TRP D 45 -0.11 -0.88 84.01
N SER D 46 -0.64 0.02 84.83
CA SER D 46 0.08 0.49 86.02
C SER D 46 0.40 -0.64 87.01
N SER D 47 -0.32 -1.74 86.99
CA SER D 47 -0.09 -2.83 87.98
C SER D 47 0.94 -3.84 87.49
N LEU D 48 1.44 -3.62 86.27
CA LEU D 48 2.41 -4.50 85.65
C LEU D 48 3.79 -3.98 86.09
N SER D 49 4.70 -4.87 86.42
CA SER D 49 6.07 -4.41 86.69
C SER D 49 6.82 -4.12 85.35
N ILE D 50 7.98 -3.46 85.44
CA ILE D 50 8.83 -3.26 84.33
C ILE D 50 9.16 -4.58 83.64
N ASP D 51 9.56 -5.60 84.40
CA ASP D 51 9.92 -6.89 83.82
C ASP D 51 8.73 -7.50 83.04
N GLU D 52 7.55 -7.41 83.61
CA GLU D 52 6.29 -7.84 82.91
C GLU D 52 6.05 -7.08 81.60
N LYS D 53 6.22 -5.76 81.62
CA LYS D 53 6.12 -4.97 80.44
C LYS D 53 7.12 -5.36 79.34
N VAL D 54 8.39 -5.61 79.71
CA VAL D 54 9.40 -6.02 78.74
C VAL D 54 8.99 -7.40 78.20
N GLU D 55 8.51 -8.26 79.07
CA GLU D 55 8.04 -9.56 78.63
C GLU D 55 6.89 -9.51 77.62
N LEU D 56 5.90 -8.67 77.86
CA LEU D 56 4.82 -8.51 76.91
C LEU D 56 5.39 -8.00 75.57
N TYR D 57 6.36 -7.06 75.66
CA TYR D 57 6.97 -6.48 74.42
C TYR D 57 7.65 -7.64 73.68
N ARG D 58 8.49 -8.43 74.39
CA ARG D 58 9.12 -9.60 73.74
C ARG D 58 8.21 -10.77 73.29
N LEU D 59 6.97 -10.85 73.80
CA LEU D 59 6.06 -11.86 73.22
C LEU D 59 5.61 -11.42 71.80
N LYS D 60 5.51 -10.10 71.65
CA LYS D 60 4.90 -9.53 70.44
C LYS D 60 5.96 -9.31 69.32
N PHE D 61 7.19 -8.92 69.74
CA PHE D 61 8.23 -8.49 68.81
C PHE D 61 9.51 -9.19 69.18
N LYS D 62 10.30 -9.45 68.16
CA LYS D 62 11.54 -10.10 68.28
C LYS D 62 12.65 -9.06 68.71
N GLU D 63 12.92 -8.08 67.85
CA GLU D 63 13.89 -7.02 68.17
C GLU D 63 13.20 -5.66 68.34
N SER D 64 13.73 -4.84 69.25
CA SER D 64 13.33 -3.45 69.35
C SER D 64 13.85 -2.67 68.14
N PHE D 65 13.40 -1.41 68.03
CA PHE D 65 13.85 -0.57 66.94
C PHE D 65 15.35 -0.42 67.05
N ALA D 66 15.82 -0.21 68.28
CA ALA D 66 17.24 0.11 68.48
C ALA D 66 18.09 -1.12 68.07
N GLU D 67 17.67 -2.33 68.45
CA GLU D 67 18.30 -3.57 67.98
C GLU D 67 18.25 -3.69 66.48
N MET D 68 17.10 -3.46 65.84
CA MET D 68 17.05 -3.86 64.44
C MET D 68 17.82 -2.79 63.68
N ASN D 69 17.96 -1.59 64.22
CA ASN D 69 18.72 -0.55 63.55
C ASN D 69 20.19 -0.50 63.88
N ARG D 70 20.73 -1.40 64.69
CA ARG D 70 22.07 -1.14 65.15
C ARG D 70 23.08 -1.15 63.94
N SER D 71 24.15 -0.39 64.04
CA SER D 71 25.17 -0.46 62.98
C SER D 71 26.08 -1.65 63.29
N THR D 72 26.80 -2.14 62.29
CA THR D 72 27.62 -3.34 62.53
C THR D 72 29.09 -3.09 62.08
N ASN D 73 29.93 -4.09 62.30
CA ASN D 73 31.36 -4.00 61.91
C ASN D 73 31.66 -4.69 60.58
N GLU D 74 30.59 -5.11 59.90
CA GLU D 74 30.69 -5.76 58.62
C GLU D 74 31.55 -5.06 57.56
N TRP D 75 31.49 -3.73 57.46
CA TRP D 75 32.26 -3.03 56.45
C TRP D 75 33.76 -3.30 56.59
N LYS D 76 34.23 -3.54 57.81
CA LYS D 76 35.67 -3.86 58.04
C LYS D 76 35.99 -5.17 57.36
N THR D 77 35.09 -6.15 57.51
CA THR D 77 35.38 -7.46 56.95
C THR D 77 35.33 -7.34 55.45
N VAL D 78 34.34 -6.59 54.94
CA VAL D 78 34.13 -6.52 53.51
C VAL D 78 35.29 -5.73 52.86
N VAL D 79 35.64 -4.57 53.41
CA VAL D 79 36.77 -3.83 52.81
C VAL D 79 38.10 -4.59 52.95
N GLY D 80 38.35 -5.17 54.12
CA GLY D 80 39.63 -5.83 54.30
C GLY D 80 39.67 -7.08 53.43
N ALA D 81 38.55 -7.80 53.33
CA ALA D 81 38.57 -8.99 52.49
C ALA D 81 38.74 -8.64 51.01
N ALA D 82 38.01 -7.62 50.53
CA ALA D 82 38.21 -7.12 49.12
C ALA D 82 39.70 -6.79 48.88
N MET D 83 40.33 -6.04 49.80
CA MET D 83 41.78 -5.73 49.66
C MET D 83 42.65 -6.98 49.66
N PHE D 84 42.29 -7.97 50.48
CA PHE D 84 43.05 -9.23 50.46
C PHE D 84 43.01 -9.88 49.06
N PHE D 85 41.80 -9.96 48.48
CA PHE D 85 41.60 -10.60 47.20
C PHE D 85 42.26 -9.79 46.07
N ILE D 86 42.20 -8.45 46.18
CA ILE D 86 42.89 -7.60 45.17
C ILE D 86 44.41 -7.77 45.36
N GLY D 87 44.86 -7.90 46.59
CA GLY D 87 46.33 -8.23 46.83
C GLY D 87 46.69 -9.59 46.26
N PHE D 88 45.80 -10.58 46.41
CA PHE D 88 46.07 -11.89 45.81
C PHE D 88 46.18 -11.77 44.28
N THR D 89 45.37 -10.89 43.68
CA THR D 89 45.43 -10.66 42.24
C THR D 89 46.82 -10.23 41.78
N ALA D 90 47.44 -9.40 42.57
CA ALA D 90 48.83 -8.99 42.25
C ALA D 90 49.83 -10.17 42.22
N LEU D 91 49.60 -11.22 43.04
CA LEU D 91 50.39 -12.46 42.95
C LEU D 91 50.27 -13.06 41.58
N LEU D 92 49.05 -13.09 41.03
CA LEU D 92 48.82 -13.61 39.70
C LEU D 92 49.54 -12.74 38.66
N LEU D 93 49.51 -11.43 38.86
CA LEU D 93 50.14 -10.49 37.92
C LEU D 93 51.67 -10.69 37.99
N ILE D 94 52.17 -11.00 39.19
CA ILE D 94 53.62 -11.30 39.30
C ILE D 94 53.97 -12.59 38.51
N TRP D 95 53.16 -13.62 38.71
CA TRP D 95 53.46 -14.87 38.06
C TRP D 95 53.40 -14.64 36.54
N GLU D 96 52.45 -13.84 36.07
CA GLU D 96 52.28 -13.68 34.62
C GLU D 96 53.48 -12.91 34.04
N LYS D 97 53.89 -11.85 34.72
CA LYS D 97 55.11 -11.14 34.29
C LYS D 97 56.28 -12.10 34.22
N HIS D 98 56.38 -12.95 35.23
CA HIS D 98 57.60 -13.83 35.36
C HIS D 98 57.59 -14.93 34.32
N TYR D 99 56.39 -15.43 33.96
CA TYR D 99 56.33 -16.69 33.17
C TYR D 99 55.52 -16.61 31.89
N VAL D 100 54.82 -15.50 31.65
CA VAL D 100 54.11 -15.46 30.41
C VAL D 100 54.77 -14.49 29.46
N TYR D 101 55.00 -13.26 29.94
CA TYR D 101 55.60 -12.22 29.15
C TYR D 101 57.11 -12.50 28.91
N GLY D 102 57.54 -12.40 27.67
CA GLY D 102 58.99 -12.32 27.42
C GLY D 102 59.48 -10.88 27.40
N PRO D 103 60.72 -10.68 26.88
CA PRO D 103 61.40 -9.40 26.63
C PRO D 103 60.49 -8.28 26.17
N ILE D 104 60.51 -7.18 26.86
CA ILE D 104 59.93 -6.01 26.26
C ILE D 104 60.77 -5.54 25.01
N PRO D 105 60.13 -4.97 23.98
CA PRO D 105 60.96 -4.51 22.83
C PRO D 105 62.20 -3.60 23.14
N HIS D 106 63.20 -3.64 22.27
CA HIS D 106 64.47 -2.92 22.54
C HIS D 106 64.20 -1.42 22.51
N THR D 107 63.00 -0.97 22.07
CA THR D 107 62.86 0.46 21.87
C THR D 107 62.57 1.09 23.25
N PHE D 108 62.41 0.28 24.30
CA PHE D 108 62.19 0.83 25.64
C PHE D 108 63.52 1.00 26.45
N GLU D 109 64.62 0.61 25.86
CA GLU D 109 65.95 0.79 26.54
C GLU D 109 66.26 2.24 26.66
N GLU D 110 67.00 2.57 27.70
CA GLU D 110 67.24 3.95 28.06
C GLU D 110 67.92 4.75 26.96
N GLU D 111 68.89 4.14 26.27
CA GLU D 111 69.54 4.78 25.14
C GLU D 111 68.56 5.08 23.91
N TRP D 112 67.82 4.07 23.49
CA TRP D 112 66.76 4.30 22.51
C TRP D 112 65.84 5.44 22.92
N VAL D 113 65.36 5.42 24.15
CA VAL D 113 64.44 6.46 24.61
C VAL D 113 65.08 7.84 24.60
N ALA D 114 66.34 7.96 25.00
CA ALA D 114 67.01 9.26 24.99
C ALA D 114 67.08 9.81 23.53
N LYS D 115 67.42 8.92 22.58
CA LYS D 115 67.52 9.36 21.18
C LYS D 115 66.12 9.61 20.55
N GLN D 116 65.15 8.76 20.91
CA GLN D 116 63.73 8.88 20.37
C GLN D 116 63.07 10.16 20.91
N THR D 117 63.33 10.46 22.18
CA THR D 117 62.89 11.75 22.75
C THR D 117 63.48 12.96 22.02
N LYS D 118 64.77 12.93 21.73
CA LYS D 118 65.30 14.04 20.96
C LYS D 118 64.61 14.16 19.61
N ARG D 119 64.48 13.03 18.90
CA ARG D 119 63.91 13.06 17.59
C ARG D 119 62.41 13.52 17.72
N MET D 120 61.69 13.11 18.77
CA MET D 120 60.32 13.66 18.94
C MET D 120 60.32 15.21 19.11
N LEU D 121 61.35 15.72 19.80
CA LEU D 121 61.46 17.13 20.09
C LEU D 121 61.86 17.86 18.80
N ASP D 122 62.66 17.20 17.97
CA ASP D 122 63.19 17.81 16.73
C ASP D 122 62.03 17.94 15.69
N MET D 123 61.15 16.96 15.67
CA MET D 123 59.92 17.07 14.92
C MET D 123 58.82 17.83 15.64
N LYS D 124 59.09 18.35 16.85
CA LYS D 124 58.10 19.12 17.57
C LYS D 124 56.77 18.38 17.74
N VAL D 125 56.79 17.12 18.13
CA VAL D 125 55.62 16.42 18.55
C VAL D 125 54.81 17.28 19.55
N ALA D 126 53.50 17.51 19.27
CA ALA D 126 52.59 18.14 20.22
C ALA D 126 53.21 19.44 20.82
N PRO D 127 53.45 20.43 19.95
CA PRO D 127 54.29 21.63 20.32
C PRO D 127 53.37 22.69 20.94
N ILE D 128 52.06 22.42 20.95
CA ILE D 128 51.15 23.42 21.52
C ILE D 128 50.87 23.18 23.02
N GLN D 129 50.58 21.95 23.41
CA GLN D 129 50.31 21.64 24.80
C GLN D 129 51.03 20.32 25.18
N GLY D 130 50.94 19.33 24.29
CA GLY D 130 51.11 17.91 24.73
C GLY D 130 52.54 17.51 25.13
N PHE D 131 53.60 17.99 24.46
CA PHE D 131 54.90 17.29 24.61
C PHE D 131 56.02 18.25 24.42
N SER D 132 56.38 18.59 23.16
CA SER D 132 57.38 19.67 22.87
C SER D 132 57.06 21.03 23.47
N ALA D 133 55.79 21.32 23.73
CA ALA D 133 55.38 22.52 24.51
C ALA D 133 56.06 22.59 25.87
N LYS D 134 56.42 21.44 26.42
CA LYS D 134 57.09 21.31 27.75
C LYS D 134 58.61 21.38 27.69
N TRP D 135 59.13 21.57 26.48
CA TRP D 135 60.56 21.69 26.23
C TRP D 135 60.91 23.12 26.02
N ASP D 136 61.94 23.58 26.71
CA ASP D 136 62.40 24.93 26.45
C ASP D 136 63.45 24.91 25.35
N TYR D 137 63.10 25.29 24.12
CA TYR D 137 64.05 25.25 23.01
C TYR D 137 65.20 26.32 23.13
N ASP D 138 64.95 27.42 23.87
CA ASP D 138 66.00 28.45 24.06
C ASP D 138 67.08 27.99 25.03
N LYS D 139 66.66 27.45 26.16
CA LYS D 139 67.60 26.99 27.16
C LYS D 139 67.98 25.56 26.97
N ASN D 140 67.32 24.87 26.08
CA ASN D 140 67.70 23.54 25.74
C ASN D 140 67.59 22.58 26.94
N GLU D 141 66.47 22.62 27.65
CA GLU D 141 66.15 21.79 28.79
C GLU D 141 64.60 21.66 28.92
N TRP D 142 64.08 20.78 29.78
CA TRP D 142 62.69 20.74 30.12
C TRP D 142 62.25 21.98 30.82
N LYS D 143 61.04 22.48 30.53
CA LYS D 143 60.57 23.72 31.21
C LYS D 143 60.37 23.35 32.66
N LYS D 144 60.62 24.31 33.56
CA LYS D 144 60.35 24.18 34.99
C LYS D 144 58.95 24.67 35.22
N HIS E 1 -6.57 18.70 47.89
CA HIS E 1 -5.68 18.66 49.09
C HIS E 1 -6.34 19.25 50.30
N GLU E 2 -6.01 18.71 51.49
CA GLU E 2 -6.63 19.14 52.76
C GLU E 2 -5.65 19.87 53.65
N THR E 3 -6.16 20.65 54.62
CA THR E 3 -5.27 21.22 55.64
C THR E 3 -4.57 20.13 56.51
N ASP E 4 -3.45 20.53 57.12
CA ASP E 4 -2.79 19.76 58.15
C ASP E 4 -3.83 19.37 59.23
N GLU E 5 -4.60 20.37 59.66
CA GLU E 5 -5.64 20.18 60.68
C GLU E 5 -6.65 19.11 60.30
N GLU E 6 -7.08 19.10 59.05
CA GLU E 6 -8.08 18.12 58.58
C GLU E 6 -7.50 16.72 58.46
N PHE E 7 -6.25 16.62 58.01
CA PHE E 7 -5.51 15.36 57.98
C PHE E 7 -5.41 14.81 59.43
N ASP E 8 -4.97 15.63 60.37
CA ASP E 8 -4.83 15.20 61.74
C ASP E 8 -6.13 14.77 62.33
N ALA E 9 -7.20 15.55 62.07
CA ALA E 9 -8.53 15.25 62.61
C ALA E 9 -9.06 13.87 62.12
N ARG E 10 -8.89 13.58 60.82
CA ARG E 10 -9.27 12.29 60.20
C ARG E 10 -8.52 11.17 60.90
N TRP E 11 -7.21 11.34 61.14
CA TRP E 11 -6.45 10.28 61.81
C TRP E 11 -6.83 10.09 63.29
N VAL E 12 -7.06 11.19 64.01
CA VAL E 12 -7.56 11.11 65.39
C VAL E 12 -8.91 10.32 65.38
N THR E 13 -9.82 10.70 64.48
CA THR E 13 -11.12 9.97 64.38
C THR E 13 -10.91 8.49 64.09
N TYR E 14 -9.98 8.17 63.17
CA TYR E 14 -9.73 6.81 62.80
C TYR E 14 -9.37 6.01 64.08
N PHE E 15 -8.42 6.51 64.87
CA PHE E 15 -7.95 5.68 66.00
C PHE E 15 -8.98 5.68 67.17
N ASN E 16 -9.79 6.74 67.29
CA ASN E 16 -10.82 6.85 68.33
C ASN E 16 -12.03 5.98 68.13
N LYS E 17 -12.13 5.28 67.01
CA LYS E 17 -13.34 4.43 66.85
C LYS E 17 -13.42 3.45 68.04
N PRO E 18 -14.58 3.44 68.79
CA PRO E 18 -14.55 2.64 70.02
C PRO E 18 -14.16 1.18 69.79
N ASP E 19 -14.81 0.56 68.81
CA ASP E 19 -14.59 -0.86 68.48
C ASP E 19 -13.59 -1.08 67.31
N ILE E 20 -12.64 -0.16 67.12
CA ILE E 20 -11.47 -0.43 66.25
C ILE E 20 -10.92 -1.80 66.51
N ASP E 21 -10.63 -2.59 65.48
CA ASP E 21 -10.07 -3.89 65.76
C ASP E 21 -8.50 -3.92 65.60
N ALA E 22 -7.89 -5.06 65.87
CA ALA E 22 -6.43 -5.05 65.88
C ALA E 22 -5.91 -4.85 64.44
N TRP E 23 -6.61 -5.42 63.45
CA TRP E 23 -6.24 -5.28 62.05
C TRP E 23 -6.24 -3.79 61.73
N GLU E 24 -7.24 -3.07 62.22
CA GLU E 24 -7.35 -1.67 61.83
C GLU E 24 -6.27 -0.84 62.50
N LEU E 25 -5.94 -1.21 63.74
CA LEU E 25 -4.88 -0.51 64.49
C LEU E 25 -3.56 -0.67 63.75
N ARG E 26 -3.22 -1.89 63.35
CA ARG E 26 -2.00 -2.17 62.59
C ARG E 26 -1.97 -1.45 61.21
N LYS E 27 -3.10 -1.45 60.51
CA LYS E 27 -3.17 -0.89 59.22
C LYS E 27 -3.00 0.62 59.33
N GLY E 28 -3.64 1.22 60.32
CA GLY E 28 -3.55 2.64 60.48
C GLY E 28 -2.12 3.05 60.77
N MET E 29 -1.49 2.41 61.74
CA MET E 29 -0.13 2.77 62.08
C MET E 29 0.84 2.48 60.88
N ASN E 30 0.77 1.28 60.31
CA ASN E 30 1.72 1.01 59.21
C ASN E 30 1.46 1.97 58.06
N THR E 31 0.22 2.45 57.87
CA THR E 31 -0.02 3.39 56.80
C THR E 31 0.59 4.73 57.12
N LEU E 32 0.34 5.13 58.35
CA LEU E 32 0.69 6.46 58.75
C LEU E 32 2.25 6.68 58.70
N VAL E 33 3.00 5.67 59.05
CA VAL E 33 4.48 5.86 59.03
C VAL E 33 5.03 5.84 57.63
N GLY E 34 4.16 5.64 56.61
CA GLY E 34 4.69 5.76 55.21
C GLY E 34 4.78 7.19 54.74
N TYR E 35 4.14 8.11 55.49
CA TYR E 35 4.09 9.53 55.10
C TYR E 35 5.32 10.33 55.51
N ASP E 36 5.49 11.45 54.84
CA ASP E 36 6.61 12.33 55.18
C ASP E 36 6.22 13.21 56.35
N LEU E 37 6.11 12.60 57.52
CA LEU E 37 5.81 13.45 58.72
C LEU E 37 5.96 12.60 59.92
N VAL E 38 6.16 13.26 61.05
CA VAL E 38 6.07 12.57 62.35
C VAL E 38 4.66 12.93 62.89
N PRO E 39 3.87 11.92 63.30
CA PRO E 39 2.43 12.21 63.63
C PRO E 39 2.31 13.10 64.85
N GLU E 40 1.36 14.00 64.79
CA GLU E 40 1.07 14.92 65.91
C GLU E 40 0.77 14.10 67.17
N PRO E 41 1.19 14.60 68.33
CA PRO E 41 0.80 14.00 69.60
C PRO E 41 -0.70 13.62 69.68
N LYS E 42 -1.59 14.47 69.20
CA LYS E 42 -3.03 14.10 69.32
C LYS E 42 -3.37 12.81 68.52
N ILE E 43 -2.70 12.58 67.40
CA ILE E 43 -2.90 11.29 66.70
C ILE E 43 -2.30 10.19 67.53
N ILE E 44 -1.08 10.35 68.05
CA ILE E 44 -0.44 9.20 68.79
C ILE E 44 -1.28 8.87 70.06
N ASP E 45 -1.77 9.91 70.71
CA ASP E 45 -2.66 9.80 71.89
C ASP E 45 -3.85 8.87 71.57
N ALA E 46 -4.56 9.14 70.47
CA ALA E 46 -5.69 8.34 70.02
C ALA E 46 -5.23 6.88 69.71
N ALA E 47 -4.04 6.70 69.08
CA ALA E 47 -3.58 5.35 68.79
C ALA E 47 -3.20 4.57 70.08
N LEU E 48 -2.63 5.25 71.06
CA LEU E 48 -2.30 4.59 72.32
C LEU E 48 -3.58 4.15 73.06
N ARG E 49 -4.63 5.01 72.98
CA ARG E 49 -5.88 4.69 73.63
C ARG E 49 -6.56 3.50 72.95
N ALA E 50 -6.39 3.40 71.64
CA ALA E 50 -6.85 2.21 70.92
C ALA E 50 -6.15 0.94 71.40
N CYS E 51 -4.82 1.00 71.56
CA CYS E 51 -4.04 -0.12 72.14
C CYS E 51 -4.61 -0.57 73.51
N ARG E 52 -4.97 0.40 74.37
CA ARG E 52 -5.63 0.12 75.62
C ARG E 52 -7.00 -0.62 75.39
N ARG E 53 -7.82 -0.10 74.49
CA ARG E 53 -9.13 -0.81 74.27
C ARG E 53 -8.84 -2.19 73.70
N LEU E 54 -7.68 -2.35 73.03
CA LEU E 54 -7.36 -3.66 72.45
C LEU E 54 -6.54 -4.50 73.37
N ASN E 55 -6.34 -4.06 74.64
CA ASN E 55 -5.49 -4.80 75.63
C ASN E 55 -4.12 -5.14 75.06
N ASP E 56 -3.51 -4.18 74.36
CA ASP E 56 -2.24 -4.49 73.68
C ASP E 56 -1.17 -3.50 74.13
N PHE E 57 -0.53 -3.83 75.26
CA PHE E 57 0.52 -2.98 75.83
C PHE E 57 1.74 -2.88 74.86
N ALA E 58 2.18 -4.04 74.31
CA ALA E 58 3.39 -4.08 73.45
C ALA E 58 3.28 -3.10 72.27
N SER E 59 2.11 -3.04 71.62
CA SER E 59 1.95 -2.18 70.43
C SER E 59 2.03 -0.69 70.85
N ALA E 60 1.62 -0.37 72.07
CA ALA E 60 1.70 0.99 72.52
C ALA E 60 3.20 1.41 72.57
N VAL E 61 4.04 0.53 73.11
CA VAL E 61 5.49 0.83 73.27
C VAL E 61 6.07 0.92 71.83
N ARG E 62 5.67 0.02 70.93
CA ARG E 62 6.16 0.05 69.54
C ARG E 62 5.79 1.33 68.82
N ILE E 63 4.61 1.85 69.09
CA ILE E 63 4.16 3.06 68.41
C ILE E 63 5.10 4.21 68.85
N LEU E 64 5.46 4.24 70.12
CA LEU E 64 6.42 5.29 70.61
C LEU E 64 7.82 5.17 69.96
N GLU E 65 8.29 3.92 69.79
CA GLU E 65 9.50 3.70 69.01
C GLU E 65 9.39 4.28 67.60
N VAL E 66 8.26 4.01 66.94
CA VAL E 66 8.23 4.39 65.52
C VAL E 66 8.17 5.90 65.36
N VAL E 67 7.57 6.59 66.35
CA VAL E 67 7.59 8.06 66.36
C VAL E 67 9.04 8.54 66.44
N LYS E 68 9.81 8.01 67.37
CA LYS E 68 11.24 8.41 67.45
C LYS E 68 11.89 8.10 66.08
N ASP E 69 11.56 6.95 65.49
CA ASP E 69 12.26 6.56 64.25
C ASP E 69 11.93 7.49 63.04
N LYS E 70 10.64 7.88 62.92
CA LYS E 70 10.20 8.79 61.88
C LYS E 70 10.91 10.15 61.94
N ALA E 71 11.35 10.58 63.12
CA ALA E 71 12.02 11.88 63.24
C ALA E 71 13.47 11.86 62.69
N GLY E 72 14.02 10.69 62.38
CA GLY E 72 15.38 10.59 61.81
C GLY E 72 16.39 11.38 62.65
N PRO E 73 17.16 12.31 62.04
CA PRO E 73 18.21 12.95 62.78
C PRO E 73 17.67 14.17 63.56
N HIS E 74 16.38 14.46 63.48
CA HIS E 74 15.80 15.65 64.21
C HIS E 74 15.44 15.26 65.61
N LYS E 75 16.42 15.32 66.47
CA LYS E 75 16.41 14.63 67.77
C LYS E 75 15.56 15.45 68.69
N GLU E 76 15.25 16.68 68.36
CA GLU E 76 14.37 17.43 69.29
C GLU E 76 12.89 16.94 69.20
N ILE E 77 12.52 16.14 68.21
CA ILE E 77 11.02 15.89 68.00
C ILE E 77 10.44 14.87 69.02
N TYR E 78 11.15 13.77 69.23
CA TYR E 78 10.68 12.73 70.13
C TYR E 78 10.58 13.17 71.62
N PRO E 79 11.60 13.84 72.18
CA PRO E 79 11.38 14.37 73.54
C PRO E 79 10.13 15.30 73.63
N TYR E 80 9.88 16.10 72.61
CA TYR E 80 8.67 16.98 72.62
C TYR E 80 7.39 16.13 72.62
N VAL E 81 7.34 15.13 71.73
CA VAL E 81 6.16 14.25 71.67
C VAL E 81 5.94 13.53 73.04
N ILE E 82 7.00 12.92 73.58
CA ILE E 82 6.85 12.24 74.88
C ILE E 82 6.29 13.25 75.94
N GLN E 83 6.87 14.43 76.00
CA GLN E 83 6.40 15.45 76.92
C GLN E 83 4.90 15.62 76.77
N GLU E 84 4.45 15.75 75.53
CA GLU E 84 3.07 16.10 75.30
C GLU E 84 2.18 14.88 75.69
N LEU E 85 2.74 13.67 75.61
CA LEU E 85 1.95 12.44 75.86
C LEU E 85 1.97 12.08 77.36
N ARG E 86 2.79 12.80 78.14
CA ARG E 86 3.03 12.36 79.50
C ARG E 86 1.70 12.08 80.25
N PRO E 87 0.73 13.00 80.14
CA PRO E 87 -0.48 12.77 80.96
C PRO E 87 -1.20 11.47 80.54
N THR E 88 -1.22 11.17 79.24
CA THR E 88 -1.76 9.91 78.76
C THR E 88 -0.96 8.69 79.16
N LEU E 89 0.37 8.82 79.10
CA LEU E 89 1.24 7.70 79.49
C LEU E 89 1.02 7.35 80.97
N ASN E 90 0.90 8.38 81.80
CA ASN E 90 0.63 8.20 83.21
C ASN E 90 -0.78 7.62 83.44
N GLU E 91 -1.77 8.16 82.76
CA GLU E 91 -3.13 7.63 82.97
C GLU E 91 -3.18 6.12 82.57
N LEU E 92 -2.49 5.70 81.53
CA LEU E 92 -2.71 4.37 81.01
C LEU E 92 -1.65 3.41 81.51
N GLY E 93 -0.66 3.94 82.27
CA GLY E 93 0.46 3.11 82.73
C GLY E 93 1.36 2.63 81.59
N ILE E 94 1.48 3.44 80.53
CA ILE E 94 2.39 3.07 79.43
C ILE E 94 3.82 3.50 79.75
N SER E 95 4.76 2.56 79.81
CA SER E 95 6.18 2.92 80.00
C SER E 95 6.78 3.22 78.62
N THR E 96 7.67 4.22 78.55
CA THR E 96 8.30 4.54 77.27
C THR E 96 9.32 3.45 76.95
N PRO E 97 9.79 3.36 75.69
CA PRO E 97 10.86 2.37 75.33
C PRO E 97 12.11 2.57 76.22
N GLU E 98 12.46 3.83 76.52
CA GLU E 98 13.60 4.18 77.39
C GLU E 98 13.42 3.65 78.80
N GLU E 99 12.22 3.86 79.37
CA GLU E 99 11.93 3.36 80.71
C GLU E 99 12.03 1.87 80.75
N LEU E 100 11.88 1.18 79.61
CA LEU E 100 11.96 -0.26 79.58
C LEU E 100 13.33 -0.78 79.18
N GLY E 101 14.27 0.14 78.90
CA GLY E 101 15.63 -0.20 78.45
C GLY E 101 15.64 -0.75 76.99
N LEU E 102 14.53 -0.57 76.26
CA LEU E 102 14.37 -1.03 74.86
C LEU E 102 15.05 -0.15 73.81
N ASP E 103 15.57 1.00 74.23
CA ASP E 103 16.45 1.85 73.39
C ASP E 103 17.92 1.43 73.43
N LYS E 104 18.28 0.34 74.11
CA LYS E 104 19.72 0.03 74.18
C LYS E 104 19.99 -0.99 73.12
N VAL E 105 21.10 -0.84 72.40
CA VAL E 105 21.34 -1.59 71.13
C VAL E 105 21.73 -2.98 71.50
N ALA F 1 -24.10 -25.87 -5.39
CA ALA F 1 -24.31 -24.70 -4.46
C ALA F 1 -24.69 -25.05 -2.98
N SER F 2 -24.27 -26.23 -2.46
CA SER F 2 -24.29 -26.67 -0.97
C SER F 2 -25.05 -27.98 -0.44
N GLY F 3 -24.57 -28.48 0.71
CA GLY F 3 -24.90 -29.79 1.33
C GLY F 3 -24.03 -29.69 2.61
N GLY F 4 -23.83 -30.76 3.39
CA GLY F 4 -23.23 -30.58 4.76
C GLY F 4 -21.92 -31.32 4.92
N GLY F 5 -21.76 -32.09 6.01
CA GLY F 5 -20.64 -33.03 6.18
C GLY F 5 -19.49 -32.54 7.07
N VAL F 6 -19.61 -31.34 7.61
CA VAL F 6 -18.61 -30.73 8.45
C VAL F 6 -19.13 -30.80 9.89
N PRO F 7 -18.39 -31.48 10.80
CA PRO F 7 -18.97 -31.59 12.13
C PRO F 7 -19.02 -30.25 12.84
N THR F 8 -19.89 -30.14 13.85
CA THR F 8 -19.97 -28.92 14.70
C THR F 8 -19.18 -29.10 15.98
N ASP F 9 -18.92 -27.97 16.67
CA ASP F 9 -18.33 -28.14 17.99
C ASP F 9 -19.24 -28.97 18.91
N GLU F 10 -20.55 -28.74 18.81
CA GLU F 10 -21.47 -29.46 19.68
C GLU F 10 -21.32 -30.98 19.49
N GLU F 11 -21.07 -31.43 18.25
CA GLU F 11 -20.94 -32.88 17.98
C GLU F 11 -19.55 -33.38 18.34
N GLN F 12 -18.49 -32.56 18.21
CA GLN F 12 -17.20 -33.13 18.12
C GLN F 12 -16.17 -32.58 19.12
N ALA F 13 -16.38 -31.35 19.65
CA ALA F 13 -15.52 -30.78 20.70
C ALA F 13 -15.43 -31.77 21.84
N THR F 14 -14.27 -31.88 22.48
CA THR F 14 -14.09 -32.90 23.53
C THR F 14 -13.18 -32.29 24.62
N GLY F 15 -12.96 -32.98 25.74
CA GLY F 15 -11.91 -32.58 26.72
C GLY F 15 -12.24 -31.22 27.33
N LEU F 16 -11.20 -30.48 27.66
CA LEU F 16 -11.43 -29.20 28.33
C LEU F 16 -12.17 -28.17 27.44
N GLU F 17 -11.93 -28.20 26.12
CA GLU F 17 -12.58 -27.31 25.18
C GLU F 17 -14.08 -27.50 25.33
N ARG F 18 -14.52 -28.78 25.38
CA ARG F 18 -15.94 -29.04 25.49
C ARG F 18 -16.48 -28.58 26.86
N GLU F 19 -15.72 -28.84 27.96
CA GLU F 19 -16.17 -28.39 29.30
C GLU F 19 -16.35 -26.88 29.33
N VAL F 20 -15.37 -26.12 28.84
CA VAL F 20 -15.52 -24.65 28.70
C VAL F 20 -16.76 -24.28 27.86
N MET F 21 -16.94 -24.95 26.74
CA MET F 21 -18.11 -24.70 25.88
C MET F 21 -19.43 -24.93 26.66
N LEU F 22 -19.63 -26.10 27.22
CA LEU F 22 -20.90 -26.42 27.94
C LEU F 22 -21.12 -25.49 29.12
N ALA F 23 -20.03 -25.17 29.84
CA ALA F 23 -20.21 -24.30 30.99
C ALA F 23 -20.60 -22.86 30.52
N ALA F 24 -20.02 -22.38 29.38
CA ALA F 24 -20.32 -21.03 28.85
C ALA F 24 -21.83 -20.91 28.54
N ARG F 25 -22.39 -21.93 27.93
CA ARG F 25 -23.82 -21.94 27.71
C ARG F 25 -24.63 -21.77 28.97
N LYS F 26 -24.16 -22.23 30.11
CA LYS F 26 -24.99 -22.08 31.34
C LYS F 26 -24.64 -20.83 32.13
N GLY F 27 -23.96 -19.90 31.47
CA GLY F 27 -23.41 -18.76 32.13
C GLY F 27 -22.33 -19.06 33.16
N GLN F 28 -21.67 -20.23 33.11
CA GLN F 28 -20.70 -20.59 34.18
C GLN F 28 -19.26 -20.40 33.73
N ASP F 29 -18.35 -20.12 34.66
CA ASP F 29 -16.95 -19.88 34.24
C ASP F 29 -16.00 -20.72 35.11
N PRO F 30 -16.08 -22.07 35.04
CA PRO F 30 -15.22 -22.81 35.94
C PRO F 30 -13.70 -22.68 35.62
N TYR F 31 -13.31 -22.23 34.43
CA TYR F 31 -11.87 -22.19 34.13
C TYR F 31 -11.38 -20.76 34.04
N ASN F 32 -12.08 -19.85 34.72
CA ASN F 32 -11.50 -18.52 35.01
C ASN F 32 -11.13 -17.75 33.76
N ILE F 33 -11.98 -17.83 32.75
CA ILE F 33 -11.74 -17.10 31.51
C ILE F 33 -12.19 -15.65 31.63
N LEU F 34 -13.03 -15.33 32.59
CA LEU F 34 -13.58 -13.94 32.64
C LEU F 34 -13.14 -13.31 33.93
N ALA F 35 -13.07 -12.00 33.94
CA ALA F 35 -12.73 -11.28 35.16
C ALA F 35 -13.97 -11.21 36.04
N PRO F 36 -13.89 -11.60 37.32
CA PRO F 36 -15.08 -11.37 38.18
C PRO F 36 -15.40 -9.87 38.48
N LYS F 37 -16.65 -9.52 38.65
CA LYS F 37 -16.98 -8.11 39.00
C LYS F 37 -16.98 -7.97 40.53
N ALA F 38 -16.37 -6.94 41.08
CA ALA F 38 -16.27 -6.73 42.52
C ALA F 38 -17.65 -6.45 43.16
N THR F 39 -17.85 -6.82 44.41
CA THR F 39 -19.02 -6.37 45.13
C THR F 39 -18.58 -5.09 45.85
N SER F 40 -19.39 -4.62 46.81
CA SER F 40 -19.00 -3.44 47.56
C SER F 40 -17.79 -3.70 48.46
N GLY F 41 -17.44 -4.98 48.70
CA GLY F 41 -16.23 -5.32 49.39
C GLY F 41 -16.29 -5.10 50.91
N THR F 42 -17.48 -4.82 51.46
CA THR F 42 -17.61 -4.69 52.93
C THR F 42 -17.58 -6.03 53.60
N LYS F 43 -17.36 -6.00 54.92
CA LYS F 43 -17.49 -7.17 55.79
C LYS F 43 -18.85 -7.87 55.53
N GLU F 44 -19.93 -7.12 55.39
CA GLU F 44 -21.24 -7.75 55.11
C GLU F 44 -21.41 -8.23 53.65
N ASP F 45 -20.66 -7.63 52.72
CA ASP F 45 -20.79 -7.94 51.31
C ASP F 45 -19.41 -8.21 50.66
N PRO F 46 -18.73 -9.26 51.14
CA PRO F 46 -17.37 -9.52 50.73
C PRO F 46 -17.31 -10.01 49.29
N ASN F 47 -16.19 -9.81 48.59
CA ASN F 47 -15.96 -10.44 47.34
C ASN F 47 -15.84 -11.92 47.54
N LEU F 48 -16.50 -12.72 46.71
CA LEU F 48 -16.53 -14.17 46.96
C LEU F 48 -15.59 -14.80 46.00
N VAL F 49 -14.65 -15.57 46.53
CA VAL F 49 -13.49 -15.98 45.72
C VAL F 49 -13.53 -17.50 45.62
N PRO F 50 -13.93 -18.04 44.45
CA PRO F 50 -14.09 -19.50 44.39
C PRO F 50 -12.69 -20.18 44.44
N SER F 51 -12.56 -21.28 45.18
CA SER F 51 -11.35 -22.02 45.08
C SER F 51 -11.65 -23.53 45.06
N ILE F 52 -10.91 -24.35 44.29
CA ILE F 52 -11.01 -25.80 44.49
C ILE F 52 -10.19 -26.29 45.69
N THR F 53 -9.48 -25.41 46.39
CA THR F 53 -8.66 -25.94 47.48
C THR F 53 -8.86 -25.05 48.71
N ASN F 54 -7.93 -25.04 49.63
CA ASN F 54 -8.19 -24.24 50.84
C ASN F 54 -7.56 -22.86 50.91
N LYS F 55 -7.05 -22.36 49.77
CA LYS F 55 -6.48 -21.02 49.77
C LYS F 55 -6.27 -20.67 48.33
N ARG F 56 -6.24 -19.39 48.02
CA ARG F 56 -6.02 -18.96 46.64
C ARG F 56 -5.41 -17.55 46.73
N ILE F 57 -4.63 -17.20 45.71
CA ILE F 57 -4.00 -15.89 45.73
C ILE F 57 -4.95 -14.89 45.12
N VAL F 58 -5.12 -13.78 45.82
CA VAL F 58 -5.91 -12.64 45.34
C VAL F 58 -4.95 -11.55 44.94
N GLY F 59 -5.24 -10.89 43.79
CA GLY F 59 -4.65 -9.60 43.45
C GLY F 59 -5.69 -8.50 43.60
N CYS F 60 -5.38 -7.46 44.36
CA CYS F 60 -6.31 -6.38 44.51
C CYS F 60 -5.73 -5.14 43.82
N ILE F 61 -6.51 -4.61 42.84
CA ILE F 61 -6.26 -3.35 42.17
C ILE F 61 -7.16 -2.44 42.96
N CYS F 62 -6.59 -1.75 43.93
CA CYS F 62 -7.38 -1.12 45.02
C CYS F 62 -8.21 0.05 44.50
N GLU F 63 -7.63 0.80 43.58
CA GLU F 63 -8.37 1.88 42.88
C GLU F 63 -8.14 1.69 41.44
N GLU F 64 -9.11 2.13 40.68
CA GLU F 64 -9.21 1.77 39.30
C GLU F 64 -7.99 2.37 38.64
N ASP F 65 -7.41 1.65 37.72
CA ASP F 65 -6.19 2.24 37.13
C ASP F 65 -4.90 2.33 37.97
N ASN F 66 -4.90 1.92 39.26
CA ASN F 66 -3.61 1.61 39.95
C ASN F 66 -2.78 0.70 39.01
N SER F 67 -1.49 0.99 38.85
CA SER F 67 -0.65 0.05 38.09
C SER F 67 -0.07 -1.07 39.06
N THR F 68 -0.06 -0.75 40.35
CA THR F 68 0.41 -1.64 41.37
C THR F 68 -0.72 -2.58 41.82
N VAL F 69 -0.48 -3.89 41.75
CA VAL F 69 -1.42 -4.88 42.23
C VAL F 69 -0.96 -5.39 43.60
N ILE F 70 -1.85 -5.50 44.60
CA ILE F 70 -1.53 -6.01 45.91
C ILE F 70 -1.93 -7.49 45.99
N TRP F 71 -0.94 -8.36 46.24
CA TRP F 71 -1.17 -9.80 46.20
C TRP F 71 -1.12 -10.45 47.53
N PHE F 72 -2.04 -11.40 47.78
CA PHE F 72 -1.93 -12.13 49.05
C PHE F 72 -2.68 -13.42 48.99
N TRP F 73 -2.33 -14.40 49.84
CA TRP F 73 -3.13 -15.60 49.94
C TRP F 73 -4.38 -15.35 50.72
N LEU F 74 -5.52 -15.70 50.12
CA LEU F 74 -6.77 -15.76 50.86
C LEU F 74 -7.06 -17.18 51.37
N HIS F 75 -7.22 -17.34 52.68
CA HIS F 75 -7.50 -18.66 53.25
C HIS F 75 -8.95 -19.01 53.49
N LYS F 76 -9.26 -20.29 53.45
CA LYS F 76 -10.57 -20.79 53.77
C LYS F 76 -10.99 -20.27 55.13
N GLY F 77 -12.25 -19.90 55.27
CA GLY F 77 -12.77 -19.49 56.61
C GLY F 77 -13.19 -18.02 56.61
N GLU F 78 -12.83 -17.30 57.66
CA GLU F 78 -13.40 -15.96 57.81
C GLU F 78 -12.80 -15.00 56.76
N ALA F 79 -13.59 -14.05 56.21
CA ALA F 79 -13.15 -13.08 55.23
C ALA F 79 -11.87 -12.42 55.68
N GLN F 80 -10.96 -12.15 54.76
CA GLN F 80 -9.74 -11.35 55.08
C GLN F 80 -9.74 -10.05 54.25
N ARG F 81 -8.82 -9.14 54.54
CA ARG F 81 -8.92 -7.82 53.98
C ARG F 81 -7.66 -7.51 53.17
N CYS F 82 -7.82 -6.83 52.04
CA CYS F 82 -6.64 -6.37 51.35
C CYS F 82 -5.75 -5.49 52.30
N PRO F 83 -4.44 -5.78 52.37
CA PRO F 83 -3.58 -5.03 53.30
C PRO F 83 -3.33 -3.62 52.86
N SER F 84 -3.69 -3.26 51.62
CA SER F 84 -3.56 -1.92 51.18
C SER F 84 -4.87 -1.10 51.32
N CYS F 85 -6.01 -1.58 50.81
CA CYS F 85 -7.22 -0.77 50.86
C CYS F 85 -8.28 -1.32 51.85
N GLY F 86 -8.03 -2.47 52.47
CA GLY F 86 -9.01 -3.03 53.36
C GLY F 86 -10.25 -3.72 52.73
N THR F 87 -10.40 -3.79 51.39
CA THR F 87 -11.63 -4.42 50.88
C THR F 87 -11.62 -5.90 51.29
N HIS F 88 -12.80 -6.46 51.49
CA HIS F 88 -12.96 -7.82 52.01
C HIS F 88 -13.12 -8.86 50.94
N TYR F 89 -12.47 -9.99 51.16
CA TYR F 89 -12.57 -11.12 50.29
C TYR F 89 -12.91 -12.37 51.15
N LYS F 90 -13.70 -13.31 50.60
CA LYS F 90 -14.01 -14.53 51.29
C LYS F 90 -13.93 -15.72 50.34
N LEU F 91 -13.23 -16.77 50.73
CA LEU F 91 -13.10 -17.95 49.88
C LEU F 91 -14.41 -18.75 49.93
N VAL F 92 -14.84 -19.25 48.77
CA VAL F 92 -16.06 -20.05 48.66
C VAL F 92 -15.73 -21.25 47.80
N PRO F 93 -16.57 -22.30 47.88
CA PRO F 93 -16.21 -23.52 47.15
C PRO F 93 -16.28 -23.30 45.66
N HIS F 94 -15.37 -23.98 44.98
CA HIS F 94 -15.15 -23.96 43.55
C HIS F 94 -16.42 -24.09 42.80
N GLN F 95 -17.16 -25.18 43.04
CA GLN F 95 -18.20 -25.60 42.07
C GLN F 95 -17.48 -26.24 40.88
N LEU F 96 -16.63 -25.42 40.25
CA LEU F 96 -15.35 -25.73 39.50
C LEU F 96 -15.00 -27.21 39.05
N ALA F 97 -15.30 -28.17 39.94
CA ALA F 97 -15.40 -29.57 39.56
C ALA F 97 -16.73 -29.74 38.78
N HIS F 98 -17.13 -28.66 38.09
CA HIS F 98 -18.28 -28.58 37.14
C HIS F 98 -18.37 -27.21 36.47
N ALA G 1 -11.61 1.88 -5.33
CA ALA G 1 -12.59 1.25 -6.27
C ALA G 1 -13.62 0.27 -5.59
N SER G 2 -14.53 -0.30 -6.39
CA SER G 2 -15.43 -1.44 -6.04
C SER G 2 -15.21 -2.61 -7.07
N ALA G 3 -14.84 -2.22 -8.31
CA ALA G 3 -14.69 -3.04 -9.57
C ALA G 3 -15.86 -2.90 -10.61
N ALA G 4 -16.87 -3.79 -10.51
CA ALA G 4 -18.27 -3.62 -10.94
C ALA G 4 -19.28 -4.34 -9.98
N LYS G 5 -18.80 -4.79 -8.81
CA LYS G 5 -19.43 -5.87 -7.96
C LYS G 5 -20.87 -5.62 -7.33
N GLY G 6 -21.15 -6.27 -6.19
CA GLY G 6 -22.48 -6.31 -5.53
C GLY G 6 -22.74 -7.49 -4.58
N ASP G 7 -23.09 -7.19 -3.33
CA ASP G 7 -23.50 -8.17 -2.29
C ASP G 7 -23.19 -7.76 -0.83
N HIS G 8 -24.05 -8.22 0.10
CA HIS G 8 -23.91 -8.13 1.57
C HIS G 8 -25.30 -8.30 2.13
N GLY G 9 -26.20 -8.76 1.26
CA GLY G 9 -27.50 -9.28 1.63
C GLY G 9 -27.56 -10.80 1.83
N GLY G 10 -26.40 -11.49 1.84
CA GLY G 10 -26.36 -12.97 1.96
C GLY G 10 -25.15 -13.79 2.44
N GLY G 12 -21.62 -16.14 2.19
CA GLY G 12 -20.32 -15.95 1.58
C GLY G 12 -19.72 -17.01 0.69
N ALA G 13 -19.93 -18.30 0.99
CA ALA G 13 -19.27 -19.28 0.18
C ALA G 13 -19.73 -19.16 -1.26
N ARG G 14 -21.05 -18.98 -1.46
CA ARG G 14 -21.58 -18.89 -2.79
C ARG G 14 -20.93 -17.72 -3.58
N THR G 15 -20.75 -16.58 -2.92
CA THR G 15 -20.09 -15.47 -3.64
C THR G 15 -18.65 -15.71 -3.98
N TRP G 16 -17.93 -16.28 -3.04
CA TRP G 16 -16.47 -16.57 -3.29
C TRP G 16 -16.25 -17.67 -4.32
N ARG G 17 -17.20 -18.56 -4.41
CA ARG G 17 -17.19 -19.51 -5.50
C ARG G 17 -17.50 -18.87 -6.87
N PHE G 18 -18.51 -18.03 -6.89
CA PHE G 18 -18.80 -17.21 -8.05
C PHE G 18 -17.53 -16.44 -8.49
N LEU G 19 -16.86 -15.82 -7.55
CA LEU G 19 -15.61 -15.08 -7.91
C LEU G 19 -14.51 -16.03 -8.43
N THR G 20 -14.38 -17.21 -7.78
CA THR G 20 -13.36 -18.19 -8.19
C THR G 20 -13.55 -18.63 -9.67
N PHE G 21 -14.76 -19.04 -10.01
CA PHE G 21 -15.03 -19.56 -11.33
C PHE G 21 -15.36 -18.47 -12.34
N GLY G 22 -15.83 -17.30 -11.90
CA GLY G 22 -16.34 -16.31 -12.86
C GLY G 22 -15.33 -15.19 -13.17
N LEU G 23 -14.30 -15.09 -12.31
CA LEU G 23 -13.30 -14.04 -12.47
C LEU G 23 -11.88 -14.60 -12.34
N ALA G 24 -11.59 -15.35 -11.28
CA ALA G 24 -10.23 -15.72 -10.94
C ALA G 24 -9.74 -16.75 -11.94
N LEU G 25 -10.45 -17.87 -12.06
CA LEU G 25 -10.02 -18.88 -13.07
C LEU G 25 -10.06 -18.40 -14.53
N PRO G 26 -11.12 -17.61 -14.95
CA PRO G 26 -11.08 -17.06 -16.32
C PRO G 26 -9.81 -16.22 -16.54
N SER G 27 -9.41 -15.44 -15.54
CA SER G 27 -8.18 -14.66 -15.63
C SER G 27 -6.94 -15.49 -15.85
N VAL G 28 -6.85 -16.65 -15.20
CA VAL G 28 -5.66 -17.50 -15.27
C VAL G 28 -5.61 -18.14 -16.65
N ALA G 29 -6.81 -18.46 -17.17
CA ALA G 29 -6.98 -19.08 -18.49
C ALA G 29 -6.54 -18.06 -19.55
N LEU G 30 -6.95 -16.78 -19.41
CA LEU G 30 -6.53 -15.76 -20.37
C LEU G 30 -5.01 -15.58 -20.31
N CYS G 31 -4.42 -15.40 -19.11
CA CYS G 31 -2.95 -15.26 -19.04
C CYS G 31 -2.26 -16.54 -19.57
N THR G 32 -2.85 -17.74 -19.37
CA THR G 32 -2.22 -18.98 -19.85
C THR G 32 -2.18 -18.94 -21.37
N LEU G 33 -3.34 -18.70 -22.03
CA LEU G 33 -3.36 -18.44 -23.49
C LEU G 33 -2.34 -17.39 -23.95
N ASN G 34 -2.37 -16.23 -23.32
CA ASN G 34 -1.46 -15.13 -23.62
C ASN G 34 0.01 -15.57 -23.58
N SER G 35 0.37 -16.44 -22.62
CA SER G 35 1.69 -17.03 -22.58
C SER G 35 1.91 -18.05 -23.69
N TRP G 36 0.95 -18.96 -23.87
CA TRP G 36 1.04 -20.00 -24.88
C TRP G 36 0.87 -19.41 -26.29
N LEU G 37 0.83 -18.07 -26.39
CA LEU G 37 0.94 -17.35 -27.67
C LEU G 37 2.27 -16.57 -27.70
N HIS G 38 2.36 -15.47 -26.95
CA HIS G 38 3.55 -14.60 -26.99
C HIS G 38 4.82 -15.18 -26.45
N SER G 39 4.94 -16.51 -26.53
CA SER G 39 6.19 -17.21 -26.19
C SER G 39 6.86 -17.72 -27.48
N GLY G 40 7.79 -18.67 -27.33
CA GLY G 40 8.65 -19.13 -28.41
C GLY G 40 10.09 -18.67 -28.13
N HIS G 41 11.07 -19.51 -28.49
CA HIS G 41 12.50 -19.30 -28.11
C HIS G 41 13.13 -18.01 -28.61
N ARG G 42 13.22 -17.01 -27.71
CA ARG G 42 14.10 -15.83 -27.85
C ARG G 42 15.49 -16.32 -28.28
N GLU G 43 16.08 -15.68 -29.28
CA GLU G 43 17.39 -16.09 -29.71
C GLU G 43 18.46 -15.84 -28.64
N ARG G 44 19.46 -16.72 -28.58
CA ARG G 44 20.47 -16.66 -27.52
C ARG G 44 21.36 -15.43 -27.72
N PRO G 45 21.64 -14.73 -26.61
CA PRO G 45 22.18 -13.36 -26.66
C PRO G 45 23.40 -13.11 -27.59
N ALA G 46 24.46 -13.88 -27.48
CA ALA G 46 25.74 -13.57 -28.18
C ALA G 46 26.74 -13.27 -27.07
N PHE G 47 27.79 -14.07 -27.04
CA PHE G 47 28.65 -14.09 -25.90
C PHE G 47 29.65 -12.91 -25.80
N ILE G 48 29.72 -12.25 -24.65
CA ILE G 48 30.81 -11.30 -24.35
C ILE G 48 31.31 -11.67 -22.92
N PRO G 49 32.61 -11.97 -22.76
CA PRO G 49 33.10 -12.42 -21.42
C PRO G 49 33.11 -11.27 -20.38
N TYR G 50 31.98 -10.57 -20.24
CA TYR G 50 31.87 -9.53 -19.21
C TYR G 50 32.31 -9.98 -17.79
N HIS G 51 33.05 -9.11 -17.09
CA HIS G 51 33.66 -9.54 -15.83
C HIS G 51 32.71 -9.44 -14.65
N HIS G 52 31.63 -8.68 -14.80
CA HIS G 52 30.57 -8.65 -13.76
C HIS G 52 29.56 -9.76 -13.85
N LEU G 53 29.72 -10.67 -14.83
CA LEU G 53 28.78 -11.81 -15.04
C LEU G 53 29.55 -13.13 -14.99
N ARG G 54 28.80 -14.24 -14.87
CA ARG G 54 29.40 -15.57 -14.81
C ARG G 54 30.44 -15.53 -13.74
N ILE G 55 30.10 -14.99 -12.55
CA ILE G 55 31.05 -14.84 -11.46
C ILE G 55 31.48 -16.24 -10.94
N ARG G 56 32.77 -16.44 -10.74
CA ARG G 56 33.28 -17.69 -10.13
C ARG G 56 34.29 -17.26 -9.08
N THR G 57 33.92 -17.20 -7.81
CA THR G 57 34.92 -16.92 -6.80
C THR G 57 35.21 -18.18 -6.00
N LYS G 58 34.35 -19.20 -6.15
CA LYS G 58 34.55 -20.50 -5.54
C LYS G 58 33.78 -21.48 -6.41
N PRO G 59 34.30 -22.72 -6.61
CA PRO G 59 33.51 -23.63 -7.44
C PRO G 59 32.18 -23.97 -6.79
N PHE G 60 31.12 -24.12 -7.56
CA PHE G 60 29.90 -24.63 -6.97
C PHE G 60 30.14 -26.05 -6.43
N SER G 61 29.34 -26.44 -5.44
CA SER G 61 29.48 -27.73 -4.77
C SER G 61 28.71 -28.86 -5.49
N TRP G 62 28.60 -28.83 -6.81
CA TRP G 62 27.94 -29.93 -7.55
C TRP G 62 28.58 -29.92 -8.92
N GLY G 63 28.36 -30.98 -9.70
CA GLY G 63 28.90 -31.09 -11.06
C GLY G 63 30.37 -30.91 -11.09
N ASP G 64 30.84 -30.23 -12.12
CA ASP G 64 32.24 -29.96 -12.28
C ASP G 64 32.60 -28.61 -11.61
N GLY G 65 31.71 -28.04 -10.79
CA GLY G 65 32.05 -26.80 -10.05
C GLY G 65 31.82 -25.51 -10.84
N ASN G 66 31.49 -25.62 -12.12
CA ASN G 66 31.46 -24.50 -13.06
C ASN G 66 30.08 -24.30 -13.71
N HIS G 67 29.09 -25.12 -13.34
CA HIS G 67 27.75 -25.00 -13.85
C HIS G 67 26.76 -24.55 -12.81
N THR G 68 25.93 -23.58 -13.16
CA THR G 68 24.93 -23.17 -12.22
C THR G 68 23.89 -24.28 -12.05
N PHE G 69 23.20 -24.25 -10.94
CA PHE G 69 22.25 -25.30 -10.56
C PHE G 69 21.13 -25.59 -11.58
N PHE G 70 20.51 -24.57 -12.19
CA PHE G 70 19.53 -24.81 -13.29
C PHE G 70 20.17 -24.45 -14.63
N HIS G 71 21.45 -24.80 -14.76
CA HIS G 71 22.13 -24.52 -16.01
C HIS G 71 21.35 -24.92 -17.25
N ASN G 72 21.12 -23.98 -18.16
CA ASN G 72 20.54 -24.33 -19.48
C ASN G 72 21.56 -24.12 -20.67
N PRO G 73 22.13 -25.22 -21.28
CA PRO G 73 23.12 -25.08 -22.37
C PRO G 73 22.72 -24.12 -23.48
N ARG G 74 21.42 -24.01 -23.79
CA ARG G 74 20.97 -23.15 -24.89
C ARG G 74 21.21 -21.66 -24.57
N VAL G 75 20.99 -21.23 -23.32
CA VAL G 75 21.03 -19.77 -23.07
C VAL G 75 22.00 -19.29 -21.99
N ASN G 76 22.62 -20.24 -21.30
CA ASN G 76 23.57 -19.89 -20.24
C ASN G 76 24.98 -20.27 -20.63
N PRO G 77 25.75 -19.30 -21.13
CA PRO G 77 27.17 -19.51 -21.42
C PRO G 77 27.92 -19.75 -20.17
N LEU G 78 29.04 -20.47 -20.28
CA LEU G 78 29.99 -20.64 -19.17
C LEU G 78 30.92 -19.39 -19.19
N PRO G 79 31.82 -19.24 -18.19
CA PRO G 79 32.80 -18.10 -18.26
C PRO G 79 33.61 -18.04 -19.60
N THR G 80 33.82 -19.18 -20.25
CA THR G 80 34.56 -19.23 -21.53
C THR G 80 33.62 -19.29 -22.72
N GLY G 81 32.30 -19.12 -22.51
CA GLY G 81 31.39 -19.06 -23.66
C GLY G 81 30.38 -20.19 -23.60
N TYR G 82 29.53 -20.26 -24.63
CA TYR G 82 28.55 -21.34 -24.72
C TYR G 82 29.25 -22.64 -24.95
N GLU G 83 28.71 -23.71 -24.38
CA GLU G 83 29.25 -25.07 -24.59
C GLU G 83 28.61 -25.86 -25.75
N LYS G 84 29.07 -27.11 -25.89
CA LYS G 84 28.43 -28.22 -26.64
C LYS G 84 27.22 -27.88 -27.51
N LYS H 1 46.71 26.47 -23.78
CA LYS H 1 45.26 26.80 -23.90
C LYS H 1 44.41 26.68 -22.59
N ILE H 2 44.83 27.20 -21.35
CA ILE H 2 43.85 26.91 -20.13
C ILE H 2 44.28 25.79 -19.05
N LYS H 3 45.46 25.26 -19.40
CA LYS H 3 46.39 24.90 -18.38
C LYS H 3 46.66 26.06 -17.50
N ASN H 4 47.71 25.82 -16.60
CA ASN H 4 47.81 26.13 -15.14
C ASN H 4 47.26 25.05 -14.16
N TYR H 5 46.98 23.84 -14.67
CA TYR H 5 46.15 22.86 -13.94
C TYR H 5 46.83 22.38 -12.68
N GLN H 6 46.24 22.75 -11.52
CA GLN H 6 46.75 22.26 -10.26
C GLN H 6 46.17 20.84 -9.92
N THR H 7 44.84 20.73 -9.96
CA THR H 7 44.17 19.46 -9.84
C THR H 7 42.75 19.66 -10.36
N ALA H 8 41.95 18.59 -10.38
CA ALA H 8 40.53 18.66 -10.86
C ALA H 8 39.70 19.61 -9.97
N PRO H 9 38.93 20.52 -10.54
CA PRO H 9 38.16 21.47 -9.66
C PRO H 9 37.01 20.73 -8.99
N PHE H 10 36.45 21.35 -7.95
CA PHE H 10 35.21 20.99 -7.36
C PHE H 10 34.16 20.86 -8.50
N ASP H 11 33.33 19.83 -8.48
CA ASP H 11 32.32 19.59 -9.49
C ASP H 11 31.00 19.41 -8.74
N SER H 12 30.11 20.41 -8.91
CA SER H 12 28.82 20.43 -8.14
C SER H 12 27.95 19.24 -8.47
N ARG H 13 28.23 18.54 -9.55
CA ARG H 13 27.47 17.28 -9.75
C ARG H 13 27.90 16.23 -8.70
N PHE H 14 29.08 16.36 -8.08
CA PHE H 14 29.58 15.28 -7.22
C PHE H 14 30.09 15.97 -5.96
N PRO H 15 29.15 16.41 -5.14
CA PRO H 15 29.60 17.24 -4.04
C PRO H 15 29.86 16.44 -2.74
N ASN H 16 29.75 15.12 -2.80
CA ASN H 16 29.70 14.33 -1.57
C ASN H 16 31.02 13.53 -1.34
N GLN H 17 31.13 12.86 -0.22
CA GLN H 17 32.33 12.11 0.09
C GLN H 17 32.57 11.00 -0.94
N ASN H 18 31.50 10.37 -1.46
CA ASN H 18 31.71 9.30 -2.42
C ASN H 18 31.95 9.94 -3.77
N GLN H 19 33.13 9.72 -4.33
CA GLN H 19 33.56 10.39 -5.57
C GLN H 19 33.65 9.39 -6.69
N THR H 20 33.27 8.13 -6.41
CA THR H 20 33.39 7.06 -7.47
C THR H 20 32.86 7.50 -8.83
N ARG H 21 31.65 8.08 -8.85
CA ARG H 21 30.99 8.46 -10.07
C ARG H 21 31.68 9.66 -10.80
N ASN H 22 32.40 10.48 -10.06
CA ASN H 22 33.15 11.62 -10.64
C ASN H 22 34.27 11.05 -11.47
N CYS H 23 35.02 10.11 -10.90
CA CYS H 23 36.04 9.40 -11.68
C CYS H 23 35.45 8.70 -12.92
N TRP H 24 34.38 7.92 -12.72
CA TRP H 24 33.72 7.19 -13.83
C TRP H 24 33.20 8.09 -14.92
N GLN H 25 32.52 9.18 -14.56
CA GLN H 25 31.90 10.05 -15.57
C GLN H 25 33.01 10.67 -16.41
N ASN H 26 34.11 11.03 -15.78
CA ASN H 26 35.18 11.71 -16.56
C ASN H 26 35.89 10.72 -17.46
N TYR H 27 35.94 9.49 -16.97
CA TYR H 27 36.62 8.46 -17.75
C TYR H 27 35.81 8.19 -19.00
N LEU H 28 34.50 8.01 -18.84
CA LEU H 28 33.58 7.80 -19.98
C LEU H 28 33.66 9.02 -20.91
N ASP H 29 33.63 10.24 -20.34
CA ASP H 29 33.60 11.50 -21.15
C ASP H 29 34.84 11.55 -21.96
N PHE H 30 36.02 11.22 -21.41
CA PHE H 30 37.19 11.18 -22.25
C PHE H 30 37.10 10.18 -23.43
N HIS H 31 36.65 8.95 -23.16
CA HIS H 31 36.63 7.95 -24.25
C HIS H 31 35.55 8.13 -25.30
N ARG H 32 34.40 8.62 -24.85
CA ARG H 32 33.29 8.98 -25.74
C ARG H 32 33.73 10.12 -26.61
N CYS H 33 34.34 11.13 -26.00
CA CYS H 33 34.82 12.26 -26.76
C CYS H 33 35.73 11.80 -27.89
N GLU H 34 36.71 11.01 -27.52
CA GLU H 34 37.80 10.59 -28.42
C GLU H 34 37.36 9.66 -29.57
N LYS H 35 36.50 8.68 -29.25
CA LYS H 35 35.79 7.90 -30.25
C LYS H 35 35.01 8.79 -31.23
N ALA H 36 34.23 9.74 -30.71
CA ALA H 36 33.42 10.62 -31.58
C ALA H 36 34.28 11.50 -32.46
N MET H 37 35.37 12.01 -31.88
CA MET H 37 36.32 12.81 -32.66
C MET H 37 36.92 12.01 -33.83
N THR H 38 37.33 10.77 -33.59
CA THR H 38 37.94 9.92 -34.64
C THR H 38 36.88 9.56 -35.68
N ALA H 39 35.69 9.19 -35.21
CA ALA H 39 34.55 8.90 -36.09
C ALA H 39 34.25 10.07 -37.02
N LYS H 40 34.11 11.25 -36.42
CA LYS H 40 33.81 12.46 -37.17
C LYS H 40 35.07 13.17 -37.67
N GLY H 41 36.15 12.39 -37.77
CA GLY H 41 37.40 12.82 -38.39
C GLY H 41 38.08 14.00 -37.72
N GLY H 42 37.38 14.60 -36.76
CA GLY H 42 37.86 15.79 -36.07
C GLY H 42 39.05 15.65 -35.12
N ASP H 43 39.06 16.51 -34.11
CA ASP H 43 40.30 16.87 -33.41
C ASP H 43 40.92 15.80 -32.51
N VAL H 44 40.35 15.58 -31.33
CA VAL H 44 40.88 14.69 -30.23
C VAL H 44 41.51 15.49 -29.07
N SER H 45 42.37 16.46 -29.37
CA SER H 45 42.92 17.30 -28.31
C SER H 45 41.83 18.07 -27.52
N VAL H 46 40.60 18.12 -28.04
CA VAL H 46 39.50 18.77 -27.30
C VAL H 46 39.10 17.88 -26.10
N CYS H 47 39.45 16.61 -26.16
CA CYS H 47 39.14 15.65 -25.10
C CYS H 47 40.10 15.75 -23.84
N GLU H 48 41.16 16.52 -24.00
CA GLU H 48 42.24 16.57 -23.00
C GLU H 48 41.74 16.86 -21.59
N TRP H 49 40.78 17.78 -21.45
CA TRP H 49 40.40 18.18 -20.13
C TRP H 49 39.90 16.95 -19.36
N TYR H 50 39.10 16.13 -20.03
CA TYR H 50 38.55 14.96 -19.37
C TYR H 50 39.61 13.96 -18.94
N ARG H 51 40.66 13.82 -19.76
CA ARG H 51 41.75 12.92 -19.45
C ARG H 51 42.50 13.42 -18.21
N ARG H 52 42.70 14.75 -18.08
CA ARG H 52 43.39 15.29 -16.95
C ARG H 52 42.60 15.02 -15.67
N VAL H 53 41.26 15.22 -15.70
CA VAL H 53 40.40 15.06 -14.52
C VAL H 53 40.34 13.60 -14.13
N TYR H 54 40.16 12.67 -15.08
CA TYR H 54 40.06 11.25 -14.66
C TYR H 54 41.46 10.76 -14.16
N LYS H 55 42.49 11.27 -14.77
CA LYS H 55 43.80 10.80 -14.37
C LYS H 55 44.06 11.24 -12.92
N SER H 56 43.62 12.47 -12.55
CA SER H 56 43.72 13.03 -11.19
C SER H 56 42.91 12.26 -10.18
N LEU H 57 41.68 11.87 -10.57
CA LEU H 57 40.79 11.34 -9.61
C LEU H 57 40.86 9.82 -9.52
N CYS H 58 41.13 9.17 -10.64
CA CYS H 58 40.92 7.69 -10.72
C CYS H 58 42.07 6.86 -10.23
N PRO H 59 41.79 5.91 -9.32
CA PRO H 59 42.92 5.01 -8.98
C PRO H 59 43.55 4.41 -10.25
N ILE H 60 44.86 4.27 -10.26
CA ILE H 60 45.60 3.72 -11.45
C ILE H 60 45.10 2.32 -11.81
N SER H 61 44.75 1.50 -10.81
CA SER H 61 44.36 0.14 -11.14
C SER H 61 42.95 0.12 -11.80
N TRP H 62 42.07 1.07 -11.47
CA TRP H 62 40.75 1.21 -12.13
C TRP H 62 40.91 1.54 -13.61
N VAL H 63 41.75 2.55 -13.87
CA VAL H 63 41.98 3.03 -15.21
C VAL H 63 42.54 1.92 -16.04
N SER H 64 43.50 1.25 -15.48
CA SER H 64 44.17 0.24 -16.22
C SER H 64 43.26 -1.03 -16.47
N THR H 65 42.39 -1.38 -15.50
CA THR H 65 41.35 -2.38 -15.67
C THR H 65 40.33 -1.97 -16.76
N TRP H 66 39.86 -0.72 -16.71
CA TRP H 66 38.92 -0.28 -17.71
C TRP H 66 39.53 -0.26 -19.10
N ASP H 67 40.84 0.09 -19.17
CA ASP H 67 41.56 0.19 -20.47
C ASP H 67 41.66 -1.23 -21.02
N ASP H 68 41.99 -2.20 -20.16
CA ASP H 68 42.14 -3.60 -20.61
C ASP H 68 40.80 -4.13 -21.11
N ARG H 69 39.76 -3.76 -20.37
CA ARG H 69 38.42 -4.18 -20.74
C ARG H 69 37.87 -3.55 -22.07
N ARG H 70 38.10 -2.25 -22.32
CA ARG H 70 37.79 -1.67 -23.64
C ARG H 70 38.56 -2.41 -24.75
N ALA H 71 39.87 -2.70 -24.59
CA ALA H 71 40.68 -3.45 -25.62
C ALA H 71 40.18 -4.87 -25.74
N GLU H 72 39.67 -5.44 -24.66
CA GLU H 72 39.06 -6.78 -24.68
C GLU H 72 37.64 -6.79 -25.34
N GLY H 73 36.93 -5.66 -25.41
CA GLY H 73 35.50 -5.67 -25.81
C GLY H 73 34.58 -6.05 -24.62
N THR H 74 35.05 -5.91 -23.39
CA THR H 74 34.20 -6.18 -22.20
C THR H 74 33.98 -4.94 -21.29
N PHE H 75 34.24 -3.76 -21.80
CA PHE H 75 33.95 -2.58 -21.00
C PHE H 75 32.43 -2.38 -20.91
N PRO H 76 31.87 -2.33 -19.69
CA PRO H 76 30.37 -2.38 -19.57
C PRO H 76 29.67 -1.03 -19.81
N GLY H 77 30.43 0.07 -19.78
CA GLY H 77 29.77 1.37 -20.00
C GLY H 77 29.67 1.68 -21.47
N LYS H 78 28.65 2.42 -21.89
CA LYS H 78 28.50 2.73 -23.29
C LYS H 78 29.46 3.86 -23.65
N ILE H 79 30.25 3.59 -24.68
CA ILE H 79 31.16 4.56 -25.25
C ILE H 79 30.72 4.93 -26.67
N THR I 2 10.19 24.52 82.42
CA THR I 2 9.87 24.96 81.04
C THR I 2 9.68 23.81 80.03
N ALA I 3 8.49 23.76 79.43
CA ALA I 3 8.17 22.92 78.31
C ALA I 3 9.21 23.06 77.21
N LEU I 4 9.40 21.98 76.44
CA LEU I 4 10.11 22.00 75.14
C LEU I 4 9.17 22.67 74.12
N ALA I 5 9.72 23.52 73.24
CA ALA I 5 8.94 24.12 72.13
C ALA I 5 8.54 23.04 71.16
N LYS I 6 7.42 23.25 70.46
CA LYS I 6 6.94 22.39 69.44
C LYS I 6 7.82 22.53 68.22
N PRO I 7 8.40 21.42 67.76
CA PRO I 7 9.28 21.58 66.62
C PRO I 7 8.53 21.37 65.30
N GLN I 8 9.20 21.60 64.19
CA GLN I 8 8.68 21.21 62.85
C GLN I 8 8.58 19.70 62.73
N MET I 9 7.43 19.18 62.39
CA MET I 9 7.23 17.73 62.41
C MET I 9 6.82 17.19 61.05
N ARG I 10 6.51 18.08 60.08
CA ARG I 10 5.93 17.61 58.78
C ARG I 10 6.79 17.94 57.59
N GLY I 11 6.80 17.05 56.57
CA GLY I 11 7.60 17.28 55.36
C GLY I 11 9.12 17.41 55.61
N LEU I 12 9.63 16.70 56.61
CA LEU I 12 11.06 16.71 56.87
C LEU I 12 11.92 16.22 55.70
N LEU I 13 11.53 15.12 55.04
CA LEU I 13 12.27 14.64 53.85
C LEU I 13 12.24 15.71 52.72
N ALA I 14 11.07 16.29 52.49
CA ALA I 14 10.89 17.26 51.42
C ALA I 14 11.74 18.53 51.71
N ARG I 15 11.78 18.96 52.96
CA ARG I 15 12.57 20.15 53.34
C ARG I 15 14.02 19.83 53.07
N ARG I 16 14.46 18.63 53.49
CA ARG I 16 15.82 18.25 53.23
C ARG I 16 16.16 18.29 51.75
N LEU I 17 15.25 17.76 50.93
CA LEU I 17 15.54 17.65 49.49
C LEU I 17 15.63 19.08 48.87
N ARG I 18 14.78 20.01 49.32
CA ARG I 18 14.68 21.32 48.73
C ARG I 18 15.96 22.14 49.10
N PHE I 19 16.40 22.03 50.34
CA PHE I 19 17.71 22.57 50.71
C PHE I 19 18.93 22.02 49.88
N HIS I 20 19.06 20.70 49.82
CA HIS I 20 20.21 20.09 49.18
C HIS I 20 20.23 20.04 47.66
N ILE I 21 19.07 20.10 47.02
CA ILE I 21 19.06 19.97 45.60
C ILE I 21 19.70 21.23 44.99
N VAL I 22 19.57 22.37 45.65
CA VAL I 22 20.29 23.59 45.25
C VAL I 22 21.81 23.35 45.22
N GLY I 23 22.33 22.72 46.28
CA GLY I 23 23.75 22.42 46.35
C GLY I 23 24.20 21.39 45.30
N ALA I 24 23.32 20.45 44.95
CA ALA I 24 23.64 19.43 43.95
C ALA I 24 23.93 20.12 42.65
N PHE I 25 23.07 21.09 42.30
CA PHE I 25 23.27 21.90 41.13
C PHE I 25 24.54 22.68 41.21
N MET I 26 24.68 23.46 42.26
CA MET I 26 25.85 24.29 42.38
C MET I 26 27.16 23.51 42.35
N VAL I 27 27.25 22.35 43.00
CA VAL I 27 28.48 21.53 42.94
C VAL I 27 28.74 20.96 41.51
N SER I 28 27.69 20.53 40.83
CA SER I 28 27.86 19.92 39.53
C SER I 28 28.10 21.02 38.48
N LEU I 29 27.28 22.10 38.54
CA LEU I 29 27.49 23.35 37.71
C LEU I 29 28.67 23.84 38.32
N GLY I 30 28.61 23.89 39.64
CA GLY I 30 29.72 24.19 40.49
C GLY I 30 30.98 23.79 39.82
N PHE I 31 31.21 22.50 39.57
CA PHE I 31 32.44 22.17 38.99
C PHE I 31 32.44 23.31 37.95
N ALA I 32 31.23 23.69 37.46
CA ALA I 32 30.95 24.58 36.26
C ALA I 32 32.18 24.83 35.54
N THR I 33 32.56 26.08 35.78
CA THR I 33 33.71 26.60 35.15
C THR I 33 34.86 25.69 35.31
N PHE I 34 34.92 24.82 36.33
CA PHE I 34 36.26 24.36 36.64
C PHE I 34 36.93 23.79 35.38
N TYR I 35 36.31 22.78 34.75
CA TYR I 35 36.77 22.22 33.46
C TYR I 35 36.85 23.37 32.48
N LYS I 36 35.84 24.25 32.51
CA LYS I 36 35.74 25.31 31.54
C LYS I 36 36.92 26.26 31.62
N PHE I 37 37.26 26.69 32.82
CA PHE I 37 38.28 27.74 33.01
C PHE I 37 39.62 27.04 33.10
N ALA I 38 39.71 25.96 33.83
CA ALA I 38 40.97 25.27 33.95
C ALA I 38 41.40 24.49 32.68
N VAL I 39 40.46 24.08 31.82
CA VAL I 39 40.84 23.22 30.68
C VAL I 39 40.53 23.86 29.36
N ALA I 40 39.25 24.24 29.14
CA ALA I 40 38.86 24.75 27.82
C ALA I 40 39.48 26.09 27.47
N GLU I 41 39.40 27.02 28.42
CA GLU I 41 39.82 28.40 28.21
C GLU I 41 41.33 28.41 28.11
N LYS I 42 41.98 27.59 28.93
CA LYS I 42 43.39 27.41 28.83
C LYS I 42 43.78 26.88 27.41
N ARG I 43 43.01 25.96 26.86
CA ARG I 43 43.26 25.43 25.54
C ARG I 43 43.13 26.45 24.40
N LYS I 44 42.02 27.20 24.42
CA LYS I 44 41.81 28.28 23.44
C LYS I 44 42.95 29.26 23.43
N LYS I 45 43.37 29.67 24.64
CA LYS I 45 44.48 30.63 24.80
C LYS I 45 45.78 29.97 24.34
N ALA I 46 45.97 28.67 24.66
CA ALA I 46 47.22 28.04 24.23
C ALA I 46 47.37 28.02 22.69
N TYR I 47 46.29 27.73 21.97
CA TYR I 47 46.34 27.70 20.51
C TYR I 47 46.44 29.14 19.94
N ALA I 48 45.74 30.08 20.52
CA ALA I 48 45.84 31.46 20.03
C ALA I 48 47.26 32.02 20.24
N ASP I 49 47.85 31.75 21.41
CA ASP I 49 49.23 32.29 21.68
C ASP I 49 50.24 31.56 20.83
N PHE I 50 50.05 30.25 20.60
CA PHE I 50 50.99 29.52 19.79
C PHE I 50 51.05 30.11 18.37
N TYR I 51 49.88 30.29 17.76
CA TYR I 51 49.84 30.71 16.35
C TYR I 51 49.91 32.22 16.15
N ARG I 52 49.72 33.02 17.18
CA ARG I 52 49.68 34.47 16.99
C ARG I 52 50.87 35.02 16.18
N ASN I 53 52.08 34.57 16.46
CA ASN I 53 53.21 34.98 15.60
C ASN I 53 53.99 33.76 15.07
N TYR I 54 53.31 32.64 14.92
CA TYR I 54 53.98 31.47 14.45
C TYR I 54 54.59 31.69 13.08
N ASP I 55 55.80 31.16 12.88
CA ASP I 55 56.47 31.29 11.61
C ASP I 55 56.68 29.89 11.01
N SER I 56 55.81 29.51 10.06
CA SER I 56 55.83 28.14 9.60
C SER I 56 57.12 27.81 8.89
N MET I 57 57.73 28.81 8.23
CA MET I 57 58.98 28.59 7.55
C MET I 57 60.14 28.41 8.49
N LYS I 58 60.19 29.22 9.54
CA LYS I 58 61.27 29.06 10.52
C LYS I 58 61.10 27.69 11.18
N ASP I 59 59.85 27.29 11.48
CA ASP I 59 59.57 25.95 12.06
C ASP I 59 60.09 24.87 11.11
N PHE I 60 59.79 25.00 9.80
CA PHE I 60 60.29 23.99 8.86
C PHE I 60 61.85 23.97 8.79
N GLU I 61 62.47 25.15 8.78
CA GLU I 61 63.97 25.27 8.69
C GLU I 61 64.60 24.58 9.92
N GLU I 62 64.09 24.85 11.11
CA GLU I 62 64.52 24.08 12.29
C GLU I 62 64.42 22.55 12.17
N MET I 63 63.28 22.07 11.70
CA MET I 63 63.15 20.62 11.47
C MET I 63 64.08 20.06 10.39
N ARG I 64 64.28 20.84 9.30
CA ARG I 64 65.16 20.41 8.20
C ARG I 64 66.60 20.32 8.72
N LYS I 65 67.04 21.32 9.50
CA LYS I 65 68.44 21.32 9.99
C LYS I 65 68.60 20.11 10.95
N ALA I 66 67.51 19.67 11.60
CA ALA I 66 67.64 18.60 12.54
C ALA I 66 67.65 17.26 11.79
N GLY I 67 67.52 17.28 10.46
CA GLY I 67 67.66 16.02 9.73
C GLY I 67 66.35 15.18 9.76
N ILE I 68 65.19 15.78 10.06
CA ILE I 68 64.04 14.83 10.24
C ILE I 68 63.36 14.36 8.92
N PHE I 69 63.55 15.10 7.83
CA PHE I 69 62.77 14.90 6.58
C PHE I 69 63.39 13.98 5.54
N GLN I 70 62.57 13.15 4.88
CA GLN I 70 63.04 12.44 3.70
C GLN I 70 63.18 13.29 2.48
N SER I 71 62.39 14.36 2.40
CA SER I 71 62.33 15.19 1.21
C SER I 71 63.31 16.40 1.28
N ALA I 72 63.92 16.62 2.39
CA ALA I 72 64.67 17.86 2.54
C ALA I 72 65.83 17.60 3.46
N LYS I 73 66.99 17.42 2.90
CA LYS I 73 68.22 17.41 3.74
C LYS I 73 68.66 18.84 4.12
N PHE J 1 -15.02 -41.42 2.68
CA PHE J 1 -14.46 -41.32 4.04
C PHE J 1 -15.59 -41.23 5.08
N GLU J 2 -15.36 -41.85 6.24
CA GLU J 2 -16.33 -41.78 7.35
C GLU J 2 -15.66 -41.00 8.48
N ASN J 3 -16.42 -40.30 9.30
CA ASN J 3 -15.86 -39.56 10.38
C ASN J 3 -15.46 -40.49 11.52
N ARG J 4 -14.17 -40.75 11.67
CA ARG J 4 -13.74 -41.62 12.76
C ARG J 4 -13.02 -40.86 13.88
N VAL J 5 -13.29 -39.57 14.02
CA VAL J 5 -12.60 -38.78 15.05
C VAL J 5 -12.97 -39.23 16.47
N ALA J 6 -14.21 -39.66 16.71
CA ALA J 6 -14.58 -40.12 18.10
C ALA J 6 -13.69 -41.29 18.58
N GLU J 7 -13.32 -42.18 17.65
CA GLU J 7 -12.46 -43.32 18.00
C GLU J 7 -11.07 -42.83 18.43
N LYS J 8 -10.57 -41.81 17.72
CA LYS J 8 -9.24 -41.30 18.01
C LYS J 8 -9.27 -40.55 19.32
N GLN J 9 -10.38 -39.87 19.59
CA GLN J 9 -10.51 -39.12 20.81
C GLN J 9 -10.49 -40.13 21.93
N LYS J 10 -11.15 -41.25 21.73
CA LYS J 10 -11.12 -42.23 22.81
C LYS J 10 -9.71 -42.82 23.05
N LEU J 11 -9.03 -43.17 21.97
CA LEU J 11 -7.68 -43.66 22.09
C LEU J 11 -6.75 -42.64 22.77
N PHE J 12 -6.79 -41.37 22.37
CA PHE J 12 -5.83 -40.39 22.93
C PHE J 12 -6.21 -39.88 24.31
N GLN J 13 -7.45 -40.17 24.75
CA GLN J 13 -7.87 -39.82 26.12
C GLN J 13 -7.82 -41.01 27.06
N GLU J 14 -7.35 -42.16 26.59
CA GLU J 14 -7.37 -43.33 27.44
C GLU J 14 -6.44 -43.07 28.65
N ASP J 15 -6.83 -43.54 29.82
CA ASP J 15 -6.10 -43.12 31.00
C ASP J 15 -4.88 -44.07 31.30
N ASN J 16 -3.94 -44.18 30.39
CA ASN J 16 -2.85 -45.13 30.53
C ASN J 16 -1.52 -44.41 30.87
N GLY J 17 -1.59 -43.11 31.18
CA GLY J 17 -0.37 -42.39 31.52
C GLY J 17 0.68 -42.14 30.39
N LEU J 18 0.36 -42.43 29.12
CA LEU J 18 1.37 -42.30 28.08
C LEU J 18 1.44 -40.87 27.67
N PRO J 19 2.67 -40.34 27.45
CA PRO J 19 2.76 -38.97 26.94
C PRO J 19 2.21 -38.94 25.53
N VAL J 20 1.75 -37.77 25.09
CA VAL J 20 1.12 -37.70 23.80
C VAL J 20 1.96 -38.26 22.62
N HIS J 21 3.29 -38.10 22.63
CA HIS J 21 4.08 -38.54 21.49
C HIS J 21 4.23 -40.05 21.35
N LEU J 22 3.75 -40.78 22.36
CA LEU J 22 3.80 -42.28 22.40
C LEU J 22 2.39 -42.88 22.49
N LYS J 23 1.40 -42.04 22.54
CA LYS J 23 0.06 -42.53 22.91
C LYS J 23 -0.68 -43.24 21.75
N GLY J 24 -0.11 -43.18 20.52
CA GLY J 24 -0.75 -43.71 19.33
C GLY J 24 -0.55 -45.22 19.27
N GLY J 25 0.46 -45.74 19.95
CA GLY J 25 0.80 -47.17 19.86
C GLY J 25 2.25 -47.41 19.48
N ALA J 26 2.59 -48.67 19.31
CA ALA J 26 3.95 -49.15 19.05
C ALA J 26 4.65 -48.44 17.88
N THR J 27 3.91 -48.11 16.81
CA THR J 27 4.44 -47.28 15.75
C THR J 27 5.08 -45.96 16.27
N ASP J 28 4.47 -45.33 17.28
CA ASP J 28 5.04 -44.06 17.83
C ASP J 28 6.42 -44.34 18.37
N ASN J 29 6.57 -45.50 19.07
CA ASN J 29 7.83 -45.87 19.68
C ASN J 29 8.91 -46.05 18.65
N ILE J 30 8.60 -46.78 17.57
CA ILE J 30 9.55 -47.00 16.48
C ILE J 30 9.99 -45.67 15.86
N LEU J 31 9.04 -44.82 15.49
CA LEU J 31 9.39 -43.55 14.85
C LEU J 31 10.26 -42.73 15.80
N TYR J 32 9.90 -42.74 17.07
CA TYR J 32 10.63 -41.99 18.05
C TYR J 32 12.07 -42.52 18.08
N ARG J 33 12.18 -43.84 18.11
CA ARG J 33 13.52 -44.43 18.17
C ARG J 33 14.38 -44.18 16.96
N VAL J 34 13.78 -44.25 15.75
CA VAL J 34 14.47 -43.91 14.50
C VAL J 34 14.99 -42.43 14.57
N THR J 35 14.11 -41.52 14.97
CA THR J 35 14.43 -40.08 15.00
C THR J 35 15.60 -39.81 15.99
N MET J 36 15.53 -40.40 17.16
CA MET J 36 16.49 -40.17 18.20
C MET J 36 17.86 -40.80 17.88
N THR J 37 17.87 -42.00 17.31
CA THR J 37 19.10 -42.64 16.78
C THR J 37 19.78 -41.84 15.65
N LEU J 38 19.00 -41.40 14.64
CA LEU J 38 19.57 -40.54 13.61
C LEU J 38 20.11 -39.24 14.20
N CYS J 39 19.39 -38.60 15.15
CA CYS J 39 19.87 -37.32 15.73
C CYS J 39 21.12 -37.54 16.55
N LEU J 40 21.13 -38.62 17.34
CA LEU J 40 22.31 -38.89 18.19
C LEU J 40 23.47 -39.44 17.39
N GLY J 41 23.23 -40.46 16.56
CA GLY J 41 24.31 -40.89 15.65
C GLY J 41 24.85 -39.73 14.80
N GLY J 42 23.93 -38.90 14.26
CA GLY J 42 24.34 -37.80 13.41
C GLY J 42 25.22 -36.79 14.16
N THR J 43 24.91 -36.52 15.42
CA THR J 43 25.62 -35.51 16.21
C THR J 43 27.05 -36.03 16.51
N LEU J 44 27.15 -37.33 16.81
CA LEU J 44 28.45 -38.02 16.97
C LEU J 44 29.26 -37.97 15.66
N TYR J 45 28.61 -38.26 14.54
CA TYR J 45 29.28 -38.11 13.27
C TYR J 45 29.75 -36.67 13.04
N SER J 46 28.92 -35.68 13.45
CA SER J 46 29.34 -34.29 13.24
C SER J 46 30.59 -33.96 14.10
N LEU J 47 30.66 -34.56 15.30
CA LEU J 47 31.84 -34.38 16.20
C LEU J 47 33.07 -35.01 15.61
N TYR J 48 32.91 -36.22 15.09
CA TYR J 48 33.96 -36.86 14.28
C TYR J 48 34.48 -35.94 13.13
N CYS J 49 33.56 -35.34 12.39
CA CYS J 49 33.90 -34.49 11.24
C CYS J 49 34.63 -33.23 11.72
N LEU J 50 34.17 -32.64 12.84
CA LEU J 50 34.91 -31.56 13.54
C LEU J 50 36.39 -31.95 13.80
N GLY J 51 36.64 -33.13 14.39
CA GLY J 51 37.98 -33.50 14.85
C GLY J 51 38.86 -33.67 13.63
N TRP J 52 38.32 -34.38 12.65
CA TRP J 52 38.92 -34.51 11.32
C TRP J 52 39.25 -33.16 10.66
N ALA J 53 38.31 -32.23 10.64
CA ALA J 53 38.54 -30.96 9.97
C ALA J 53 39.46 -30.03 10.82
N SER J 54 39.64 -30.37 12.10
CA SER J 54 40.40 -29.54 13.03
C SER J 54 41.91 -29.57 12.88
N PHE J 55 42.45 -30.62 12.26
CA PHE J 55 43.89 -30.73 12.01
C PHE J 55 44.16 -30.71 10.50
N PRO J 56 45.34 -30.25 10.04
CA PRO J 56 45.63 -30.63 8.64
C PRO J 56 46.36 -31.99 8.59
N HIS J 57 46.15 -32.75 7.51
CA HIS J 57 46.86 -34.02 7.31
C HIS J 57 47.38 -34.10 5.90
N LYS J 58 47.55 -32.93 5.26
CA LYS J 58 48.16 -32.81 3.93
C LYS J 58 49.42 -31.97 3.99
N ALA K 1 25.79 -11.55 71.75
CA ALA K 1 27.11 -12.22 71.50
C ALA K 1 27.90 -11.59 70.31
N PRO K 2 29.15 -11.12 70.52
CA PRO K 2 29.93 -10.66 69.33
C PRO K 2 29.87 -11.58 68.10
N ASP K 3 29.76 -10.96 66.92
CA ASP K 3 29.70 -11.74 65.72
C ASP K 3 31.07 -11.83 65.08
N PHE K 4 31.12 -12.47 63.92
CA PHE K 4 32.41 -12.65 63.23
C PHE K 4 33.09 -11.29 63.03
N HIS K 5 32.28 -10.26 62.72
CA HIS K 5 32.81 -8.91 62.39
C HIS K 5 33.38 -8.21 63.61
N ASP K 6 32.68 -8.39 64.72
CA ASP K 6 33.14 -7.95 66.04
C ASP K 6 34.50 -8.50 66.46
N LYS K 7 34.67 -9.78 66.22
CA LYS K 7 35.85 -10.51 66.61
C LYS K 7 36.98 -10.27 65.66
N TYR K 8 36.75 -10.24 64.36
CA TYR K 8 37.87 -10.30 63.43
C TYR K 8 37.95 -9.13 62.48
N GLY K 9 36.97 -8.25 62.56
CA GLY K 9 36.84 -7.20 61.57
C GLY K 9 38.04 -6.29 61.53
N ASN K 10 38.51 -5.86 62.69
CA ASN K 10 39.77 -5.02 62.74
C ASN K 10 40.94 -5.71 62.14
N ALA K 11 41.09 -6.99 62.46
CA ALA K 11 42.24 -7.74 61.91
C ALA K 11 42.12 -7.97 60.38
N VAL K 12 40.92 -8.32 59.89
CA VAL K 12 40.74 -8.50 58.44
C VAL K 12 41.06 -7.20 57.74
N LEU K 13 40.58 -6.09 58.28
CA LEU K 13 40.84 -4.78 57.65
C LEU K 13 42.35 -4.46 57.65
N ALA K 14 42.99 -4.54 58.83
CA ALA K 14 44.43 -4.17 58.95
C ALA K 14 45.31 -5.07 58.02
N SER K 15 45.20 -6.39 58.19
CA SER K 15 45.97 -7.35 57.37
C SER K 15 45.63 -7.27 55.92
N GLY K 16 44.35 -7.16 55.57
CA GLY K 16 44.08 -7.10 54.14
C GLY K 16 44.68 -5.87 53.49
N ALA K 17 44.55 -4.70 54.12
CA ALA K 17 45.11 -3.50 53.51
C ALA K 17 46.67 -3.61 53.49
N THR K 18 47.28 -4.23 54.51
CA THR K 18 48.76 -4.30 54.55
C THR K 18 49.22 -5.19 53.43
N PHE K 19 48.52 -6.31 53.27
CA PHE K 19 48.92 -7.25 52.27
C PHE K 19 48.79 -6.65 50.88
N CYS K 20 47.62 -6.07 50.61
CA CYS K 20 47.28 -5.49 49.34
C CYS K 20 48.33 -4.44 48.94
N VAL K 21 48.63 -3.51 49.84
CA VAL K 21 49.65 -2.51 49.54
C VAL K 21 51.03 -3.09 49.24
N ALA K 22 51.49 -3.99 50.09
CA ALA K 22 52.87 -4.59 49.96
C ALA K 22 53.01 -5.35 48.64
N VAL K 23 51.98 -6.10 48.27
CA VAL K 23 52.10 -6.94 47.11
C VAL K 23 51.98 -6.08 45.82
N TRP K 24 51.11 -5.07 45.84
CA TRP K 24 51.00 -4.19 44.69
C TRP K 24 52.26 -3.32 44.54
N VAL K 25 52.78 -2.77 45.62
CA VAL K 25 54.05 -1.99 45.51
C VAL K 25 55.17 -2.85 44.95
N TYR K 26 55.25 -4.08 45.47
CA TYR K 26 56.24 -5.05 45.02
C TYR K 26 56.11 -5.34 43.55
N MET K 27 54.90 -5.72 43.11
CA MET K 27 54.66 -6.01 41.69
C MET K 27 54.98 -4.83 40.79
N ALA K 28 54.59 -3.64 41.22
CA ALA K 28 54.79 -2.42 40.41
C ALA K 28 56.25 -2.03 40.22
N THR K 29 57.09 -2.35 41.22
CA THR K 29 58.46 -1.81 41.30
C THR K 29 59.63 -2.80 41.25
N GLN K 30 59.43 -4.08 41.52
CA GLN K 30 60.52 -5.00 41.75
C GLN K 30 60.70 -6.03 40.68
N ILE K 31 59.80 -6.13 39.70
CA ILE K 31 59.93 -7.27 38.82
C ILE K 31 60.12 -6.90 37.35
N GLY K 32 60.49 -5.65 37.07
CA GLY K 32 60.78 -5.24 35.71
C GLY K 32 59.58 -4.85 34.82
N ILE K 33 58.39 -4.54 35.38
CA ILE K 33 57.29 -4.10 34.54
C ILE K 33 57.74 -2.76 33.90
N GLU K 34 57.56 -2.65 32.60
CA GLU K 34 57.79 -1.40 31.85
C GLU K 34 56.59 -0.49 31.94
N TRP K 35 56.64 0.59 32.70
CA TRP K 35 55.50 1.44 32.82
C TRP K 35 55.49 2.51 31.71
N ASN K 36 56.67 2.70 31.08
CA ASN K 36 56.84 3.75 30.04
C ASN K 36 56.35 5.09 30.54
N PRO K 37 56.97 5.64 31.59
CA PRO K 37 56.44 6.91 32.11
C PRO K 37 56.83 8.03 31.14
N SER K 38 56.38 9.26 31.36
CA SER K 38 56.77 10.36 30.45
C SER K 38 58.22 10.71 30.54
N PRO K 39 58.91 10.87 29.40
CA PRO K 39 60.29 11.46 29.41
C PRO K 39 60.38 12.91 29.95
N VAL K 40 59.24 13.61 30.00
CA VAL K 40 59.24 15.04 30.37
C VAL K 40 59.84 15.17 31.76
N GLY K 41 60.76 16.09 31.95
CA GLY K 41 61.48 16.28 33.22
C GLY K 41 62.34 15.12 33.63
N ARG K 42 62.44 14.06 32.83
CA ARG K 42 63.30 12.96 33.25
C ARG K 42 64.38 12.52 32.30
N VAL K 43 64.12 12.58 31.00
CA VAL K 43 65.07 12.08 30.05
C VAL K 43 65.95 13.21 29.53
N THR K 44 67.24 12.93 29.38
CA THR K 44 68.14 13.85 28.66
C THR K 44 68.16 13.48 27.16
N PRO K 45 67.62 14.36 26.29
CA PRO K 45 67.55 13.97 24.88
C PRO K 45 68.97 13.78 24.35
N LYS K 46 69.16 12.84 23.45
CA LYS K 46 70.49 12.56 22.91
C LYS K 46 70.45 12.54 21.36
N GLU K 47 71.54 13.02 20.74
CA GLU K 47 71.76 12.94 19.26
C GLU K 47 71.45 11.54 18.69
N TRP K 48 70.62 11.48 17.65
CA TRP K 48 70.17 10.22 17.04
C TRP K 48 70.56 10.13 15.58
N ARG K 49 70.78 11.27 14.92
CA ARG K 49 70.99 11.26 13.44
C ARG K 49 72.14 10.32 12.96
N HIS L 1 5.72 -37.96 38.61
CA HIS L 1 6.19 -36.68 39.20
C HIS L 1 7.62 -36.70 39.71
N TYR L 2 8.09 -35.51 39.98
CA TYR L 2 9.46 -35.20 40.13
C TYR L 2 9.59 -34.72 41.53
N GLU L 3 10.80 -34.74 42.08
CA GLU L 3 11.04 -34.22 43.42
C GLU L 3 10.99 -32.72 43.42
N GLU L 4 10.64 -32.15 44.56
CA GLU L 4 10.37 -30.74 44.64
C GLU L 4 11.05 -30.22 45.86
N GLY L 5 11.38 -28.94 45.86
CA GLY L 5 12.00 -28.37 47.07
C GLY L 5 13.49 -28.10 46.89
N PRO L 6 14.07 -27.44 47.89
CA PRO L 6 15.42 -26.94 47.88
C PRO L 6 16.33 -28.11 47.56
N GLY L 7 17.18 -27.94 46.55
CA GLY L 7 18.13 -28.96 46.17
C GLY L 7 17.56 -30.09 45.33
N LYS L 8 16.28 -30.04 45.00
CA LYS L 8 15.68 -31.07 44.18
C LYS L 8 15.22 -30.54 42.82
N ASN L 9 15.33 -29.24 42.59
CA ASN L 9 14.81 -28.66 41.33
C ASN L 9 15.90 -28.27 40.37
N ILE L 10 16.93 -29.10 40.29
CA ILE L 10 18.14 -28.77 39.60
C ILE L 10 18.69 -30.09 38.98
N PRO L 11 19.50 -29.97 37.91
CA PRO L 11 19.97 -31.20 37.23
C PRO L 11 21.19 -31.80 37.87
N PHE L 12 21.69 -31.20 38.95
CA PHE L 12 22.91 -31.67 39.67
C PHE L 12 22.52 -31.91 41.11
N SER L 13 23.22 -32.83 41.75
CA SER L 13 22.95 -33.15 43.11
C SER L 13 23.67 -32.20 44.06
N VAL L 14 23.04 -31.81 45.17
CA VAL L 14 23.72 -31.05 46.25
C VAL L 14 23.62 -31.87 47.55
N GLU L 15 23.51 -33.17 47.39
CA GLU L 15 23.45 -34.05 48.60
C GLU L 15 24.77 -34.04 49.43
N ASN L 16 25.88 -34.04 48.73
CA ASN L 16 27.19 -34.04 49.37
C ASN L 16 28.02 -32.81 48.87
N LYS L 17 28.41 -31.93 49.77
CA LYS L 17 28.99 -30.67 49.33
C LYS L 17 30.34 -30.83 48.61
N TRP L 18 31.02 -31.96 48.83
CA TRP L 18 32.37 -32.22 48.23
C TRP L 18 32.27 -32.80 46.85
N ARG L 19 31.30 -33.70 46.63
CA ARG L 19 30.92 -34.11 45.27
C ARG L 19 30.47 -32.88 44.48
N LEU L 20 29.69 -32.03 45.13
CA LEU L 20 29.19 -30.84 44.47
C LEU L 20 30.42 -30.01 44.07
N LEU L 21 31.35 -29.87 44.99
CA LEU L 21 32.53 -29.05 44.66
C LEU L 21 33.26 -29.56 43.42
N ALA L 22 33.42 -30.88 43.35
CA ALA L 22 34.05 -31.52 42.19
C ALA L 22 33.27 -31.23 40.93
N MET L 23 31.93 -31.40 40.98
CA MET L 23 31.10 -31.11 39.77
C MET L 23 31.18 -29.64 39.31
N MET L 24 31.10 -28.70 40.24
CA MET L 24 31.18 -27.28 39.91
C MET L 24 32.47 -26.90 39.31
N THR L 25 33.52 -27.50 39.86
CA THR L 25 34.92 -27.34 39.43
C THR L 25 35.05 -27.83 37.97
N LEU L 26 34.60 -29.04 37.67
CA LEU L 26 34.66 -29.48 36.29
C LEU L 26 33.78 -28.61 35.36
N PHE L 27 32.62 -28.19 35.86
CA PHE L 27 31.69 -27.39 35.06
C PHE L 27 32.30 -26.03 34.67
N PHE L 28 32.45 -25.16 35.64
CA PHE L 28 33.04 -23.84 35.40
C PHE L 28 34.49 -23.91 34.90
N GLY L 29 35.27 -24.83 35.46
CA GLY L 29 36.69 -24.98 35.05
C GLY L 29 36.81 -25.41 33.61
N SER L 30 35.88 -26.24 33.11
CA SER L 30 35.99 -26.66 31.68
C SER L 30 35.70 -25.43 30.74
N GLY L 31 34.70 -24.61 31.12
CA GLY L 31 34.32 -23.43 30.29
C GLY L 31 35.50 -22.45 30.33
N PHE L 32 36.02 -22.15 31.51
CA PHE L 32 37.21 -21.28 31.62
C PHE L 32 38.44 -21.80 30.88
N ALA L 33 38.67 -23.12 30.89
CA ALA L 33 39.88 -23.70 30.24
C ALA L 33 39.78 -23.70 28.72
N ALA L 34 38.55 -23.82 28.21
CA ALA L 34 38.41 -24.17 26.82
C ALA L 34 39.11 -23.18 25.83
N PRO L 35 39.00 -21.83 26.04
CA PRO L 35 39.65 -20.90 25.14
C PRO L 35 41.21 -20.96 25.21
N PHE L 36 41.78 -21.25 26.37
CA PHE L 36 43.23 -21.43 26.40
C PHE L 36 43.65 -22.63 25.53
N PHE L 37 42.88 -23.74 25.61
CA PHE L 37 43.23 -24.93 24.85
C PHE L 37 43.02 -24.74 23.38
N ILE L 38 42.01 -23.96 22.97
CA ILE L 38 41.78 -23.66 21.57
C ILE L 38 42.89 -22.73 21.02
N VAL L 39 43.28 -21.70 21.77
CA VAL L 39 44.42 -20.86 21.37
C VAL L 39 45.67 -21.72 21.18
N ARG L 40 45.90 -22.62 22.12
CA ARG L 40 47.02 -23.53 21.99
C ARG L 40 46.90 -24.42 20.71
N HIS L 41 45.71 -24.99 20.47
CA HIS L 41 45.42 -25.75 19.21
C HIS L 41 45.81 -24.93 18.00
N GLN L 42 45.37 -23.69 17.94
CA GLN L 42 45.70 -22.79 16.78
C GLN L 42 47.20 -22.49 16.67
N LEU L 43 47.83 -22.14 17.78
CA LEU L 43 49.33 -21.98 17.76
C LEU L 43 50.09 -23.23 17.32
N LEU L 44 49.74 -24.39 17.82
CA LEU L 44 50.36 -25.63 17.33
C LEU L 44 50.17 -25.93 15.85
N LYS L 45 49.24 -25.27 15.17
CA LYS L 45 49.02 -25.53 13.75
C LYS L 45 50.10 -24.97 12.81
N LYS L 46 50.57 -23.75 13.10
CA LYS L 46 51.74 -23.14 12.44
C LYS L 46 51.94 -21.69 12.96
N ILE M 1 15.51 -10.87 54.02
CA ILE M 1 15.19 -12.32 53.96
C ILE M 1 15.72 -12.95 55.24
N THR M 2 14.93 -13.83 55.83
CA THR M 2 15.46 -14.65 56.92
C THR M 2 15.57 -16.10 56.44
N ALA M 3 16.45 -16.86 57.08
CA ALA M 3 16.58 -18.30 56.76
C ALA M 3 16.61 -19.19 58.02
N LYS M 4 16.39 -20.48 57.81
CA LYS M 4 16.62 -21.49 58.87
C LYS M 4 18.12 -21.65 59.10
N PRO M 5 18.52 -22.20 60.28
CA PRO M 5 19.93 -22.48 60.41
C PRO M 5 20.35 -23.43 59.29
N ALA M 6 21.59 -23.23 58.85
CA ALA M 6 22.26 -24.07 57.85
C ALA M 6 22.02 -25.56 58.15
N LYS M 7 21.45 -26.35 57.24
CA LYS M 7 21.39 -27.80 57.50
C LYS M 7 22.81 -28.46 57.61
N THR M 8 23.79 -27.99 56.83
CA THR M 8 25.12 -28.62 56.86
C THR M 8 26.13 -27.46 56.88
N PRO M 9 26.23 -26.71 58.02
CA PRO M 9 27.12 -25.54 58.15
C PRO M 9 28.48 -25.79 57.49
N THR M 10 29.03 -24.77 56.85
CA THR M 10 30.33 -24.93 56.17
C THR M 10 31.28 -24.07 56.96
N SER M 11 32.16 -24.70 57.69
CA SER M 11 33.04 -24.00 58.65
C SER M 11 34.13 -23.15 57.92
N PRO M 12 34.87 -22.29 58.66
CA PRO M 12 35.95 -21.53 58.01
C PRO M 12 36.95 -22.44 57.23
N LYS M 13 37.33 -23.55 57.83
CA LYS M 13 38.26 -24.43 57.18
C LYS M 13 37.65 -25.04 55.92
N GLU M 14 36.38 -25.43 55.98
CA GLU M 14 35.79 -26.00 54.75
C GLU M 14 35.67 -24.90 53.71
N GLN M 15 35.42 -23.65 54.12
CA GLN M 15 35.35 -22.57 53.12
C GLN M 15 36.70 -22.40 52.44
N ALA M 16 37.77 -22.45 53.26
CA ALA M 16 39.12 -22.30 52.72
C ALA M 16 39.40 -23.40 51.69
N ILE M 17 38.94 -24.61 51.96
CA ILE M 17 39.08 -25.73 51.01
C ILE M 17 38.29 -25.43 49.74
N GLY M 18 36.99 -25.07 49.89
CA GLY M 18 36.18 -24.73 48.70
C GLY M 18 36.77 -23.55 47.87
N LEU M 19 37.20 -22.49 48.56
CA LEU M 19 37.82 -21.31 47.89
C LEU M 19 39.06 -21.77 47.09
N SER M 20 39.95 -22.50 47.76
CA SER M 20 41.20 -22.94 47.19
C SER M 20 41.00 -23.78 45.96
N VAL M 21 40.20 -24.83 46.10
CA VAL M 21 39.86 -25.70 44.96
C VAL M 21 39.27 -24.93 43.80
N THR M 22 38.43 -23.94 44.09
CA THR M 22 37.74 -23.22 43.01
C THR M 22 38.79 -22.41 42.25
N PHE M 23 39.62 -21.68 43.01
CA PHE M 23 40.69 -20.82 42.38
C PHE M 23 41.68 -21.67 41.55
N LEU M 24 42.07 -22.80 42.10
CA LEU M 24 42.98 -23.67 41.36
C LEU M 24 42.34 -24.25 40.11
N SER M 25 41.01 -24.51 40.10
CA SER M 25 40.41 -25.08 38.90
C SER M 25 40.46 -24.08 37.76
N PHE M 26 40.42 -22.77 38.07
CA PHE M 26 40.57 -21.76 37.05
C PHE M 26 42.06 -21.54 36.65
N LEU M 27 42.93 -21.56 37.63
CA LEU M 27 44.25 -20.99 37.42
C LEU M 27 45.25 -22.04 36.86
N LEU M 28 45.13 -23.28 37.31
CA LEU M 28 46.13 -24.26 36.87
C LEU M 28 46.11 -24.61 35.38
N PRO M 29 44.91 -24.94 34.82
CA PRO M 29 44.91 -25.31 33.38
C PRO M 29 45.38 -24.11 32.47
N ALA M 30 44.77 -22.93 32.64
CA ALA M 30 45.18 -21.73 31.94
C ALA M 30 46.67 -21.45 32.21
N GLY M 31 47.08 -21.63 33.46
CA GLY M 31 48.45 -21.31 33.85
C GLY M 31 49.36 -22.27 33.05
N TRP M 32 48.91 -23.51 32.90
CA TRP M 32 49.72 -24.49 32.17
C TRP M 32 49.88 -24.09 30.70
N VAL M 33 48.81 -23.67 30.05
CA VAL M 33 48.91 -23.31 28.65
C VAL M 33 49.78 -22.05 28.44
N LEU M 34 49.58 -21.06 29.33
CA LEU M 34 50.26 -19.74 29.18
C LEU M 34 51.78 -19.91 29.47
N TYR M 35 52.08 -20.82 30.40
CA TYR M 35 53.49 -21.18 30.72
C TYR M 35 54.19 -21.81 29.50
N HIS M 36 53.46 -22.55 28.66
CA HIS M 36 54.09 -23.31 27.55
C HIS M 36 53.90 -22.67 26.22
N LEU M 37 53.51 -21.40 26.22
CA LEU M 37 53.34 -20.65 24.97
C LEU M 37 54.44 -20.77 23.96
N ASP M 38 55.70 -20.71 24.42
CA ASP M 38 56.74 -20.61 23.41
C ASP M 38 57.03 -21.90 22.67
N ASN M 39 56.68 -23.03 23.34
CA ASN M 39 56.71 -24.40 22.76
C ASN M 39 55.80 -24.57 21.55
N TYR M 40 54.53 -24.14 21.68
CA TYR M 40 53.64 -24.10 20.51
C TYR M 40 54.11 -23.11 19.48
N LYS M 41 54.38 -21.87 19.90
CA LYS M 41 54.91 -20.80 19.01
C LYS M 41 56.07 -21.30 18.10
N LYS M 42 56.75 -22.40 18.48
CA LYS M 42 57.66 -23.09 17.56
C LYS M 42 56.80 -23.67 16.45
N SER M 43 56.67 -22.91 15.36
CA SER M 43 55.55 -22.98 14.36
C SER M 43 54.54 -24.12 14.50
N PHE N 2 -50.39 20.07 -3.33
CA PHE N 2 -49.58 19.96 -4.52
C PHE N 2 -48.06 20.17 -4.36
N ILE N 3 -47.67 21.24 -3.67
CA ILE N 3 -46.26 21.50 -3.55
C ILE N 3 -45.63 20.43 -2.67
N ASN N 4 -46.29 20.08 -1.54
CA ASN N 4 -45.77 19.00 -0.67
C ASN N 4 -45.51 17.73 -1.43
N ARG N 5 -46.44 17.37 -2.30
CA ARG N 5 -46.38 16.12 -3.04
C ARG N 5 -45.31 16.12 -4.13
N TRP N 6 -45.30 17.16 -4.95
CA TRP N 6 -44.54 17.16 -6.20
C TRP N 6 -43.23 17.89 -6.19
N LEU N 7 -43.08 18.82 -5.26
CA LEU N 7 -41.78 19.51 -5.06
C LEU N 7 -41.00 19.05 -3.79
N PHE N 8 -41.70 18.48 -2.81
CA PHE N 8 -41.05 18.09 -1.54
C PHE N 8 -41.15 16.57 -1.37
N SER N 9 -41.28 15.82 -2.47
CA SER N 9 -41.52 14.36 -2.41
C SER N 9 -40.43 13.60 -1.63
N THR N 10 -40.86 12.63 -0.84
CA THR N 10 -39.97 11.62 -0.36
C THR N 10 -40.52 10.25 -0.73
N ASN N 11 -41.16 10.15 -1.90
CA ASN N 11 -41.86 8.91 -2.28
C ASN N 11 -41.27 8.38 -3.58
N HIS N 12 -40.85 7.12 -3.61
CA HIS N 12 -40.07 6.63 -4.78
C HIS N 12 -40.91 6.56 -6.06
N LYS N 13 -42.22 6.33 -5.92
CA LYS N 13 -43.12 6.28 -7.12
C LYS N 13 -43.28 7.66 -7.68
N ASP N 14 -43.68 8.62 -6.86
CA ASP N 14 -43.77 9.98 -7.36
C ASP N 14 -42.49 10.53 -7.99
N ILE N 15 -41.34 10.27 -7.33
CA ILE N 15 -40.07 10.77 -7.84
C ILE N 15 -39.80 10.04 -9.16
N GLY N 16 -40.05 8.73 -9.19
CA GLY N 16 -39.99 7.98 -10.47
C GLY N 16 -40.88 8.61 -11.57
N THR N 17 -42.09 8.99 -11.21
CA THR N 17 -42.96 9.70 -12.16
C THR N 17 -42.36 11.05 -12.64
N LEU N 18 -41.75 11.78 -11.72
CA LEU N 18 -41.16 13.06 -12.11
C LEU N 18 -40.06 12.79 -13.08
N TYR N 19 -39.29 11.75 -12.84
CA TYR N 19 -38.21 11.47 -13.77
C TYR N 19 -38.72 11.05 -15.11
N LEU N 20 -39.80 10.28 -15.15
CA LEU N 20 -40.35 9.82 -16.45
C LEU N 20 -40.82 11.07 -17.25
N LEU N 21 -41.46 12.02 -16.58
CA LEU N 21 -42.00 13.23 -17.27
C LEU N 21 -40.82 14.11 -17.82
N PHE N 22 -39.83 14.30 -16.96
CA PHE N 22 -38.62 15.07 -17.32
C PHE N 22 -37.92 14.43 -18.56
N GLY N 23 -37.66 13.12 -18.52
CA GLY N 23 -37.05 12.38 -19.65
C GLY N 23 -37.91 12.39 -20.89
N ALA N 24 -39.26 12.32 -20.75
CA ALA N 24 -40.15 12.39 -21.94
C ALA N 24 -39.98 13.78 -22.56
N TRP N 25 -40.04 14.82 -21.76
CA TRP N 25 -39.83 16.17 -22.27
C TRP N 25 -38.47 16.35 -22.91
N ALA N 26 -37.41 15.91 -22.21
CA ALA N 26 -36.01 16.00 -22.77
C ALA N 26 -35.91 15.22 -24.04
N GLY N 27 -36.57 14.04 -24.12
CA GLY N 27 -36.63 13.30 -25.40
C GLY N 27 -37.14 14.14 -26.61
N MET N 28 -38.00 15.10 -26.35
CA MET N 28 -38.61 15.85 -27.40
C MET N 28 -37.56 16.85 -27.81
N VAL N 29 -36.87 17.41 -26.84
CA VAL N 29 -35.78 18.35 -27.16
C VAL N 29 -34.73 17.63 -27.96
N GLY N 30 -34.41 16.41 -27.52
CA GLY N 30 -33.37 15.67 -28.23
C GLY N 30 -33.77 15.26 -29.65
N THR N 31 -35.04 14.93 -29.85
CA THR N 31 -35.56 14.61 -31.20
C THR N 31 -35.46 15.83 -32.14
N ALA N 32 -35.96 16.99 -31.67
CA ALA N 32 -35.84 18.28 -32.47
C ALA N 32 -34.39 18.55 -32.87
N LEU N 33 -33.44 18.44 -31.89
CA LEU N 33 -32.01 18.64 -32.25
C LEU N 33 -31.57 17.66 -33.36
N SER N 34 -31.96 16.38 -33.21
CA SER N 34 -31.62 15.33 -34.17
C SER N 34 -32.22 15.66 -35.57
N LEU N 35 -33.40 16.26 -35.57
CA LEU N 35 -34.05 16.62 -36.83
C LEU N 35 -33.29 17.79 -37.46
N LEU N 36 -32.78 18.71 -36.65
CA LEU N 36 -31.98 19.83 -37.24
C LEU N 36 -30.72 19.32 -37.89
N ILE N 37 -30.11 18.34 -37.27
CA ILE N 37 -28.87 17.79 -37.78
C ILE N 37 -29.19 17.19 -39.17
N ARG N 38 -30.22 16.36 -39.19
CA ARG N 38 -30.68 15.73 -40.43
C ARG N 38 -31.20 16.68 -41.50
N ALA N 39 -31.67 17.85 -41.08
CA ALA N 39 -32.14 18.82 -42.05
C ALA N 39 -30.93 19.54 -42.67
N GLU N 40 -29.89 19.81 -41.86
CA GLU N 40 -28.67 20.41 -42.38
C GLU N 40 -28.04 19.49 -43.45
N LEU N 41 -28.10 18.17 -43.22
CA LEU N 41 -27.43 17.21 -44.11
C LEU N 41 -28.29 16.59 -45.20
N GLY N 42 -29.57 16.96 -45.25
CA GLY N 42 -30.49 16.23 -46.17
C GLY N 42 -30.42 16.67 -47.62
N GLN N 43 -29.67 17.75 -47.82
CA GLN N 43 -29.20 18.08 -49.15
C GLN N 43 -27.85 18.76 -49.08
N PRO N 44 -27.08 18.65 -50.18
CA PRO N 44 -25.72 19.21 -50.20
C PRO N 44 -25.87 20.72 -50.19
N GLY N 45 -24.86 21.39 -49.63
CA GLY N 45 -24.90 22.82 -49.27
C GLY N 45 -25.14 23.11 -47.79
N THR N 46 -25.43 24.38 -47.50
CA THR N 46 -25.63 24.90 -46.13
C THR N 46 -27.06 25.37 -45.93
N LEU N 47 -27.74 24.76 -44.95
CA LEU N 47 -29.04 25.19 -44.47
C LEU N 47 -28.96 26.24 -43.33
N LEU N 48 -28.19 25.98 -42.29
CA LEU N 48 -28.25 26.82 -41.09
C LEU N 48 -27.16 27.91 -41.09
N GLY N 49 -25.89 27.51 -41.02
CA GLY N 49 -24.72 28.42 -41.03
C GLY N 49 -23.55 27.45 -41.13
N ASP N 50 -22.39 27.92 -40.67
CA ASP N 50 -21.18 27.15 -40.75
C ASP N 50 -21.16 26.01 -39.67
N ASP N 51 -20.00 25.40 -39.42
CA ASP N 51 -19.88 24.30 -38.46
C ASP N 51 -20.17 24.70 -36.98
N GLN N 52 -20.16 26.00 -36.66
CA GLN N 52 -20.34 26.45 -35.24
C GLN N 52 -21.77 26.20 -34.80
N ILE N 53 -22.74 26.87 -35.46
CA ILE N 53 -24.13 26.63 -35.07
C ILE N 53 -24.44 25.13 -35.22
N TYR N 54 -24.00 24.52 -36.32
CA TYR N 54 -24.24 23.09 -36.58
C TYR N 54 -23.73 22.22 -35.45
N ASN N 55 -22.49 22.45 -35.01
CA ASN N 55 -21.99 21.60 -33.93
C ASN N 55 -22.53 21.91 -32.57
N VAL N 56 -23.00 23.13 -32.33
CA VAL N 56 -23.75 23.42 -31.13
C VAL N 56 -24.97 22.47 -31.12
N VAL N 57 -25.62 22.31 -32.27
CA VAL N 57 -26.77 21.44 -32.33
C VAL N 57 -26.33 19.97 -32.08
N VAL N 58 -25.31 19.50 -32.78
CA VAL N 58 -24.80 18.15 -32.55
C VAL N 58 -24.41 17.84 -31.06
N THR N 59 -23.79 18.85 -30.43
CA THR N 59 -23.31 18.74 -29.05
C THR N 59 -24.53 18.65 -28.11
N ALA N 60 -25.45 19.59 -28.21
CA ALA N 60 -26.70 19.58 -27.42
C ALA N 60 -27.51 18.25 -27.64
N HIS N 61 -27.63 17.81 -28.88
CA HIS N 61 -28.29 16.54 -29.19
C HIS N 61 -27.76 15.41 -28.32
N ALA N 62 -26.45 15.23 -28.32
CA ALA N 62 -25.83 14.16 -27.53
C ALA N 62 -26.08 14.36 -26.05
N PHE N 63 -25.84 15.59 -25.52
CA PHE N 63 -26.02 15.76 -24.09
C PHE N 63 -27.46 15.48 -23.69
N VAL N 64 -28.40 16.03 -24.43
CA VAL N 64 -29.83 15.92 -24.06
C VAL N 64 -30.22 14.42 -24.12
N MET N 65 -29.84 13.72 -25.18
CA MET N 65 -30.25 12.31 -25.30
C MET N 65 -29.69 11.47 -24.17
N ILE N 66 -28.41 11.70 -23.81
CA ILE N 66 -27.69 10.84 -22.87
C ILE N 66 -28.04 11.19 -21.42
N PHE N 67 -27.84 12.45 -21.07
CA PHE N 67 -27.97 12.89 -19.67
C PHE N 67 -29.41 13.28 -19.26
N PHE N 68 -30.19 13.80 -20.19
CA PHE N 68 -31.55 14.22 -19.86
C PHE N 68 -32.66 13.26 -20.26
N MET N 69 -32.37 12.38 -21.23
CA MET N 69 -33.37 11.40 -21.69
C MET N 69 -33.07 9.99 -21.16
N VAL N 70 -32.09 9.31 -21.71
CA VAL N 70 -31.89 7.91 -21.30
C VAL N 70 -31.66 7.67 -19.77
N MET N 71 -30.72 8.41 -19.17
CA MET N 71 -30.32 8.11 -17.84
C MET N 71 -31.51 8.44 -16.92
N PRO N 72 -32.13 9.61 -17.11
CA PRO N 72 -33.25 9.86 -16.16
C PRO N 72 -34.41 8.91 -16.38
N ILE N 73 -34.64 8.43 -17.60
CA ILE N 73 -35.77 7.46 -17.79
C ILE N 73 -35.40 6.08 -17.18
N MET N 74 -34.23 5.57 -17.56
CA MET N 74 -33.87 4.22 -17.14
C MET N 74 -33.65 4.14 -15.66
N ILE N 75 -32.81 5.03 -15.12
CA ILE N 75 -32.39 4.92 -13.73
C ILE N 75 -33.29 5.68 -12.78
N GLY N 76 -33.50 6.99 -13.01
CA GLY N 76 -34.39 7.74 -12.14
C GLY N 76 -35.85 7.31 -12.37
N GLY N 77 -36.25 6.92 -13.58
CA GLY N 77 -37.73 6.59 -13.81
C GLY N 77 -38.06 5.13 -13.49
N PHE N 78 -37.63 4.20 -14.35
CA PHE N 78 -37.86 2.79 -14.05
C PHE N 78 -37.24 2.34 -12.75
N GLY N 79 -36.00 2.83 -12.46
CA GLY N 79 -35.35 2.42 -11.28
C GLY N 79 -36.12 2.86 -10.06
N ASN N 80 -36.45 4.13 -9.88
CA ASN N 80 -37.20 4.47 -8.68
C ASN N 80 -38.57 3.76 -8.55
N TRP N 81 -39.30 3.63 -9.65
CA TRP N 81 -40.61 3.00 -9.59
C TRP N 81 -40.47 1.53 -9.20
N LEU N 82 -39.52 0.83 -9.84
CA LEU N 82 -39.55 -0.64 -9.88
C LEU N 82 -38.67 -1.28 -8.86
N VAL N 83 -37.48 -0.68 -8.58
CA VAL N 83 -36.57 -1.34 -7.63
C VAL N 83 -37.19 -1.61 -6.24
N PRO N 84 -37.73 -0.58 -5.54
CA PRO N 84 -38.27 -0.92 -4.24
C PRO N 84 -39.44 -1.91 -4.32
N LEU N 85 -40.33 -1.80 -5.34
CA LEU N 85 -41.41 -2.79 -5.48
C LEU N 85 -40.86 -4.22 -5.68
N MET N 86 -39.76 -4.35 -6.46
CA MET N 86 -39.26 -5.70 -6.79
C MET N 86 -38.57 -6.36 -5.59
N ILE N 87 -38.15 -5.58 -4.60
CA ILE N 87 -37.54 -6.19 -3.40
C ILE N 87 -38.44 -6.06 -2.15
N GLY N 88 -39.67 -5.59 -2.37
CA GLY N 88 -40.66 -5.47 -1.30
C GLY N 88 -40.31 -4.47 -0.24
N ALA N 89 -39.59 -3.40 -0.64
CA ALA N 89 -39.05 -2.40 0.29
C ALA N 89 -40.08 -1.27 0.29
N PRO N 90 -40.20 -0.56 1.40
CA PRO N 90 -41.23 0.47 1.53
C PRO N 90 -40.83 1.78 0.83
N ASP N 91 -39.54 1.97 0.52
CA ASP N 91 -39.06 3.15 -0.27
C ASP N 91 -37.60 2.93 -0.56
N MET N 92 -36.92 3.96 -1.10
CA MET N 92 -35.45 3.99 -1.22
C MET N 92 -34.75 4.22 0.14
N ALA N 93 -33.43 3.94 0.25
CA ALA N 93 -32.76 4.12 1.53
C ALA N 93 -32.80 5.55 1.93
N PHE N 94 -32.60 6.45 0.96
CA PHE N 94 -32.48 7.89 1.28
C PHE N 94 -33.57 8.69 0.47
N PRO N 95 -34.82 8.70 1.00
CA PRO N 95 -35.91 9.12 0.14
C PRO N 95 -35.91 10.63 -0.07
N ARG N 96 -35.23 11.36 0.79
CA ARG N 96 -35.09 12.79 0.64
C ARG N 96 -33.92 13.14 -0.28
N MET N 97 -32.78 12.45 -0.16
CA MET N 97 -31.69 12.71 -1.09
C MET N 97 -32.11 12.33 -2.51
N ASN N 98 -32.89 11.27 -2.64
CA ASN N 98 -33.46 10.84 -3.95
C ASN N 98 -34.15 12.00 -4.67
N ASN N 99 -34.88 12.83 -3.92
CA ASN N 99 -35.62 13.98 -4.49
C ASN N 99 -34.61 15.01 -4.93
N MET N 100 -33.42 15.06 -4.29
CA MET N 100 -32.46 16.06 -4.76
C MET N 100 -31.81 15.61 -6.07
N SER N 101 -31.53 14.31 -6.23
CA SER N 101 -31.12 13.75 -7.54
C SER N 101 -32.09 14.17 -8.67
N PHE N 102 -33.43 14.09 -8.41
CA PHE N 102 -34.36 14.60 -9.37
C PHE N 102 -34.22 16.12 -9.59
N TRP N 103 -34.34 16.93 -8.51
CA TRP N 103 -34.37 18.38 -8.71
C TRP N 103 -33.10 18.99 -9.20
N LEU N 104 -31.98 18.25 -9.21
CA LEU N 104 -30.75 18.81 -9.82
C LEU N 104 -30.81 18.80 -11.33
N LEU N 105 -31.72 18.02 -11.90
CA LEU N 105 -31.73 17.90 -13.36
C LEU N 105 -32.33 19.09 -14.09
N PRO N 106 -33.42 19.66 -13.57
CA PRO N 106 -33.89 20.84 -14.32
C PRO N 106 -32.82 21.98 -14.32
N PRO N 107 -32.17 22.27 -13.18
CA PRO N 107 -31.14 23.34 -13.30
C PRO N 107 -29.97 22.90 -14.20
N SER N 108 -29.64 21.62 -14.14
CA SER N 108 -28.65 21.11 -15.07
C SER N 108 -29.03 21.40 -16.54
N PHE N 109 -30.31 21.14 -16.92
CA PHE N 109 -30.77 21.29 -18.29
C PHE N 109 -30.82 22.79 -18.57
N LEU N 110 -31.19 23.60 -17.58
CA LEU N 110 -31.20 25.05 -17.77
C LEU N 110 -29.78 25.60 -18.10
N LEU N 111 -28.75 25.12 -17.38
CA LEU N 111 -27.39 25.49 -17.75
C LEU N 111 -27.05 25.12 -19.21
N LEU N 112 -27.45 23.91 -19.66
CA LEU N 112 -27.25 23.52 -21.03
C LEU N 112 -27.93 24.49 -22.01
N LEU N 113 -29.18 24.90 -21.74
N LEU N 113 -29.18 24.90 -21.69
CA LEU N 113 -29.87 25.77 -22.68
CA LEU N 113 -29.93 25.88 -22.50
C LEU N 113 -29.35 27.27 -22.54
C LEU N 113 -29.07 27.11 -22.56
N ALA N 114 -28.77 27.63 -21.39
CA ALA N 114 -28.04 28.90 -21.26
C ALA N 114 -26.79 28.85 -22.14
N SER N 115 -26.05 27.73 -22.11
CA SER N 115 -24.83 27.66 -22.92
C SER N 115 -25.10 27.86 -24.44
N SER N 116 -26.26 27.37 -24.92
CA SER N 116 -26.59 27.48 -26.35
C SER N 116 -27.09 28.87 -26.74
N MET N 117 -27.55 29.62 -25.75
CA MET N 117 -28.05 30.96 -25.91
C MET N 117 -27.02 32.09 -25.83
N VAL N 118 -25.94 31.94 -25.04
CA VAL N 118 -24.95 33.03 -24.88
C VAL N 118 -23.85 32.83 -25.91
N GLU N 119 -23.19 33.93 -26.31
CA GLU N 119 -22.14 33.89 -27.32
C GLU N 119 -22.57 33.08 -28.54
N ALA N 120 -21.72 32.19 -29.06
CA ALA N 120 -22.14 31.38 -30.16
C ALA N 120 -22.31 29.91 -29.75
N GLY N 121 -22.63 29.66 -28.48
CA GLY N 121 -22.86 28.28 -28.05
C GLY N 121 -21.58 27.47 -27.86
N ALA N 122 -21.73 26.25 -27.35
CA ALA N 122 -20.62 25.33 -27.18
C ALA N 122 -20.60 24.34 -28.35
N GLY N 123 -19.84 24.63 -29.41
CA GLY N 123 -19.79 23.72 -30.58
C GLY N 123 -18.55 22.84 -30.48
N THR N 124 -18.55 21.91 -29.52
CA THR N 124 -17.29 21.27 -29.17
C THR N 124 -17.31 19.78 -29.38
N GLY N 125 -18.49 19.21 -29.63
CA GLY N 125 -18.67 17.72 -29.53
C GLY N 125 -19.07 17.47 -28.08
N TRP N 126 -19.75 16.36 -27.78
CA TRP N 126 -20.17 16.13 -26.39
C TRP N 126 -18.96 15.74 -25.56
N THR N 127 -17.85 15.44 -26.21
CA THR N 127 -16.59 15.06 -25.57
C THR N 127 -15.88 16.29 -25.06
N VAL N 128 -16.18 17.48 -25.62
CA VAL N 128 -15.63 18.80 -25.07
C VAL N 128 -14.09 18.87 -25.04
N TYR N 129 -13.42 18.36 -26.10
CA TYR N 129 -11.92 18.32 -26.10
C TYR N 129 -11.27 19.70 -26.16
N PRO N 130 -10.22 19.95 -25.32
CA PRO N 130 -9.40 21.11 -25.58
C PRO N 130 -8.43 20.78 -26.72
N PRO N 131 -7.82 21.81 -27.37
CA PRO N 131 -8.01 23.24 -27.08
C PRO N 131 -9.31 23.87 -27.69
N LEU N 132 -10.01 23.15 -28.58
CA LEU N 132 -11.24 23.78 -29.18
C LEU N 132 -12.17 24.27 -28.07
N ALA N 133 -12.31 23.47 -26.99
CA ALA N 133 -13.11 23.83 -25.77
C ALA N 133 -12.45 24.86 -24.81
N GLY N 134 -11.16 25.21 -25.08
CA GLY N 134 -10.39 26.14 -24.25
C GLY N 134 -10.86 27.61 -24.41
N ASN N 135 -10.26 28.51 -23.64
CA ASN N 135 -10.72 29.89 -23.60
C ASN N 135 -10.26 30.80 -24.76
N LEU N 136 -9.48 30.25 -25.69
CA LEU N 136 -9.06 31.04 -26.88
C LEU N 136 -9.99 30.67 -28.06
N ALA N 137 -10.15 29.37 -28.35
CA ALA N 137 -11.01 28.94 -29.44
C ALA N 137 -12.51 28.87 -29.02
N HIS N 138 -12.81 29.04 -27.73
CA HIS N 138 -14.21 29.11 -27.27
C HIS N 138 -14.31 30.07 -26.14
N ALA N 139 -13.80 31.27 -26.35
CA ALA N 139 -13.91 32.38 -25.39
C ALA N 139 -15.40 32.60 -24.93
N GLY N 140 -15.59 33.05 -23.71
CA GLY N 140 -16.92 33.36 -23.19
C GLY N 140 -17.57 32.20 -22.39
N ALA N 141 -18.83 32.38 -22.01
CA ALA N 141 -19.42 31.58 -20.99
C ALA N 141 -19.90 30.20 -21.48
N SER N 142 -19.98 29.97 -22.80
CA SER N 142 -20.74 28.79 -23.23
C SER N 142 -20.18 27.50 -22.68
N VAL N 143 -18.87 27.24 -22.90
CA VAL N 143 -18.26 25.99 -22.44
C VAL N 143 -18.32 25.87 -20.88
N ASP N 144 -18.14 26.99 -20.21
CA ASP N 144 -18.29 27.05 -18.74
C ASP N 144 -19.70 26.63 -18.32
N LEU N 145 -20.71 27.16 -18.95
CA LEU N 145 -22.04 26.69 -18.64
C LEU N 145 -22.21 25.16 -18.91
N THR N 146 -21.62 24.65 -19.98
CA THR N 146 -21.69 23.23 -20.27
C THR N 146 -21.02 22.47 -19.16
N ILE N 147 -19.81 22.89 -18.75
CA ILE N 147 -19.12 22.17 -17.70
C ILE N 147 -20.02 22.10 -16.44
N PHE N 148 -20.61 23.22 -16.04
CA PHE N 148 -21.41 23.24 -14.82
C PHE N 148 -22.71 22.39 -15.02
N SER N 149 -23.23 22.39 -16.24
CA SER N 149 -24.37 21.52 -16.54
C SER N 149 -23.97 20.06 -16.13
N LEU N 150 -22.78 19.64 -16.55
CA LEU N 150 -22.28 18.25 -16.37
C LEU N 150 -22.02 18.00 -14.90
N HIS N 151 -21.50 19.02 -14.19
CA HIS N 151 -21.27 18.91 -12.74
C HIS N 151 -22.57 18.59 -12.00
N LEU N 152 -23.68 19.33 -12.32
CA LEU N 152 -24.94 19.07 -11.62
C LEU N 152 -25.51 17.67 -12.01
N ALA N 153 -25.46 17.30 -13.28
CA ALA N 153 -25.92 15.98 -13.72
C ALA N 153 -25.03 14.95 -13.01
N GLY N 154 -23.73 15.22 -12.90
CA GLY N 154 -22.83 14.33 -12.20
C GLY N 154 -23.18 14.12 -10.76
N VAL N 155 -23.35 15.20 -10.00
CA VAL N 155 -23.79 15.08 -8.63
C VAL N 155 -25.15 14.38 -8.52
N SER N 156 -26.13 14.78 -9.36
CA SER N 156 -27.40 14.04 -9.32
C SER N 156 -27.20 12.52 -9.41
N SER N 157 -26.43 12.05 -10.39
CA SER N 157 -26.26 10.57 -10.62
C SER N 157 -25.35 9.88 -9.61
N ILE N 158 -24.35 10.59 -9.07
CA ILE N 158 -23.52 10.00 -7.98
C ILE N 158 -24.38 9.79 -6.74
N LEU N 159 -25.23 10.76 -6.39
CA LEU N 159 -26.01 10.60 -5.21
C LEU N 159 -27.06 9.50 -5.47
N GLY N 160 -27.58 9.42 -6.68
CA GLY N 160 -28.62 8.44 -7.00
C GLY N 160 -27.98 7.03 -6.94
N ALA N 161 -26.71 6.92 -7.38
CA ALA N 161 -25.92 5.66 -7.36
C ALA N 161 -25.79 5.22 -5.91
N ILE N 162 -25.46 6.15 -5.02
CA ILE N 162 -25.31 5.81 -3.59
C ILE N 162 -26.64 5.27 -3.04
N ASN N 163 -27.71 5.92 -3.45
CA ASN N 163 -29.07 5.58 -3.04
C ASN N 163 -29.41 4.18 -3.54
N PHE N 164 -29.20 3.96 -4.82
CA PHE N 164 -29.53 2.61 -5.36
C PHE N 164 -28.73 1.47 -4.77
N ILE N 165 -27.39 1.62 -4.68
CA ILE N 165 -26.56 0.55 -4.11
C ILE N 165 -27.01 0.28 -2.69
N THR N 166 -27.16 1.32 -1.84
CA THR N 166 -27.55 1.10 -0.47
C THR N 166 -28.94 0.39 -0.39
N THR N 167 -29.93 0.92 -1.13
CA THR N 167 -31.27 0.32 -1.15
C THR N 167 -31.19 -1.19 -1.48
N ILE N 168 -30.43 -1.51 -2.52
CA ILE N 168 -30.45 -2.86 -3.05
C ILE N 168 -29.73 -3.82 -2.12
N ILE N 169 -28.65 -3.37 -1.43
CA ILE N 169 -27.86 -4.22 -0.60
C ILE N 169 -28.58 -4.31 0.74
N ASN N 170 -29.15 -3.21 1.20
CA ASN N 170 -29.59 -3.20 2.59
C ASN N 170 -31.10 -3.47 2.80
N MET N 171 -31.93 -3.36 1.78
CA MET N 171 -33.43 -3.31 2.04
C MET N 171 -34.24 -4.44 1.47
N LYS N 172 -33.59 -5.58 1.20
CA LYS N 172 -34.30 -6.81 0.80
C LYS N 172 -34.96 -7.47 1.97
N PRO N 173 -35.99 -8.29 1.73
CA PRO N 173 -36.39 -9.09 2.91
C PRO N 173 -35.17 -9.87 3.47
N PRO N 174 -35.12 -10.09 4.79
CA PRO N 174 -33.98 -10.71 5.48
C PRO N 174 -33.60 -12.06 4.92
N ALA N 175 -34.57 -12.84 4.44
CA ALA N 175 -34.30 -14.17 3.88
C ALA N 175 -33.82 -14.08 2.42
N MET N 176 -34.03 -12.94 1.77
CA MET N 176 -33.64 -12.84 0.35
C MET N 176 -32.13 -12.49 0.25
N SER N 177 -31.36 -13.35 -0.43
CA SER N 177 -29.96 -13.02 -0.74
C SER N 177 -29.97 -12.22 -2.07
N GLN N 178 -28.82 -11.70 -2.41
CA GLN N 178 -28.63 -10.95 -3.67
C GLN N 178 -28.93 -11.82 -4.87
N TYR N 179 -28.70 -13.13 -4.75
CA TYR N 179 -29.00 -14.04 -5.84
C TYR N 179 -30.48 -14.42 -5.84
N GLN N 180 -31.33 -13.75 -5.07
CA GLN N 180 -32.82 -13.96 -5.27
C GLN N 180 -33.51 -12.69 -5.74
N THR N 181 -32.78 -11.72 -6.28
CA THR N 181 -33.34 -10.42 -6.68
C THR N 181 -33.52 -10.47 -8.18
N PRO N 182 -34.55 -9.80 -8.70
CA PRO N 182 -34.73 -9.91 -10.15
C PRO N 182 -33.54 -9.28 -10.93
N LEU N 183 -33.34 -9.71 -12.19
CA LEU N 183 -32.29 -9.14 -13.06
C LEU N 183 -32.34 -7.59 -13.27
N PHE N 184 -33.55 -7.00 -13.37
CA PHE N 184 -33.58 -5.54 -13.42
C PHE N 184 -32.86 -4.91 -12.21
N VAL N 185 -33.10 -5.46 -11.02
CA VAL N 185 -32.49 -4.91 -9.81
C VAL N 185 -30.94 -5.04 -9.86
N TRP N 186 -30.43 -6.23 -10.24
CA TRP N 186 -29.00 -6.38 -10.58
C TRP N 186 -28.49 -5.35 -11.57
N SER N 187 -29.23 -5.16 -12.66
CA SER N 187 -28.78 -4.27 -13.72
C SER N 187 -28.62 -2.85 -13.15
N VAL N 188 -29.51 -2.45 -12.25
CA VAL N 188 -29.51 -1.09 -11.67
C VAL N 188 -28.32 -0.97 -10.68
N MET N 189 -28.10 -2.01 -9.87
CA MET N 189 -27.03 -2.00 -8.93
C MET N 189 -25.67 -1.90 -9.65
N ILE N 190 -25.46 -2.69 -10.68
CA ILE N 190 -24.21 -2.61 -11.45
C ILE N 190 -24.01 -1.28 -12.13
N THR N 191 -25.09 -0.73 -12.68
CA THR N 191 -25.05 0.56 -13.33
C THR N 191 -24.67 1.59 -12.29
N ALA N 192 -25.26 1.47 -11.09
CA ALA N 192 -25.01 2.48 -10.04
C ALA N 192 -23.50 2.38 -9.62
N VAL N 193 -22.94 1.18 -9.55
CA VAL N 193 -21.52 1.10 -9.22
C VAL N 193 -20.63 1.76 -10.32
N LEU N 194 -20.99 1.61 -11.61
CA LEU N 194 -20.19 2.22 -12.64
C LEU N 194 -20.29 3.75 -12.58
N LEU N 195 -21.48 4.26 -12.22
CA LEU N 195 -21.70 5.69 -12.05
C LEU N 195 -20.80 6.23 -10.89
N LEU N 196 -20.86 5.55 -9.73
CA LEU N 196 -20.13 5.91 -8.52
C LEU N 196 -18.60 6.11 -8.78
N LEU N 197 -18.00 5.22 -9.59
CA LEU N 197 -16.57 5.21 -9.92
C LEU N 197 -16.21 6.09 -11.10
N SER N 198 -17.08 6.18 -12.13
CA SER N 198 -16.64 6.91 -13.34
C SER N 198 -16.96 8.40 -13.26
N LEU N 199 -18.15 8.77 -12.74
CA LEU N 199 -18.47 10.23 -12.78
C LEU N 199 -17.44 11.07 -11.99
N PRO N 200 -16.94 10.59 -10.84
CA PRO N 200 -15.92 11.48 -10.17
C PRO N 200 -14.64 11.71 -11.04
N VAL N 201 -14.33 10.82 -11.97
CA VAL N 201 -13.18 11.05 -12.88
C VAL N 201 -13.52 12.09 -13.93
N LEU N 202 -14.73 11.99 -14.53
CA LEU N 202 -15.16 13.01 -15.44
C LEU N 202 -15.15 14.34 -14.69
N ALA N 203 -15.70 14.36 -13.46
CA ALA N 203 -15.79 15.62 -12.68
C ALA N 203 -14.39 16.24 -12.49
N ALA N 204 -13.39 15.38 -12.24
CA ALA N 204 -12.03 15.87 -12.13
C ALA N 204 -11.55 16.45 -13.48
N GLY N 205 -11.81 15.75 -14.59
CA GLY N 205 -11.25 16.20 -15.88
C GLY N 205 -11.92 17.52 -16.30
N ILE N 206 -13.26 17.67 -16.11
CA ILE N 206 -13.91 18.90 -16.56
C ILE N 206 -13.64 20.09 -15.61
N THR N 207 -13.41 19.79 -14.34
CA THR N 207 -12.91 20.80 -13.39
C THR N 207 -11.56 21.30 -13.79
N MET N 208 -10.73 20.41 -14.30
CA MET N 208 -9.43 20.86 -14.85
C MET N 208 -9.61 21.72 -16.11
N LEU N 209 -10.58 21.35 -16.96
CA LEU N 209 -10.80 22.14 -18.15
C LEU N 209 -11.26 23.56 -17.69
N LEU N 210 -12.11 23.61 -16.68
CA LEU N 210 -12.61 24.87 -16.14
C LEU N 210 -11.50 25.73 -15.56
N THR N 211 -10.55 25.15 -14.82
CA THR N 211 -9.42 25.92 -14.30
C THR N 211 -8.45 26.42 -15.42
N ASP N 212 -8.25 25.59 -16.44
CA ASP N 212 -7.56 25.98 -17.67
C ASP N 212 -8.30 27.18 -18.26
N ARG N 213 -9.66 27.15 -18.31
CA ARG N 213 -10.40 28.29 -18.90
C ARG N 213 -10.38 29.55 -18.02
N ASN N 214 -10.38 29.45 -16.68
CA ASN N 214 -10.61 30.66 -15.83
C ASN N 214 -9.55 30.92 -14.75
N LEU N 215 -8.65 29.96 -14.52
CA LEU N 215 -7.68 30.22 -13.44
C LEU N 215 -6.26 30.15 -13.90
N ASN N 216 -6.06 30.12 -15.21
CA ASN N 216 -4.73 30.03 -15.80
C ASN N 216 -3.94 28.76 -15.45
N THR N 217 -4.64 27.65 -15.18
CA THR N 217 -3.93 26.37 -15.12
C THR N 217 -3.61 25.95 -16.54
N THR N 218 -2.76 24.93 -16.70
CA THR N 218 -2.41 24.45 -18.03
C THR N 218 -2.27 22.92 -18.00
N PHE N 219 -3.25 22.25 -17.40
CA PHE N 219 -3.36 20.76 -17.43
C PHE N 219 -3.35 20.27 -18.86
N PHE N 220 -4.07 21.01 -19.73
CA PHE N 220 -4.26 20.58 -21.13
C PHE N 220 -3.56 21.47 -22.20
N ASP N 221 -2.67 22.34 -21.74
CA ASP N 221 -2.05 23.40 -22.57
C ASP N 221 -0.56 23.17 -22.67
N PRO N 222 -0.06 22.72 -23.84
CA PRO N 222 1.37 22.42 -24.06
C PRO N 222 2.30 23.59 -23.59
N ALA N 223 1.81 24.83 -23.75
CA ALA N 223 2.62 26.02 -23.38
C ALA N 223 3.03 25.93 -21.87
N GLY N 224 2.23 25.25 -21.03
CA GLY N 224 2.58 25.22 -19.63
C GLY N 224 3.10 23.86 -19.26
N GLY N 225 3.26 23.00 -20.29
CA GLY N 225 3.67 21.59 -20.10
C GLY N 225 2.52 20.61 -19.93
N GLY N 226 1.28 21.05 -20.21
CA GLY N 226 0.15 20.13 -20.18
C GLY N 226 0.02 19.43 -21.53
N ASP N 227 -1.09 18.67 -21.70
CA ASP N 227 -1.27 17.72 -22.78
C ASP N 227 -2.79 17.64 -23.04
N PRO N 228 -3.23 18.15 -24.19
CA PRO N 228 -4.62 17.91 -24.58
C PRO N 228 -5.01 16.42 -24.42
N ILE N 229 -4.05 15.52 -24.64
CA ILE N 229 -4.31 14.10 -24.59
C ILE N 229 -4.67 13.61 -23.17
N LEU N 230 -4.19 14.29 -22.14
CA LEU N 230 -4.54 13.88 -20.81
C LEU N 230 -6.06 14.04 -20.67
N TYR N 231 -6.63 15.12 -21.18
CA TYR N 231 -8.10 15.34 -21.04
C TYR N 231 -8.89 14.15 -21.67
N GLN N 232 -8.43 13.68 -22.83
CA GLN N 232 -9.08 12.58 -23.48
C GLN N 232 -9.07 11.36 -22.62
N HIS N 233 -7.94 11.04 -22.00
CA HIS N 233 -7.82 9.87 -21.10
C HIS N 233 -8.82 9.94 -19.96
N LEU N 234 -8.88 11.12 -19.33
CA LEU N 234 -9.74 11.33 -18.17
C LEU N 234 -11.21 11.29 -18.62
N PHE N 235 -11.50 11.84 -19.81
CA PHE N 235 -12.90 11.85 -20.32
C PHE N 235 -13.36 10.43 -20.64
N TRP N 236 -12.56 9.71 -21.43
CA TRP N 236 -12.95 8.39 -21.80
C TRP N 236 -12.92 7.35 -20.72
N PHE N 237 -12.07 7.53 -19.70
CA PHE N 237 -12.13 6.67 -18.50
C PHE N 237 -13.56 6.70 -17.88
N PHE N 238 -14.23 7.85 -17.97
CA PHE N 238 -15.65 7.91 -17.70
C PHE N 238 -16.49 7.44 -18.87
N GLY N 239 -16.13 7.90 -20.07
CA GLY N 239 -16.97 7.81 -21.26
C GLY N 239 -17.30 6.39 -21.72
N HIS N 240 -16.32 5.49 -21.61
CA HIS N 240 -16.65 4.08 -21.90
C HIS N 240 -17.58 3.44 -20.84
N PRO N 241 -17.22 3.54 -19.55
CA PRO N 241 -18.24 3.08 -18.56
C PRO N 241 -19.64 3.69 -18.77
N GLU N 242 -19.71 4.93 -19.22
CA GLU N 242 -20.95 5.62 -19.45
C GLU N 242 -21.82 4.91 -20.49
N VAL N 243 -21.22 4.36 -21.55
CA VAL N 243 -22.01 3.70 -22.57
C VAL N 243 -22.60 2.38 -22.01
N TYR N 244 -21.92 1.75 -21.05
CA TYR N 244 -22.46 0.56 -20.41
C TYR N 244 -23.53 0.96 -19.38
N ILE N 245 -23.37 2.14 -18.77
CA ILE N 245 -24.37 2.69 -17.86
C ILE N 245 -25.68 2.93 -18.67
N LEU N 246 -25.55 3.32 -19.94
CA LEU N 246 -26.67 3.60 -20.78
C LEU N 246 -27.39 2.31 -21.24
N ILE N 247 -26.66 1.19 -21.33
CA ILE N 247 -27.28 -0.04 -21.87
C ILE N 247 -27.72 -1.00 -20.74
N LEU N 248 -26.97 -1.02 -19.61
CA LEU N 248 -27.23 -2.09 -18.59
C LEU N 248 -28.71 -2.15 -18.04
N PRO N 249 -29.34 -1.00 -17.72
CA PRO N 249 -30.68 -1.11 -17.22
C PRO N 249 -31.58 -1.51 -18.38
N GLY N 250 -31.21 -1.19 -19.61
CA GLY N 250 -32.00 -1.69 -20.76
C GLY N 250 -31.91 -3.23 -20.79
N PHE N 251 -30.71 -3.80 -20.61
CA PHE N 251 -30.51 -5.30 -20.50
C PHE N 251 -31.41 -5.86 -19.40
N GLY N 252 -31.55 -5.15 -18.27
CA GLY N 252 -32.37 -5.74 -17.18
C GLY N 252 -33.85 -5.74 -17.63
N MET N 253 -34.31 -4.63 -18.24
CA MET N 253 -35.69 -4.53 -18.71
C MET N 253 -35.93 -5.54 -19.77
N ILE N 254 -34.98 -5.76 -20.67
CA ILE N 254 -35.20 -6.75 -21.77
C ILE N 254 -35.38 -8.15 -21.14
N SER N 255 -34.58 -8.40 -20.10
CA SER N 255 -34.67 -9.74 -19.41
C SER N 255 -36.10 -9.97 -18.86
N HIS N 256 -36.69 -8.90 -18.30
CA HIS N 256 -37.99 -9.01 -17.68
C HIS N 256 -39.08 -9.15 -18.74
N ILE N 257 -38.99 -8.33 -19.81
CA ILE N 257 -39.89 -8.39 -20.91
C ILE N 257 -39.92 -9.74 -21.67
N VAL N 258 -38.73 -10.23 -22.01
CA VAL N 258 -38.60 -11.46 -22.81
C VAL N 258 -39.15 -12.62 -21.98
N THR N 259 -38.86 -12.60 -20.66
CA THR N 259 -39.37 -13.65 -19.72
C THR N 259 -40.94 -13.62 -19.71
N TYR N 260 -41.49 -12.43 -19.48
CA TYR N 260 -42.89 -12.22 -19.24
C TYR N 260 -43.74 -12.64 -20.48
N TYR N 261 -43.36 -12.17 -21.65
CA TYR N 261 -44.07 -12.43 -22.87
C TYR N 261 -43.79 -13.76 -23.54
N SER N 262 -42.81 -14.51 -23.05
CA SER N 262 -42.59 -15.91 -23.45
C SER N 262 -43.35 -16.78 -22.50
N GLY N 263 -44.01 -16.16 -21.52
CA GLY N 263 -44.83 -17.03 -20.57
C GLY N 263 -43.99 -17.83 -19.57
N LYS N 264 -42.78 -17.33 -19.27
CA LYS N 264 -41.91 -18.08 -18.35
C LYS N 264 -42.04 -17.43 -16.95
N LYS N 265 -41.78 -18.22 -15.95
CA LYS N 265 -41.61 -17.73 -14.59
C LYS N 265 -40.20 -17.13 -14.35
N GLU N 266 -39.21 -17.48 -15.16
CA GLU N 266 -37.81 -17.01 -14.92
C GLU N 266 -37.01 -16.90 -16.25
N PRO N 267 -36.03 -15.97 -16.30
CA PRO N 267 -35.18 -15.89 -17.49
C PRO N 267 -34.30 -17.17 -17.51
N PHE N 268 -33.85 -17.61 -18.68
CA PHE N 268 -32.90 -18.71 -18.76
C PHE N 268 -31.53 -18.29 -18.17
N GLY N 269 -30.88 -19.17 -17.37
CA GLY N 269 -29.44 -18.94 -16.97
C GLY N 269 -29.26 -17.70 -16.10
N TYR N 270 -30.06 -17.59 -15.05
CA TYR N 270 -30.09 -16.38 -14.21
C TYR N 270 -28.66 -16.00 -13.72
N MET N 271 -27.90 -17.00 -13.25
CA MET N 271 -26.54 -16.78 -12.68
C MET N 271 -25.56 -16.32 -13.77
N GLY N 272 -25.70 -16.86 -15.03
CA GLY N 272 -24.88 -16.44 -16.25
C GLY N 272 -25.23 -14.96 -16.57
N MET N 273 -26.54 -14.58 -16.46
CA MET N 273 -26.98 -13.18 -16.69
C MET N 273 -26.35 -12.22 -15.68
N VAL N 274 -26.35 -12.62 -14.39
CA VAL N 274 -25.69 -11.82 -13.35
C VAL N 274 -24.17 -11.72 -13.63
N TRP N 275 -23.55 -12.86 -13.87
CA TRP N 275 -22.14 -12.94 -14.23
C TRP N 275 -21.83 -12.06 -15.42
N ALA N 276 -22.69 -12.10 -16.46
CA ALA N 276 -22.40 -11.34 -17.68
C ALA N 276 -22.43 -9.82 -17.45
N MET N 277 -23.44 -9.34 -16.73
CA MET N 277 -23.50 -7.91 -16.34
C MET N 277 -22.30 -7.45 -15.45
N MET N 278 -21.91 -8.23 -14.45
N MET N 278 -21.94 -8.24 -14.45
CA MET N 278 -20.68 -7.91 -13.64
CA MET N 278 -20.71 -7.99 -13.65
C MET N 278 -19.38 -7.92 -14.45
C MET N 278 -19.48 -7.86 -14.55
N SER N 279 -19.20 -8.91 -15.35
CA SER N 279 -18.11 -8.95 -16.33
C SER N 279 -18.09 -7.72 -17.25
N ILE N 280 -19.24 -7.40 -17.82
CA ILE N 280 -19.32 -6.23 -18.66
C ILE N 280 -18.98 -4.98 -17.87
N GLY N 281 -19.49 -4.86 -16.65
CA GLY N 281 -19.18 -3.65 -15.87
C GLY N 281 -17.69 -3.58 -15.52
N PHE N 282 -17.07 -4.72 -15.22
CA PHE N 282 -15.64 -4.69 -14.94
C PHE N 282 -14.82 -4.38 -16.21
N LEU N 283 -15.13 -5.08 -17.31
CA LEU N 283 -14.35 -4.94 -18.56
C LEU N 283 -14.50 -3.50 -19.05
N GLY N 284 -15.64 -2.91 -18.74
CA GLY N 284 -15.89 -1.58 -19.23
C GLY N 284 -15.01 -0.49 -18.65
N PHE N 285 -14.22 -0.82 -17.65
CA PHE N 285 -13.29 0.16 -17.07
C PHE N 285 -11.88 -0.01 -17.65
N ILE N 286 -11.62 -1.00 -18.50
CA ILE N 286 -10.25 -1.21 -18.87
C ILE N 286 -10.00 -1.10 -20.37
N VAL N 287 -10.91 -0.38 -21.08
CA VAL N 287 -10.93 -0.39 -22.56
C VAL N 287 -10.95 1.04 -23.12
N TRP N 288 -11.01 2.08 -22.26
CA TRP N 288 -11.35 3.44 -22.72
C TRP N 288 -10.58 3.95 -23.91
N ALA N 289 -9.32 3.52 -24.06
CA ALA N 289 -8.49 4.10 -25.12
C ALA N 289 -8.78 3.58 -26.54
N HIS N 290 -9.77 2.68 -26.71
CA HIS N 290 -10.28 2.44 -28.06
C HIS N 290 -10.92 3.65 -28.60
N HIS N 291 -11.14 4.68 -27.76
CA HIS N 291 -11.62 5.97 -28.30
C HIS N 291 -10.47 6.86 -28.73
N MET N 292 -9.25 6.32 -28.72
CA MET N 292 -8.08 7.19 -28.90
C MET N 292 -7.11 6.50 -29.85
N PHE N 293 -7.63 5.65 -30.74
CA PHE N 293 -6.68 4.88 -31.49
C PHE N 293 -5.87 5.72 -32.55
N THR N 294 -6.23 6.99 -32.81
CA THR N 294 -5.46 7.77 -33.84
C THR N 294 -4.66 8.94 -33.21
N VAL N 295 -4.46 8.91 -31.90
CA VAL N 295 -3.87 10.08 -31.19
C VAL N 295 -2.35 9.88 -31.09
N GLY N 296 -1.89 8.71 -31.51
CA GLY N 296 -0.43 8.46 -31.52
C GLY N 296 0.12 7.69 -30.29
N MET N 297 -0.64 6.71 -29.82
CA MET N 297 -0.24 5.85 -28.70
C MET N 297 0.70 4.78 -29.24
N ASP N 298 1.54 4.20 -28.35
CA ASP N 298 2.50 3.16 -28.78
C ASP N 298 1.75 1.91 -29.29
N VAL N 299 2.38 1.12 -30.14
CA VAL N 299 1.70 -0.01 -30.77
C VAL N 299 1.22 -1.09 -29.72
N ASP N 300 2.02 -1.36 -28.69
CA ASP N 300 1.65 -2.37 -27.67
C ASP N 300 0.41 -1.94 -26.87
N THR N 301 0.33 -0.66 -26.55
CA THR N 301 -0.86 -0.14 -25.89
C THR N 301 -2.11 -0.34 -26.84
N ARG N 302 -1.97 0.04 -28.12
CA ARG N 302 -3.04 -0.15 -29.10
C ARG N 302 -3.41 -1.62 -29.22
N ALA N 303 -2.41 -2.52 -29.16
CA ALA N 303 -2.68 -3.97 -29.20
C ALA N 303 -3.44 -4.46 -27.94
N TYR N 304 -3.06 -3.95 -26.76
CA TYR N 304 -3.78 -4.29 -25.53
C TYR N 304 -5.27 -3.84 -25.67
N PHE N 305 -5.48 -2.59 -26.09
CA PHE N 305 -6.83 -2.06 -26.04
C PHE N 305 -7.76 -2.72 -27.04
N THR N 306 -7.25 -3.08 -28.23
CA THR N 306 -8.00 -3.90 -29.23
C THR N 306 -8.45 -5.18 -28.56
N SER N 307 -7.49 -5.83 -27.87
CA SER N 307 -7.74 -7.19 -27.28
C SER N 307 -8.72 -7.18 -26.11
N ALA N 308 -8.49 -6.30 -25.14
CA ALA N 308 -9.38 -6.16 -24.02
C ALA N 308 -10.81 -5.79 -24.49
N THR N 309 -10.93 -4.91 -25.51
CA THR N 309 -12.26 -4.47 -25.98
C THR N 309 -13.09 -5.63 -26.53
N MET N 310 -12.42 -6.43 -27.35
CA MET N 310 -13.05 -7.61 -27.91
C MET N 310 -13.60 -8.56 -26.90
N ILE N 311 -12.86 -8.81 -25.84
CA ILE N 311 -13.35 -9.74 -24.82
C ILE N 311 -14.78 -9.44 -24.39
N ILE N 312 -15.22 -8.17 -24.40
CA ILE N 312 -16.52 -7.86 -23.85
C ILE N 312 -17.68 -8.55 -24.64
N ALA N 313 -17.42 -8.91 -25.90
CA ALA N 313 -18.30 -9.75 -26.76
C ALA N 313 -18.72 -11.05 -26.08
N ILE N 314 -17.81 -11.63 -25.28
CA ILE N 314 -18.10 -12.94 -24.62
C ILE N 314 -19.24 -12.86 -23.59
N PRO N 315 -19.11 -12.03 -22.54
CA PRO N 315 -20.25 -12.00 -21.67
C PRO N 315 -21.49 -11.39 -22.34
N THR N 316 -21.33 -10.44 -23.27
CA THR N 316 -22.49 -9.88 -23.94
C THR N 316 -23.23 -10.99 -24.77
N GLY N 317 -22.45 -11.86 -25.42
CA GLY N 317 -23.04 -12.93 -26.24
C GLY N 317 -23.83 -13.90 -25.33
N VAL N 318 -23.33 -14.12 -24.13
CA VAL N 318 -24.03 -15.01 -23.18
C VAL N 318 -25.42 -14.40 -22.89
N LYS N 319 -25.50 -13.08 -22.74
CA LYS N 319 -26.80 -12.46 -22.51
C LYS N 319 -27.70 -12.63 -23.73
N VAL N 320 -27.20 -12.33 -24.93
CA VAL N 320 -27.99 -12.48 -26.16
C VAL N 320 -28.51 -13.93 -26.32
N PHE N 321 -27.63 -14.91 -26.18
CA PHE N 321 -28.01 -16.29 -26.32
C PHE N 321 -28.97 -16.73 -25.19
N SER N 322 -28.84 -16.15 -24.00
CA SER N 322 -29.82 -16.46 -22.91
C SER N 322 -31.19 -15.84 -23.14
N TRP N 323 -31.24 -14.64 -23.76
CA TRP N 323 -32.53 -14.18 -24.23
C TRP N 323 -33.20 -15.16 -25.25
N LEU N 324 -32.45 -15.63 -26.24
CA LEU N 324 -32.93 -16.58 -27.21
C LEU N 324 -33.47 -17.79 -26.48
N ALA N 325 -32.68 -18.32 -25.54
CA ALA N 325 -33.10 -19.53 -24.75
C ALA N 325 -34.31 -19.33 -23.83
N THR N 326 -34.63 -18.06 -23.51
CA THR N 326 -35.78 -17.74 -22.68
C THR N 326 -36.96 -17.79 -23.59
N LEU N 327 -36.80 -17.25 -24.81
CA LEU N 327 -37.85 -17.36 -25.82
C LEU N 327 -38.15 -18.85 -26.13
N HIS N 328 -37.12 -19.65 -26.11
CA HIS N 328 -37.28 -21.06 -26.52
C HIS N 328 -38.30 -21.80 -25.66
N GLY N 329 -39.30 -22.42 -26.28
CA GLY N 329 -40.31 -23.18 -25.57
C GLY N 329 -41.38 -22.30 -24.94
N GLY N 330 -41.29 -21.01 -25.25
CA GLY N 330 -42.27 -20.07 -24.71
C GLY N 330 -43.67 -20.19 -25.35
N ASN N 331 -44.68 -19.78 -24.59
CA ASN N 331 -45.98 -19.47 -25.11
C ASN N 331 -45.91 -17.99 -25.42
N ILE N 332 -45.67 -17.66 -26.69
CA ILE N 332 -45.17 -16.34 -27.07
C ILE N 332 -46.35 -15.43 -27.13
N LYS N 333 -46.32 -14.30 -26.46
CA LYS N 333 -47.42 -13.35 -26.62
C LYS N 333 -46.81 -12.14 -27.39
N TRP N 334 -47.37 -11.88 -28.56
CA TRP N 334 -46.95 -10.81 -29.41
C TRP N 334 -47.45 -9.41 -29.01
N SER N 335 -47.20 -9.04 -27.77
CA SER N 335 -47.55 -7.70 -27.29
C SER N 335 -46.55 -6.73 -27.91
N PRO N 336 -46.90 -5.45 -27.87
CA PRO N 336 -45.99 -4.43 -28.39
C PRO N 336 -44.65 -4.40 -27.65
N ALA N 337 -44.69 -4.54 -26.33
CA ALA N 337 -43.41 -4.55 -25.55
C ALA N 337 -42.53 -5.73 -26.03
N MET N 338 -43.13 -6.91 -26.31
CA MET N 338 -42.36 -8.07 -26.82
C MET N 338 -41.72 -7.70 -28.16
N MET N 339 -42.50 -7.01 -29.01
CA MET N 339 -41.90 -6.54 -30.29
C MET N 339 -40.69 -5.60 -30.07
N TRP N 340 -40.75 -4.64 -29.14
CA TRP N 340 -39.57 -3.79 -28.89
C TRP N 340 -38.41 -4.63 -28.46
N ALA N 341 -38.67 -5.64 -27.63
CA ALA N 341 -37.59 -6.46 -27.07
C ALA N 341 -36.93 -7.29 -28.16
N LEU N 342 -37.75 -7.80 -29.07
CA LEU N 342 -37.19 -8.65 -30.12
C LEU N 342 -36.38 -7.75 -31.06
N GLY N 343 -36.93 -6.56 -31.36
CA GLY N 343 -36.19 -5.60 -32.22
C GLY N 343 -34.86 -5.26 -31.50
N PHE N 344 -34.92 -5.12 -30.18
CA PHE N 344 -33.71 -4.81 -29.36
C PHE N 344 -32.67 -5.92 -29.57
N ILE N 345 -33.07 -7.19 -29.38
CA ILE N 345 -32.12 -8.26 -29.39
C ILE N 345 -31.30 -8.23 -30.68
N PHE N 346 -32.00 -8.18 -31.81
CA PHE N 346 -31.29 -8.23 -33.11
C PHE N 346 -30.53 -6.95 -33.46
N LEU N 347 -31.18 -5.79 -33.28
CA LEU N 347 -30.55 -4.49 -33.62
C LEU N 347 -29.36 -4.14 -32.72
N PHE N 348 -29.51 -4.40 -31.43
CA PHE N 348 -28.40 -4.25 -30.49
C PHE N 348 -27.25 -5.22 -30.92
N THR N 349 -27.58 -6.43 -31.34
CA THR N 349 -26.50 -7.35 -31.75
C THR N 349 -25.77 -6.78 -32.98
N VAL N 350 -26.55 -6.29 -33.96
CA VAL N 350 -25.89 -5.62 -35.13
C VAL N 350 -24.91 -4.49 -34.63
N GLY N 351 -25.37 -3.59 -33.78
CA GLY N 351 -24.54 -2.50 -33.34
C GLY N 351 -23.33 -2.99 -32.50
N GLY N 352 -23.49 -4.04 -31.70
CA GLY N 352 -22.41 -4.54 -30.92
C GLY N 352 -21.37 -5.07 -31.90
N LEU N 353 -21.85 -5.72 -32.96
CA LEU N 353 -20.93 -6.31 -33.92
C LEU N 353 -20.13 -5.25 -34.65
N THR N 354 -20.76 -4.12 -34.96
CA THR N 354 -19.94 -3.12 -35.59
C THR N 354 -18.97 -2.48 -34.56
N GLY N 355 -19.27 -2.56 -33.26
CA GLY N 355 -18.33 -2.08 -32.22
C GLY N 355 -17.07 -2.96 -32.24
N ILE N 356 -17.24 -4.26 -32.44
CA ILE N 356 -16.16 -5.19 -32.60
C ILE N 356 -15.27 -4.94 -33.85
N VAL N 357 -15.87 -4.49 -34.92
CA VAL N 357 -15.12 -4.06 -36.11
C VAL N 357 -14.21 -2.86 -35.69
N LEU N 358 -14.85 -1.89 -35.03
CA LEU N 358 -14.15 -0.69 -34.56
C LEU N 358 -13.07 -0.95 -33.52
N ALA N 359 -13.16 -2.08 -32.81
CA ALA N 359 -12.22 -2.47 -31.76
C ALA N 359 -10.83 -2.77 -32.34
N ASN N 360 -10.78 -3.11 -33.63
CA ASN N 360 -9.48 -3.35 -34.26
C ASN N 360 -8.78 -2.05 -34.55
N SER N 361 -7.74 -1.71 -33.77
CA SER N 361 -7.05 -0.41 -33.90
C SER N 361 -6.50 -0.17 -35.30
N SER N 362 -6.14 -1.21 -36.05
CA SER N 362 -5.67 -1.00 -37.43
C SER N 362 -6.83 -0.52 -38.33
N LEU N 363 -7.99 -1.19 -38.27
CA LEU N 363 -9.07 -0.84 -39.17
C LEU N 363 -9.63 0.47 -38.68
N ASP N 364 -9.58 0.68 -37.37
CA ASP N 364 -10.12 1.92 -36.81
C ASP N 364 -9.37 3.18 -37.30
N ILE N 365 -8.14 3.03 -37.80
CA ILE N 365 -7.47 4.22 -38.40
C ILE N 365 -8.42 4.85 -39.44
N VAL N 366 -8.97 4.00 -40.27
CA VAL N 366 -9.78 4.46 -41.37
C VAL N 366 -11.20 4.75 -40.96
N LEU N 367 -11.71 4.08 -39.91
CA LEU N 367 -13.13 4.27 -39.50
C LEU N 367 -13.31 5.37 -38.47
N HIS N 368 -12.24 5.69 -37.74
CA HIS N 368 -12.34 6.67 -36.66
C HIS N 368 -12.77 8.00 -37.16
N ASP N 369 -13.63 8.66 -36.40
CA ASP N 369 -14.13 10.00 -36.75
C ASP N 369 -14.78 10.04 -38.14
N THR N 370 -15.40 8.90 -38.50
CA THR N 370 -16.30 8.85 -39.65
C THR N 370 -17.67 8.39 -39.24
N TYR N 371 -18.60 8.43 -40.21
CA TYR N 371 -19.99 7.97 -39.95
C TYR N 371 -20.12 6.45 -39.64
N TYR N 372 -19.08 5.63 -39.84
CA TYR N 372 -19.18 4.24 -39.37
C TYR N 372 -19.35 4.24 -37.83
N VAL N 373 -18.60 5.09 -37.12
CA VAL N 373 -18.74 5.16 -35.66
C VAL N 373 -20.18 5.57 -35.32
N VAL N 374 -20.68 6.60 -36.01
CA VAL N 374 -22.04 7.11 -35.84
C VAL N 374 -23.14 6.05 -36.04
N ALA N 375 -22.91 5.17 -37.04
CA ALA N 375 -23.76 4.01 -37.29
C ALA N 375 -23.70 2.99 -36.11
N HIS N 376 -22.48 2.62 -35.68
CA HIS N 376 -22.26 1.69 -34.56
C HIS N 376 -23.07 2.20 -33.41
N PHE N 377 -22.92 3.47 -33.05
CA PHE N 377 -23.47 3.85 -31.75
C PHE N 377 -24.95 4.18 -31.77
N HIS N 378 -25.52 4.49 -32.95
CA HIS N 378 -26.94 4.71 -32.97
C HIS N 378 -27.68 3.40 -33.04
N TYR N 379 -27.05 2.34 -33.56
CA TYR N 379 -27.66 1.01 -33.43
C TYR N 379 -27.85 0.62 -31.96
N VAL N 380 -26.82 0.77 -31.13
CA VAL N 380 -26.90 0.35 -29.70
C VAL N 380 -27.64 1.38 -28.85
N LEU N 381 -27.68 2.66 -29.25
CA LEU N 381 -28.39 3.72 -28.42
C LEU N 381 -29.81 4.03 -28.97
N SER N 382 -29.91 4.37 -30.24
CA SER N 382 -31.18 4.72 -30.76
C SER N 382 -32.01 3.50 -31.13
N MET N 383 -31.40 2.34 -31.16
N MET N 383 -31.40 2.32 -31.13
CA MET N 383 -32.21 1.16 -31.26
CA MET N 383 -32.12 1.07 -31.33
C MET N 383 -32.14 0.45 -29.91
C MET N 383 -31.84 0.00 -30.26
N GLY N 384 -30.93 0.05 -29.48
N GLY N 384 -30.86 0.26 -29.37
CA GLY N 384 -30.77 -0.64 -28.20
CA GLY N 384 -30.70 -0.61 -28.20
C GLY N 384 -31.48 0.14 -27.09
C GLY N 384 -31.37 0.04 -26.98
N ALA N 385 -30.83 1.17 -26.56
CA ALA N 385 -31.29 1.80 -25.31
C ALA N 385 -32.75 2.28 -25.52
N VAL N 386 -33.02 2.85 -26.67
CA VAL N 386 -34.30 3.42 -26.95
C VAL N 386 -35.40 2.31 -27.07
N PHE N 387 -35.10 1.19 -27.75
CA PHE N 387 -36.10 0.11 -27.84
C PHE N 387 -36.35 -0.50 -26.45
N ALA N 388 -35.33 -0.54 -25.63
CA ALA N 388 -35.52 -1.10 -24.30
C ALA N 388 -36.36 -0.15 -23.45
N ILE N 389 -36.16 1.16 -23.58
CA ILE N 389 -36.97 2.15 -22.86
C ILE N 389 -38.46 2.10 -23.40
N MET N 390 -38.65 1.92 -24.71
CA MET N 390 -40.07 1.90 -25.25
C MET N 390 -40.75 0.56 -24.83
N GLY N 391 -40.04 -0.54 -24.96
CA GLY N 391 -40.53 -1.82 -24.41
C GLY N 391 -40.90 -1.70 -22.94
N GLY N 392 -40.01 -1.19 -22.05
CA GLY N 392 -40.39 -1.13 -20.64
C GLY N 392 -41.56 -0.16 -20.46
N PHE N 393 -41.60 0.91 -21.26
CA PHE N 393 -42.62 1.92 -21.08
C PHE N 393 -43.97 1.32 -21.41
N VAL N 394 -44.09 0.61 -22.52
CA VAL N 394 -45.44 0.08 -22.81
C VAL N 394 -45.76 -1.10 -21.85
N HIS N 395 -44.72 -1.84 -21.40
CA HIS N 395 -44.99 -2.98 -20.50
C HIS N 395 -45.48 -2.53 -19.12
N TRP N 396 -44.91 -1.45 -18.57
CA TRP N 396 -45.22 -1.04 -17.21
C TRP N 396 -46.11 0.15 -17.08
N PHE N 397 -46.35 0.85 -18.18
CA PHE N 397 -47.38 1.95 -18.20
C PHE N 397 -48.68 1.60 -17.44
N PRO N 398 -49.25 0.39 -17.64
CA PRO N 398 -50.45 0.11 -16.83
C PRO N 398 -50.20 0.04 -15.29
N LEU N 399 -49.02 -0.42 -14.88
CA LEU N 399 -48.68 -0.47 -13.48
C LEU N 399 -48.63 0.93 -12.96
N PHE N 400 -47.83 1.78 -13.61
CA PHE N 400 -47.65 3.14 -13.12
C PHE N 400 -48.96 4.03 -13.12
N SER N 401 -49.83 3.83 -14.12
CA SER N 401 -51.01 4.73 -14.34
C SER N 401 -52.35 4.15 -13.94
N GLY N 402 -52.43 2.80 -13.93
CA GLY N 402 -53.67 2.08 -13.73
C GLY N 402 -54.49 1.89 -15.02
N TYR N 403 -54.02 2.42 -16.16
CA TYR N 403 -54.79 2.38 -17.47
C TYR N 403 -54.04 1.59 -18.52
N THR N 404 -54.78 0.92 -19.43
CA THR N 404 -54.11 0.18 -20.47
C THR N 404 -53.98 1.05 -21.69
N LEU N 405 -53.05 0.68 -22.54
CA LEU N 405 -52.80 1.36 -23.82
C LEU N 405 -53.60 0.60 -24.88
N ASN N 406 -53.74 1.21 -26.06
CA ASN N 406 -54.36 0.52 -27.15
C ASN N 406 -53.21 -0.28 -27.78
N ASP N 407 -53.26 -1.59 -27.67
CA ASP N 407 -52.18 -2.39 -28.21
C ASP N 407 -51.90 -2.24 -29.69
N THR N 408 -52.96 -2.11 -30.49
CA THR N 408 -52.81 -1.99 -31.92
C THR N 408 -52.03 -0.72 -32.25
N TRP N 409 -52.41 0.41 -31.64
CA TRP N 409 -51.66 1.65 -31.85
C TRP N 409 -50.21 1.47 -31.42
N ALA N 410 -49.95 0.73 -30.31
CA ALA N 410 -48.57 0.57 -29.82
C ALA N 410 -47.80 -0.22 -30.87
N LYS N 411 -48.49 -1.13 -31.59
CA LYS N 411 -47.78 -1.96 -32.59
C LYS N 411 -47.49 -1.16 -33.85
N ILE N 412 -48.45 -0.33 -34.24
CA ILE N 412 -48.26 0.65 -35.34
C ILE N 412 -47.05 1.52 -35.03
N HIS N 413 -46.99 2.09 -33.84
CA HIS N 413 -45.83 2.90 -33.39
C HIS N 413 -44.51 2.18 -33.57
N PHE N 414 -44.45 0.91 -33.10
CA PHE N 414 -43.24 0.16 -33.17
C PHE N 414 -42.86 0.02 -34.64
N ALA N 415 -43.81 -0.28 -35.52
CA ALA N 415 -43.46 -0.57 -36.92
C ALA N 415 -42.88 0.71 -37.60
N ILE N 416 -43.47 1.87 -37.30
CA ILE N 416 -42.98 3.15 -37.90
C ILE N 416 -41.55 3.44 -37.35
N MET N 417 -41.37 3.21 -36.06
CA MET N 417 -40.07 3.51 -35.46
C MET N 417 -39.06 2.53 -36.08
N PHE N 418 -39.44 1.25 -36.18
CA PHE N 418 -38.51 0.31 -36.75
C PHE N 418 -38.00 0.77 -38.14
N VAL N 419 -38.92 1.22 -38.98
CA VAL N 419 -38.52 1.65 -40.32
C VAL N 419 -37.64 2.89 -40.30
N GLY N 420 -38.04 3.87 -39.51
CA GLY N 420 -37.31 5.15 -39.53
C GLY N 420 -35.90 4.99 -39.01
N VAL N 421 -35.72 4.26 -37.90
CA VAL N 421 -34.37 4.15 -37.34
C VAL N 421 -33.47 3.35 -38.30
N ASN N 422 -34.03 2.33 -38.96
CA ASN N 422 -33.17 1.58 -39.87
C ASN N 422 -32.80 2.39 -41.14
N MET N 423 -33.77 3.16 -41.63
CA MET N 423 -33.55 3.96 -42.77
C MET N 423 -32.56 5.07 -42.42
N THR N 424 -32.68 5.61 -41.23
CA THR N 424 -31.82 6.65 -40.83
C THR N 424 -30.37 6.12 -40.78
N PHE N 425 -30.13 4.97 -40.15
CA PHE N 425 -28.76 4.69 -39.70
C PHE N 425 -28.06 3.68 -40.53
N PHE N 426 -28.83 2.74 -41.08
CA PHE N 426 -28.19 1.76 -41.95
C PHE N 426 -27.31 2.39 -43.07
N PRO N 427 -27.82 3.36 -43.86
CA PRO N 427 -26.87 3.92 -44.89
C PRO N 427 -25.58 4.57 -44.27
N GLN N 428 -25.64 4.91 -42.98
CA GLN N 428 -24.46 5.65 -42.45
C GLN N 428 -23.24 4.75 -42.42
N HIS N 429 -23.39 3.41 -42.41
CA HIS N 429 -22.24 2.50 -42.57
C HIS N 429 -21.50 2.78 -43.89
N PHE N 430 -22.28 3.00 -44.95
CA PHE N 430 -21.71 3.27 -46.30
C PHE N 430 -20.95 4.59 -46.29
N LEU N 431 -21.56 5.64 -45.73
CA LEU N 431 -20.92 6.94 -45.57
C LEU N 431 -19.57 6.82 -44.84
N GLY N 432 -19.58 6.03 -43.78
CA GLY N 432 -18.39 5.74 -43.00
C GLY N 432 -17.29 5.02 -43.76
N LEU N 433 -17.61 3.86 -44.34
CA LEU N 433 -16.62 3.12 -45.12
C LEU N 433 -16.00 4.05 -46.20
N SER N 434 -16.84 4.80 -46.90
CA SER N 434 -16.37 5.65 -48.04
C SER N 434 -15.80 6.99 -47.54
N GLY N 435 -15.73 7.12 -46.20
CA GLY N 435 -14.89 8.09 -45.50
C GLY N 435 -15.51 9.45 -45.20
N MET N 436 -16.83 9.54 -45.10
CA MET N 436 -17.45 10.83 -44.71
C MET N 436 -17.08 11.11 -43.25
N PRO N 437 -16.44 12.28 -42.93
CA PRO N 437 -16.16 12.50 -41.50
C PRO N 437 -17.42 12.85 -40.65
N ARG N 438 -17.26 12.71 -39.30
CA ARG N 438 -18.23 13.13 -38.28
C ARG N 438 -18.16 14.65 -38.09
N ARG N 439 -19.28 15.24 -37.66
CA ARG N 439 -19.28 16.64 -37.20
C ARG N 439 -19.17 17.66 -38.35
N TYR N 440 -19.57 17.22 -39.54
CA TYR N 440 -19.55 18.01 -40.76
C TYR N 440 -20.93 18.54 -41.08
N SER N 441 -21.03 19.85 -41.29
CA SER N 441 -22.29 20.45 -41.78
C SER N 441 -22.56 20.32 -43.28
N ASP N 442 -21.55 19.85 -44.01
CA ASP N 442 -21.70 19.61 -45.45
C ASP N 442 -20.67 18.62 -45.90
N TYR N 443 -20.89 18.03 -47.08
CA TYR N 443 -20.09 16.89 -47.53
C TYR N 443 -19.78 16.99 -49.01
N PRO N 444 -18.65 16.41 -49.41
CA PRO N 444 -18.48 16.28 -50.86
C PRO N 444 -19.68 15.63 -51.55
N ASP N 445 -19.87 16.03 -52.79
CA ASP N 445 -21.02 15.70 -53.62
C ASP N 445 -21.24 14.21 -53.70
N ALA N 446 -20.16 13.43 -53.73
CA ALA N 446 -20.33 11.98 -53.83
C ALA N 446 -21.27 11.38 -52.69
N TYR N 447 -21.33 12.01 -51.52
CA TYR N 447 -22.04 11.42 -50.37
C TYR N 447 -23.55 11.80 -50.35
N THR N 448 -24.03 12.43 -51.40
CA THR N 448 -25.41 12.93 -51.45
C THR N 448 -26.54 11.89 -51.28
N MET N 449 -26.48 10.79 -52.04
CA MET N 449 -27.54 9.81 -51.95
C MET N 449 -27.81 9.30 -50.53
N TRP N 450 -26.81 8.71 -49.88
CA TRP N 450 -26.98 8.17 -48.53
C TRP N 450 -27.38 9.21 -47.51
N ASN N 451 -26.80 10.42 -47.62
CA ASN N 451 -27.21 11.52 -46.74
C ASN N 451 -28.73 11.87 -46.94
N THR N 452 -29.19 11.75 -48.20
CA THR N 452 -30.58 12.08 -48.53
C THR N 452 -31.48 11.04 -47.89
N ILE N 453 -31.17 9.75 -48.12
CA ILE N 453 -31.96 8.66 -47.55
C ILE N 453 -31.97 8.69 -46.01
N SER N 454 -30.78 8.87 -45.42
CA SER N 454 -30.69 8.94 -43.95
C SER N 454 -31.55 10.06 -43.38
N SER N 455 -31.50 11.27 -43.96
CA SER N 455 -32.44 12.37 -43.51
C SER N 455 -33.94 12.05 -43.66
N MET N 456 -34.31 11.37 -44.74
CA MET N 456 -35.73 10.96 -44.90
C MET N 456 -36.12 9.94 -43.80
N GLY N 457 -35.22 9.01 -43.45
CA GLY N 457 -35.46 8.08 -42.33
C GLY N 457 -35.77 8.87 -41.03
N SER N 458 -35.06 9.98 -40.81
CA SER N 458 -35.19 10.72 -39.53
C SER N 458 -36.61 11.37 -39.40
N PHE N 459 -37.18 11.82 -40.52
CA PHE N 459 -38.57 12.24 -40.59
C PHE N 459 -39.59 11.09 -40.28
N ILE N 460 -39.31 9.87 -40.74
CA ILE N 460 -40.13 8.76 -40.30
C ILE N 460 -40.12 8.51 -38.76
N SER N 461 -38.98 8.65 -38.10
CA SER N 461 -38.91 8.51 -36.63
C SER N 461 -39.62 9.66 -35.96
N LEU N 462 -39.52 10.86 -36.52
CA LEU N 462 -40.38 11.94 -36.03
C LEU N 462 -41.86 11.54 -36.00
N THR N 463 -42.37 10.94 -37.08
CA THR N 463 -43.82 10.59 -37.13
C THR N 463 -44.09 9.57 -36.00
N ALA N 464 -43.18 8.60 -35.80
CA ALA N 464 -43.39 7.71 -34.63
C ALA N 464 -43.44 8.42 -33.27
N VAL N 465 -42.62 9.44 -33.05
CA VAL N 465 -42.57 10.12 -31.76
C VAL N 465 -43.88 10.89 -31.55
N MET N 466 -44.32 11.57 -32.59
CA MET N 466 -45.61 12.25 -32.55
C MET N 466 -46.70 11.26 -32.22
N LEU N 467 -46.65 10.10 -32.87
CA LEU N 467 -47.68 9.05 -32.65
C LEU N 467 -47.68 8.60 -31.18
N MET N 468 -46.50 8.49 -30.60
CA MET N 468 -46.42 8.02 -29.24
C MET N 468 -47.11 8.99 -28.32
N VAL N 469 -46.92 10.28 -28.52
CA VAL N 469 -47.60 11.23 -27.64
C VAL N 469 -49.14 11.01 -27.77
N PHE N 470 -49.64 10.79 -28.99
CA PHE N 470 -51.13 10.60 -29.15
C PHE N 470 -51.61 9.32 -28.38
N ILE N 471 -50.77 8.28 -28.42
CA ILE N 471 -51.06 6.98 -27.82
C ILE N 471 -51.23 7.12 -26.28
N ILE N 472 -50.31 7.87 -25.71
CA ILE N 472 -50.33 8.14 -24.31
C ILE N 472 -51.63 8.93 -23.98
N TRP N 473 -51.91 9.98 -24.74
CA TRP N 473 -53.17 10.71 -24.61
C TRP N 473 -54.36 9.78 -24.70
N GLU N 474 -54.38 8.89 -25.70
CA GLU N 474 -55.61 8.04 -25.89
C GLU N 474 -55.86 7.15 -24.65
N ALA N 475 -54.77 6.71 -24.02
CA ALA N 475 -54.95 5.81 -22.84
C ALA N 475 -55.53 6.60 -21.70
N PHE N 476 -54.96 7.79 -21.49
CA PHE N 476 -55.46 8.60 -20.37
C PHE N 476 -56.84 9.12 -20.70
N ALA N 477 -57.13 9.33 -21.99
CA ALA N 477 -58.43 9.89 -22.44
C ALA N 477 -59.53 8.84 -22.28
N SER N 478 -59.24 7.58 -22.65
CA SER N 478 -60.20 6.47 -22.59
C SER N 478 -60.45 5.91 -21.18
N LYS N 479 -59.43 5.89 -20.30
CA LYS N 479 -59.54 5.33 -18.90
C LYS N 479 -60.07 3.88 -18.76
N ARG N 480 -59.36 2.94 -19.38
CA ARG N 480 -59.61 1.55 -19.24
C ARG N 480 -58.80 1.09 -18.06
N GLU N 481 -59.44 0.87 -16.90
CA GLU N 481 -58.70 0.52 -15.68
C GLU N 481 -58.36 -0.98 -15.66
N VAL N 482 -57.12 -1.29 -15.25
CA VAL N 482 -56.61 -2.68 -15.23
C VAL N 482 -57.47 -3.54 -14.29
N LEU N 483 -57.73 -4.77 -14.69
CA LEU N 483 -58.41 -5.73 -13.81
C LEU N 483 -57.38 -6.74 -13.36
N THR N 484 -57.05 -7.63 -14.31
CA THR N 484 -56.16 -8.76 -14.05
C THR N 484 -54.81 -8.64 -14.76
N VAL N 485 -53.75 -9.09 -14.12
CA VAL N 485 -52.43 -9.19 -14.74
C VAL N 485 -51.99 -10.61 -14.50
N ASP N 486 -51.48 -11.28 -15.52
CA ASP N 486 -51.02 -12.66 -15.34
C ASP N 486 -49.53 -12.62 -14.82
N LEU N 487 -49.05 -13.77 -14.31
CA LEU N 487 -47.64 -14.00 -13.80
C LEU N 487 -47.23 -13.14 -12.61
N THR N 488 -48.16 -12.77 -11.75
CA THR N 488 -47.75 -11.96 -10.63
C THR N 488 -46.91 -12.77 -9.67
N THR N 489 -47.04 -14.11 -9.70
CA THR N 489 -46.23 -14.95 -8.80
C THR N 489 -44.69 -14.70 -9.03
N THR N 490 -44.29 -14.21 -10.20
CA THR N 490 -42.87 -13.96 -10.52
C THR N 490 -42.63 -12.53 -10.96
N ASN N 491 -43.54 -11.63 -10.59
CA ASN N 491 -43.42 -10.23 -11.00
C ASN N 491 -44.03 -9.39 -9.88
N LEU N 492 -43.30 -9.33 -8.80
CA LEU N 492 -43.76 -8.80 -7.50
C LEU N 492 -44.23 -7.36 -7.67
N GLU N 493 -43.63 -6.63 -8.62
CA GLU N 493 -44.02 -5.22 -8.72
C GLU N 493 -45.55 -5.02 -9.06
N TRP N 494 -46.19 -6.04 -9.63
CA TRP N 494 -47.67 -5.90 -9.93
C TRP N 494 -48.57 -6.26 -8.79
N LEU N 495 -48.02 -6.80 -7.72
CA LEU N 495 -48.90 -7.45 -6.76
C LEU N 495 -49.67 -6.50 -5.83
N ASN N 496 -49.32 -5.24 -5.89
CA ASN N 496 -50.12 -4.26 -5.15
C ASN N 496 -51.17 -3.52 -5.97
N GLY N 497 -51.43 -3.98 -7.23
CA GLY N 497 -52.54 -3.44 -8.07
C GLY N 497 -51.97 -2.28 -8.85
N CYS N 498 -52.80 -1.67 -9.68
CA CYS N 498 -52.36 -0.60 -10.57
C CYS N 498 -53.26 0.61 -10.49
N PRO N 499 -52.70 1.80 -10.19
CA PRO N 499 -51.36 1.94 -9.70
C PRO N 499 -51.29 1.43 -8.26
N PRO N 500 -50.06 1.07 -7.75
CA PRO N 500 -49.97 0.67 -6.36
C PRO N 500 -50.21 1.86 -5.46
N PRO N 501 -50.69 1.63 -4.22
CA PRO N 501 -50.93 2.79 -3.35
C PRO N 501 -49.62 3.56 -3.05
N TYR N 502 -49.76 4.80 -2.62
CA TYR N 502 -48.67 5.65 -2.29
C TYR N 502 -47.62 4.92 -1.43
N HIS N 503 -48.10 4.29 -0.33
CA HIS N 503 -47.25 3.47 0.57
C HIS N 503 -47.51 2.04 0.28
N THR N 504 -46.46 1.36 -0.20
CA THR N 504 -46.54 -0.07 -0.34
C THR N 504 -45.59 -0.74 0.59
N PHE N 505 -45.87 -2.01 0.87
CA PHE N 505 -45.07 -2.81 1.81
C PHE N 505 -44.88 -2.16 3.23
N GLU N 506 -45.87 -1.37 3.64
CA GLU N 506 -45.93 -0.96 5.05
C GLU N 506 -45.81 -2.11 6.04
N GLU N 507 -46.56 -3.17 5.71
CA GLU N 507 -46.31 -4.44 6.27
C GLU N 507 -45.42 -5.17 5.24
N PRO N 508 -44.20 -5.56 5.63
CA PRO N 508 -43.32 -6.15 4.61
C PRO N 508 -43.74 -7.54 4.23
N THR N 509 -43.13 -8.06 3.16
CA THR N 509 -43.48 -9.40 2.72
C THR N 509 -42.98 -10.39 3.75
N TYR N 510 -43.55 -11.59 3.75
CA TYR N 510 -43.11 -12.64 4.67
C TYR N 510 -42.30 -13.60 3.84
N VAL N 511 -41.01 -13.83 4.14
CA VAL N 511 -40.26 -14.84 3.38
C VAL N 511 -39.47 -15.75 4.34
N ASN N 512 -39.73 -17.06 4.30
CA ASN N 512 -39.09 -18.07 5.20
C ASN N 512 -37.67 -18.31 4.82
N LEU N 513 -36.86 -18.71 5.82
CA LEU N 513 -35.53 -19.24 5.54
C LEU N 513 -35.40 -20.73 5.27
N LYS N 514 -36.26 -21.56 5.85
CA LYS N 514 -36.39 -22.98 5.39
C LYS N 514 -35.25 -23.94 5.75
N ALA O 2 -14.08 9.25 -52.80
CA ALA O 2 -15.43 8.60 -52.83
C ALA O 2 -16.18 8.99 -54.13
N TYR O 3 -16.98 8.07 -54.67
CA TYR O 3 -17.84 8.35 -55.84
C TYR O 3 -19.30 8.14 -55.48
N PRO O 4 -20.25 8.65 -56.33
CA PRO O 4 -21.64 8.57 -55.90
C PRO O 4 -22.10 7.13 -55.69
N MET O 5 -22.98 6.93 -54.69
CA MET O 5 -23.55 5.60 -54.32
C MET O 5 -22.60 4.49 -53.83
N GLN O 6 -21.49 4.88 -53.23
CA GLN O 6 -20.49 3.94 -52.85
C GLN O 6 -20.90 3.22 -51.56
N LEU O 7 -20.65 1.91 -51.49
CA LEU O 7 -20.91 1.07 -50.32
C LEU O 7 -19.66 0.79 -49.40
N GLY O 8 -18.48 0.60 -49.98
CA GLY O 8 -17.33 0.17 -49.24
C GLY O 8 -16.23 1.21 -49.16
N PHE O 9 -15.01 0.72 -48.96
CA PHE O 9 -13.85 1.59 -48.85
C PHE O 9 -13.52 2.15 -50.20
N GLN O 10 -12.77 3.27 -50.22
CA GLN O 10 -12.23 3.76 -51.48
C GLN O 10 -11.20 2.75 -51.89
N ASP O 11 -10.93 2.63 -53.20
CA ASP O 11 -9.92 1.69 -53.69
C ASP O 11 -8.57 1.89 -52.96
N ALA O 12 -7.91 0.79 -52.59
CA ALA O 12 -6.55 0.90 -51.96
C ALA O 12 -5.49 1.45 -52.92
N THR O 13 -4.69 2.38 -52.40
CA THR O 13 -3.63 2.99 -53.12
C THR O 13 -2.28 2.62 -52.53
N SER O 14 -2.31 2.08 -51.32
CA SER O 14 -1.07 1.66 -50.62
C SER O 14 -1.18 0.18 -50.24
N PRO O 15 -0.04 -0.47 -50.03
CA PRO O 15 -0.14 -1.90 -49.70
C PRO O 15 -0.80 -2.14 -48.35
N ILE O 16 -0.72 -1.16 -47.47
CA ILE O 16 -1.39 -1.33 -46.19
C ILE O 16 -2.92 -1.18 -46.33
N MET O 17 -3.37 -0.23 -47.16
CA MET O 17 -4.81 -0.06 -47.34
C MET O 17 -5.41 -1.34 -47.97
N GLU O 18 -4.64 -2.02 -48.85
CA GLU O 18 -5.16 -3.28 -49.48
C GLU O 18 -5.38 -4.32 -48.40
N GLU O 19 -4.37 -4.40 -47.56
CA GLU O 19 -4.34 -5.27 -46.42
C GLU O 19 -5.55 -5.03 -45.52
N LEU O 20 -5.87 -3.75 -45.31
CA LEU O 20 -7.04 -3.38 -44.51
C LEU O 20 -8.35 -3.80 -45.17
N LEU O 21 -8.43 -3.68 -46.51
CA LEU O 21 -9.59 -4.19 -47.29
C LEU O 21 -9.82 -5.64 -47.03
N HIS O 22 -8.73 -6.43 -47.14
CA HIS O 22 -8.88 -7.89 -46.93
C HIS O 22 -9.24 -8.23 -45.50
N PHE O 23 -8.76 -7.42 -44.56
CA PHE O 23 -9.08 -7.67 -43.17
C PHE O 23 -10.56 -7.33 -42.90
N HIS O 24 -11.03 -6.23 -43.50
CA HIS O 24 -12.44 -5.89 -43.35
C HIS O 24 -13.33 -6.95 -43.91
N ASP O 25 -13.02 -7.43 -45.12
CA ASP O 25 -13.77 -8.54 -45.73
C ASP O 25 -13.85 -9.74 -44.74
N HIS O 26 -12.73 -10.09 -44.13
CA HIS O 26 -12.65 -11.21 -43.18
C HIS O 26 -13.56 -10.91 -41.98
N THR O 27 -13.48 -9.70 -41.43
CA THR O 27 -14.32 -9.35 -40.29
C THR O 27 -15.78 -9.24 -40.64
N LEU O 28 -16.11 -8.59 -41.78
CA LEU O 28 -17.51 -8.35 -42.17
C LEU O 28 -18.18 -9.68 -42.43
N MET O 29 -17.41 -10.64 -42.93
CA MET O 29 -17.93 -11.98 -43.20
C MET O 29 -18.44 -12.62 -41.90
N ILE O 30 -17.60 -12.53 -40.87
CA ILE O 30 -17.93 -12.96 -39.53
C ILE O 30 -19.14 -12.19 -38.93
N VAL O 31 -19.17 -10.87 -39.10
CA VAL O 31 -20.29 -10.05 -38.69
C VAL O 31 -21.65 -10.54 -39.34
N PHE O 32 -21.62 -10.85 -40.64
CA PHE O 32 -22.79 -11.41 -41.33
C PHE O 32 -23.22 -12.75 -40.82
N LEU O 33 -22.22 -13.62 -40.62
CA LEU O 33 -22.49 -14.94 -40.13
C LEU O 33 -23.20 -14.82 -38.74
N ILE O 34 -22.68 -14.01 -37.85
CA ILE O 34 -23.27 -13.96 -36.47
C ILE O 34 -24.66 -13.30 -36.47
N SER O 35 -24.80 -12.21 -37.22
CA SER O 35 -26.06 -11.47 -37.25
C SER O 35 -27.16 -12.30 -37.95
N SER O 36 -26.80 -13.05 -38.99
CA SER O 36 -27.80 -13.89 -39.64
C SER O 36 -28.08 -15.08 -38.72
N LEU O 37 -27.06 -15.59 -38.04
CA LEU O 37 -27.30 -16.68 -37.10
C LEU O 37 -28.27 -16.28 -35.93
N VAL O 38 -28.01 -15.13 -35.35
CA VAL O 38 -28.93 -14.59 -34.36
C VAL O 38 -30.37 -14.35 -34.93
N LEU O 39 -30.49 -13.78 -36.13
CA LEU O 39 -31.81 -13.53 -36.73
C LEU O 39 -32.54 -14.88 -36.99
N TYR O 40 -31.85 -15.85 -37.57
CA TYR O 40 -32.41 -17.19 -37.74
C TYR O 40 -32.86 -17.81 -36.44
N ILE O 41 -32.00 -17.84 -35.42
CA ILE O 41 -32.42 -18.49 -34.15
C ILE O 41 -33.65 -17.78 -33.54
N ILE O 42 -33.72 -16.46 -33.67
CA ILE O 42 -34.85 -15.71 -33.16
C ILE O 42 -36.14 -16.21 -33.86
N SER O 43 -36.14 -16.30 -35.19
CA SER O 43 -37.33 -16.70 -35.87
C SER O 43 -37.66 -18.15 -35.56
N LEU O 44 -36.62 -18.95 -35.31
CA LEU O 44 -36.84 -20.36 -34.91
C LEU O 44 -37.54 -20.48 -33.56
N MET O 45 -37.16 -19.58 -32.63
CA MET O 45 -37.75 -19.60 -31.28
C MET O 45 -39.24 -19.21 -31.29
N LEU O 46 -39.65 -18.47 -32.33
CA LEU O 46 -40.95 -17.75 -32.38
C LEU O 46 -41.91 -18.42 -33.32
N THR O 47 -41.53 -19.58 -33.88
CA THR O 47 -42.36 -20.24 -34.93
C THR O 47 -42.82 -21.66 -34.59
N THR O 48 -43.07 -21.96 -33.30
CA THR O 48 -43.61 -23.31 -33.00
C THR O 48 -44.63 -23.21 -31.90
N LYS O 49 -45.67 -24.01 -32.03
CA LYS O 49 -46.67 -24.15 -30.96
C LYS O 49 -46.14 -25.08 -29.83
N LEU O 50 -44.96 -25.67 -29.99
CA LEU O 50 -44.46 -26.60 -28.95
C LEU O 50 -43.93 -25.76 -27.80
N THR O 51 -44.19 -26.19 -26.56
CA THR O 51 -43.74 -25.38 -25.44
C THR O 51 -42.94 -26.16 -24.45
N HIS O 52 -42.18 -25.41 -23.65
CA HIS O 52 -41.43 -26.01 -22.54
C HIS O 52 -41.15 -24.84 -21.64
N THR O 53 -41.90 -24.72 -20.56
CA THR O 53 -41.86 -23.43 -19.77
C THR O 53 -41.40 -23.71 -18.34
N SER O 54 -41.24 -24.98 -17.97
CA SER O 54 -40.63 -25.28 -16.69
C SER O 54 -39.08 -24.93 -16.75
N THR O 55 -38.43 -24.96 -15.59
CA THR O 55 -36.99 -24.55 -15.48
C THR O 55 -36.10 -25.34 -16.42
N MET O 56 -35.23 -24.67 -17.15
CA MET O 56 -34.24 -25.35 -17.98
C MET O 56 -32.82 -25.27 -17.40
N ASP O 57 -32.08 -26.37 -17.54
CA ASP O 57 -30.63 -26.44 -17.27
C ASP O 57 -29.74 -25.57 -18.17
N ALA O 58 -28.95 -24.66 -17.54
CA ALA O 58 -28.20 -23.62 -18.23
C ALA O 58 -26.67 -23.84 -18.44
N GLN O 59 -26.06 -24.78 -17.70
CA GLN O 59 -24.62 -25.02 -17.84
C GLN O 59 -24.36 -26.31 -18.59
N GLU O 60 -24.06 -26.17 -19.89
CA GLU O 60 -23.82 -27.25 -20.87
C GLU O 60 -23.78 -26.53 -22.21
N VAL O 61 -24.86 -25.79 -22.45
CA VAL O 61 -25.06 -25.01 -23.66
C VAL O 61 -24.32 -23.69 -23.55
N GLU O 62 -24.05 -23.28 -22.30
CA GLU O 62 -23.34 -22.05 -22.01
C GLU O 62 -21.87 -22.20 -22.37
N THR O 63 -21.35 -23.41 -22.25
CA THR O 63 -19.99 -23.69 -22.70
C THR O 63 -19.83 -23.31 -24.19
N ILE O 64 -20.69 -23.87 -25.06
CA ILE O 64 -20.60 -23.61 -26.52
C ILE O 64 -20.75 -22.10 -26.69
N TRP O 65 -21.66 -21.50 -25.95
CA TRP O 65 -21.83 -20.11 -26.27
C TRP O 65 -20.90 -19.10 -25.61
N THR O 66 -19.94 -19.66 -24.89
CA THR O 66 -18.77 -18.96 -24.39
C THR O 66 -17.51 -19.26 -25.27
N ILE O 67 -17.19 -20.54 -25.45
CA ILE O 67 -15.99 -20.96 -26.14
C ILE O 67 -15.98 -20.65 -27.65
N LEU O 68 -17.13 -20.81 -28.30
CA LEU O 68 -17.25 -20.50 -29.71
C LEU O 68 -17.01 -19.02 -30.00
N PRO O 69 -17.72 -18.09 -29.28
CA PRO O 69 -17.36 -16.67 -29.46
C PRO O 69 -15.85 -16.38 -29.17
N ALA O 70 -15.28 -17.03 -28.17
CA ALA O 70 -13.88 -16.81 -27.89
C ALA O 70 -12.99 -17.17 -29.08
N ILE O 71 -13.26 -18.32 -29.67
CA ILE O 71 -12.47 -18.73 -30.77
C ILE O 71 -12.63 -17.74 -31.94
N ILE O 72 -13.87 -17.33 -32.23
CA ILE O 72 -14.12 -16.37 -33.30
C ILE O 72 -13.34 -15.05 -33.03
N LEU O 73 -13.30 -14.61 -31.76
CA LEU O 73 -12.55 -13.40 -31.44
C LEU O 73 -11.02 -13.56 -31.69
N ILE O 74 -10.45 -14.72 -31.36
CA ILE O 74 -9.07 -14.95 -31.69
C ILE O 74 -8.86 -14.89 -33.23
N LEU O 75 -9.75 -15.50 -34.00
CA LEU O 75 -9.70 -15.49 -35.46
C LEU O 75 -9.78 -14.06 -36.09
N ILE O 76 -10.28 -13.08 -35.32
CA ILE O 76 -10.31 -11.69 -35.77
C ILE O 76 -9.03 -11.03 -35.29
N ALA O 77 -8.67 -11.30 -34.04
CA ALA O 77 -7.62 -10.55 -33.37
C ALA O 77 -6.27 -10.89 -34.05
N LEU O 78 -6.03 -12.17 -34.32
CA LEU O 78 -4.79 -12.59 -35.03
C LEU O 78 -4.43 -11.77 -36.29
N PRO O 79 -5.30 -11.79 -37.36
CA PRO O 79 -4.91 -10.95 -38.51
C PRO O 79 -4.93 -9.44 -38.13
N SER O 80 -5.81 -9.04 -37.20
CA SER O 80 -5.90 -7.59 -36.84
C SER O 80 -4.54 -7.08 -36.34
N LEU O 81 -3.94 -7.87 -35.44
CA LEU O 81 -2.67 -7.58 -34.76
C LEU O 81 -1.47 -7.73 -35.70
N ARG O 82 -1.58 -8.65 -36.66
CA ARG O 82 -0.52 -8.80 -37.64
C ARG O 82 -0.46 -7.50 -38.43
N ILE O 83 -1.61 -6.98 -38.83
CA ILE O 83 -1.57 -5.76 -39.57
C ILE O 83 -1.05 -4.59 -38.72
N LEU O 84 -1.44 -4.57 -37.43
CA LEU O 84 -1.12 -3.50 -36.52
C LEU O 84 0.44 -3.38 -36.42
N TYR O 85 1.11 -4.52 -36.26
CA TYR O 85 2.58 -4.54 -36.15
C TYR O 85 3.23 -4.32 -37.49
N MET O 86 2.56 -4.80 -38.54
CA MET O 86 3.00 -4.48 -39.91
C MET O 86 3.03 -2.97 -40.11
N MET O 87 1.95 -2.26 -39.78
CA MET O 87 1.92 -0.78 -39.92
C MET O 87 2.98 -0.08 -39.07
N ASP O 88 3.50 -0.79 -38.07
CA ASP O 88 4.49 -0.23 -37.16
C ASP O 88 5.95 -0.62 -37.52
N GLU O 89 6.18 -1.48 -38.52
CA GLU O 89 7.57 -1.96 -38.76
C GLU O 89 8.53 -0.88 -39.21
N ILE O 90 9.79 -1.05 -38.81
CA ILE O 90 10.91 -0.19 -39.27
C ILE O 90 10.90 -0.16 -40.81
N ASN O 91 10.96 1.04 -41.39
CA ASN O 91 10.79 1.14 -42.84
C ASN O 91 11.89 1.88 -43.60
N ASN O 92 12.60 2.78 -42.94
CA ASN O 92 13.64 3.56 -43.63
C ASN O 92 13.09 4.45 -44.76
N PRO O 93 12.54 5.61 -44.40
CA PRO O 93 11.97 6.48 -45.41
C PRO O 93 13.06 7.22 -46.15
N SER O 94 12.72 7.66 -47.38
CA SER O 94 13.62 8.46 -48.26
C SER O 94 13.37 9.92 -48.11
N LEU O 95 12.31 10.29 -47.40
CA LEU O 95 11.92 11.66 -47.40
C LEU O 95 11.10 11.87 -46.14
N THR O 96 11.28 12.98 -45.45
CA THR O 96 10.38 13.36 -44.39
C THR O 96 9.60 14.62 -44.74
N VAL O 97 8.28 14.61 -44.59
CA VAL O 97 7.49 15.81 -44.87
C VAL O 97 6.66 16.09 -43.59
N LYS O 98 6.44 17.38 -43.26
CA LYS O 98 5.59 17.75 -42.08
C LYS O 98 4.33 18.46 -42.56
N THR O 99 3.25 18.26 -41.84
CA THR O 99 2.06 19.08 -42.01
C THR O 99 1.61 19.62 -40.64
N MET O 100 1.20 20.88 -40.59
CA MET O 100 0.65 21.51 -39.41
C MET O 100 -0.86 21.80 -39.71
N GLY O 101 -1.78 21.36 -38.82
CA GLY O 101 -3.17 21.83 -38.86
C GLY O 101 -3.31 23.26 -38.36
N HIS O 102 -4.30 23.99 -38.89
CA HIS O 102 -4.58 25.41 -38.57
C HIS O 102 -6.08 25.55 -38.74
N GLN O 103 -6.72 26.48 -38.03
CA GLN O 103 -8.13 26.84 -38.35
C GLN O 103 -8.13 27.85 -39.55
N TRP O 104 -8.56 27.50 -40.78
CA TRP O 104 -8.88 26.13 -41.24
C TRP O 104 -8.18 25.89 -42.57
N TYR O 105 -6.96 25.38 -42.49
CA TYR O 105 -6.21 24.96 -43.66
C TYR O 105 -5.03 24.16 -43.11
N TRP O 106 -4.28 23.52 -44.02
CA TRP O 106 -3.05 22.81 -43.74
C TRP O 106 -1.86 23.51 -44.34
N SER O 107 -0.71 23.46 -43.65
CA SER O 107 0.57 23.92 -44.20
C SER O 107 1.50 22.71 -44.26
N TYR O 108 2.47 22.76 -45.16
CA TYR O 108 3.37 21.64 -45.34
C TYR O 108 4.80 22.18 -45.27
N GLU O 109 5.74 21.31 -44.91
CA GLU O 109 7.14 21.68 -44.77
C GLU O 109 7.98 20.51 -45.22
N TYR O 110 8.94 20.81 -46.10
CA TYR O 110 9.84 19.84 -46.66
C TYR O 110 11.19 20.43 -46.35
N THR O 111 11.81 19.95 -45.29
CA THR O 111 13.02 20.58 -44.73
C THR O 111 14.20 19.60 -44.63
N ASP O 112 14.13 18.49 -45.35
CA ASP O 112 15.26 17.60 -45.42
C ASP O 112 16.61 18.26 -45.85
N TYR O 113 16.60 19.17 -46.83
CA TYR O 113 17.84 19.80 -47.38
C TYR O 113 17.57 21.28 -47.52
N GLU O 114 16.68 21.59 -48.44
CA GLU O 114 16.17 22.92 -48.64
C GLU O 114 15.04 23.26 -47.67
N ASP O 115 14.69 24.53 -47.55
CA ASP O 115 13.64 24.90 -46.62
C ASP O 115 12.34 25.33 -47.29
N LEU O 116 11.56 24.34 -47.69
CA LEU O 116 10.35 24.55 -48.47
C LEU O 116 9.04 24.39 -47.63
N SER O 117 8.15 25.39 -47.72
CA SER O 117 6.88 25.36 -46.94
C SER O 117 5.79 26.18 -47.64
N PHE O 118 4.51 25.83 -47.47
CA PHE O 118 3.39 26.56 -48.12
C PHE O 118 2.03 26.20 -47.49
N ASP O 119 1.08 27.09 -47.65
CA ASP O 119 -0.25 26.86 -47.14
C ASP O 119 -1.06 26.10 -48.17
N SER O 120 -2.10 25.43 -47.70
CA SER O 120 -2.96 24.65 -48.55
C SER O 120 -4.43 24.82 -48.17
N TYR O 121 -5.17 25.59 -48.98
CA TYR O 121 -6.54 26.05 -48.65
C TYR O 121 -7.59 25.48 -49.59
N MET O 122 -8.75 25.11 -49.06
CA MET O 122 -9.90 24.73 -49.89
C MET O 122 -10.19 25.78 -50.98
N ILE O 123 -10.23 25.36 -52.24
CA ILE O 123 -10.80 26.19 -53.34
C ILE O 123 -12.28 26.47 -53.03
N PRO O 124 -12.65 27.76 -52.84
CA PRO O 124 -14.05 28.12 -52.51
C PRO O 124 -14.99 27.67 -53.66
N THR O 125 -16.22 27.31 -53.35
CA THR O 125 -17.12 26.76 -54.38
C THR O 125 -17.25 27.68 -55.64
N SER O 126 -17.39 28.99 -55.43
CA SER O 126 -17.53 29.96 -56.51
C SER O 126 -16.26 30.12 -57.28
N GLU O 127 -15.12 29.65 -56.76
CA GLU O 127 -13.89 29.75 -57.53
C GLU O 127 -13.47 28.41 -58.19
N LEU O 128 -14.21 27.33 -57.96
CA LEU O 128 -13.91 26.07 -58.65
C LEU O 128 -13.85 26.22 -60.17
N LYS O 129 -12.83 25.62 -60.78
CA LYS O 129 -12.73 25.58 -62.23
C LYS O 129 -13.47 24.33 -62.74
N PRO O 130 -13.96 24.35 -64.01
CA PRO O 130 -14.86 23.30 -64.53
C PRO O 130 -14.41 21.85 -64.26
N GLY O 131 -15.33 21.00 -63.79
CA GLY O 131 -15.00 19.61 -63.46
C GLY O 131 -14.21 19.37 -62.17
N GLU O 132 -13.87 20.45 -61.45
CA GLU O 132 -13.24 20.33 -60.12
C GLU O 132 -14.27 19.98 -59.01
N LEU O 133 -13.82 19.37 -57.91
CA LEU O 133 -14.70 18.77 -56.92
C LEU O 133 -15.05 19.70 -55.81
N ARG O 134 -16.34 19.96 -55.59
CA ARG O 134 -16.78 20.80 -54.47
C ARG O 134 -16.25 20.31 -53.06
N LEU O 135 -15.64 21.24 -52.30
CA LEU O 135 -15.13 21.04 -50.94
C LEU O 135 -13.83 20.22 -50.89
N LEU O 136 -13.33 19.71 -52.03
CA LEU O 136 -12.19 18.78 -52.01
C LEU O 136 -10.89 19.32 -52.59
N GLU O 137 -10.97 20.31 -53.47
CA GLU O 137 -9.73 20.89 -54.09
C GLU O 137 -9.05 21.95 -53.21
N VAL O 138 -7.73 21.99 -53.28
CA VAL O 138 -6.92 23.04 -52.63
C VAL O 138 -6.09 23.83 -53.66
N ASP O 139 -5.70 25.05 -53.32
CA ASP O 139 -4.81 25.80 -54.18
C ASP O 139 -3.46 25.08 -54.33
N ASN O 140 -2.83 24.65 -53.22
CA ASN O 140 -1.48 24.03 -53.32
C ASN O 140 -1.54 22.58 -52.87
N ARG O 141 -1.36 21.65 -53.81
CA ARG O 141 -1.41 20.22 -53.50
C ARG O 141 -0.15 19.72 -52.82
N VAL O 142 -0.22 18.58 -52.11
CA VAL O 142 0.94 18.04 -51.45
C VAL O 142 1.65 17.14 -52.46
N VAL O 143 2.70 17.68 -53.10
CA VAL O 143 3.38 16.95 -54.18
C VAL O 143 4.35 16.02 -53.50
N LEU O 144 4.36 14.75 -53.92
CA LEU O 144 5.12 13.70 -53.22
C LEU O 144 5.57 12.71 -54.30
N PRO O 145 6.70 12.01 -54.09
CA PRO O 145 7.08 11.03 -55.12
C PRO O 145 6.35 9.71 -54.88
N MET O 146 5.84 9.10 -55.94
CA MET O 146 5.20 7.78 -55.86
C MET O 146 6.23 6.68 -55.64
N GLU O 147 5.73 5.54 -55.17
CA GLU O 147 6.53 4.32 -55.03
C GLU O 147 7.71 4.46 -54.09
N MET O 148 7.62 5.44 -53.19
CA MET O 148 8.66 5.66 -52.21
C MET O 148 8.06 5.74 -50.81
N THR O 149 8.82 5.29 -49.81
CA THR O 149 8.41 5.39 -48.40
C THR O 149 8.67 6.81 -47.86
N ILE O 150 7.58 7.54 -47.59
CA ILE O 150 7.63 8.89 -47.02
C ILE O 150 7.23 8.84 -45.52
N ARG O 151 8.00 9.53 -44.69
CA ARG O 151 7.61 9.74 -43.31
C ARG O 151 6.83 11.03 -43.30
N MET O 152 5.56 10.96 -42.90
CA MET O 152 4.72 12.16 -42.66
C MET O 152 4.62 12.45 -41.20
N LEU O 153 4.91 13.70 -40.81
CA LEU O 153 4.90 14.07 -39.42
C LEU O 153 3.80 15.07 -39.32
N VAL O 154 3.01 14.97 -38.27
CA VAL O 154 1.76 15.72 -38.23
C VAL O 154 1.66 16.42 -36.88
N SER O 155 1.39 17.72 -36.89
CA SER O 155 1.05 18.47 -35.68
C SER O 155 0.01 19.57 -35.97
N SER O 156 -0.19 20.46 -35.00
CA SER O 156 -1.11 21.57 -35.12
C SER O 156 -0.54 22.83 -34.49
N GLU O 157 -0.88 24.01 -35.04
CA GLU O 157 -0.55 25.24 -34.32
C GLU O 157 -1.70 25.92 -33.59
N ASP O 158 -2.91 25.35 -33.57
CA ASP O 158 -3.97 25.89 -32.72
C ASP O 158 -4.70 24.74 -32.03
N VAL O 159 -5.89 24.33 -32.55
CA VAL O 159 -6.70 23.34 -31.85
C VAL O 159 -6.40 21.94 -32.42
N LEU O 160 -7.07 20.86 -31.98
CA LEU O 160 -6.83 19.57 -32.64
C LEU O 160 -7.37 19.60 -34.11
N HIS O 161 -6.68 18.94 -35.02
CA HIS O 161 -7.24 18.61 -36.32
C HIS O 161 -6.93 17.15 -36.50
N SER O 162 -7.14 16.61 -37.69
CA SER O 162 -6.62 15.25 -37.90
C SER O 162 -6.47 15.04 -39.40
N TRP O 163 -5.34 14.47 -39.78
CA TRP O 163 -4.88 14.54 -41.15
C TRP O 163 -5.16 13.15 -41.71
N ALA O 164 -6.06 13.02 -42.68
CA ALA O 164 -6.47 11.71 -43.21
C ALA O 164 -6.42 11.55 -44.71
N VAL O 165 -6.12 10.34 -45.20
CA VAL O 165 -6.25 10.10 -46.63
C VAL O 165 -6.77 8.69 -46.74
N PRO O 166 -8.11 8.56 -46.92
CA PRO O 166 -8.68 7.23 -46.83
C PRO O 166 -8.00 6.26 -47.82
N SER O 167 -7.64 6.69 -49.04
CA SER O 167 -7.15 5.70 -49.99
C SER O 167 -5.79 5.13 -49.60
N LEU O 168 -5.03 5.85 -48.76
CA LEU O 168 -3.75 5.34 -48.35
C LEU O 168 -3.86 4.66 -47.00
N GLY O 169 -5.06 4.64 -46.44
CA GLY O 169 -5.33 4.09 -45.10
C GLY O 169 -4.71 4.99 -44.01
N LEU O 170 -4.80 6.30 -44.14
CA LEU O 170 -4.10 7.18 -43.20
C LEU O 170 -5.08 8.02 -42.39
N LYS O 171 -4.84 8.13 -41.08
CA LYS O 171 -5.46 9.21 -40.28
C LYS O 171 -4.61 9.32 -39.04
N THR O 172 -4.07 10.50 -38.82
CA THR O 172 -3.14 10.71 -37.72
C THR O 172 -3.53 12.02 -37.11
N ASP O 173 -3.85 12.02 -35.81
CA ASP O 173 -4.32 13.24 -35.23
C ASP O 173 -3.23 14.30 -35.16
N ALA O 174 -3.67 15.57 -35.21
CA ALA O 174 -2.82 16.75 -35.29
C ALA O 174 -2.97 17.54 -33.98
N ILE O 175 -1.99 17.41 -33.07
CA ILE O 175 -2.17 17.85 -31.69
C ILE O 175 -1.06 18.86 -31.38
N PRO O 176 -1.45 20.08 -30.92
CA PRO O 176 -0.40 21.09 -30.71
C PRO O 176 0.54 20.61 -29.61
N GLY O 177 1.86 20.85 -29.74
CA GLY O 177 2.74 20.38 -28.68
C GLY O 177 3.24 18.99 -28.99
N ARG O 178 2.68 18.34 -30.02
CA ARG O 178 3.01 16.96 -30.30
C ARG O 178 3.33 16.69 -31.79
N LEU O 179 4.19 15.71 -32.04
CA LEU O 179 4.64 15.46 -33.38
C LEU O 179 4.33 14.01 -33.63
N ASN O 180 3.24 13.71 -34.39
CA ASN O 180 2.87 12.30 -34.65
C ASN O 180 3.44 11.84 -35.98
N GLN O 181 3.83 10.61 -36.10
CA GLN O 181 4.45 10.15 -37.32
C GLN O 181 3.60 9.07 -37.94
N THR O 182 3.42 9.08 -39.25
CA THR O 182 2.84 7.92 -39.94
C THR O 182 3.73 7.76 -41.17
N THR O 183 3.59 6.69 -41.93
CA THR O 183 4.34 6.59 -43.12
C THR O 183 3.47 6.30 -44.31
N LEU O 184 3.92 6.80 -45.47
CA LEU O 184 3.05 6.92 -46.63
C LEU O 184 3.81 6.34 -47.81
N MET O 185 3.16 5.50 -48.58
CA MET O 185 3.81 4.88 -49.73
C MET O 185 2.75 4.65 -50.77
N SER O 186 2.69 5.45 -51.84
CA SER O 186 1.67 5.25 -52.84
C SER O 186 2.17 4.35 -53.97
N SER O 187 1.39 3.32 -54.30
CA SER O 187 1.77 2.41 -55.38
C SER O 187 1.56 3.01 -56.76
N ARG O 188 0.90 4.17 -56.79
CA ARG O 188 0.37 4.72 -58.04
C ARG O 188 0.47 6.26 -58.03
N PRO O 189 0.60 6.83 -59.23
CA PRO O 189 0.44 8.26 -59.34
C PRO O 189 -1.00 8.70 -59.23
N GLY O 190 -1.22 10.00 -59.14
CA GLY O 190 -2.56 10.53 -59.31
C GLY O 190 -2.83 11.52 -58.23
N LEU O 191 -4.11 11.77 -57.98
CA LEU O 191 -4.56 12.69 -56.91
C LEU O 191 -5.33 11.88 -55.83
N TYR O 192 -4.99 12.14 -54.56
CA TYR O 192 -5.60 11.39 -53.44
C TYR O 192 -6.07 12.37 -52.39
N TYR O 193 -7.29 12.23 -51.93
CA TYR O 193 -7.96 13.31 -51.23
C TYR O 193 -8.32 12.82 -49.86
N GLY O 194 -8.47 13.79 -48.93
CA GLY O 194 -8.92 13.49 -47.57
C GLY O 194 -9.35 14.78 -46.94
N GLN O 195 -9.86 14.71 -45.71
CA GLN O 195 -10.53 15.86 -45.07
C GLN O 195 -10.24 15.90 -43.56
N CYS O 196 -10.24 17.11 -42.90
CA CYS O 196 -9.93 17.29 -41.44
C CYS O 196 -10.81 16.25 -40.73
N SER O 197 -10.21 15.41 -39.91
CA SER O 197 -10.98 14.43 -39.17
C SER O 197 -11.02 14.65 -37.64
N GLU O 198 -10.98 15.89 -37.21
CA GLU O 198 -11.23 16.20 -35.80
C GLU O 198 -11.87 17.57 -35.77
N ILE O 199 -13.01 17.54 -35.03
CA ILE O 199 -13.80 18.74 -34.90
C ILE O 199 -12.86 19.89 -34.47
N CYS O 200 -12.74 20.94 -35.29
CA CYS O 200 -11.74 22.01 -35.17
C CYS O 200 -12.43 23.40 -35.29
N GLY O 201 -13.75 23.46 -35.07
CA GLY O 201 -14.50 24.76 -35.12
C GLY O 201 -15.29 25.09 -36.41
N SER O 202 -15.59 26.39 -36.64
CA SER O 202 -16.31 26.92 -37.82
C SER O 202 -16.15 26.25 -39.17
N ASN O 203 -14.91 25.94 -39.54
CA ASN O 203 -14.60 25.44 -40.90
C ASN O 203 -14.02 24.04 -41.01
N HIS O 204 -14.31 23.23 -39.98
CA HIS O 204 -13.96 21.83 -39.92
C HIS O 204 -14.27 21.09 -41.22
N SER O 205 -15.48 21.27 -41.78
CA SER O 205 -15.90 20.59 -43.03
C SER O 205 -15.09 21.03 -44.25
N PHE O 206 -14.29 22.07 -44.07
CA PHE O 206 -13.79 22.84 -45.24
C PHE O 206 -12.29 23.04 -45.25
N MET O 207 -11.55 22.02 -44.85
CA MET O 207 -10.08 22.12 -44.89
C MET O 207 -9.49 20.78 -45.33
N PRO O 208 -9.65 20.48 -46.62
CA PRO O 208 -9.28 19.17 -47.19
C PRO O 208 -7.76 18.98 -47.44
N ILE O 209 -7.41 17.77 -47.87
CA ILE O 209 -6.06 17.31 -48.11
C ILE O 209 -6.03 16.68 -49.51
N VAL O 210 -5.08 17.11 -50.33
CA VAL O 210 -4.99 16.61 -51.71
C VAL O 210 -3.51 16.29 -51.91
N LEU O 211 -3.19 15.03 -52.13
CA LEU O 211 -1.85 14.58 -52.41
C LEU O 211 -1.72 14.47 -53.90
N GLU O 212 -0.57 14.94 -54.45
CA GLU O 212 -0.24 14.75 -55.89
C GLU O 212 0.97 13.83 -55.98
N LEU O 213 0.73 12.62 -56.47
CA LEU O 213 1.76 11.59 -56.50
C LEU O 213 2.30 11.49 -57.89
N VAL O 214 3.60 11.78 -58.02
CA VAL O 214 4.28 11.85 -59.33
C VAL O 214 5.59 11.05 -59.28
N PRO O 215 6.19 10.69 -60.45
CA PRO O 215 7.51 10.02 -60.46
C PRO O 215 8.58 10.89 -59.78
N LEU O 216 9.63 10.24 -59.26
CA LEU O 216 10.65 10.96 -58.49
C LEU O 216 11.21 12.17 -59.29
N LYS O 217 11.50 12.01 -60.61
CA LYS O 217 12.13 13.10 -61.46
C LYS O 217 11.21 14.30 -61.47
N TYR O 218 9.91 14.07 -61.60
CA TYR O 218 8.97 15.16 -61.49
C TYR O 218 8.89 15.80 -60.10
N PHE O 219 9.02 14.98 -59.06
CA PHE O 219 9.08 15.52 -57.71
C PHE O 219 10.29 16.41 -57.51
N GLU O 220 11.47 15.91 -57.88
CA GLU O 220 12.73 16.71 -57.94
C GLU O 220 12.57 18.02 -58.71
N LYS O 221 12.00 17.99 -59.92
CA LYS O 221 11.75 19.22 -60.70
C LYS O 221 10.81 20.17 -59.95
N TRP O 222 9.78 19.61 -59.31
CA TRP O 222 8.82 20.46 -58.64
C TRP O 222 9.42 21.12 -57.40
N SER O 223 10.24 20.37 -56.66
CA SER O 223 11.03 20.92 -55.54
C SER O 223 11.93 22.06 -55.99
N ALA O 224 12.75 21.82 -57.03
CA ALA O 224 13.70 22.83 -57.59
C ALA O 224 12.98 24.13 -57.95
N SER O 225 11.71 24.00 -58.32
CA SER O 225 10.90 25.12 -58.79
C SER O 225 10.39 25.95 -57.62
N MET O 226 10.52 25.37 -56.45
CA MET O 226 9.96 25.96 -55.24
C MET O 226 10.93 26.94 -54.54
N LEU O 227 12.23 26.82 -54.87
CA LEU O 227 13.35 27.66 -54.35
C LEU O 227 13.48 29.06 -54.97
N HIS P 1 -49.79 1.82 10.74
CA HIS P 1 -48.48 1.74 11.40
C HIS P 1 -47.64 0.80 10.50
N GLN P 2 -46.38 1.11 10.33
CA GLN P 2 -45.51 0.26 9.52
C GLN P 2 -45.15 -0.93 10.37
N THR P 3 -44.82 -2.09 9.80
CA THR P 3 -44.14 -3.06 10.63
C THR P 3 -42.79 -3.48 10.01
N HIS P 4 -42.16 -2.61 9.23
CA HIS P 4 -40.73 -2.73 8.97
C HIS P 4 -40.01 -1.69 9.82
N ALA P 5 -38.68 -1.75 9.81
CA ALA P 5 -37.88 -0.86 10.66
C ALA P 5 -37.32 0.40 9.88
N TYR P 6 -37.75 0.67 8.64
CA TYR P 6 -37.19 1.76 7.83
C TYR P 6 -37.90 3.06 8.05
N HIS P 7 -37.25 4.13 7.63
CA HIS P 7 -37.67 5.46 7.98
C HIS P 7 -38.41 6.09 6.82
N MET P 8 -39.74 6.33 6.97
CA MET P 8 -40.46 7.04 5.96
C MET P 8 -40.25 8.56 6.29
N VAL P 9 -39.45 9.26 5.48
CA VAL P 9 -39.08 10.65 5.81
C VAL P 9 -40.25 11.59 5.49
N ASN P 10 -40.51 12.58 6.35
CA ASN P 10 -41.43 13.67 6.06
C ASN P 10 -41.08 14.41 4.80
N PRO P 11 -42.09 14.75 4.01
CA PRO P 11 -41.78 15.54 2.81
C PRO P 11 -40.96 16.78 3.24
N SER P 12 -40.01 17.18 2.37
CA SER P 12 -38.98 18.14 2.74
C SER P 12 -38.71 19.05 1.57
N PRO P 13 -38.55 20.36 1.87
CA PRO P 13 -38.10 21.39 0.90
C PRO P 13 -36.56 21.42 0.66
N TRP P 14 -35.76 20.70 1.45
CA TRP P 14 -34.27 20.92 1.40
C TRP P 14 -33.63 20.38 0.13
N PRO P 15 -34.17 19.27 -0.45
CA PRO P 15 -33.69 18.81 -1.79
C PRO P 15 -33.87 19.87 -2.86
N LEU P 16 -35.04 20.45 -2.89
CA LEU P 16 -35.28 21.52 -3.87
C LEU P 16 -34.37 22.76 -3.63
N THR P 17 -34.28 23.22 -2.38
CA THR P 17 -33.39 24.37 -2.06
C THR P 17 -31.92 24.02 -2.34
N GLY P 18 -31.56 22.76 -2.10
CA GLY P 18 -30.19 22.33 -2.34
C GLY P 18 -29.92 22.38 -3.85
N ALA P 19 -30.87 21.86 -4.65
CA ALA P 19 -30.70 21.88 -6.12
C ALA P 19 -30.67 23.33 -6.69
N LEU P 20 -31.58 24.18 -6.21
CA LEU P 20 -31.51 25.61 -6.53
C LEU P 20 -30.17 26.27 -6.10
N SER P 21 -29.67 25.94 -4.90
CA SER P 21 -28.36 26.53 -4.46
C SER P 21 -27.25 26.12 -5.42
N ALA P 22 -27.33 24.89 -5.97
CA ALA P 22 -26.44 24.42 -7.02
C ALA P 22 -26.54 25.25 -8.30
N LEU P 23 -27.77 25.54 -8.76
CA LEU P 23 -27.95 26.46 -9.85
C LEU P 23 -27.31 27.82 -9.57
N LEU P 24 -27.57 28.38 -8.39
CA LEU P 24 -27.11 29.75 -8.11
C LEU P 24 -25.58 29.76 -8.02
N MET P 25 -25.01 28.73 -7.41
CA MET P 25 -23.52 28.69 -7.24
C MET P 25 -22.84 28.55 -8.58
N THR P 26 -23.38 27.71 -9.50
CA THR P 26 -22.68 27.51 -10.78
C THR P 26 -22.93 28.67 -11.75
N SER P 27 -24.17 29.18 -11.80
CA SER P 27 -24.40 30.34 -12.64
C SER P 27 -23.71 31.59 -12.00
N GLY P 28 -23.61 31.59 -10.68
CA GLY P 28 -22.84 32.61 -9.94
C GLY P 28 -21.36 32.51 -10.28
N LEU P 29 -20.84 31.27 -10.39
CA LEU P 29 -19.42 31.15 -10.81
C LEU P 29 -19.25 31.71 -12.23
N THR P 30 -20.27 31.47 -13.05
CA THR P 30 -20.27 31.89 -14.43
C THR P 30 -20.23 33.38 -14.49
N MET P 31 -21.05 34.05 -13.65
CA MET P 31 -21.13 35.51 -13.64
C MET P 31 -19.83 36.13 -13.12
N TRP P 32 -19.28 35.48 -12.11
CA TRP P 32 -18.01 35.85 -11.55
C TRP P 32 -16.85 35.77 -12.54
N PHE P 33 -16.67 34.64 -13.23
CA PHE P 33 -15.68 34.48 -14.32
C PHE P 33 -15.82 35.42 -15.55
N HIS P 34 -17.05 35.76 -15.94
CA HIS P 34 -17.27 36.42 -17.24
C HIS P 34 -17.94 37.79 -17.28
N PHE P 35 -18.64 38.19 -16.24
CA PHE P 35 -19.50 39.38 -16.31
C PHE P 35 -19.20 40.07 -15.00
N ASN P 36 -17.94 39.91 -14.58
CA ASN P 36 -17.40 40.20 -13.29
C ASN P 36 -18.34 40.73 -12.27
N SER P 37 -18.97 39.80 -11.57
CA SER P 37 -19.94 40.07 -10.52
C SER P 37 -20.12 38.85 -9.60
N MET P 38 -20.30 39.14 -8.31
CA MET P 38 -20.27 38.10 -7.27
C MET P 38 -21.61 37.79 -6.61
N THR P 39 -22.63 38.53 -7.02
CA THR P 39 -23.93 38.52 -6.34
C THR P 39 -24.64 37.14 -6.38
N LEU P 40 -24.85 36.57 -7.57
CA LEU P 40 -25.44 35.26 -7.72
C LEU P 40 -24.62 34.23 -6.93
N LEU P 41 -23.30 34.24 -7.11
CA LEU P 41 -22.46 33.36 -6.34
C LEU P 41 -22.70 33.43 -4.80
N MET P 42 -22.70 34.64 -4.25
N MET P 42 -22.68 34.67 -4.28
CA MET P 42 -22.84 34.79 -2.80
CA MET P 42 -22.91 34.97 -2.87
C MET P 42 -24.25 34.37 -2.32
C MET P 42 -24.20 34.31 -2.42
N ILE P 43 -25.28 34.59 -3.15
CA ILE P 43 -26.58 34.03 -2.86
C ILE P 43 -26.54 32.50 -2.83
N GLY P 44 -25.96 31.90 -3.86
CA GLY P 44 -25.89 30.44 -3.93
C GLY P 44 -25.15 29.86 -2.75
N LEU P 45 -24.05 30.52 -2.33
CA LEU P 45 -23.30 29.99 -1.21
C LEU P 45 -24.15 30.05 0.05
N THR P 46 -24.86 31.16 0.22
CA THR P 46 -25.74 31.31 1.38
C THR P 46 -26.87 30.29 1.45
N THR P 47 -27.62 30.14 0.34
CA THR P 47 -28.67 29.14 0.33
C THR P 47 -28.09 27.72 0.48
N ASN P 48 -26.87 27.52 -0.02
CA ASN P 48 -26.25 26.17 0.14
C ASN P 48 -25.97 25.86 1.63
N MET P 49 -25.38 26.82 2.33
N MET P 49 -25.43 26.82 2.37
CA MET P 49 -25.17 26.67 3.76
CA MET P 49 -25.19 26.64 3.82
C MET P 49 -26.48 26.47 4.51
C MET P 49 -26.46 26.57 4.66
N LEU P 50 -27.45 27.34 4.27
CA LEU P 50 -28.81 27.20 4.86
C LEU P 50 -29.39 25.81 4.63
N THR P 51 -29.28 25.32 3.39
CA THR P 51 -29.77 23.97 3.06
C THR P 51 -29.03 22.89 3.86
N MET P 52 -27.71 22.92 3.83
CA MET P 52 -27.00 21.87 4.54
C MET P 52 -27.34 21.94 6.05
N TYR P 53 -27.36 23.16 6.57
CA TYR P 53 -27.69 23.36 7.97
C TYR P 53 -29.06 22.74 8.32
N GLN P 54 -30.15 23.14 7.61
CA GLN P 54 -31.49 22.64 7.96
C GLN P 54 -31.63 21.13 7.73
N TRP P 55 -30.97 20.64 6.67
CA TRP P 55 -31.11 19.26 6.26
C TRP P 55 -30.47 18.40 7.31
N TRP P 56 -29.18 18.68 7.62
CA TRP P 56 -28.55 17.90 8.68
C TRP P 56 -29.17 18.09 10.04
N ARG P 57 -29.64 19.30 10.34
CA ARG P 57 -30.42 19.53 11.57
C ARG P 57 -31.60 18.52 11.64
N ASP P 58 -32.34 18.39 10.53
CA ASP P 58 -33.53 17.49 10.45
C ASP P 58 -33.11 16.04 10.65
N VAL P 59 -31.92 15.65 10.12
CA VAL P 59 -31.43 14.27 10.36
C VAL P 59 -31.17 14.04 11.90
N ILE P 60 -30.67 15.07 12.59
CA ILE P 60 -30.46 14.94 14.03
C ILE P 60 -31.81 14.84 14.74
N ARG P 61 -32.72 15.72 14.38
CA ARG P 61 -34.12 15.63 14.87
C ARG P 61 -34.74 14.24 14.70
N GLU P 62 -34.56 13.65 13.52
CA GLU P 62 -35.11 12.32 13.20
C GLU P 62 -34.49 11.17 13.99
N SER P 63 -33.19 11.31 14.34
CA SER P 63 -32.44 10.22 14.98
C SER P 63 -32.41 10.44 16.49
N THR P 64 -31.73 11.50 16.91
CA THR P 64 -31.59 11.73 18.38
C THR P 64 -32.93 11.98 19.05
N PHE P 65 -33.75 12.79 18.41
CA PHE P 65 -34.95 13.26 19.10
C PHE P 65 -36.19 12.38 18.83
N GLN P 66 -36.28 11.77 17.62
CA GLN P 66 -37.51 10.96 17.23
C GLN P 66 -37.30 9.44 17.22
N GLY P 67 -36.03 8.97 17.27
CA GLY P 67 -35.79 7.56 17.39
C GLY P 67 -35.93 6.79 16.09
N HIS P 68 -35.78 7.44 14.95
CA HIS P 68 -35.97 6.69 13.67
C HIS P 68 -34.80 5.81 13.22
N HIS P 69 -33.62 5.96 13.82
CA HIS P 69 -32.45 5.24 13.34
C HIS P 69 -32.36 3.92 14.06
N THR P 70 -33.25 3.01 13.68
CA THR P 70 -33.14 1.63 14.07
C THR P 70 -31.87 1.04 13.47
N PRO P 71 -31.55 -0.23 13.85
CA PRO P 71 -30.28 -0.73 13.30
C PRO P 71 -30.24 -0.82 11.78
N ALA P 72 -31.37 -1.15 11.14
CA ALA P 72 -31.45 -1.30 9.68
C ALA P 72 -31.15 0.08 9.04
N VAL P 73 -31.74 1.18 9.58
CA VAL P 73 -31.52 2.54 9.06
C VAL P 73 -30.03 2.95 9.26
N GLN P 74 -29.49 2.62 10.42
CA GLN P 74 -28.07 2.90 10.70
C GLN P 74 -27.11 2.16 9.75
N LYS P 75 -27.36 0.89 9.51
CA LYS P 75 -26.59 0.14 8.52
C LYS P 75 -26.65 0.77 7.14
N GLY P 76 -27.83 1.24 6.69
CA GLY P 76 -27.94 1.90 5.38
C GLY P 76 -27.07 3.18 5.32
N LEU P 77 -27.07 3.95 6.42
CA LEU P 77 -26.20 5.13 6.52
C LEU P 77 -24.70 4.78 6.42
N ARG P 78 -24.30 3.64 7.02
N ARG P 78 -24.30 3.65 7.03
CA ARG P 78 -22.91 3.18 6.95
CA ARG P 78 -22.90 3.21 6.96
C ARG P 78 -22.53 2.95 5.49
C ARG P 78 -22.52 2.94 5.50
N TYR P 79 -23.39 2.23 4.76
CA TYR P 79 -23.15 1.98 3.31
C TYR P 79 -23.07 3.34 2.59
N GLY P 80 -24.02 4.23 2.88
CA GLY P 80 -24.04 5.55 2.22
C GLY P 80 -22.74 6.30 2.36
N MET P 81 -22.19 6.33 3.60
CA MET P 81 -20.96 7.11 3.87
C MET P 81 -19.74 6.42 3.20
N ILE P 82 -19.73 5.09 3.19
CA ILE P 82 -18.60 4.38 2.55
C ILE P 82 -18.60 4.65 1.05
N LEU P 83 -19.81 4.66 0.45
CA LEU P 83 -19.91 4.79 -1.02
C LEU P 83 -19.54 6.22 -1.32
N PHE P 84 -19.99 7.18 -0.49
CA PHE P 84 -19.63 8.56 -0.73
C PHE P 84 -18.09 8.76 -0.68
N ILE P 85 -17.44 8.21 0.34
CA ILE P 85 -15.95 8.24 0.42
C ILE P 85 -15.28 7.62 -0.82
N ILE P 86 -15.81 6.48 -1.29
CA ILE P 86 -15.30 5.87 -2.53
C ILE P 86 -15.39 6.87 -3.70
N SER P 87 -16.50 7.60 -3.82
CA SER P 87 -16.62 8.46 -4.96
C SER P 87 -15.57 9.60 -4.80
N GLU P 88 -15.34 10.07 -3.58
CA GLU P 88 -14.33 11.11 -3.35
C GLU P 88 -12.90 10.61 -3.68
N VAL P 89 -12.66 9.32 -3.46
CA VAL P 89 -11.34 8.76 -3.76
C VAL P 89 -11.12 8.86 -5.26
N LEU P 90 -12.14 8.46 -6.04
CA LEU P 90 -12.05 8.45 -7.52
C LEU P 90 -11.87 9.89 -8.04
N PHE P 91 -12.54 10.83 -7.38
CA PHE P 91 -12.36 12.21 -7.71
C PHE P 91 -10.84 12.61 -7.57
N PHE P 92 -10.27 12.30 -6.41
CA PHE P 92 -8.84 12.62 -6.22
C PHE P 92 -8.01 11.80 -7.16
N THR P 93 -8.42 10.57 -7.50
CA THR P 93 -7.62 9.82 -8.48
C THR P 93 -7.45 10.58 -9.79
N GLY P 94 -8.49 11.26 -10.31
CA GLY P 94 -8.33 12.05 -11.50
C GLY P 94 -7.19 13.08 -11.36
N PHE P 95 -7.06 13.73 -10.20
CA PHE P 95 -5.94 14.71 -9.99
C PHE P 95 -4.56 14.05 -9.85
N PHE P 96 -4.49 12.84 -9.25
CA PHE P 96 -3.22 12.11 -9.24
C PHE P 96 -2.77 11.68 -10.62
N TRP P 97 -3.74 11.21 -11.40
CA TRP P 97 -3.48 10.83 -12.76
C TRP P 97 -2.92 12.05 -13.53
N ALA P 98 -3.58 13.21 -13.46
CA ALA P 98 -3.05 14.44 -14.07
C ALA P 98 -1.62 14.68 -13.59
N PHE P 99 -1.37 14.52 -12.31
CA PHE P 99 -0.04 14.81 -11.79
C PHE P 99 0.99 13.82 -12.36
N TYR P 100 0.72 12.52 -12.24
CA TYR P 100 1.64 11.55 -12.77
C TYR P 100 1.89 11.67 -14.29
N HIS P 101 0.80 11.91 -15.04
CA HIS P 101 0.90 12.13 -16.47
C HIS P 101 1.91 13.23 -16.85
N SER P 102 1.77 14.39 -16.20
CA SER P 102 2.58 15.54 -16.52
C SER P 102 4.06 15.36 -16.02
N SER P 103 4.27 14.72 -14.88
CA SER P 103 5.63 14.72 -14.28
C SER P 103 6.45 13.51 -14.77
N LEU P 104 5.79 12.41 -15.18
CA LEU P 104 6.50 11.26 -15.74
C LEU P 104 6.94 11.48 -17.18
N ALA P 105 6.25 12.33 -17.93
CA ALA P 105 6.70 12.60 -19.30
C ALA P 105 6.88 14.10 -19.48
N PRO P 106 7.91 14.73 -18.82
CA PRO P 106 7.88 16.21 -18.82
C PRO P 106 8.05 16.77 -20.23
N THR P 107 7.20 17.72 -20.64
CA THR P 107 7.24 18.15 -22.06
C THR P 107 8.40 19.12 -22.34
N PRO P 108 8.74 19.30 -23.64
CA PRO P 108 9.82 20.23 -23.98
C PRO P 108 9.64 21.64 -23.42
N GLU P 109 8.41 22.14 -23.37
CA GLU P 109 8.18 23.51 -22.88
C GLU P 109 8.64 23.66 -21.41
N LEU P 110 8.67 22.56 -20.68
CA LEU P 110 9.07 22.54 -19.28
C LEU P 110 10.60 22.54 -19.16
N GLY P 111 11.28 22.24 -20.25
CA GLY P 111 12.71 21.89 -20.12
C GLY P 111 12.95 20.39 -20.27
N GLY P 112 11.87 19.61 -20.45
CA GLY P 112 11.98 18.16 -20.67
C GLY P 112 12.36 17.53 -19.35
N CYS P 113 12.11 18.20 -18.20
CA CYS P 113 12.60 17.68 -16.92
C CYS P 113 11.52 17.99 -15.88
N TRP P 114 11.67 17.39 -14.71
CA TRP P 114 10.71 17.55 -13.61
C TRP P 114 11.51 17.53 -12.39
N PRO P 115 11.37 18.53 -11.53
CA PRO P 115 10.48 19.68 -11.75
C PRO P 115 10.93 20.53 -12.96
N PRO P 116 9.97 21.26 -13.61
CA PRO P 116 10.30 22.11 -14.73
C PRO P 116 11.43 23.08 -14.35
N THR P 117 12.23 23.46 -15.35
CA THR P 117 13.09 24.62 -15.20
C THR P 117 12.36 25.82 -14.59
N GLY P 118 13.03 26.52 -13.68
CA GLY P 118 12.50 27.77 -13.09
C GLY P 118 11.54 27.52 -11.94
N ILE P 119 11.23 26.24 -11.64
CA ILE P 119 10.47 25.87 -10.43
C ILE P 119 11.41 25.41 -9.33
N HIS P 120 11.19 26.00 -8.14
CA HIS P 120 11.92 25.66 -6.91
C HIS P 120 10.96 25.04 -5.91
N PRO P 121 10.89 23.70 -5.91
CA PRO P 121 9.98 22.94 -5.03
C PRO P 121 10.22 23.22 -3.54
N LEU P 122 9.14 23.18 -2.75
CA LEU P 122 9.28 23.20 -1.27
C LEU P 122 10.16 22.02 -0.79
N ASN P 123 10.72 22.14 0.39
CA ASN P 123 11.50 21.07 0.92
C ASN P 123 10.57 20.13 1.66
N PRO P 124 10.46 18.88 1.19
CA PRO P 124 9.56 17.95 1.85
C PRO P 124 9.85 17.70 3.33
N LEU P 125 11.07 17.98 3.79
CA LEU P 125 11.42 17.76 5.16
C LEU P 125 11.07 18.96 6.04
N GLU P 126 10.51 20.03 5.49
CA GLU P 126 10.19 21.20 6.33
C GLU P 126 8.73 21.24 6.70
N VAL P 127 7.96 22.25 6.24
CA VAL P 127 6.56 22.32 6.68
C VAL P 127 5.71 21.12 6.16
N PRO P 128 6.00 20.60 4.94
CA PRO P 128 5.27 19.41 4.50
C PRO P 128 5.40 18.20 5.44
N LEU P 129 6.56 18.02 6.02
CA LEU P 129 6.75 16.98 7.02
C LEU P 129 6.01 17.32 8.32
N LEU P 130 6.04 18.59 8.75
CA LEU P 130 5.30 18.95 9.93
C LEU P 130 3.74 18.66 9.64
N ASN P 131 3.25 19.02 8.45
CA ASN P 131 1.81 18.82 8.12
C ASN P 131 1.47 17.34 8.20
N THR P 132 2.37 16.51 7.71
CA THR P 132 2.19 15.05 7.79
C THR P 132 2.15 14.54 9.25
N SER P 133 3.02 15.05 10.14
CA SER P 133 2.95 14.60 11.53
C SER P 133 1.64 15.08 12.17
N VAL P 134 1.21 16.29 11.80
CA VAL P 134 -0.03 16.88 12.34
C VAL P 134 -1.23 15.99 11.99
N LEU P 135 -1.37 15.59 10.72
CA LEU P 135 -2.56 14.87 10.31
C LEU P 135 -2.49 13.45 10.87
N LEU P 136 -1.29 12.89 10.89
CA LEU P 136 -1.11 11.54 11.46
C LEU P 136 -1.44 11.60 12.96
N ALA P 137 -1.06 12.68 13.64
CA ALA P 137 -1.31 12.79 15.06
C ALA P 137 -2.83 12.90 15.32
N SER P 138 -3.52 13.62 14.42
CA SER P 138 -4.98 13.79 14.57
C SER P 138 -5.73 12.42 14.33
N GLY P 139 -5.14 11.52 13.53
CA GLY P 139 -5.69 10.17 13.32
C GLY P 139 -5.60 9.39 14.61
N VAL P 140 -4.54 9.67 15.39
CA VAL P 140 -4.37 9.03 16.70
C VAL P 140 -5.33 9.66 17.69
N SER P 141 -5.44 11.01 17.77
CA SER P 141 -6.34 11.57 18.81
C SER P 141 -7.83 11.26 18.47
N ILE P 142 -8.21 11.15 17.18
CA ILE P 142 -9.61 10.84 16.87
CA ILE P 142 -9.63 10.84 16.85
C ILE P 142 -9.92 9.39 17.27
N THR P 143 -8.88 8.52 17.27
CA THR P 143 -9.10 7.15 17.69
C THR P 143 -9.23 7.12 19.19
N TRP P 144 -8.52 7.99 19.84
CA TRP P 144 -8.72 8.11 21.25
C TRP P 144 -10.12 8.55 21.56
N ALA P 145 -10.60 9.53 20.79
CA ALA P 145 -11.98 10.07 21.03
C ALA P 145 -13.03 8.94 20.86
N HIS P 146 -12.88 8.11 19.83
CA HIS P 146 -13.83 7.01 19.56
C HIS P 146 -13.94 6.02 20.71
N HIS P 147 -12.78 5.57 21.21
CA HIS P 147 -12.71 4.64 22.33
C HIS P 147 -13.24 5.25 23.62
N SER P 148 -12.98 6.53 23.87
CA SER P 148 -13.57 7.23 25.01
C SER P 148 -15.12 7.23 24.98
N LEU P 149 -15.65 7.54 23.83
CA LEU P 149 -17.12 7.57 23.59
C LEU P 149 -17.65 6.14 23.88
N MET P 150 -17.06 5.12 23.26
CA MET P 150 -17.50 3.75 23.47
C MET P 150 -17.45 3.33 24.90
N GLU P 151 -16.47 3.83 25.67
CA GLU P 151 -16.35 3.45 27.08
C GLU P 151 -17.18 4.40 27.94
N GLY P 152 -17.86 5.38 27.37
CA GLY P 152 -18.81 6.20 28.15
C GLY P 152 -18.11 7.35 28.82
N ASP P 153 -16.95 7.77 28.34
CA ASP P 153 -16.20 8.81 29.07
C ASP P 153 -16.40 10.18 28.40
N ARG P 154 -17.29 10.98 28.93
CA ARG P 154 -17.66 12.21 28.29
C ARG P 154 -16.47 13.18 28.20
N LYS P 155 -15.78 13.34 29.31
CA LYS P 155 -14.67 14.30 29.36
C LYS P 155 -13.49 13.97 28.46
N HIS P 156 -13.09 12.71 28.44
CA HIS P 156 -11.98 12.38 27.56
C HIS P 156 -12.36 12.38 26.10
N MET P 157 -13.62 12.07 25.78
CA MET P 157 -14.07 12.12 24.37
C MET P 157 -13.89 13.56 23.90
N LEU P 158 -14.42 14.53 24.67
CA LEU P 158 -14.38 15.97 24.29
C LEU P 158 -12.92 16.44 24.19
N GLN P 159 -12.09 16.04 25.14
CA GLN P 159 -10.66 16.44 25.09
C GLN P 159 -9.95 15.90 23.85
N ALA P 160 -10.12 14.61 23.56
CA ALA P 160 -9.48 14.04 22.37
C ALA P 160 -10.06 14.68 21.08
N LEU P 161 -11.38 14.92 21.07
CA LEU P 161 -12.02 15.47 19.87
C LEU P 161 -11.54 16.87 19.65
N PHE P 162 -11.41 17.61 20.76
CA PHE P 162 -10.87 18.97 20.68
C PHE P 162 -9.47 19.03 20.12
N ILE P 163 -8.63 18.10 20.54
CA ILE P 163 -7.26 18.03 20.06
C ILE P 163 -7.26 17.70 18.56
N THR P 164 -8.18 16.82 18.16
CA THR P 164 -8.24 16.46 16.73
C THR P 164 -8.57 17.71 15.93
N ILE P 165 -9.55 18.47 16.42
CA ILE P 165 -10.02 19.66 15.69
C ILE P 165 -8.86 20.70 15.68
N THR P 166 -8.21 20.89 16.80
CA THR P 166 -7.07 21.82 16.87
C THR P 166 -5.98 21.45 15.87
N LEU P 167 -5.72 20.15 15.72
CA LEU P 167 -4.72 19.72 14.73
C LEU P 167 -5.19 20.00 13.32
N GLY P 168 -6.47 19.72 13.03
CA GLY P 168 -6.98 20.04 11.67
C GLY P 168 -6.82 21.53 11.35
N VAL P 169 -7.12 22.38 12.34
CA VAL P 169 -6.96 23.81 12.17
C VAL P 169 -5.48 24.19 11.97
N TYR P 170 -4.59 23.61 12.78
CA TYR P 170 -3.19 23.87 12.66
C TYR P 170 -2.79 23.48 11.22
N PHE P 171 -3.25 22.29 10.76
CA PHE P 171 -2.87 21.89 9.41
C PHE P 171 -3.26 22.95 8.37
N THR P 172 -4.53 23.42 8.45
CA THR P 172 -5.09 24.38 7.54
C THR P 172 -4.33 25.70 7.52
N LEU P 173 -3.99 26.22 8.69
CA LEU P 173 -3.18 27.47 8.78
C LEU P 173 -1.74 27.28 8.32
N LEU P 174 -1.17 26.10 8.58
CA LEU P 174 0.16 25.80 8.02
C LEU P 174 0.10 25.82 6.49
N GLN P 175 -0.96 25.21 5.93
CA GLN P 175 -1.05 25.14 4.49
C GLN P 175 -1.33 26.58 3.93
N ALA P 176 -2.18 27.36 4.61
CA ALA P 176 -2.49 28.73 4.13
C ALA P 176 -1.21 29.52 4.10
N SER P 177 -0.43 29.40 5.16
CA SER P 177 0.88 30.07 5.18
C SER P 177 1.84 29.57 4.08
N GLU P 178 1.92 28.26 3.86
CA GLU P 178 2.71 27.72 2.79
C GLU P 178 2.29 28.22 1.44
N TYR P 179 0.98 28.37 1.21
CA TYR P 179 0.48 28.88 -0.09
C TYR P 179 1.01 30.32 -0.26
N TYR P 180 0.90 31.14 0.78
CA TYR P 180 1.41 32.52 0.69
C TYR P 180 2.92 32.57 0.44
N GLU P 181 3.68 31.75 1.12
CA GLU P 181 5.19 31.79 1.00
C GLU P 181 5.67 31.09 -0.27
N ALA P 182 4.81 30.29 -0.96
CA ALA P 182 5.34 29.55 -2.10
C ALA P 182 5.77 30.51 -3.23
N PRO P 183 6.99 30.30 -3.81
CA PRO P 183 7.50 31.16 -4.88
C PRO P 183 6.94 30.83 -6.23
N PHE P 184 6.23 29.72 -6.32
CA PHE P 184 5.47 29.35 -7.51
C PHE P 184 3.95 29.56 -7.18
N THR P 185 3.16 29.72 -8.23
CA THR P 185 1.71 29.97 -8.13
C THR P 185 0.92 28.99 -9.01
N ILE P 186 -0.40 29.10 -8.98
CA ILE P 186 -1.23 28.21 -9.78
C ILE P 186 -0.94 28.46 -11.28
N SER P 187 -0.44 29.67 -11.66
CA SER P 187 -0.29 29.93 -13.06
C SER P 187 1.10 29.52 -13.52
N ASP P 188 1.91 28.91 -12.62
CA ASP P 188 3.25 28.41 -12.97
C ASP P 188 3.26 27.06 -13.69
N GLY P 189 2.55 27.07 -14.80
CA GLY P 189 2.45 25.86 -15.63
C GLY P 189 1.89 24.66 -14.93
N VAL P 190 2.23 23.49 -15.43
CA VAL P 190 1.54 22.34 -14.99
C VAL P 190 2.02 22.00 -13.58
N TYR P 191 3.26 22.44 -13.20
CA TYR P 191 3.70 22.17 -11.86
C TYR P 191 2.79 22.93 -10.91
N GLY P 192 2.59 24.24 -11.11
CA GLY P 192 1.70 24.99 -10.19
C GLY P 192 0.26 24.47 -10.27
N SER P 193 -0.17 24.04 -11.46
CA SER P 193 -1.58 23.58 -11.71
C SER P 193 -1.84 22.33 -10.90
N THR P 194 -1.02 21.28 -11.05
CA THR P 194 -1.26 20.01 -10.34
C THR P 194 -1.06 20.23 -8.85
N PHE P 195 -0.06 21.03 -8.48
CA PHE P 195 0.19 21.25 -7.06
C PHE P 195 -0.99 21.94 -6.38
N PHE P 196 -1.38 23.12 -6.84
CA PHE P 196 -2.38 23.89 -6.12
C PHE P 196 -3.79 23.29 -6.27
N VAL P 197 -4.09 22.72 -7.42
CA VAL P 197 -5.45 22.11 -7.55
C VAL P 197 -5.56 20.86 -6.66
N ALA P 198 -4.53 20.00 -6.67
CA ALA P 198 -4.60 18.75 -5.85
C ALA P 198 -4.55 19.08 -4.32
N THR P 199 -3.54 19.83 -3.87
CA THR P 199 -3.45 20.15 -2.42
C THR P 199 -4.58 21.11 -2.02
N GLY P 200 -5.02 21.89 -3.01
CA GLY P 200 -6.17 22.79 -2.76
C GLY P 200 -7.46 22.06 -2.56
N PHE P 201 -7.78 21.11 -3.46
CA PHE P 201 -9.00 20.33 -3.14
C PHE P 201 -8.80 19.58 -1.80
N HIS P 202 -7.56 19.15 -1.56
CA HIS P 202 -7.35 18.41 -0.31
C HIS P 202 -7.60 19.37 0.85
N GLY P 203 -7.12 20.64 0.79
CA GLY P 203 -7.35 21.59 1.89
C GLY P 203 -8.85 21.90 2.13
N LEU P 204 -9.60 22.09 1.05
CA LEU P 204 -11.06 22.15 1.12
C LEU P 204 -11.65 20.95 1.87
N HIS P 205 -11.22 19.72 1.52
CA HIS P 205 -11.65 18.49 2.31
C HIS P 205 -11.26 18.48 3.77
N VAL P 206 -10.11 19.09 4.10
CA VAL P 206 -9.72 19.22 5.52
C VAL P 206 -10.64 20.22 6.25
N ILE P 207 -10.96 21.31 5.57
CA ILE P 207 -11.95 22.22 6.12
C ILE P 207 -13.30 21.59 6.31
N ILE P 208 -13.77 20.82 5.33
CA ILE P 208 -15.08 20.15 5.46
C ILE P 208 -14.99 19.14 6.63
N GLY P 209 -13.87 18.39 6.69
CA GLY P 209 -13.72 17.30 7.73
C GLY P 209 -13.71 17.93 9.15
N SER P 210 -13.09 19.09 9.23
CA SER P 210 -12.92 19.81 10.50
C SER P 210 -14.30 20.35 10.93
N THR P 211 -15.05 20.88 9.97
CA THR P 211 -16.42 21.32 10.26
C THR P 211 -17.26 20.13 10.75
N PHE P 212 -17.21 19.00 10.04
CA PHE P 212 -17.97 17.85 10.49
C PHE P 212 -17.54 17.52 11.92
N LEU P 213 -16.22 17.51 12.20
CA LEU P 213 -15.79 17.20 13.58
C LEU P 213 -16.34 18.23 14.58
N ILE P 214 -16.37 19.49 14.21
CA ILE P 214 -16.85 20.52 15.13
C ILE P 214 -18.33 20.27 15.39
N VAL P 215 -19.07 19.82 14.35
CA VAL P 215 -20.52 19.50 14.52
C VAL P 215 -20.62 18.35 15.54
N CYS P 216 -19.82 17.29 15.35
CA CYS P 216 -19.77 16.22 16.37
C CYS P 216 -19.37 16.72 17.79
N PHE P 217 -18.51 17.71 17.86
CA PHE P 217 -18.07 18.18 19.16
C PHE P 217 -19.27 18.83 19.86
N PHE P 218 -19.99 19.69 19.14
CA PHE P 218 -21.18 20.33 19.74
C PHE P 218 -22.28 19.33 20.07
N ARG P 219 -22.52 18.38 19.17
CA ARG P 219 -23.55 17.35 19.50
C ARG P 219 -23.12 16.59 20.79
N GLN P 220 -21.82 16.26 20.87
CA GLN P 220 -21.26 15.67 22.11
C GLN P 220 -21.49 16.60 23.32
N LEU P 221 -21.24 17.91 23.19
CA LEU P 221 -21.48 18.80 24.33
C LEU P 221 -22.97 18.72 24.78
N LYS P 222 -23.85 18.46 23.83
CA LYS P 222 -25.29 18.38 24.11
C LYS P 222 -25.75 16.94 24.42
N PHE P 223 -24.82 15.98 24.57
CA PHE P 223 -25.21 14.61 25.02
C PHE P 223 -26.04 13.81 23.97
N HIS P 224 -25.92 14.16 22.71
CA HIS P 224 -26.63 13.45 21.63
C HIS P 224 -26.18 12.00 21.48
N PHE P 225 -24.89 11.75 21.64
CA PHE P 225 -24.31 10.41 21.41
C PHE P 225 -24.48 9.49 22.60
N THR P 226 -24.86 8.24 22.37
CA THR P 226 -24.76 7.29 23.46
C THR P 226 -23.46 6.55 23.24
N SER P 227 -23.13 5.64 24.17
CA SER P 227 -21.86 4.90 24.08
C SER P 227 -21.94 3.88 22.96
N ASN P 228 -23.16 3.68 22.46
CA ASN P 228 -23.42 2.68 21.43
C ASN P 228 -23.91 3.19 20.10
N HIS P 229 -24.50 4.37 20.10
CA HIS P 229 -25.10 4.93 18.93
C HIS P 229 -24.58 6.32 18.73
N HIS P 230 -23.78 6.47 17.70
CA HIS P 230 -23.09 7.72 17.40
C HIS P 230 -22.55 7.61 16.02
N PHE P 231 -23.46 7.37 15.08
CA PHE P 231 -23.00 7.18 13.70
C PHE P 231 -22.40 8.49 13.11
N GLY P 232 -22.96 9.67 13.43
CA GLY P 232 -22.43 10.93 12.87
C GLY P 232 -20.94 11.08 13.22
N PHE P 233 -20.59 10.66 14.45
CA PHE P 233 -19.19 10.67 14.86
C PHE P 233 -18.34 9.59 14.09
N GLU P 234 -18.86 8.39 13.90
CA GLU P 234 -18.11 7.43 13.08
C GLU P 234 -17.91 7.92 11.65
N ALA P 235 -18.98 8.45 11.04
CA ALA P 235 -18.85 9.02 9.70
C ALA P 235 -17.76 10.10 9.61
N ALA P 236 -17.76 11.03 10.58
CA ALA P 236 -16.79 12.12 10.60
C ALA P 236 -15.36 11.52 10.77
N ALA P 237 -15.24 10.40 11.49
CA ALA P 237 -13.90 9.80 11.70
C ALA P 237 -13.42 9.08 10.43
N TRP P 238 -14.34 8.38 9.74
CA TRP P 238 -14.01 7.80 8.42
C TRP P 238 -13.61 8.84 7.43
N TYR P 239 -14.34 9.95 7.41
CA TYR P 239 -14.00 11.01 6.46
C TYR P 239 -12.60 11.57 6.83
N TRP P 240 -12.38 11.73 8.12
CA TRP P 240 -11.11 12.28 8.61
C TRP P 240 -9.92 11.39 8.25
N HIS P 241 -10.06 10.07 8.40
CA HIS P 241 -8.98 9.16 7.97
C HIS P 241 -8.79 9.18 6.46
N PHE P 242 -9.91 9.36 5.72
CA PHE P 242 -9.81 9.48 4.28
C PHE P 242 -8.97 10.74 3.96
N VAL P 243 -9.25 11.86 4.60
CA VAL P 243 -8.47 13.07 4.40
C VAL P 243 -6.97 12.86 4.70
N ASP P 244 -6.67 12.10 5.71
CA ASP P 244 -5.27 11.81 6.12
C ASP P 244 -4.60 10.95 5.04
N VAL P 245 -5.32 9.94 4.52
CA VAL P 245 -4.69 9.04 3.54
C VAL P 245 -4.41 9.82 2.23
N VAL P 246 -5.38 10.64 1.80
CA VAL P 246 -5.15 11.52 0.65
C VAL P 246 -3.87 12.36 0.88
N TRP P 247 -3.76 13.02 2.02
CA TRP P 247 -2.52 13.74 2.37
C TRP P 247 -1.25 12.89 2.22
N LEU P 248 -1.29 11.66 2.67
CA LEU P 248 -0.11 10.83 2.59
C LEU P 248 0.29 10.54 1.15
N PHE P 249 -0.72 10.30 0.30
CA PHE P 249 -0.50 10.17 -1.13
C PHE P 249 0.01 11.50 -1.74
N LEU P 250 -0.54 12.65 -1.35
CA LEU P 250 -0.06 13.91 -1.88
C LEU P 250 1.40 14.12 -1.44
N TYR P 251 1.71 13.84 -0.17
CA TYR P 251 3.06 14.05 0.43
C TYR P 251 4.11 13.20 -0.32
N VAL P 252 3.86 11.89 -0.45
CA VAL P 252 4.75 10.98 -1.15
C VAL P 252 4.84 11.31 -2.66
N SER P 253 3.71 11.61 -3.35
CA SER P 253 3.71 11.77 -4.81
C SER P 253 4.23 13.11 -5.18
N ILE P 254 3.63 14.15 -4.63
CA ILE P 254 3.88 15.46 -5.14
C ILE P 254 5.02 16.15 -4.40
N TYR P 255 5.10 16.02 -3.06
CA TYR P 255 6.10 16.82 -2.33
C TYR P 255 7.46 16.11 -2.35
N TRP P 256 7.41 14.80 -2.27
CA TRP P 256 8.60 14.03 -2.08
C TRP P 256 9.05 13.47 -3.38
N TRP P 257 8.31 12.55 -3.95
CA TRP P 257 8.73 12.11 -5.29
C TRP P 257 8.75 13.18 -6.38
N GLY P 258 7.75 14.06 -6.47
CA GLY P 258 7.77 15.09 -7.50
C GLY P 258 8.72 16.27 -7.24
N SER P 259 9.56 16.21 -6.22
CA SER P 259 10.38 17.41 -5.95
C SER P 259 11.78 17.28 -6.55
N SER Q 1 -67.66 -14.71 -11.86
CA SER Q 1 -68.52 -13.50 -11.94
C SER Q 1 -67.66 -12.19 -11.81
N VAL Q 2 -68.21 -11.03 -12.24
CA VAL Q 2 -67.57 -9.68 -12.09
C VAL Q 2 -67.19 -9.46 -10.59
N VAL Q 3 -65.90 -9.64 -10.23
CA VAL Q 3 -65.41 -9.64 -8.80
C VAL Q 3 -65.72 -8.31 -8.04
N LYS Q 4 -65.24 -8.18 -6.79
CA LYS Q 4 -65.66 -7.10 -5.83
C LYS Q 4 -64.86 -5.72 -5.81
N SER Q 5 -64.18 -5.40 -4.70
CA SER Q 5 -63.65 -4.03 -4.50
C SER Q 5 -62.12 -3.85 -4.40
N GLU Q 6 -61.45 -4.64 -3.53
CA GLU Q 6 -59.96 -4.67 -3.32
C GLU Q 6 -59.43 -6.01 -3.87
N ASP Q 7 -59.75 -6.11 -5.13
CA ASP Q 7 -59.79 -7.32 -5.84
C ASP Q 7 -58.43 -7.71 -6.38
N TYR Q 8 -57.54 -6.71 -6.51
CA TYR Q 8 -56.21 -7.00 -7.04
C TYR Q 8 -55.53 -8.08 -6.19
N ALA Q 9 -55.90 -8.20 -4.91
CA ALA Q 9 -55.29 -9.26 -4.09
C ALA Q 9 -55.92 -10.69 -4.12
N LEU Q 10 -57.08 -10.84 -4.74
CA LEU Q 10 -57.71 -12.13 -4.85
C LEU Q 10 -57.07 -13.02 -5.93
N PRO Q 11 -57.08 -14.38 -5.77
CA PRO Q 11 -56.66 -15.25 -6.90
C PRO Q 11 -57.48 -14.92 -8.18
N SER Q 12 -56.89 -14.96 -9.34
CA SER Q 12 -57.75 -14.56 -10.45
C SER Q 12 -57.74 -15.62 -11.54
N TYR Q 13 -58.62 -15.45 -12.50
CA TYR Q 13 -58.83 -16.34 -13.59
C TYR Q 13 -57.89 -15.95 -14.80
N VAL Q 14 -57.32 -16.90 -15.53
CA VAL Q 14 -56.57 -16.58 -16.73
C VAL Q 14 -56.86 -17.70 -17.73
N ASP Q 15 -56.92 -17.35 -19.00
CA ASP Q 15 -56.92 -18.34 -20.05
C ASP Q 15 -55.50 -18.35 -20.56
N ARG Q 16 -54.78 -19.43 -20.28
CA ARG Q 16 -53.34 -19.52 -20.58
CA ARG Q 16 -53.35 -19.53 -20.67
C ARG Q 16 -53.04 -20.99 -20.92
N ARG Q 17 -52.41 -21.23 -22.06
CA ARG Q 17 -52.08 -22.53 -22.61
C ARG Q 17 -51.33 -23.42 -21.68
N ASP Q 18 -50.37 -22.87 -20.95
CA ASP Q 18 -49.63 -23.66 -19.96
C ASP Q 18 -50.17 -23.44 -18.52
N TYR Q 19 -51.37 -22.87 -18.37
CA TYR Q 19 -51.99 -22.88 -17.00
C TYR Q 19 -53.46 -23.31 -17.23
N PRO Q 20 -53.64 -24.53 -17.76
CA PRO Q 20 -54.98 -24.95 -18.22
C PRO Q 20 -56.03 -24.92 -17.15
N LEU Q 21 -55.63 -25.17 -15.90
CA LEU Q 21 -56.55 -25.25 -14.75
C LEU Q 21 -56.32 -24.04 -13.81
N PRO Q 22 -56.93 -22.88 -14.11
CA PRO Q 22 -56.76 -21.64 -13.31
C PRO Q 22 -57.22 -21.79 -11.86
N ASP Q 23 -56.77 -20.85 -11.04
CA ASP Q 23 -56.93 -20.88 -9.60
C ASP Q 23 -58.38 -20.69 -9.14
N VAL Q 24 -59.24 -20.08 -9.94
CA VAL Q 24 -60.65 -19.89 -9.56
C VAL Q 24 -61.52 -20.23 -10.81
N ALA Q 25 -62.78 -20.56 -10.56
CA ALA Q 25 -63.77 -20.78 -11.64
C ALA Q 25 -64.00 -19.46 -12.42
N HIS Q 26 -64.23 -19.56 -13.72
CA HIS Q 26 -64.75 -18.43 -14.47
C HIS Q 26 -65.98 -17.79 -13.84
N VAL Q 27 -66.98 -18.57 -13.43
CA VAL Q 27 -68.16 -18.01 -12.74
C VAL Q 27 -67.94 -18.19 -11.24
N LYS Q 28 -67.69 -17.14 -10.50
CA LYS Q 28 -67.37 -17.40 -9.08
C LYS Q 28 -68.56 -17.55 -8.13
N ASN Q 29 -69.68 -16.88 -8.41
CA ASN Q 29 -70.83 -17.01 -7.55
C ASN Q 29 -71.90 -17.62 -8.42
N LEU Q 30 -72.23 -18.87 -8.15
CA LEU Q 30 -73.13 -19.64 -8.96
C LEU Q 30 -74.57 -19.28 -8.60
N SER Q 31 -75.44 -19.15 -9.60
CA SER Q 31 -76.88 -19.02 -9.34
C SER Q 31 -77.45 -20.35 -8.76
N ALA Q 32 -78.69 -20.30 -8.29
CA ALA Q 32 -79.40 -21.49 -7.81
C ALA Q 32 -79.48 -22.54 -8.92
N SER Q 33 -79.81 -22.11 -10.14
CA SER Q 33 -79.94 -22.99 -11.31
C SER Q 33 -78.52 -23.65 -11.63
N GLN Q 34 -77.46 -22.84 -11.59
CA GLN Q 34 -76.07 -23.34 -11.75
C GLN Q 34 -75.68 -24.35 -10.68
N LYS Q 35 -76.02 -24.09 -9.42
CA LYS Q 35 -75.86 -25.09 -8.37
C LYS Q 35 -76.59 -26.37 -8.61
N ALA Q 36 -77.84 -26.27 -9.13
CA ALA Q 36 -78.56 -27.49 -9.34
C ALA Q 36 -77.85 -28.32 -10.45
N LEU Q 37 -77.36 -27.65 -11.49
CA LEU Q 37 -76.63 -28.39 -12.54
C LEU Q 37 -75.31 -29.05 -11.95
N LYS Q 38 -74.64 -28.38 -11.01
CA LYS Q 38 -73.45 -29.00 -10.31
C LYS Q 38 -73.87 -30.18 -9.42
N GLU Q 39 -75.12 -30.17 -8.95
CA GLU Q 39 -75.63 -31.36 -8.28
C GLU Q 39 -75.75 -32.48 -9.25
N LYS Q 40 -76.31 -32.22 -10.43
CA LYS Q 40 -76.51 -33.26 -11.43
C LYS Q 40 -75.13 -33.81 -11.86
N GLU Q 41 -74.09 -32.96 -11.77
CA GLU Q 41 -72.70 -33.34 -12.08
C GLU Q 41 -72.10 -34.43 -11.13
N LYS Q 42 -72.65 -34.59 -9.91
CA LYS Q 42 -72.22 -35.69 -9.01
C LYS Q 42 -72.74 -37.09 -9.39
N ALA Q 43 -73.81 -37.17 -10.20
CA ALA Q 43 -74.25 -38.41 -10.80
C ALA Q 43 -73.43 -38.74 -12.10
N SER Q 44 -73.71 -39.86 -12.72
CA SER Q 44 -72.97 -40.29 -13.90
C SER Q 44 -72.94 -39.21 -15.01
N TRP Q 45 -71.78 -38.98 -15.61
CA TRP Q 45 -71.71 -38.02 -16.71
C TRP Q 45 -72.39 -38.45 -18.00
N SER Q 46 -72.56 -39.76 -18.16
CA SER Q 46 -73.34 -40.35 -19.28
C SER Q 46 -74.80 -39.90 -19.35
N SER Q 47 -75.38 -39.48 -18.21
CA SER Q 47 -76.79 -38.99 -18.18
C SER Q 47 -76.83 -37.54 -18.43
N LEU Q 48 -75.70 -36.85 -18.63
CA LEU Q 48 -75.77 -35.43 -18.93
C LEU Q 48 -75.95 -35.23 -20.46
N SER Q 49 -76.71 -34.24 -20.88
CA SER Q 49 -76.70 -33.88 -22.28
C SER Q 49 -75.47 -33.06 -22.73
N ILE Q 50 -75.26 -33.05 -24.03
CA ILE Q 50 -74.26 -32.17 -24.61
C ILE Q 50 -74.39 -30.72 -24.12
N ASP Q 51 -75.60 -30.16 -24.12
CA ASP Q 51 -75.82 -28.79 -23.68
C ASP Q 51 -75.42 -28.60 -22.23
N GLU Q 52 -75.75 -29.56 -21.36
CA GLU Q 52 -75.42 -29.48 -19.93
C GLU Q 52 -73.88 -29.58 -19.69
N LYS Q 53 -73.23 -30.43 -20.46
CA LYS Q 53 -71.79 -30.53 -20.46
C LYS Q 53 -71.15 -29.24 -20.91
N VAL Q 54 -71.65 -28.65 -22.00
CA VAL Q 54 -71.10 -27.39 -22.47
C VAL Q 54 -71.34 -26.35 -21.35
N GLU Q 55 -72.53 -26.31 -20.76
CA GLU Q 55 -72.75 -25.32 -19.68
C GLU Q 55 -71.78 -25.53 -18.49
N LEU Q 56 -71.57 -26.78 -18.08
CA LEU Q 56 -70.63 -27.07 -17.00
C LEU Q 56 -69.21 -26.50 -17.29
N TYR Q 57 -68.75 -26.74 -18.54
CA TYR Q 57 -67.52 -26.23 -19.04
C TYR Q 57 -67.41 -24.70 -18.86
N ARG Q 58 -68.45 -24.00 -19.25
CA ARG Q 58 -68.48 -22.51 -19.32
C ARG Q 58 -68.68 -21.94 -17.92
N LEU Q 59 -69.08 -22.75 -16.93
CA LEU Q 59 -69.06 -22.28 -15.52
C LEU Q 59 -67.59 -22.23 -15.08
N LYS Q 60 -66.80 -23.16 -15.56
CA LYS Q 60 -65.38 -23.27 -15.04
C LYS Q 60 -64.39 -22.36 -15.81
N PHE Q 61 -64.57 -22.33 -17.14
CA PHE Q 61 -63.74 -21.64 -18.12
C PHE Q 61 -64.46 -20.59 -18.93
N LYS Q 62 -63.74 -19.54 -19.26
CA LYS Q 62 -64.24 -18.48 -20.11
C LYS Q 62 -64.17 -18.86 -21.57
N GLU Q 63 -62.96 -18.95 -22.10
CA GLU Q 63 -62.73 -19.45 -23.46
C GLU Q 63 -62.11 -20.84 -23.50
N SER Q 64 -62.52 -21.63 -24.51
CA SER Q 64 -61.87 -22.87 -24.84
C SER Q 64 -60.44 -22.61 -25.40
N PHE Q 65 -59.70 -23.69 -25.57
CA PHE Q 65 -58.36 -23.57 -26.13
C PHE Q 65 -58.47 -23.02 -27.54
N ALA Q 66 -59.48 -23.48 -28.30
CA ALA Q 66 -59.56 -23.10 -29.71
C ALA Q 66 -59.83 -21.60 -29.75
N GLU Q 67 -60.64 -21.12 -28.82
CA GLU Q 67 -60.99 -19.69 -28.78
C GLU Q 67 -59.83 -18.87 -28.37
N MET Q 68 -59.19 -19.24 -27.27
CA MET Q 68 -58.10 -18.39 -26.81
C MET Q 68 -56.92 -18.44 -27.79
N ASN Q 69 -56.79 -19.48 -28.59
CA ASN Q 69 -55.69 -19.51 -29.52
C ASN Q 69 -56.04 -18.98 -30.92
N ARG Q 70 -57.23 -18.46 -31.17
CA ARG Q 70 -57.53 -18.11 -32.59
C ARG Q 70 -56.62 -16.99 -33.16
N SER Q 71 -56.34 -17.04 -34.45
CA SER Q 71 -55.55 -15.95 -35.06
C SER Q 71 -56.48 -14.74 -35.31
N THR Q 72 -55.89 -13.58 -35.57
CA THR Q 72 -56.70 -12.41 -35.90
C THR Q 72 -56.23 -11.75 -37.17
N ASN Q 73 -57.02 -10.80 -37.66
CA ASN Q 73 -56.65 -9.99 -38.78
C ASN Q 73 -55.98 -8.70 -38.37
N GLU Q 74 -55.61 -8.60 -37.08
CA GLU Q 74 -54.96 -7.38 -36.57
C GLU Q 74 -53.75 -6.89 -37.42
N TRP Q 75 -52.95 -7.81 -37.96
CA TRP Q 75 -51.66 -7.47 -38.62
C TRP Q 75 -51.94 -6.56 -39.81
N LYS Q 76 -53.09 -6.78 -40.44
CA LYS Q 76 -53.48 -5.99 -41.58
C LYS Q 76 -53.63 -4.54 -41.20
N THR Q 77 -54.31 -4.30 -40.08
CA THR Q 77 -54.54 -2.95 -39.57
C THR Q 77 -53.26 -2.27 -39.21
N VAL Q 78 -52.35 -3.06 -38.64
CA VAL Q 78 -51.01 -2.56 -38.17
C VAL Q 78 -50.12 -2.15 -39.37
N VAL Q 79 -49.96 -3.07 -40.31
CA VAL Q 79 -49.12 -2.77 -41.49
C VAL Q 79 -49.73 -1.63 -42.30
N GLY Q 80 -51.02 -1.74 -42.59
CA GLY Q 80 -51.70 -0.73 -43.30
C GLY Q 80 -51.58 0.59 -42.61
N ALA Q 81 -51.87 0.67 -41.33
CA ALA Q 81 -51.76 1.99 -40.66
C ALA Q 81 -50.28 2.49 -40.58
N ALA Q 82 -49.35 1.57 -40.42
CA ALA Q 82 -47.90 1.97 -40.44
C ALA Q 82 -47.55 2.62 -41.80
N MET Q 83 -48.06 2.00 -42.86
CA MET Q 83 -47.86 2.54 -44.20
C MET Q 83 -48.55 3.86 -44.39
N PHE Q 84 -49.77 4.00 -43.89
CA PHE Q 84 -50.39 5.33 -43.93
C PHE Q 84 -49.44 6.40 -43.33
N PHE Q 85 -48.96 6.17 -42.11
CA PHE Q 85 -48.12 7.11 -41.43
C PHE Q 85 -46.78 7.34 -42.09
N ILE Q 86 -46.19 6.27 -42.62
CA ILE Q 86 -44.99 6.44 -43.43
C ILE Q 86 -45.30 7.32 -44.66
N GLY Q 87 -46.44 7.03 -45.35
CA GLY Q 87 -46.85 7.87 -46.46
C GLY Q 87 -46.98 9.34 -46.02
N PHE Q 88 -47.73 9.57 -44.93
CA PHE Q 88 -47.84 10.93 -44.42
C PHE Q 88 -46.44 11.55 -44.18
N THR Q 89 -45.43 10.74 -43.90
CA THR Q 89 -44.10 11.34 -43.66
C THR Q 89 -43.52 11.99 -44.94
N ALA Q 90 -43.69 11.30 -46.07
CA ALA Q 90 -43.40 11.91 -47.39
C ALA Q 90 -44.07 13.28 -47.64
N LEU Q 91 -45.27 13.53 -47.11
CA LEU Q 91 -45.88 14.83 -47.28
C LEU Q 91 -45.05 15.89 -46.58
N LEU Q 92 -44.59 15.57 -45.40
CA LEU Q 92 -43.70 16.49 -44.67
C LEU Q 92 -42.40 16.74 -45.43
N LEU Q 93 -41.86 15.68 -46.06
CA LEU Q 93 -40.60 15.78 -46.83
C LEU Q 93 -40.80 16.60 -48.12
N ILE Q 94 -41.99 16.51 -48.76
CA ILE Q 94 -42.32 17.35 -49.93
C ILE Q 94 -42.42 18.80 -49.41
N TRP Q 95 -43.05 18.99 -48.26
CA TRP Q 95 -43.20 20.37 -47.76
C TRP Q 95 -41.84 20.97 -47.47
N GLU Q 96 -40.94 20.14 -46.90
CA GLU Q 96 -39.58 20.56 -46.58
C GLU Q 96 -38.84 20.92 -47.86
N LYS Q 97 -38.98 20.06 -48.88
CA LYS Q 97 -38.36 20.35 -50.18
C LYS Q 97 -38.84 21.68 -50.76
N HIS Q 98 -40.12 21.98 -50.64
CA HIS Q 98 -40.66 23.19 -51.26
C HIS Q 98 -40.32 24.42 -50.46
N TYR Q 99 -40.61 24.41 -49.17
CA TYR Q 99 -40.51 25.62 -48.35
C TYR Q 99 -39.26 25.78 -47.49
N VAL Q 100 -38.40 24.76 -47.42
CA VAL Q 100 -37.22 24.86 -46.54
C VAL Q 100 -35.92 24.90 -47.34
N TYR Q 101 -35.73 23.94 -48.25
CA TYR Q 101 -34.51 23.81 -49.00
C TYR Q 101 -34.43 24.86 -50.10
N GLY Q 102 -33.30 25.56 -50.14
CA GLY Q 102 -33.00 26.49 -51.23
C GLY Q 102 -32.39 25.61 -52.30
N PRO Q 103 -31.76 26.22 -53.30
CA PRO Q 103 -31.21 25.44 -54.39
C PRO Q 103 -29.93 24.70 -53.99
N ILE Q 104 -29.64 23.58 -54.65
CA ILE Q 104 -28.39 22.87 -54.36
C ILE Q 104 -27.22 23.50 -55.14
N PRO Q 105 -25.95 23.16 -54.81
CA PRO Q 105 -24.84 23.84 -55.48
C PRO Q 105 -24.72 23.57 -56.99
N HIS Q 106 -24.06 24.48 -57.70
CA HIS Q 106 -23.99 24.36 -59.16
C HIS Q 106 -23.24 23.15 -59.62
N THR Q 107 -22.50 22.51 -58.73
CA THR Q 107 -21.65 21.41 -59.14
C THR Q 107 -22.50 20.20 -59.46
N PHE Q 108 -23.81 20.34 -59.24
CA PHE Q 108 -24.76 19.27 -59.56
C PHE Q 108 -25.40 19.46 -60.91
N GLU Q 109 -25.06 20.55 -61.58
CA GLU Q 109 -25.60 20.76 -62.95
C GLU Q 109 -25.05 19.77 -63.93
N GLU Q 110 -25.87 19.44 -64.93
CA GLU Q 110 -25.63 18.27 -65.74
C GLU Q 110 -24.27 18.32 -66.46
N GLU Q 111 -23.93 19.52 -66.95
CA GLU Q 111 -22.68 19.78 -67.64
C GLU Q 111 -21.45 19.74 -66.69
N TRP Q 112 -21.56 20.39 -65.54
CA TRP Q 112 -20.57 20.14 -64.48
C TRP Q 112 -20.29 18.67 -64.24
N VAL Q 113 -21.33 17.89 -63.92
CA VAL Q 113 -21.17 16.47 -63.66
C VAL Q 113 -20.46 15.76 -64.83
N ALA Q 114 -20.77 16.17 -66.08
CA ALA Q 114 -20.13 15.55 -67.27
C ALA Q 114 -18.62 15.83 -67.26
N LYS Q 115 -18.25 17.07 -67.04
CA LYS Q 115 -16.84 17.43 -66.96
C LYS Q 115 -16.11 16.74 -65.78
N GLN Q 116 -16.67 16.86 -64.59
CA GLN Q 116 -16.15 16.24 -63.38
C GLN Q 116 -15.99 14.75 -63.56
N THR Q 117 -16.93 14.12 -64.28
CA THR Q 117 -16.86 12.68 -64.51
C THR Q 117 -15.63 12.29 -65.37
N LYS Q 118 -15.46 12.99 -66.50
CA LYS Q 118 -14.21 12.86 -67.27
C LYS Q 118 -12.96 13.11 -66.41
N ARG Q 119 -12.89 14.25 -65.74
CA ARG Q 119 -11.76 14.51 -64.83
C ARG Q 119 -11.45 13.32 -63.85
N MET Q 120 -12.50 12.77 -63.17
CA MET Q 120 -12.35 11.53 -62.38
C MET Q 120 -11.79 10.35 -63.20
N LEU Q 121 -12.24 10.19 -64.45
CA LEU Q 121 -11.68 9.12 -65.28
C LEU Q 121 -10.20 9.37 -65.66
N ASP Q 122 -9.88 10.66 -65.90
CA ASP Q 122 -8.55 11.18 -66.26
C ASP Q 122 -7.50 10.92 -65.13
N MET Q 123 -7.92 11.09 -63.87
CA MET Q 123 -7.09 10.76 -62.72
C MET Q 123 -7.30 9.33 -62.24
N LYS Q 124 -8.10 8.54 -62.98
CA LYS Q 124 -8.31 7.13 -62.68
C LYS Q 124 -8.75 6.92 -61.24
N VAL Q 125 -9.72 7.72 -60.81
CA VAL Q 125 -10.36 7.51 -59.49
C VAL Q 125 -10.84 6.04 -59.40
N ALA Q 126 -10.42 5.38 -58.31
CA ALA Q 126 -10.80 4.01 -58.04
C ALA Q 126 -10.67 3.12 -59.30
N PRO Q 127 -9.43 2.86 -59.70
CA PRO Q 127 -9.24 2.15 -60.97
C PRO Q 127 -9.23 0.65 -60.79
N ILE Q 128 -9.31 0.13 -59.56
CA ILE Q 128 -9.18 -1.34 -59.40
C ILE Q 128 -10.53 -2.01 -59.41
N GLN Q 129 -11.56 -1.33 -58.87
CA GLN Q 129 -12.95 -1.85 -58.71
C GLN Q 129 -14.01 -0.72 -58.75
N GLY Q 130 -13.74 0.36 -58.05
CA GLY Q 130 -14.82 1.25 -57.67
C GLY Q 130 -15.50 2.02 -58.77
N PHE Q 131 -14.70 2.62 -59.66
CA PHE Q 131 -15.22 3.67 -60.53
C PHE Q 131 -14.63 3.64 -61.93
N SER Q 132 -13.38 4.11 -62.09
CA SER Q 132 -12.65 4.05 -63.39
C SER Q 132 -12.50 2.65 -63.85
N ALA Q 133 -12.60 1.68 -62.93
CA ALA Q 133 -12.49 0.27 -63.30
C ALA Q 133 -13.67 -0.08 -64.18
N LYS Q 134 -14.71 0.74 -64.15
CA LYS Q 134 -15.94 0.49 -64.95
C LYS Q 134 -15.99 1.22 -66.29
N TRP Q 135 -14.90 1.93 -66.60
CA TRP Q 135 -14.75 2.64 -67.86
C TRP Q 135 -13.89 1.82 -68.77
N ASP Q 136 -14.25 1.74 -70.05
CA ASP Q 136 -13.35 1.14 -71.01
C ASP Q 136 -12.45 2.21 -71.57
N TYR Q 137 -11.16 2.14 -71.23
CA TYR Q 137 -10.16 3.03 -71.80
C TYR Q 137 -9.89 2.82 -73.32
N ASP Q 138 -9.94 1.57 -73.82
CA ASP Q 138 -9.73 1.32 -75.26
C ASP Q 138 -10.91 1.79 -76.10
N LYS Q 139 -12.11 1.34 -75.75
CA LYS Q 139 -13.31 1.64 -76.55
C LYS Q 139 -13.92 2.98 -76.14
N ASN Q 140 -13.27 3.63 -75.16
CA ASN Q 140 -13.68 4.92 -74.64
C ASN Q 140 -15.21 5.00 -74.39
N GLU Q 141 -15.69 4.13 -73.50
CA GLU Q 141 -17.10 4.09 -73.06
C GLU Q 141 -17.23 3.29 -71.72
N TRP Q 142 -18.34 3.44 -71.01
CA TRP Q 142 -18.66 2.51 -69.87
C TRP Q 142 -18.65 1.07 -70.30
N LYS Q 143 -18.06 0.22 -69.47
CA LYS Q 143 -18.04 -1.21 -69.79
C LYS Q 143 -19.48 -1.72 -69.84
N LYS Q 144 -19.79 -2.66 -70.73
CA LYS Q 144 -21.19 -3.06 -70.89
C LYS Q 144 -21.37 -4.38 -70.18
N HIS R 1 -31.88 -37.85 -14.02
CA HIS R 1 -32.64 -38.57 -15.08
C HIS R 1 -33.02 -39.99 -14.62
N GLU R 2 -34.25 -40.13 -14.10
CA GLU R 2 -34.95 -41.42 -13.89
C GLU R 2 -35.44 -41.88 -15.27
N THR R 3 -35.84 -43.16 -15.47
CA THR R 3 -36.35 -43.54 -16.81
C THR R 3 -37.75 -42.87 -17.11
N ASP R 4 -38.15 -42.88 -18.39
CA ASP R 4 -39.46 -42.45 -18.79
C ASP R 4 -40.58 -43.22 -18.03
N GLU R 5 -40.40 -44.53 -17.85
CA GLU R 5 -41.36 -45.39 -17.16
C GLU R 5 -41.51 -44.99 -15.71
N GLU R 6 -40.41 -44.68 -15.07
CA GLU R 6 -40.49 -44.19 -13.70
C GLU R 6 -41.20 -42.84 -13.66
N PHE R 7 -40.90 -41.94 -14.59
CA PHE R 7 -41.53 -40.63 -14.58
C PHE R 7 -43.07 -40.88 -14.72
N ASP R 8 -43.48 -41.71 -15.70
CA ASP R 8 -44.89 -41.91 -16.00
C ASP R 8 -45.62 -42.51 -14.83
N ALA R 9 -44.95 -43.46 -14.18
CA ALA R 9 -45.49 -44.21 -13.01
C ALA R 9 -45.68 -43.29 -11.80
N ARG R 10 -44.67 -42.46 -11.47
CA ARG R 10 -44.87 -41.44 -10.44
C ARG R 10 -46.13 -40.59 -10.76
N TRP R 11 -46.33 -40.20 -12.02
CA TRP R 11 -47.44 -39.27 -12.32
C TRP R 11 -48.78 -39.95 -12.25
N VAL R 12 -48.82 -41.21 -12.69
CA VAL R 12 -49.98 -42.06 -12.55
C VAL R 12 -50.38 -42.20 -11.08
N THR R 13 -49.41 -42.50 -10.20
CA THR R 13 -49.62 -42.60 -8.76
C THR R 13 -50.14 -41.30 -8.16
N TYR R 14 -49.55 -40.19 -8.59
CA TYR R 14 -49.96 -38.88 -8.10
C TYR R 14 -51.47 -38.71 -8.34
N PHE R 15 -51.95 -38.96 -9.55
CA PHE R 15 -53.38 -38.69 -9.85
C PHE R 15 -54.31 -39.78 -9.31
N ASN R 16 -53.77 -41.01 -9.13
CA ASN R 16 -54.54 -42.14 -8.57
C ASN R 16 -54.81 -41.99 -7.08
N LYS R 17 -54.13 -41.07 -6.38
CA LYS R 17 -54.39 -41.01 -4.94
C LYS R 17 -55.93 -40.86 -4.73
N PRO R 18 -56.59 -41.79 -3.99
CA PRO R 18 -58.07 -41.79 -3.89
C PRO R 18 -58.69 -40.44 -3.47
N ASP R 19 -58.13 -39.86 -2.42
CA ASP R 19 -58.64 -38.56 -1.93
C ASP R 19 -57.80 -37.33 -2.42
N ILE R 20 -57.28 -37.38 -3.66
CA ILE R 20 -56.63 -36.22 -4.26
C ILE R 20 -57.60 -35.05 -4.18
N ASP R 21 -57.13 -33.86 -3.83
CA ASP R 21 -58.10 -32.74 -3.75
C ASP R 21 -58.01 -31.86 -5.02
N ALA R 22 -58.91 -30.88 -5.15
CA ALA R 22 -59.01 -29.99 -6.36
C ALA R 22 -57.67 -29.25 -6.60
N TRP R 23 -57.11 -28.68 -5.53
CA TRP R 23 -55.78 -28.04 -5.61
C TRP R 23 -54.73 -28.92 -6.21
N GLU R 24 -54.65 -30.15 -5.70
CA GLU R 24 -53.68 -31.12 -6.19
C GLU R 24 -53.87 -31.52 -7.62
N LEU R 25 -55.14 -31.68 -8.03
CA LEU R 25 -55.45 -31.95 -9.42
C LEU R 25 -54.89 -30.79 -10.29
N ARG R 26 -55.26 -29.56 -9.96
CA ARG R 26 -54.78 -28.40 -10.73
C ARG R 26 -53.23 -28.33 -10.70
N LYS R 27 -52.65 -28.55 -9.55
CA LYS R 27 -51.19 -28.36 -9.44
C LYS R 27 -50.53 -29.40 -10.37
N GLY R 28 -51.03 -30.63 -10.34
CA GLY R 28 -50.42 -31.72 -11.14
C GLY R 28 -50.52 -31.37 -12.62
N MET R 29 -51.71 -30.95 -13.13
CA MET R 29 -51.84 -30.72 -14.56
C MET R 29 -51.06 -29.47 -14.97
N ASN R 30 -51.15 -28.43 -14.18
CA ASN R 30 -50.43 -27.22 -14.56
C ASN R 30 -48.90 -27.48 -14.53
N THR R 31 -48.39 -28.38 -13.69
CA THR R 31 -46.89 -28.60 -13.61
C THR R 31 -46.53 -29.42 -14.82
N LEU R 32 -47.37 -30.42 -15.09
CA LEU R 32 -47.08 -31.37 -16.14
C LEU R 32 -46.98 -30.73 -17.54
N VAL R 33 -47.86 -29.76 -17.83
CA VAL R 33 -47.86 -29.18 -19.17
C VAL R 33 -46.77 -28.11 -19.29
N GLY R 34 -45.97 -27.87 -18.23
CA GLY R 34 -44.77 -27.06 -18.44
C GLY R 34 -43.64 -27.88 -19.09
N TYR R 35 -43.73 -29.21 -19.08
CA TYR R 35 -42.62 -30.01 -19.60
C TYR R 35 -42.66 -30.14 -21.14
N ASP R 36 -41.55 -30.56 -21.71
CA ASP R 36 -41.41 -30.80 -23.14
C ASP R 36 -41.94 -32.21 -23.35
N LEU R 37 -43.26 -32.40 -23.21
CA LEU R 37 -43.77 -33.73 -23.51
C LEU R 37 -45.28 -33.64 -23.62
N VAL R 38 -45.89 -34.59 -24.33
CA VAL R 38 -47.34 -34.74 -24.25
C VAL R 38 -47.56 -35.95 -23.33
N PRO R 39 -48.37 -35.75 -22.29
CA PRO R 39 -48.41 -36.83 -21.27
C PRO R 39 -48.90 -38.16 -21.83
N GLU R 40 -48.23 -39.24 -21.45
CA GLU R 40 -48.74 -40.58 -21.83
C GLU R 40 -50.26 -40.77 -21.57
N PRO R 41 -50.93 -41.53 -22.45
CA PRO R 41 -52.33 -41.88 -22.15
C PRO R 41 -52.55 -42.43 -20.76
N LYS R 42 -51.62 -43.21 -20.19
CA LYS R 42 -51.87 -43.71 -18.84
C LYS R 42 -51.87 -42.59 -17.79
N ILE R 43 -51.17 -41.50 -18.04
CA ILE R 43 -51.17 -40.42 -17.08
C ILE R 43 -52.50 -39.68 -17.17
N ILE R 44 -52.95 -39.40 -18.41
CA ILE R 44 -54.21 -38.73 -18.68
C ILE R 44 -55.39 -39.54 -18.10
N ASP R 45 -55.37 -40.85 -18.33
CA ASP R 45 -56.39 -41.77 -17.78
C ASP R 45 -56.52 -41.57 -16.27
N ALA R 46 -55.40 -41.56 -15.51
CA ALA R 46 -55.45 -41.38 -14.05
C ALA R 46 -55.90 -39.96 -13.71
N ALA R 47 -55.46 -38.97 -14.48
CA ALA R 47 -56.00 -37.57 -14.19
C ALA R 47 -57.53 -37.44 -14.48
N LEU R 48 -58.01 -38.10 -15.50
CA LEU R 48 -59.48 -38.08 -15.80
C LEU R 48 -60.32 -38.77 -14.72
N ARG R 49 -59.82 -39.90 -14.21
CA ARG R 49 -60.47 -40.59 -13.09
C ARG R 49 -60.42 -39.73 -11.80
N ALA R 50 -59.34 -38.98 -11.60
CA ALA R 50 -59.34 -38.02 -10.49
C ALA R 50 -60.47 -36.95 -10.66
N CYS R 51 -60.62 -36.39 -11.85
CA CYS R 51 -61.69 -35.43 -12.10
C CYS R 51 -63.07 -36.05 -11.72
N ARG R 52 -63.25 -37.32 -12.09
CA ARG R 52 -64.48 -38.03 -11.75
C ARG R 52 -64.74 -38.06 -10.23
N ARG R 53 -63.70 -38.42 -9.49
CA ARG R 53 -63.84 -38.50 -8.03
C ARG R 53 -64.05 -37.11 -7.50
N LEU R 54 -63.54 -36.08 -8.19
CA LEU R 54 -63.69 -34.66 -7.75
C LEU R 54 -64.99 -34.06 -8.33
N ASN R 55 -65.80 -34.85 -9.05
CA ASN R 55 -67.09 -34.32 -9.58
C ASN R 55 -66.85 -33.08 -10.44
N ASP R 56 -65.84 -33.16 -11.28
CA ASP R 56 -65.37 -32.01 -12.06
C ASP R 56 -65.25 -32.44 -13.51
N PHE R 57 -66.40 -32.37 -14.20
CA PHE R 57 -66.50 -32.71 -15.61
C PHE R 57 -65.74 -31.71 -16.48
N ALA R 58 -65.86 -30.43 -16.14
CA ALA R 58 -65.27 -29.41 -16.99
C ALA R 58 -63.72 -29.59 -17.07
N SER R 59 -63.07 -29.88 -15.92
CA SER R 59 -61.56 -30.05 -15.94
C SER R 59 -61.19 -31.24 -16.80
N ALA R 60 -62.11 -32.24 -16.92
CA ALA R 60 -61.72 -33.44 -17.65
C ALA R 60 -61.64 -33.05 -19.13
N VAL R 61 -62.57 -32.22 -19.60
CA VAL R 61 -62.55 -31.75 -21.00
C VAL R 61 -61.32 -30.86 -21.26
N ARG R 62 -61.08 -29.90 -20.37
CA ARG R 62 -59.90 -29.08 -20.42
C ARG R 62 -58.59 -29.91 -20.53
N ILE R 63 -58.54 -31.04 -19.83
CA ILE R 63 -57.35 -31.83 -19.88
C ILE R 63 -57.16 -32.35 -21.29
N LEU R 64 -58.25 -32.78 -21.94
CA LEU R 64 -58.19 -33.34 -23.30
C LEU R 64 -57.72 -32.21 -24.22
N GLU R 65 -58.23 -31.00 -24.03
CA GLU R 65 -57.76 -29.86 -24.82
C GLU R 65 -56.25 -29.64 -24.68
N VAL R 66 -55.76 -29.69 -23.45
CA VAL R 66 -54.39 -29.24 -23.29
C VAL R 66 -53.46 -30.37 -23.80
N VAL R 67 -53.92 -31.61 -23.78
CA VAL R 67 -53.19 -32.70 -24.47
C VAL R 67 -53.04 -32.38 -25.97
N LYS R 68 -54.14 -32.04 -26.65
CA LYS R 68 -54.06 -31.70 -28.07
C LYS R 68 -53.09 -30.53 -28.23
N ASP R 69 -53.22 -29.51 -27.39
CA ASP R 69 -52.41 -28.30 -27.48
C ASP R 69 -50.88 -28.58 -27.29
N LYS R 70 -50.50 -29.47 -26.38
CA LYS R 70 -49.08 -29.78 -26.19
C LYS R 70 -48.48 -30.46 -27.43
N ALA R 71 -49.32 -31.07 -28.26
CA ALA R 71 -48.75 -31.77 -29.42
C ALA R 71 -48.37 -30.81 -30.54
N GLY R 72 -48.83 -29.53 -30.44
CA GLY R 72 -48.49 -28.53 -31.41
C GLY R 72 -48.82 -29.01 -32.81
N PRO R 73 -47.85 -29.01 -33.72
CA PRO R 73 -48.24 -29.38 -35.08
C PRO R 73 -48.25 -30.89 -35.32
N HIS R 74 -47.93 -31.70 -34.33
CA HIS R 74 -47.81 -33.15 -34.56
C HIS R 74 -49.20 -33.73 -34.46
N LYS R 75 -49.88 -33.62 -35.58
CA LYS R 75 -51.34 -33.82 -35.58
C LYS R 75 -51.76 -35.26 -35.33
N GLU R 76 -50.85 -36.22 -35.45
CA GLU R 76 -51.29 -37.59 -35.19
C GLU R 76 -51.33 -37.98 -33.71
N ILE R 77 -50.74 -37.18 -32.83
CA ILE R 77 -50.72 -37.52 -31.41
C ILE R 77 -52.13 -37.51 -30.76
N TYR R 78 -52.87 -36.41 -30.94
CA TYR R 78 -54.15 -36.36 -30.26
C TYR R 78 -55.14 -37.50 -30.68
N PRO R 79 -55.31 -37.77 -32.00
CA PRO R 79 -56.18 -38.93 -32.36
C PRO R 79 -55.72 -40.24 -31.76
N TYR R 80 -54.40 -40.45 -31.64
CA TYR R 80 -53.86 -41.68 -31.05
C TYR R 80 -54.25 -41.69 -29.56
N VAL R 81 -54.06 -40.56 -28.88
CA VAL R 81 -54.38 -40.49 -27.45
C VAL R 81 -55.89 -40.75 -27.23
N ILE R 82 -56.72 -40.13 -28.05
CA ILE R 82 -58.14 -40.37 -27.92
C ILE R 82 -58.43 -41.87 -28.12
N GLN R 83 -57.86 -42.47 -29.16
CA GLN R 83 -58.05 -43.91 -29.39
C GLN R 83 -57.77 -44.67 -28.12
N GLU R 84 -56.63 -44.38 -27.48
CA GLU R 84 -56.21 -45.16 -26.28
C GLU R 84 -57.19 -44.89 -25.11
N LEU R 85 -57.71 -43.67 -25.00
CA LEU R 85 -58.56 -43.29 -23.87
C LEU R 85 -60.02 -43.69 -24.06
N ARG R 86 -60.39 -44.02 -25.30
CA ARG R 86 -61.79 -44.34 -25.60
C ARG R 86 -62.49 -45.20 -24.52
N PRO R 87 -61.84 -46.30 -24.02
CA PRO R 87 -62.60 -47.09 -23.03
C PRO R 87 -62.95 -46.31 -21.76
N THR R 88 -62.04 -45.45 -21.32
CA THR R 88 -62.26 -44.55 -20.17
C THR R 88 -63.27 -43.45 -20.46
N LEU R 89 -63.18 -42.82 -21.62
CA LEU R 89 -64.12 -41.80 -22.03
C LEU R 89 -65.56 -42.39 -22.01
N ASN R 90 -65.73 -43.58 -22.59
CA ASN R 90 -67.06 -44.24 -22.58
C ASN R 90 -67.49 -44.64 -21.19
N GLU R 91 -66.58 -45.21 -20.39
CA GLU R 91 -66.91 -45.58 -19.00
C GLU R 91 -67.33 -44.38 -18.18
N LEU R 92 -66.68 -43.24 -18.32
CA LEU R 92 -66.96 -42.10 -17.41
C LEU R 92 -67.93 -41.10 -17.97
N GLY R 93 -68.30 -41.33 -19.22
CA GLY R 93 -69.20 -40.48 -19.91
C GLY R 93 -68.53 -39.14 -20.17
N ILE R 94 -67.26 -39.18 -20.53
CA ILE R 94 -66.60 -37.94 -20.84
C ILE R 94 -66.68 -37.72 -22.34
N SER R 95 -67.23 -36.57 -22.73
CA SER R 95 -67.29 -36.14 -24.14
C SER R 95 -66.01 -35.39 -24.45
N THR R 96 -65.48 -35.60 -25.65
CA THR R 96 -64.35 -34.81 -26.11
C THR R 96 -64.76 -33.35 -26.45
N PRO R 97 -63.81 -32.40 -26.48
CA PRO R 97 -64.01 -31.00 -26.91
C PRO R 97 -64.69 -30.94 -28.29
N GLU R 98 -64.26 -31.83 -29.16
CA GLU R 98 -64.80 -31.97 -30.49
C GLU R 98 -66.30 -32.29 -30.49
N GLU R 99 -66.66 -33.31 -29.72
CA GLU R 99 -68.04 -33.72 -29.55
C GLU R 99 -68.87 -32.63 -28.91
N LEU R 100 -68.22 -31.71 -28.20
CA LEU R 100 -68.94 -30.64 -27.52
C LEU R 100 -68.84 -29.41 -28.31
N GLY R 101 -68.17 -29.45 -29.45
CA GLY R 101 -68.20 -28.27 -30.31
C GLY R 101 -67.21 -27.23 -29.79
N LEU R 102 -66.42 -27.56 -28.77
CA LEU R 102 -65.49 -26.57 -28.20
C LEU R 102 -64.14 -26.44 -28.91
N ASP R 103 -63.92 -27.20 -29.99
CA ASP R 103 -62.77 -26.97 -30.90
C ASP R 103 -63.09 -25.94 -32.02
N LYS R 104 -64.28 -25.37 -32.05
CA LYS R 104 -64.64 -24.34 -33.05
C LYS R 104 -64.45 -23.00 -32.43
N VAL R 105 -63.97 -22.06 -33.21
CA VAL R 105 -64.17 -20.64 -32.93
C VAL R 105 -65.24 -20.18 -33.92
N ALA S 1 -7.41 7.01 32.75
CA ALA S 1 -8.60 7.40 31.91
C ALA S 1 -9.94 6.67 32.33
N SER S 2 -10.85 7.38 33.03
CA SER S 2 -12.25 6.91 33.37
C SER S 2 -13.28 8.04 33.70
N GLY S 3 -14.32 7.79 34.53
CA GLY S 3 -15.37 8.79 34.76
C GLY S 3 -16.42 8.67 33.66
N GLY S 4 -17.66 9.13 33.89
CA GLY S 4 -18.78 8.82 32.99
C GLY S 4 -19.33 10.00 32.19
N GLY S 5 -20.65 10.09 32.11
CA GLY S 5 -21.35 11.20 31.48
C GLY S 5 -21.84 11.00 30.05
N VAL S 6 -21.67 9.79 29.49
CA VAL S 6 -22.23 9.46 28.14
C VAL S 6 -23.51 8.65 28.35
N PRO S 7 -24.66 9.13 27.87
CA PRO S 7 -25.86 8.27 28.09
C PRO S 7 -25.71 6.92 27.37
N THR S 8 -26.42 5.89 27.83
CA THR S 8 -26.49 4.60 27.12
C THR S 8 -27.79 4.59 26.31
N ASP S 9 -27.92 3.60 25.44
CA ASP S 9 -29.17 3.37 24.70
C ASP S 9 -30.36 3.06 25.66
N GLU S 10 -30.10 2.23 26.66
CA GLU S 10 -31.11 1.91 27.68
C GLU S 10 -31.75 3.21 28.26
N GLU S 11 -30.93 4.22 28.50
CA GLU S 11 -31.36 5.51 29.08
C GLU S 11 -31.92 6.44 28.06
N GLN S 12 -31.43 6.45 26.80
CA GLN S 12 -31.81 7.56 25.94
C GLN S 12 -32.49 7.20 24.58
N ALA S 13 -32.32 5.96 24.08
CA ALA S 13 -32.91 5.55 22.84
C ALA S 13 -34.46 5.79 22.99
N THR S 14 -35.08 6.23 21.90
CA THR S 14 -36.54 6.56 21.93
C THR S 14 -37.19 6.03 20.68
N GLY S 15 -38.49 6.29 20.54
CA GLY S 15 -39.23 6.05 19.27
C GLY S 15 -39.06 4.61 18.79
N LEU S 16 -38.94 4.43 17.47
CA LEU S 16 -38.94 3.06 16.92
C LEU S 16 -37.66 2.33 17.31
N GLU S 17 -36.53 3.07 17.35
CA GLU S 17 -35.23 2.48 17.76
C GLU S 17 -35.45 1.82 19.13
N ARG S 18 -36.03 2.54 20.10
CA ARG S 18 -36.26 1.91 21.41
C ARG S 18 -37.16 0.68 21.39
N GLU S 19 -38.28 0.79 20.65
CA GLU S 19 -39.19 -0.39 20.48
C GLU S 19 -38.49 -1.62 19.92
N VAL S 20 -37.71 -1.45 18.85
CA VAL S 20 -36.92 -2.61 18.35
C VAL S 20 -35.96 -3.16 19.41
N MET S 21 -35.26 -2.26 20.11
CA MET S 21 -34.33 -2.68 21.20
C MET S 21 -35.07 -3.43 22.33
N LEU S 22 -36.23 -2.92 22.81
CA LEU S 22 -37.00 -3.62 23.86
C LEU S 22 -37.58 -4.97 23.40
N ALA S 23 -38.10 -5.02 22.19
CA ALA S 23 -38.60 -6.29 21.67
C ALA S 23 -37.51 -7.34 21.43
N ALA S 24 -36.34 -6.90 20.95
CA ALA S 24 -35.13 -7.81 20.83
C ALA S 24 -34.74 -8.47 22.17
N ARG S 25 -34.74 -7.72 23.27
CA ARG S 25 -34.51 -8.38 24.58
C ARG S 25 -35.46 -9.52 24.90
N LYS S 26 -36.72 -9.40 24.52
CA LYS S 26 -37.71 -10.43 24.82
C LYS S 26 -37.69 -11.46 23.72
N GLY S 27 -36.70 -11.39 22.84
CA GLY S 27 -36.68 -12.25 21.69
C GLY S 27 -37.87 -12.13 20.75
N GLN S 28 -38.44 -10.92 20.60
CA GLN S 28 -39.57 -10.72 19.69
C GLN S 28 -39.14 -9.82 18.52
N ASP S 29 -39.79 -9.99 17.37
CA ASP S 29 -39.41 -9.22 16.15
C ASP S 29 -40.66 -8.60 15.54
N PRO S 30 -41.28 -7.62 16.22
CA PRO S 30 -42.46 -6.99 15.67
C PRO S 30 -42.15 -6.25 14.38
N TYR S 31 -40.89 -5.85 14.17
CA TYR S 31 -40.59 -5.05 12.96
C TYR S 31 -39.88 -5.79 11.86
N ASN S 32 -39.95 -7.14 11.92
CA ASN S 32 -39.50 -7.90 10.77
C ASN S 32 -38.06 -7.68 10.41
N ILE S 33 -37.19 -7.63 11.42
CA ILE S 33 -35.79 -7.48 11.15
C ILE S 33 -35.16 -8.85 10.77
N LEU S 34 -35.78 -9.92 11.21
CA LEU S 34 -35.18 -11.25 11.06
C LEU S 34 -36.02 -12.09 10.14
N ALA S 35 -35.40 -13.02 9.41
CA ALA S 35 -36.13 -13.98 8.59
C ALA S 35 -36.84 -14.99 9.51
N PRO S 36 -38.16 -15.26 9.28
CA PRO S 36 -38.78 -16.32 10.11
C PRO S 36 -38.29 -17.74 9.67
N LYS S 37 -38.09 -18.68 10.62
CA LYS S 37 -37.67 -20.08 10.31
C LYS S 37 -38.88 -20.85 9.84
N ALA S 38 -38.79 -21.54 8.72
CA ALA S 38 -39.84 -22.42 8.22
C ALA S 38 -40.23 -23.59 9.16
N THR S 39 -41.49 -24.04 9.14
CA THR S 39 -41.94 -25.24 9.85
C THR S 39 -41.77 -26.32 8.77
N SER S 40 -42.29 -27.53 8.98
CA SER S 40 -42.31 -28.47 7.86
C SER S 40 -43.35 -28.07 6.80
N GLY S 41 -44.20 -27.09 7.09
CA GLY S 41 -45.09 -26.53 6.04
C GLY S 41 -46.21 -27.47 5.56
N THR S 42 -46.53 -28.53 6.32
CA THR S 42 -47.67 -29.42 5.94
C THR S 42 -48.99 -28.74 6.38
N LYS S 43 -50.13 -29.35 6.08
CA LYS S 43 -51.40 -28.72 6.53
C LYS S 43 -51.62 -28.78 8.05
N GLU S 44 -51.14 -29.83 8.72
CA GLU S 44 -51.17 -29.91 10.20
C GLU S 44 -50.10 -29.03 10.82
N ASP S 45 -49.05 -28.73 10.05
CA ASP S 45 -48.00 -27.84 10.55
C ASP S 45 -47.62 -26.66 9.58
N PRO S 46 -48.58 -25.73 9.33
CA PRO S 46 -48.34 -24.67 8.37
C PRO S 46 -47.40 -23.59 8.91
N ASN S 47 -46.71 -22.92 8.01
CA ASN S 47 -45.94 -21.74 8.43
C ASN S 47 -46.91 -20.66 8.86
N LEU S 48 -46.65 -20.03 9.99
CA LEU S 48 -47.64 -19.14 10.59
C LEU S 48 -47.19 -17.75 10.28
N VAL S 49 -48.04 -17.00 9.61
CA VAL S 49 -47.62 -15.74 8.99
C VAL S 49 -48.38 -14.64 9.72
N PRO S 50 -47.68 -13.88 10.57
CA PRO S 50 -48.30 -12.82 11.33
C PRO S 50 -48.73 -11.67 10.43
N SER S 51 -49.85 -11.02 10.74
CA SER S 51 -50.18 -9.81 10.03
C SER S 51 -50.89 -8.83 10.91
N ILE S 52 -50.75 -7.55 10.65
CA ILE S 52 -51.59 -6.58 11.37
C ILE S 52 -52.92 -6.40 10.64
N THR S 53 -53.12 -6.94 9.42
CA THR S 53 -54.44 -6.77 8.70
C THR S 53 -54.89 -8.22 8.40
N ASN S 54 -55.64 -8.36 7.32
CA ASN S 54 -56.29 -9.64 6.98
C ASN S 54 -55.72 -10.27 5.70
N LYS S 55 -54.56 -9.77 5.26
CA LYS S 55 -53.82 -10.47 4.22
C LYS S 55 -52.40 -9.97 4.21
N ARG S 56 -51.46 -10.83 3.78
CA ARG S 56 -50.03 -10.41 3.68
C ARG S 56 -49.36 -11.18 2.53
N ILE S 57 -48.47 -10.48 1.83
CA ILE S 57 -47.66 -11.07 0.76
C ILE S 57 -46.64 -12.01 1.31
N VAL S 58 -46.65 -13.24 0.77
CA VAL S 58 -45.62 -14.22 1.04
C VAL S 58 -44.72 -14.37 -0.19
N GLY S 59 -43.38 -14.51 0.00
CA GLY S 59 -42.50 -15.00 -1.06
C GLY S 59 -42.01 -16.42 -0.77
N CYS S 60 -42.05 -17.39 -1.74
CA CYS S 60 -41.62 -18.73 -1.42
C CYS S 60 -40.37 -19.01 -2.23
N ILE S 61 -39.36 -19.19 -1.30
CA ILE S 61 -38.12 -19.67 -1.91
C ILE S 61 -38.26 -21.21 -1.90
N CYS S 62 -38.56 -21.90 -3.12
CA CYS S 62 -39.16 -23.31 -2.99
C CYS S 62 -38.10 -24.31 -2.58
N GLU S 63 -36.87 -24.00 -2.98
CA GLU S 63 -35.75 -24.87 -2.73
C GLU S 63 -34.63 -23.93 -2.49
N GLU S 64 -33.74 -24.36 -1.64
CA GLU S 64 -32.63 -23.55 -1.22
C GLU S 64 -31.82 -23.13 -2.48
N ASP S 65 -31.46 -21.88 -2.54
CA ASP S 65 -30.74 -21.42 -3.79
C ASP S 65 -31.54 -21.15 -5.06
N ASN S 66 -32.85 -21.42 -5.07
CA ASN S 66 -33.60 -21.02 -6.22
C ASN S 66 -33.31 -19.53 -6.32
N SER S 67 -33.15 -18.99 -7.52
CA SER S 67 -33.17 -17.48 -7.58
C SER S 67 -34.62 -16.93 -7.80
N THR S 68 -35.51 -17.77 -8.28
CA THR S 68 -36.90 -17.31 -8.59
C THR S 68 -37.68 -17.32 -7.27
N VAL S 69 -38.18 -16.17 -6.79
CA VAL S 69 -39.03 -16.26 -5.59
C VAL S 69 -40.51 -16.24 -6.04
N ILE S 70 -41.38 -17.03 -5.40
CA ILE S 70 -42.82 -17.18 -5.77
C ILE S 70 -43.64 -16.31 -4.82
N TRP S 71 -44.36 -15.29 -5.35
CA TRP S 71 -45.03 -14.25 -4.54
C TRP S 71 -46.52 -14.39 -4.60
N PHE S 72 -47.23 -14.36 -3.46
CA PHE S 72 -48.68 -14.41 -3.53
C PHE S 72 -49.27 -13.80 -2.28
N TRP S 73 -50.49 -13.29 -2.36
CA TRP S 73 -51.16 -12.82 -1.14
C TRP S 73 -51.72 -13.99 -0.35
N LEU S 74 -51.50 -14.01 0.95
CA LEU S 74 -52.05 -15.04 1.79
C LEU S 74 -53.16 -14.34 2.53
N HIS S 75 -54.38 -14.90 2.42
CA HIS S 75 -55.56 -14.33 3.05
C HIS S 75 -55.88 -14.96 4.40
N LYS S 76 -56.49 -14.15 5.26
CA LYS S 76 -57.14 -14.68 6.48
C LYS S 76 -58.07 -15.85 6.14
N GLY S 77 -58.00 -16.92 6.93
CA GLY S 77 -58.84 -18.10 6.68
C GLY S 77 -58.09 -19.39 6.60
N GLU S 78 -58.63 -20.28 5.77
CA GLU S 78 -58.04 -21.60 5.58
C GLU S 78 -56.56 -21.39 5.11
N ALA S 79 -55.65 -22.28 5.50
CA ALA S 79 -54.25 -22.21 5.02
C ALA S 79 -54.26 -22.25 3.48
N GLN S 80 -53.26 -21.65 2.86
CA GLN S 80 -53.04 -21.66 1.42
C GLN S 80 -51.66 -22.24 1.09
N ARG S 81 -51.45 -22.61 -0.16
CA ARG S 81 -50.23 -23.33 -0.59
C ARG S 81 -49.49 -22.54 -1.67
N CYS S 82 -48.17 -22.81 -1.88
CA CYS S 82 -47.35 -22.22 -2.91
C CYS S 82 -47.74 -22.81 -4.22
N PRO S 83 -48.16 -21.89 -5.00
CA PRO S 83 -48.60 -22.53 -6.28
C PRO S 83 -47.47 -23.29 -6.93
N SER S 84 -46.27 -23.10 -6.38
CA SER S 84 -45.20 -23.77 -7.02
C SER S 84 -44.73 -25.05 -6.33
N CYS S 85 -44.50 -25.04 -5.03
CA CYS S 85 -43.94 -26.22 -4.36
C CYS S 85 -45.01 -26.91 -3.55
N GLY S 86 -45.92 -26.10 -3.03
CA GLY S 86 -47.11 -26.58 -2.33
C GLY S 86 -47.09 -26.46 -0.81
N THR S 87 -46.06 -25.81 -0.24
CA THR S 87 -45.98 -25.65 1.21
C THR S 87 -47.10 -24.74 1.73
N HIS S 88 -47.58 -25.09 2.91
CA HIS S 88 -48.72 -24.44 3.51
C HIS S 88 -48.33 -23.25 4.32
N TYR S 89 -49.15 -22.21 4.26
CA TYR S 89 -48.99 -20.99 5.02
C TYR S 89 -50.34 -20.61 5.59
N LYS S 90 -50.32 -20.00 6.77
CA LYS S 90 -51.60 -19.72 7.43
C LYS S 90 -51.45 -18.37 8.06
N LEU S 91 -52.40 -17.46 7.77
CA LEU S 91 -52.34 -16.13 8.37
C LEU S 91 -52.74 -16.23 9.84
N VAL S 92 -51.95 -15.62 10.73
CA VAL S 92 -52.37 -15.53 12.13
C VAL S 92 -52.63 -14.05 12.24
N PRO S 93 -53.91 -13.61 11.93
CA PRO S 93 -53.99 -12.15 11.97
C PRO S 93 -53.50 -11.65 13.37
N HIS S 94 -53.18 -10.34 13.38
CA HIS S 94 -52.50 -9.56 14.44
C HIS S 94 -51.22 -10.12 15.08
N GLN S 95 -50.75 -9.43 16.13
CA GLN S 95 -49.35 -9.30 16.49
C GLN S 95 -49.01 -7.99 15.82
N LEU S 96 -48.85 -6.96 16.66
CA LEU S 96 -49.25 -5.54 16.41
C LEU S 96 -50.76 -5.45 16.02
N ALA S 97 -51.42 -4.39 16.51
CA ALA S 97 -52.91 -4.26 16.57
C ALA S 97 -53.51 -4.94 17.82
N HIS S 98 -53.25 -6.25 17.98
CA HIS S 98 -53.64 -7.06 19.16
C HIS S 98 -52.92 -8.39 19.09
N ALA T 1 5.06 -5.47 9.51
CA ALA T 1 5.73 -4.55 10.49
C ALA T 1 5.00 -4.44 11.86
N SER T 2 5.73 -4.00 12.92
CA SER T 2 5.24 -3.96 14.36
C SER T 2 5.57 -2.65 15.18
N ALA T 3 6.39 -1.76 14.60
CA ALA T 3 6.96 -0.45 15.15
C ALA T 3 8.30 -0.48 16.03
N ALA T 4 8.18 -0.73 17.34
CA ALA T 4 9.30 -1.00 18.26
C ALA T 4 8.88 -0.90 19.75
N LYS T 5 7.60 -1.07 20.02
CA LYS T 5 7.03 -0.79 21.31
C LYS T 5 6.39 -2.14 21.80
N GLY T 6 5.17 -2.17 22.35
CA GLY T 6 4.60 -3.37 23.03
C GLY T 6 3.08 -3.71 23.12
N ASP T 7 2.33 -3.11 24.08
CA ASP T 7 0.86 -3.41 24.50
C ASP T 7 -0.06 -4.50 23.81
N HIS T 8 -1.26 -4.78 24.39
CA HIS T 8 -2.48 -5.43 23.72
C HIS T 8 -3.44 -6.25 24.61
N GLY T 9 -3.25 -6.21 25.92
CA GLY T 9 -4.10 -6.96 26.88
C GLY T 9 -5.31 -6.20 27.44
N GLY T 10 -5.90 -5.31 26.62
CA GLY T 10 -7.19 -4.65 26.93
C GLY T 10 -7.50 -3.40 26.11
N GLY T 12 -8.51 -0.05 24.52
CA GLY T 12 -9.07 1.17 24.94
C GLY T 12 -8.60 2.60 24.71
N ALA T 13 -9.39 3.44 25.36
CA ALA T 13 -9.15 4.82 25.47
C ALA T 13 -7.79 5.01 26.11
N ARG T 14 -7.43 4.21 27.10
CA ARG T 14 -6.15 4.50 27.80
C ARG T 14 -4.94 4.39 26.90
N THR T 15 -4.87 3.32 26.11
CA THR T 15 -3.78 3.11 25.18
C THR T 15 -3.65 4.23 24.11
N TRP T 16 -4.78 4.60 23.50
CA TRP T 16 -4.86 5.60 22.46
C TRP T 16 -4.52 6.97 22.98
N ARG T 17 -4.92 7.23 24.20
CA ARG T 17 -4.53 8.47 24.78
C ARG T 17 -3.02 8.46 25.14
N PHE T 18 -2.52 7.31 25.58
CA PHE T 18 -1.06 7.11 25.76
C PHE T 18 -0.34 7.37 24.42
N LEU T 19 -0.84 6.84 23.30
CA LEU T 19 -0.21 7.09 22.02
C LEU T 19 -0.35 8.60 21.65
N THR T 20 -1.47 9.20 21.96
CA THR T 20 -1.67 10.62 21.58
C THR T 20 -0.58 11.49 22.28
N PHE T 21 -0.38 11.31 23.58
CA PHE T 21 0.52 12.20 24.32
C PHE T 21 1.94 11.74 24.33
N GLY T 22 2.16 10.42 24.11
CA GLY T 22 3.49 9.87 24.30
C GLY T 22 4.20 9.76 22.97
N LEU T 23 3.43 9.70 21.90
CA LEU T 23 4.05 9.52 20.56
C LEU T 23 3.65 10.64 19.57
N ALA T 24 2.33 10.87 19.39
CA ALA T 24 1.84 11.70 18.33
C ALA T 24 2.13 13.20 18.59
N LEU T 25 1.76 13.73 19.76
CA LEU T 25 2.08 15.13 20.02
C LEU T 25 3.58 15.34 20.21
N PRO T 26 4.32 14.40 20.86
CA PRO T 26 5.79 14.60 20.78
C PRO T 26 6.33 14.70 19.32
N SER T 27 5.79 13.93 18.37
CA SER T 27 6.25 14.09 16.97
C SER T 27 5.92 15.46 16.39
N VAL T 28 4.79 16.00 16.75
CA VAL T 28 4.36 17.24 16.20
C VAL T 28 5.27 18.33 16.79
N ALA T 29 5.49 18.28 18.10
CA ALA T 29 6.44 19.17 18.77
C ALA T 29 7.81 19.12 18.11
N LEU T 30 8.34 17.93 17.83
CA LEU T 30 9.68 17.83 17.22
C LEU T 30 9.70 18.41 15.78
N CYS T 31 8.68 18.09 14.97
CA CYS T 31 8.64 18.64 13.63
C CYS T 31 8.47 20.16 13.72
N THR T 32 7.67 20.67 14.68
CA THR T 32 7.46 22.10 14.83
C THR T 32 8.80 22.78 15.17
N LEU T 33 9.50 22.31 16.19
CA LEU T 33 10.88 22.76 16.52
C LEU T 33 11.72 22.78 15.23
N ASN T 34 11.98 21.59 14.67
CA ASN T 34 12.65 21.46 13.37
C ASN T 34 12.27 22.56 12.36
N SER T 35 11.01 22.57 11.93
CA SER T 35 10.55 23.49 10.92
C SER T 35 10.57 24.91 11.42
N TRP T 36 9.61 25.28 12.28
CA TRP T 36 9.55 26.70 12.75
C TRP T 36 10.59 26.92 13.83
N LEU T 37 11.84 26.61 13.46
CA LEU T 37 13.10 27.18 13.99
C LEU T 37 14.25 26.59 13.15
N HIS T 38 14.34 27.01 11.89
CA HIS T 38 15.16 26.34 10.88
C HIS T 38 14.41 26.57 9.58
N SER T 39 13.53 27.57 9.62
CA SER T 39 13.00 28.21 8.41
C SER T 39 13.84 29.49 8.17
N GLY T 40 13.19 30.60 7.87
CA GLY T 40 13.90 31.85 7.56
C GLY T 40 13.38 32.46 6.28
N HIS T 41 14.26 33.13 5.54
CA HIS T 41 13.92 33.65 4.18
C HIS T 41 14.93 33.21 3.15
N ARG T 42 14.62 32.12 2.43
CA ARG T 42 15.32 31.73 1.19
C ARG T 42 15.29 32.97 0.28
N GLU T 43 16.46 33.42 -0.15
CA GLU T 43 16.59 34.63 -1.00
C GLU T 43 15.90 34.35 -2.33
N ARG T 44 15.13 35.35 -2.80
CA ARG T 44 14.26 35.21 -3.97
C ARG T 44 15.04 34.97 -5.27
N PRO T 45 14.48 34.11 -6.13
CA PRO T 45 15.26 33.71 -7.31
C PRO T 45 15.24 34.81 -8.35
N ALA T 46 16.37 35.00 -9.04
CA ALA T 46 16.46 35.92 -10.15
C ALA T 46 15.27 35.72 -11.12
N PHE T 47 14.73 36.81 -11.68
CA PHE T 47 13.58 36.64 -12.52
C PHE T 47 14.02 36.27 -13.94
N ILE T 48 13.39 35.26 -14.55
CA ILE T 48 13.64 34.94 -15.96
C ILE T 48 12.24 34.74 -16.59
N PRO T 49 11.90 35.52 -17.67
CA PRO T 49 10.48 35.50 -18.20
C PRO T 49 10.17 34.22 -19.01
N TYR T 50 10.33 33.08 -18.39
CA TYR T 50 10.10 31.79 -19.01
C TYR T 50 8.64 31.74 -19.49
N HIS T 51 8.43 31.16 -20.67
CA HIS T 51 7.10 31.14 -21.29
C HIS T 51 6.18 30.11 -20.71
N HIS T 52 6.75 29.14 -20.01
CA HIS T 52 5.93 28.10 -19.38
C HIS T 52 5.46 28.44 -17.97
N LEU T 53 5.76 29.65 -17.50
CA LEU T 53 5.45 30.03 -16.12
C LEU T 53 4.75 31.34 -16.23
N ARG T 54 4.13 31.81 -15.14
CA ARG T 54 3.37 33.05 -15.13
C ARG T 54 2.33 33.10 -16.26
N ILE T 55 1.64 31.97 -16.50
CA ILE T 55 0.68 31.86 -17.61
C ILE T 55 -0.45 32.88 -17.45
N ARG T 56 -0.71 33.64 -18.51
CA ARG T 56 -1.92 34.48 -18.52
C ARG T 56 -2.69 34.15 -19.81
N THR T 57 -3.75 33.34 -19.76
CA THR T 57 -4.53 33.17 -20.98
C THR T 57 -5.84 33.89 -20.82
N LYS T 58 -6.20 34.26 -19.60
CA LYS T 58 -7.41 35.06 -19.36
C LYS T 58 -7.16 35.80 -18.08
N PRO T 59 -7.71 37.03 -17.93
CA PRO T 59 -7.33 37.73 -16.68
C PRO T 59 -8.02 37.08 -15.50
N PHE T 60 -7.37 37.00 -14.34
CA PHE T 60 -8.05 36.48 -13.12
C PHE T 60 -9.28 37.35 -12.81
N SER T 61 -10.32 36.74 -12.22
CA SER T 61 -11.53 37.47 -11.83
C SER T 61 -11.49 38.27 -10.52
N TRP T 62 -10.33 38.83 -10.17
CA TRP T 62 -10.21 39.67 -8.96
C TRP T 62 -9.03 40.57 -9.19
N GLY T 63 -8.93 41.67 -8.42
CA GLY T 63 -7.78 42.58 -8.48
C GLY T 63 -7.66 43.23 -9.85
N ASP T 64 -6.43 43.46 -10.30
CA ASP T 64 -6.21 43.96 -11.63
C ASP T 64 -6.19 42.81 -12.64
N GLY T 65 -6.61 41.62 -12.24
CA GLY T 65 -6.61 40.53 -13.21
C GLY T 65 -5.25 39.92 -13.47
N ASN T 66 -4.17 40.49 -12.90
CA ASN T 66 -2.81 40.03 -13.22
C ASN T 66 -2.09 39.47 -11.98
N HIS T 67 -2.81 39.43 -10.86
CA HIS T 67 -2.27 38.85 -9.64
C HIS T 67 -2.90 37.57 -9.19
N THR T 68 -2.07 36.57 -8.83
CA THR T 68 -2.60 35.28 -8.33
C THR T 68 -3.22 35.50 -6.95
N PHE T 69 -4.06 34.57 -6.51
CA PHE T 69 -4.88 34.71 -5.36
C PHE T 69 -4.11 34.91 -4.04
N PHE T 70 -3.04 34.13 -3.78
CA PHE T 70 -2.17 34.35 -2.62
C PHE T 70 -0.85 34.95 -3.12
N HIS T 71 -0.96 35.91 -4.04
CA HIS T 71 0.22 36.66 -4.47
C HIS T 71 1.05 37.16 -3.30
N ASN T 72 2.35 36.82 -3.35
CA ASN T 72 3.33 37.34 -2.37
C ASN T 72 4.43 38.14 -3.09
N PRO T 73 4.44 39.49 -2.89
CA PRO T 73 5.31 40.40 -3.64
C PRO T 73 6.79 39.98 -3.51
N ARG T 74 7.15 39.39 -2.38
CA ARG T 74 8.56 39.10 -2.09
C ARG T 74 9.02 37.97 -2.99
N VAL T 75 8.11 37.04 -3.33
CA VAL T 75 8.59 35.87 -4.06
C VAL T 75 7.86 35.52 -5.35
N ASN T 76 6.77 36.23 -5.67
CA ASN T 76 6.03 35.91 -6.87
C ASN T 76 6.17 37.05 -7.90
N PRO T 77 7.06 36.89 -8.90
CA PRO T 77 7.12 37.89 -10.00
C PRO T 77 5.83 37.91 -10.84
N LEU T 78 5.54 39.07 -11.46
CA LEU T 78 4.47 39.16 -12.46
C LEU T 78 5.09 38.68 -13.77
N PRO T 79 4.28 38.54 -14.83
CA PRO T 79 4.85 38.24 -16.15
C PRO T 79 6.02 39.21 -16.51
N THR T 80 5.95 40.45 -16.03
CA THR T 80 6.93 41.46 -16.41
C THR T 80 8.08 41.52 -15.39
N GLY T 81 8.12 40.68 -14.35
CA GLY T 81 9.23 40.79 -13.38
C GLY T 81 8.64 40.99 -11.98
N TYR T 82 9.50 41.10 -10.97
CA TYR T 82 9.08 41.42 -9.59
C TYR T 82 8.52 42.84 -9.48
N GLU T 83 7.58 43.06 -8.57
CA GLU T 83 7.03 44.42 -8.38
C GLU T 83 7.95 45.42 -7.73
N LYS T 84 8.20 46.50 -8.46
CA LYS T 84 9.30 47.45 -8.14
C LYS T 84 8.93 48.41 -6.99
N LYS U 1 31.96 8.48 -47.21
CA LYS U 1 30.52 8.15 -47.36
C LYS U 1 29.70 8.11 -46.05
N ILE U 2 30.28 8.60 -44.93
CA ILE U 2 29.57 8.71 -43.60
C ILE U 2 28.45 9.83 -43.61
N LYS U 3 28.36 10.59 -44.72
CA LYS U 3 27.17 11.38 -45.09
C LYS U 3 26.71 10.99 -46.53
N ASN U 4 25.93 11.84 -47.20
CA ASN U 4 24.97 11.44 -48.25
C ASN U 4 23.54 11.60 -47.69
N TYR U 5 23.44 12.25 -46.54
CA TYR U 5 22.18 12.41 -45.84
C TYR U 5 21.03 12.73 -46.76
N GLN U 6 19.95 11.94 -46.66
CA GLN U 6 18.69 12.27 -47.30
C GLN U 6 17.68 12.72 -46.25
N THR U 7 17.32 11.83 -45.33
CA THR U 7 16.40 12.26 -44.29
C THR U 7 16.82 11.60 -43.00
N ALA U 8 16.19 12.01 -41.90
CA ALA U 8 16.47 11.41 -40.58
C ALA U 8 16.23 9.90 -40.54
N PRO U 9 17.26 9.12 -40.17
CA PRO U 9 17.04 7.66 -40.24
C PRO U 9 16.25 7.21 -39.05
N PHE U 10 15.76 5.97 -39.09
CA PHE U 10 15.09 5.41 -37.93
C PHE U 10 16.02 5.49 -36.71
N ASP U 11 15.46 5.83 -35.55
CA ASP U 11 16.24 5.90 -34.32
C ASP U 11 15.52 5.01 -33.26
N SER U 12 16.20 3.97 -32.82
CA SER U 12 15.52 2.96 -32.01
C SER U 12 15.18 3.54 -30.64
N ARG U 13 15.77 4.67 -30.29
CA ARG U 13 15.32 5.37 -29.07
C ARG U 13 13.89 5.95 -29.19
N PHE U 14 13.40 6.17 -30.40
CA PHE U 14 12.12 6.82 -30.60
C PHE U 14 11.38 6.02 -31.68
N PRO U 15 10.93 4.80 -31.33
CA PRO U 15 10.43 3.92 -32.38
C PRO U 15 8.90 4.04 -32.47
N ASN U 16 8.30 5.05 -31.83
CA ASN U 16 6.85 5.13 -31.75
C ASN U 16 6.24 6.25 -32.61
N GLN U 17 4.92 6.31 -32.63
CA GLN U 17 4.27 7.34 -33.38
C GLN U 17 4.62 8.69 -32.81
N ASN U 18 4.66 8.78 -31.47
CA ASN U 18 4.97 10.08 -30.90
C ASN U 18 6.50 10.33 -31.07
N GLN U 19 6.81 11.28 -31.94
CA GLN U 19 8.16 11.61 -32.34
C GLN U 19 8.64 12.93 -31.70
N THR U 20 7.83 13.46 -30.75
CA THR U 20 8.09 14.79 -30.16
C THR U 20 9.53 14.88 -29.62
N ARG U 21 9.92 13.84 -28.89
CA ARG U 21 11.18 13.78 -28.16
C ARG U 21 12.38 13.58 -29.07
N ASN U 22 12.11 13.06 -30.27
CA ASN U 22 13.16 12.88 -31.25
C ASN U 22 13.65 14.26 -31.80
N CYS U 23 12.68 15.06 -32.25
CA CYS U 23 12.91 16.47 -32.63
C CYS U 23 13.66 17.22 -31.48
N TRP U 24 13.05 17.19 -30.31
CA TRP U 24 13.60 17.82 -29.11
C TRP U 24 14.99 17.35 -28.76
N GLN U 25 15.21 16.04 -28.63
CA GLN U 25 16.56 15.53 -28.27
C GLN U 25 17.67 15.98 -29.28
N ASN U 26 17.41 15.79 -30.57
CA ASN U 26 18.37 16.29 -31.59
C ASN U 26 18.55 17.80 -31.60
N TYR U 27 17.46 18.55 -31.41
CA TYR U 27 17.62 19.99 -31.21
C TYR U 27 18.59 20.26 -30.04
N LEU U 28 18.34 19.63 -28.88
CA LEU U 28 19.18 19.80 -27.69
C LEU U 28 20.63 19.40 -27.94
N ASP U 29 20.82 18.22 -28.55
CA ASP U 29 22.14 17.66 -28.82
C ASP U 29 22.93 18.56 -29.75
N PHE U 30 22.29 19.20 -30.72
CA PHE U 30 23.07 20.12 -31.58
C PHE U 30 23.61 21.28 -30.73
N HIS U 31 22.73 21.94 -29.97
CA HIS U 31 23.19 23.09 -29.22
C HIS U 31 24.14 22.77 -28.09
N ARG U 32 23.96 21.61 -27.45
CA ARG U 32 24.82 21.12 -26.41
C ARG U 32 26.17 20.79 -27.03
N CYS U 33 26.14 20.22 -28.24
CA CYS U 33 27.38 19.87 -28.93
C CYS U 33 28.16 21.13 -29.33
N GLU U 34 27.49 22.12 -29.95
CA GLU U 34 28.21 23.39 -30.24
C GLU U 34 28.83 23.99 -29.00
N LYS U 35 28.08 24.01 -27.90
CA LYS U 35 28.53 24.71 -26.71
C LYS U 35 29.75 23.98 -26.12
N ALA U 36 29.66 22.67 -26.06
CA ALA U 36 30.74 21.84 -25.58
C ALA U 36 32.01 21.98 -26.42
N MET U 37 31.89 21.87 -27.76
CA MET U 37 33.01 22.00 -28.64
C MET U 37 33.65 23.39 -28.47
N THR U 38 32.83 24.45 -28.43
CA THR U 38 33.30 25.87 -28.27
C THR U 38 34.08 25.98 -26.95
N ALA U 39 33.48 25.51 -25.84
CA ALA U 39 34.11 25.55 -24.52
C ALA U 39 35.51 24.88 -24.53
N LYS U 40 35.70 23.76 -25.24
CA LYS U 40 37.00 23.09 -25.26
C LYS U 40 37.86 23.49 -26.50
N GLY U 41 37.57 24.66 -27.09
CA GLY U 41 38.32 25.16 -28.27
C GLY U 41 38.31 24.16 -29.44
N GLY U 42 37.25 23.40 -29.61
CA GLY U 42 37.15 22.49 -30.76
C GLY U 42 36.32 22.91 -31.96
N ASP U 43 36.23 21.97 -32.88
CA ASP U 43 35.59 22.19 -34.16
C ASP U 43 34.08 21.88 -34.13
N VAL U 44 33.32 22.94 -34.26
CA VAL U 44 31.89 22.94 -34.10
C VAL U 44 31.16 22.22 -35.26
N SER U 45 31.82 22.04 -36.41
CA SER U 45 31.24 21.24 -37.52
C SER U 45 30.94 19.76 -37.18
N VAL U 46 31.61 19.18 -36.18
CA VAL U 46 31.27 17.79 -35.78
C VAL U 46 29.82 17.64 -35.32
N CYS U 47 29.17 18.75 -34.93
CA CYS U 47 27.74 18.80 -34.48
C CYS U 47 26.66 18.75 -35.62
N GLU U 48 27.12 18.81 -36.85
CA GLU U 48 26.27 19.11 -37.98
C GLU U 48 25.14 18.07 -38.11
N TRP U 49 25.50 16.82 -37.89
CA TRP U 49 24.54 15.74 -37.99
C TRP U 49 23.25 16.05 -37.25
N TYR U 50 23.36 16.56 -36.03
CA TYR U 50 22.16 16.80 -35.19
C TYR U 50 21.30 17.87 -35.78
N ARG U 51 21.96 18.86 -36.38
CA ARG U 51 21.25 19.99 -37.00
C ARG U 51 20.44 19.46 -38.18
N ARG U 52 21.01 18.57 -39.00
CA ARG U 52 20.31 18.00 -40.11
C ARG U 52 19.07 17.20 -39.64
N VAL U 53 19.30 16.36 -38.64
CA VAL U 53 18.21 15.52 -38.09
C VAL U 53 17.12 16.43 -37.55
N TYR U 54 17.46 17.38 -36.70
CA TYR U 54 16.36 18.18 -36.15
C TYR U 54 15.65 19.05 -37.19
N LYS U 55 16.42 19.54 -38.20
CA LYS U 55 15.87 20.39 -39.25
C LYS U 55 14.83 19.55 -40.08
N SER U 56 15.20 18.28 -40.41
CA SER U 56 14.29 17.26 -40.95
C SER U 56 12.97 17.06 -40.14
N LEU U 57 13.12 16.79 -38.84
CA LEU U 57 12.00 16.39 -37.99
C LEU U 57 11.12 17.53 -37.44
N CYS U 58 11.76 18.66 -37.08
CA CYS U 58 11.05 19.60 -36.21
C CYS U 58 10.26 20.58 -37.03
N PRO U 59 9.06 20.89 -36.57
CA PRO U 59 8.30 21.92 -37.26
C PRO U 59 9.09 23.24 -37.27
N ILE U 60 9.00 23.95 -38.38
CA ILE U 60 9.63 25.23 -38.53
C ILE U 60 9.26 26.15 -37.38
N SER U 61 7.99 26.27 -36.99
CA SER U 61 7.69 27.22 -35.89
C SER U 61 8.27 26.79 -34.52
N TRP U 62 8.59 25.50 -34.31
CA TRP U 62 9.11 25.02 -33.03
C TRP U 62 10.60 25.44 -32.96
N VAL U 63 11.37 25.08 -33.99
CA VAL U 63 12.73 25.55 -34.19
C VAL U 63 12.88 27.07 -33.99
N SER U 64 12.07 27.80 -34.69
CA SER U 64 12.06 29.23 -34.66
C SER U 64 11.80 29.76 -33.23
N THR U 65 10.74 29.22 -32.60
CA THR U 65 10.38 29.47 -31.19
C THR U 65 11.53 29.21 -30.20
N TRP U 66 12.17 28.04 -30.32
CA TRP U 66 13.32 27.71 -29.51
C TRP U 66 14.51 28.62 -29.69
N ASP U 67 14.83 28.95 -30.95
CA ASP U 67 15.94 29.89 -31.22
C ASP U 67 15.60 31.24 -30.60
N ASP U 68 14.36 31.73 -30.75
CA ASP U 68 14.00 33.02 -30.13
C ASP U 68 14.25 33.01 -28.62
N ARG U 69 13.87 31.90 -27.98
CA ARG U 69 14.03 31.80 -26.55
C ARG U 69 15.51 31.63 -26.12
N ARG U 70 16.32 30.81 -26.86
CA ARG U 70 17.74 30.75 -26.62
C ARG U 70 18.30 32.20 -26.66
N ALA U 71 17.92 33.02 -27.64
CA ALA U 71 18.44 34.39 -27.73
C ALA U 71 17.84 35.27 -26.61
N GLU U 72 16.65 34.94 -26.14
CA GLU U 72 16.06 35.78 -25.12
C GLU U 72 16.60 35.39 -23.75
N GLY U 73 17.27 34.24 -23.62
CA GLY U 73 17.57 33.70 -22.27
C GLY U 73 16.33 33.03 -21.64
N THR U 74 15.43 32.49 -22.43
CA THR U 74 14.27 31.84 -21.81
C THR U 74 14.08 30.43 -22.33
N PHE U 75 15.12 29.84 -22.89
CA PHE U 75 15.03 28.47 -23.36
C PHE U 75 15.16 27.58 -22.12
N PRO U 76 14.20 26.67 -21.90
CA PRO U 76 14.19 25.96 -20.60
C PRO U 76 14.99 24.67 -20.64
N GLY U 77 15.41 24.23 -21.82
CA GLY U 77 16.21 23.00 -21.83
C GLY U 77 17.60 23.37 -21.39
N LYS U 78 18.25 22.51 -20.59
CA LYS U 78 19.66 22.71 -20.29
C LYS U 78 20.61 22.51 -21.47
N ILE U 79 21.34 23.56 -21.77
CA ILE U 79 22.30 23.48 -22.87
C ILE U 79 23.71 23.52 -22.28
N THR V 2 -57.02 -51.38 -38.30
CA THR V 2 -56.76 -49.95 -38.55
C THR V 2 -56.41 -49.14 -37.29
N ALA V 3 -55.93 -49.81 -36.23
CA ALA V 3 -55.48 -49.10 -35.04
C ALA V 3 -54.42 -48.02 -35.41
N LEU V 4 -54.46 -46.84 -34.77
CA LEU V 4 -53.40 -45.86 -35.00
C LEU V 4 -52.16 -46.23 -34.18
N ALA V 5 -50.99 -46.20 -34.81
CA ALA V 5 -49.71 -46.39 -34.12
C ALA V 5 -49.35 -45.20 -33.19
N LYS V 6 -48.63 -45.48 -32.13
CA LYS V 6 -48.10 -44.49 -31.26
C LYS V 6 -47.02 -43.58 -31.84
N PRO V 7 -47.30 -42.26 -31.90
CA PRO V 7 -46.25 -41.35 -32.37
C PRO V 7 -45.32 -40.97 -31.22
N GLN V 8 -44.17 -40.42 -31.52
CA GLN V 8 -43.37 -39.75 -30.48
C GLN V 8 -44.19 -38.68 -29.73
N MET V 9 -44.10 -38.70 -28.40
CA MET V 9 -44.87 -37.85 -27.51
C MET V 9 -43.94 -37.04 -26.56
N ARG V 10 -42.68 -37.42 -26.51
CA ARG V 10 -41.74 -36.85 -25.54
C ARG V 10 -40.65 -36.09 -26.29
N GLY V 11 -40.24 -34.94 -25.74
CA GLY V 11 -39.09 -34.20 -26.30
C GLY V 11 -39.27 -33.60 -27.69
N LEU V 12 -40.52 -33.28 -28.07
CA LEU V 12 -40.74 -32.76 -29.40
C LEU V 12 -40.07 -31.41 -29.60
N LEU V 13 -40.05 -30.57 -28.58
CA LEU V 13 -39.41 -29.25 -28.80
C LEU V 13 -37.86 -29.44 -28.99
N ALA V 14 -37.26 -30.21 -28.09
CA ALA V 14 -35.80 -30.57 -28.19
C ALA V 14 -35.49 -31.15 -29.59
N ARG V 15 -36.37 -32.03 -30.09
CA ARG V 15 -36.13 -32.70 -31.37
C ARG V 15 -36.15 -31.66 -32.49
N ARG V 16 -37.15 -30.78 -32.44
CA ARG V 16 -37.21 -29.67 -33.41
C ARG V 16 -35.91 -28.82 -33.33
N LEU V 17 -35.48 -28.49 -32.11
CA LEU V 17 -34.25 -27.67 -31.95
C LEU V 17 -33.00 -28.36 -32.59
N ARG V 18 -32.78 -29.64 -32.26
CA ARG V 18 -31.67 -30.45 -32.82
C ARG V 18 -31.59 -30.30 -34.35
N PHE V 19 -32.71 -30.64 -35.00
CA PHE V 19 -32.86 -30.58 -36.43
C PHE V 19 -32.51 -29.20 -37.02
N HIS V 20 -33.14 -28.15 -36.49
CA HIS V 20 -33.03 -26.85 -37.10
C HIS V 20 -31.78 -26.09 -36.79
N ILE V 21 -31.21 -26.37 -35.63
CA ILE V 21 -29.96 -25.69 -35.24
C ILE V 21 -28.82 -26.03 -36.25
N VAL V 22 -28.91 -27.23 -36.83
CA VAL V 22 -28.02 -27.67 -37.88
C VAL V 22 -28.20 -26.77 -39.13
N GLY V 23 -29.42 -26.73 -39.65
CA GLY V 23 -29.77 -25.75 -40.68
C GLY V 23 -29.46 -24.28 -40.33
N ALA V 24 -29.47 -23.89 -39.04
CA ALA V 24 -29.13 -22.50 -38.67
C ALA V 24 -27.67 -22.26 -39.00
N PHE V 25 -26.82 -23.23 -38.66
CA PHE V 25 -25.43 -23.18 -39.05
C PHE V 25 -25.18 -23.22 -40.57
N MET V 26 -25.84 -24.13 -41.30
CA MET V 26 -25.66 -24.19 -42.76
C MET V 26 -25.97 -22.86 -43.45
N VAL V 27 -27.14 -22.28 -43.20
CA VAL V 27 -27.52 -20.94 -43.71
C VAL V 27 -26.50 -19.84 -43.33
N SER V 28 -26.20 -19.73 -42.04
CA SER V 28 -25.16 -18.86 -41.49
C SER V 28 -23.79 -19.03 -42.15
N LEU V 29 -23.30 -20.28 -42.13
CA LEU V 29 -21.98 -20.72 -42.63
C LEU V 29 -22.21 -20.94 -44.09
N GLY V 30 -21.85 -22.14 -44.61
CA GLY V 30 -22.07 -22.52 -46.04
C GLY V 30 -22.01 -21.31 -46.98
N PHE V 31 -22.76 -20.25 -46.63
CA PHE V 31 -22.55 -18.83 -47.08
C PHE V 31 -21.05 -18.30 -46.83
N ALA V 32 -20.23 -19.11 -46.14
CA ALA V 32 -18.79 -18.85 -46.05
C ALA V 32 -18.23 -19.27 -47.38
N THR V 33 -19.13 -19.55 -48.32
CA THR V 33 -18.93 -19.18 -49.73
C THR V 33 -19.35 -17.71 -49.80
N PHE V 34 -20.66 -17.45 -49.79
CA PHE V 34 -21.15 -16.29 -50.51
C PHE V 34 -20.35 -15.01 -50.35
N TYR V 35 -20.23 -14.50 -49.14
CA TYR V 35 -19.39 -13.36 -48.95
C TYR V 35 -17.92 -13.67 -49.31
N LYS V 36 -17.41 -14.84 -48.90
CA LYS V 36 -16.05 -15.22 -49.29
C LYS V 36 -15.80 -15.22 -50.79
N PHE V 37 -16.68 -15.86 -51.55
CA PHE V 37 -16.42 -16.01 -52.98
C PHE V 37 -16.97 -14.90 -53.83
N ALA V 38 -18.15 -14.38 -53.53
CA ALA V 38 -18.66 -13.25 -54.25
C ALA V 38 -17.91 -11.96 -53.95
N VAL V 39 -17.33 -11.83 -52.76
CA VAL V 39 -16.72 -10.53 -52.38
C VAL V 39 -15.19 -10.60 -52.24
N ALA V 40 -14.73 -11.53 -51.40
CA ALA V 40 -13.34 -11.53 -50.93
C ALA V 40 -12.38 -12.08 -51.97
N GLU V 41 -12.69 -13.27 -52.49
CA GLU V 41 -11.92 -13.87 -53.57
C GLU V 41 -11.90 -12.97 -54.78
N LYS V 42 -13.03 -12.34 -55.05
CA LYS V 42 -13.10 -11.37 -56.12
C LYS V 42 -12.16 -10.17 -55.85
N ARG V 43 -12.13 -9.68 -54.61
CA ARG V 43 -11.31 -8.57 -54.32
C ARG V 43 -9.80 -8.95 -54.44
N LYS V 44 -9.38 -10.10 -53.93
CA LYS V 44 -7.98 -10.48 -54.08
C LYS V 44 -7.59 -10.54 -55.55
N LYS V 45 -8.44 -11.18 -56.35
CA LYS V 45 -8.19 -11.36 -57.77
C LYS V 45 -8.12 -10.02 -58.47
N ALA V 46 -9.09 -9.15 -58.21
CA ALA V 46 -9.09 -7.83 -58.85
C ALA V 46 -7.75 -7.08 -58.58
N TYR V 47 -7.30 -6.97 -57.33
CA TYR V 47 -6.02 -6.27 -57.02
C TYR V 47 -4.77 -6.94 -57.66
N ALA V 48 -4.79 -8.28 -57.67
CA ALA V 48 -3.67 -9.05 -58.13
C ALA V 48 -3.59 -8.95 -59.65
N ASP V 49 -4.74 -9.11 -60.31
CA ASP V 49 -4.85 -8.86 -61.75
C ASP V 49 -4.48 -7.42 -62.09
N PHE V 50 -5.03 -6.44 -61.36
CA PHE V 50 -4.75 -5.04 -61.75
C PHE V 50 -3.23 -4.72 -61.70
N TYR V 51 -2.54 -5.31 -60.73
CA TYR V 51 -1.11 -5.01 -60.49
C TYR V 51 -0.13 -5.95 -61.16
N ARG V 52 -0.55 -7.13 -61.62
CA ARG V 52 0.38 -8.06 -62.27
C ARG V 52 1.10 -7.50 -63.47
N ASN V 53 0.46 -6.60 -64.25
CA ASN V 53 1.18 -5.92 -65.38
C ASN V 53 1.05 -4.39 -65.37
N TYR V 54 0.72 -3.84 -64.22
CA TYR V 54 0.59 -2.42 -64.05
C TYR V 54 1.90 -1.70 -64.44
N ASP V 55 1.80 -0.63 -65.21
CA ASP V 55 2.97 0.18 -65.55
C ASP V 55 2.67 1.59 -65.01
N SER V 56 3.30 1.89 -63.87
CA SER V 56 3.01 3.16 -63.20
C SER V 56 3.54 4.37 -63.97
N MET V 57 4.65 4.21 -64.75
CA MET V 57 5.15 5.29 -65.61
C MET V 57 4.09 5.59 -66.68
N LYS V 58 3.58 4.52 -67.29
CA LYS V 58 2.59 4.65 -68.35
C LYS V 58 1.34 5.29 -67.80
N ASP V 59 0.94 4.93 -66.56
CA ASP V 59 -0.21 5.55 -65.88
C ASP V 59 0.01 7.06 -65.62
N PHE V 60 1.15 7.41 -65.02
CA PHE V 60 1.46 8.80 -64.81
C PHE V 60 1.42 9.57 -66.18
N GLU V 61 2.05 9.01 -67.20
CA GLU V 61 2.11 9.69 -68.50
C GLU V 61 0.69 10.03 -69.05
N GLU V 62 -0.26 9.09 -68.88
CA GLU V 62 -1.64 9.33 -69.35
C GLU V 62 -2.34 10.44 -68.56
N MET V 63 -2.09 10.48 -67.25
CA MET V 63 -2.70 11.47 -66.39
C MET V 63 -2.11 12.84 -66.72
N ARG V 64 -0.79 12.90 -66.85
CA ARG V 64 -0.08 14.16 -67.18
C ARG V 64 -0.63 14.72 -68.48
N LYS V 65 -0.58 13.90 -69.54
CA LYS V 65 -1.22 14.22 -70.87
C LYS V 65 -2.70 14.70 -70.76
N ALA V 66 -3.47 14.21 -69.77
CA ALA V 66 -4.82 14.72 -69.56
C ALA V 66 -4.81 16.13 -68.86
N GLY V 67 -3.64 16.56 -68.36
CA GLY V 67 -3.56 17.83 -67.67
C GLY V 67 -4.04 17.76 -66.23
N ILE V 68 -3.96 16.62 -65.56
CA ILE V 68 -4.54 16.59 -64.20
C ILE V 68 -3.65 17.22 -63.14
N PHE V 69 -2.33 17.19 -63.39
CA PHE V 69 -1.30 17.59 -62.44
C PHE V 69 -1.02 19.08 -62.37
N GLN V 70 -1.00 19.59 -61.14
CA GLN V 70 -0.43 20.92 -60.86
C GLN V 70 1.07 21.08 -61.19
N SER V 71 1.87 20.05 -60.91
CA SER V 71 3.34 20.11 -60.93
C SER V 71 4.00 19.54 -62.17
N ALA V 72 3.24 18.87 -63.01
CA ALA V 72 3.78 18.26 -64.22
C ALA V 72 2.80 18.42 -65.37
N LYS V 73 2.84 19.58 -66.02
CA LYS V 73 1.99 19.75 -67.18
C LYS V 73 2.56 18.93 -68.33
N PHE W 1 -22.77 21.52 31.25
CA PHE W 1 -24.02 21.32 30.47
C PHE W 1 -24.75 20.18 31.14
N GLU W 2 -26.07 20.22 31.01
CA GLU W 2 -26.97 19.16 31.47
C GLU W 2 -27.52 18.46 30.26
N ASN W 3 -27.93 17.24 30.48
CA ASN W 3 -28.46 16.46 29.42
C ASN W 3 -29.96 16.83 29.21
N ARG W 4 -30.25 17.66 28.20
CA ARG W 4 -31.66 18.04 27.91
C ARG W 4 -32.24 17.22 26.76
N VAL W 5 -31.64 16.08 26.44
CA VAL W 5 -32.13 15.32 25.28
C VAL W 5 -33.60 14.92 25.47
N ALA W 6 -34.02 14.47 26.67
CA ALA W 6 -35.41 13.96 26.91
C ALA W 6 -36.42 15.04 26.59
N GLU W 7 -36.08 16.31 26.83
CA GLU W 7 -37.04 17.38 26.49
C GLU W 7 -37.21 17.55 24.98
N LYS W 8 -36.11 17.43 24.23
CA LYS W 8 -36.15 17.60 22.79
C LYS W 8 -36.93 16.45 22.20
N GLN W 9 -36.73 15.24 22.74
CA GLN W 9 -37.51 14.04 22.32
C GLN W 9 -38.98 14.32 22.51
N LYS W 10 -39.34 14.88 23.65
CA LYS W 10 -40.75 15.20 23.86
C LYS W 10 -41.21 16.26 22.83
N LEU W 11 -40.46 17.37 22.68
CA LEU W 11 -40.86 18.41 21.68
C LEU W 11 -41.10 17.82 20.26
N PHE W 12 -40.13 17.05 19.79
CA PHE W 12 -40.19 16.53 18.42
C PHE W 12 -41.07 15.30 18.21
N GLN W 13 -41.51 14.68 19.30
CA GLN W 13 -42.48 13.61 19.23
C GLN W 13 -43.93 14.10 19.48
N GLU W 14 -44.13 15.39 19.74
CA GLU W 14 -45.48 15.88 20.06
C GLU W 14 -46.42 15.52 18.89
N ASP W 15 -47.65 15.14 19.20
CA ASP W 15 -48.54 14.66 18.15
C ASP W 15 -49.28 15.85 17.49
N ASN W 16 -48.57 16.68 16.74
CA ASN W 16 -49.19 17.90 16.22
C ASN W 16 -49.24 17.96 14.68
N GLY W 17 -48.90 16.85 14.02
CA GLY W 17 -48.93 16.85 12.56
C GLY W 17 -47.84 17.64 11.86
N LEU W 18 -46.88 18.25 12.57
CA LEU W 18 -45.92 19.13 11.88
C LEU W 18 -44.81 18.33 11.23
N PRO W 19 -44.44 18.68 9.98
CA PRO W 19 -43.31 17.97 9.38
C PRO W 19 -42.00 18.32 10.19
N VAL W 20 -40.99 17.45 10.10
CA VAL W 20 -39.81 17.60 10.98
C VAL W 20 -39.11 18.98 10.83
N HIS W 21 -39.12 19.55 9.62
CA HIS W 21 -38.40 20.79 9.34
C HIS W 21 -39.06 22.00 9.91
N LEU W 22 -40.29 21.83 10.42
CA LEU W 22 -41.06 22.96 11.04
C LEU W 22 -41.36 22.62 12.47
N LYS W 23 -41.01 21.41 12.91
CA LYS W 23 -41.44 20.94 14.24
C LYS W 23 -40.81 21.69 15.43
N GLY W 24 -39.69 22.37 15.19
CA GLY W 24 -38.96 23.03 16.25
C GLY W 24 -39.69 24.27 16.70
N GLY W 25 -40.59 24.82 15.87
CA GLY W 25 -41.33 26.03 16.28
C GLY W 25 -41.10 27.15 15.29
N ALA W 26 -41.52 28.35 15.68
CA ALA W 26 -41.62 29.49 14.78
C ALA W 26 -40.33 29.88 14.13
N THR W 27 -39.20 29.71 14.83
CA THR W 27 -37.87 29.88 14.23
C THR W 27 -37.63 29.01 12.97
N ASP W 28 -38.14 27.76 12.94
CA ASP W 28 -38.05 26.91 11.72
C ASP W 28 -38.74 27.61 10.54
N ASN W 29 -39.94 28.17 10.80
CA ASN W 29 -40.75 28.80 9.76
C ASN W 29 -40.06 29.97 9.12
N ILE W 30 -39.47 30.83 9.94
CA ILE W 30 -38.71 31.97 9.44
C ILE W 30 -37.54 31.53 8.56
N LEU W 31 -36.82 30.53 9.03
CA LEU W 31 -35.56 30.16 8.37
C LEU W 31 -35.93 29.49 7.08
N TYR W 32 -37.00 28.67 7.14
CA TYR W 32 -37.55 28.10 5.93
C TYR W 32 -37.91 29.19 4.89
N ARG W 33 -38.66 30.18 5.35
CA ARG W 33 -39.03 31.33 4.49
C ARG W 33 -37.88 32.14 3.95
N VAL W 34 -36.87 32.44 4.77
CA VAL W 34 -35.67 33.06 4.24
C VAL W 34 -35.01 32.18 3.13
N THR W 35 -34.84 30.90 3.43
CA THR W 35 -34.19 30.00 2.52
C THR W 35 -34.93 29.98 1.20
N MET W 36 -36.23 29.72 1.26
CA MET W 36 -37.00 29.59 0.01
C MET W 36 -37.07 30.91 -0.76
N THR W 37 -37.26 32.02 -0.07
CA THR W 37 -37.18 33.34 -0.71
C THR W 37 -35.85 33.62 -1.45
N LEU W 38 -34.71 33.35 -0.82
CA LEU W 38 -33.40 33.53 -1.46
C LEU W 38 -33.27 32.60 -2.66
N CYS W 39 -33.71 31.36 -2.50
CA CYS W 39 -33.58 30.42 -3.60
C CYS W 39 -34.43 30.84 -4.79
N LEU W 40 -35.71 31.12 -4.55
CA LEU W 40 -36.63 31.51 -5.67
C LEU W 40 -36.26 32.88 -6.26
N GLY W 41 -36.00 33.86 -5.40
CA GLY W 41 -35.54 35.17 -5.88
C GLY W 41 -34.21 35.11 -6.61
N GLY W 42 -33.30 34.27 -6.10
CA GLY W 42 -32.04 34.09 -6.77
C GLY W 42 -32.19 33.39 -8.09
N THR W 43 -33.10 32.42 -8.16
CA THR W 43 -33.40 31.75 -9.45
C THR W 43 -33.98 32.72 -10.50
N LEU W 44 -34.92 33.56 -10.09
CA LEU W 44 -35.43 34.58 -11.02
C LEU W 44 -34.30 35.53 -11.44
N TYR W 45 -33.43 35.87 -10.51
CA TYR W 45 -32.30 36.75 -10.89
C TYR W 45 -31.34 36.07 -11.90
N SER W 46 -31.12 34.77 -11.74
CA SER W 46 -30.24 34.11 -12.70
C SER W 46 -30.92 34.02 -14.06
N LEU W 47 -32.26 33.97 -14.09
CA LEU W 47 -32.96 33.99 -15.38
C LEU W 47 -32.80 35.37 -16.03
N TYR W 48 -32.90 36.42 -15.21
CA TYR W 48 -32.66 37.76 -15.71
C TYR W 48 -31.26 37.80 -16.33
N CYS W 49 -30.24 37.32 -15.60
CA CYS W 49 -28.82 37.39 -16.05
C CYS W 49 -28.64 36.62 -17.34
N LEU W 50 -29.25 35.41 -17.44
CA LEU W 50 -29.35 34.69 -18.73
C LEU W 50 -29.92 35.53 -19.85
N GLY W 51 -31.07 36.13 -19.58
CA GLY W 51 -31.75 36.95 -20.60
C GLY W 51 -30.75 38.00 -21.01
N TRP W 52 -30.09 38.57 -20.01
CA TRP W 52 -29.21 39.72 -20.24
C TRP W 52 -28.03 39.34 -21.10
N ALA W 53 -27.50 38.13 -20.91
CA ALA W 53 -26.28 37.68 -21.57
C ALA W 53 -26.58 37.04 -22.93
N SER W 54 -27.84 36.74 -23.18
CA SER W 54 -28.20 36.06 -24.42
C SER W 54 -28.25 36.95 -25.64
N PHE W 55 -28.65 38.19 -25.44
CA PHE W 55 -29.03 39.10 -26.54
C PHE W 55 -27.98 40.19 -26.54
N PRO W 56 -26.97 40.11 -27.48
CA PRO W 56 -25.65 40.77 -27.43
C PRO W 56 -25.59 42.13 -26.70
N HIS W 57 -25.68 42.05 -25.36
CA HIS W 57 -25.44 43.17 -24.45
C HIS W 57 -23.97 43.14 -24.03
N LYS W 58 -23.54 42.01 -23.43
CA LYS W 58 -22.15 41.84 -22.96
C LYS W 58 -21.09 42.22 -24.00
N ALA X 1 -68.95 -11.93 -32.80
CA ALA X 1 -69.13 -10.81 -33.78
C ALA X 1 -67.79 -10.47 -34.46
N PRO X 2 -67.79 -10.01 -35.74
CA PRO X 2 -66.52 -9.58 -36.38
C PRO X 2 -65.91 -8.37 -35.69
N ASP X 3 -64.61 -8.36 -35.50
CA ASP X 3 -63.99 -7.21 -34.85
C ASP X 3 -63.58 -6.11 -35.85
N PHE X 4 -62.97 -5.05 -35.31
CA PHE X 4 -62.41 -3.99 -36.14
C PHE X 4 -61.55 -4.49 -37.33
N HIS X 5 -60.69 -5.48 -37.10
CA HIS X 5 -59.76 -5.97 -38.11
C HIS X 5 -60.49 -6.80 -39.13
N ASP X 6 -61.39 -7.65 -38.63
CA ASP X 6 -62.35 -8.33 -39.49
C ASP X 6 -63.07 -7.37 -40.44
N LYS X 7 -63.54 -6.23 -39.90
CA LYS X 7 -64.36 -5.27 -40.69
C LYS X 7 -63.57 -4.42 -41.64
N TYR X 8 -62.41 -3.94 -41.22
CA TYR X 8 -61.76 -2.87 -41.96
C TYR X 8 -60.31 -3.22 -42.29
N GLY X 9 -59.87 -4.40 -41.86
CA GLY X 9 -58.49 -4.80 -42.03
C GLY X 9 -58.00 -4.71 -43.46
N ASN X 10 -58.76 -5.29 -44.40
CA ASN X 10 -58.32 -5.31 -45.81
C ASN X 10 -58.22 -3.92 -46.42
N ALA X 11 -59.19 -3.05 -46.07
CA ALA X 11 -59.29 -1.64 -46.52
C ALA X 11 -58.07 -0.85 -46.00
N VAL X 12 -57.82 -0.95 -44.69
CA VAL X 12 -56.73 -0.20 -44.10
C VAL X 12 -55.45 -0.62 -44.78
N LEU X 13 -55.30 -1.93 -44.93
CA LEU X 13 -54.10 -2.50 -45.54
C LEU X 13 -53.95 -2.04 -47.01
N ALA X 14 -55.01 -2.19 -47.84
CA ALA X 14 -54.96 -1.82 -49.26
C ALA X 14 -54.70 -0.35 -49.47
N SER X 15 -55.49 0.51 -48.87
CA SER X 15 -55.28 1.94 -49.07
C SER X 15 -54.03 2.51 -48.36
N GLY X 16 -53.73 2.03 -47.14
CA GLY X 16 -52.43 2.38 -46.45
C GLY X 16 -51.28 2.15 -47.42
N ALA X 17 -51.27 0.99 -48.06
CA ALA X 17 -50.18 0.66 -48.97
C ALA X 17 -50.19 1.57 -50.19
N THR X 18 -51.37 1.74 -50.79
CA THR X 18 -51.55 2.60 -51.96
C THR X 18 -51.15 3.99 -51.68
N PHE X 19 -51.60 4.52 -50.54
CA PHE X 19 -51.28 5.88 -50.27
C PHE X 19 -49.77 6.04 -50.10
N CYS X 20 -49.18 5.17 -49.29
CA CYS X 20 -47.76 5.19 -49.03
C CYS X 20 -46.93 5.11 -50.32
N VAL X 21 -47.19 4.10 -51.14
CA VAL X 21 -46.42 3.96 -52.37
C VAL X 21 -46.61 5.18 -53.24
N ALA X 22 -47.82 5.67 -53.39
CA ALA X 22 -47.96 6.79 -54.35
C ALA X 22 -47.21 8.06 -53.90
N VAL X 23 -47.27 8.36 -52.61
CA VAL X 23 -46.72 9.62 -52.10
C VAL X 23 -45.16 9.55 -52.08
N TRP X 24 -44.59 8.38 -51.82
CA TRP X 24 -43.13 8.30 -51.87
C TRP X 24 -42.63 8.36 -53.28
N VAL X 25 -43.35 7.75 -54.23
CA VAL X 25 -42.90 7.76 -55.64
C VAL X 25 -42.98 9.18 -56.17
N TYR X 26 -44.03 9.86 -55.79
CA TYR X 26 -44.17 11.26 -56.13
C TYR X 26 -42.99 12.08 -55.54
N MET X 27 -42.78 11.95 -54.23
CA MET X 27 -41.71 12.69 -53.54
C MET X 27 -40.34 12.46 -54.19
N ALA X 28 -40.07 11.21 -54.53
CA ALA X 28 -38.78 10.78 -55.06
C ALA X 28 -38.48 11.28 -56.49
N THR X 29 -39.53 11.44 -57.30
CA THR X 29 -39.36 11.68 -58.74
C THR X 29 -39.94 12.97 -59.26
N GLN X 30 -40.91 13.58 -58.56
CA GLN X 30 -41.66 14.75 -59.11
C GLN X 30 -41.33 16.13 -58.53
N ILE X 31 -40.43 16.25 -57.57
CA ILE X 31 -40.23 17.54 -56.92
C ILE X 31 -38.83 18.13 -57.00
N GLY X 32 -37.96 17.50 -57.78
CA GLY X 32 -36.62 18.01 -58.04
C GLY X 32 -35.56 17.55 -57.09
N ILE X 33 -35.78 16.44 -56.39
CA ILE X 33 -34.80 16.02 -55.40
C ILE X 33 -33.65 15.53 -56.24
N GLU X 34 -32.44 15.98 -55.91
CA GLU X 34 -31.26 15.51 -56.63
C GLU X 34 -30.67 14.36 -55.84
N TRP X 35 -30.78 13.19 -56.40
CA TRP X 35 -30.36 11.99 -55.72
C TRP X 35 -28.93 11.71 -55.91
N ASN X 36 -28.33 12.40 -56.88
CA ASN X 36 -26.95 12.15 -57.30
C ASN X 36 -26.56 10.69 -57.50
N PRO X 37 -27.20 9.97 -58.45
CA PRO X 37 -26.76 8.58 -58.66
C PRO X 37 -25.42 8.49 -59.39
N SER X 38 -24.86 7.29 -59.42
CA SER X 38 -23.62 7.02 -60.08
C SER X 38 -23.67 7.53 -61.50
N PRO X 39 -22.52 8.02 -61.99
CA PRO X 39 -22.40 8.40 -63.39
C PRO X 39 -22.22 7.16 -64.25
N VAL X 40 -21.80 6.06 -63.62
CA VAL X 40 -21.46 4.84 -64.37
C VAL X 40 -22.60 4.37 -65.29
N GLY X 41 -22.39 4.50 -66.59
CA GLY X 41 -23.39 4.06 -67.57
C GLY X 41 -24.53 5.03 -67.78
N ARG X 42 -24.40 6.26 -67.27
CA ARG X 42 -25.50 7.22 -67.30
C ARG X 42 -25.03 8.52 -67.94
N VAL X 43 -23.83 8.94 -67.56
CA VAL X 43 -23.30 10.21 -67.96
C VAL X 43 -22.25 9.94 -69.04
N THR X 44 -22.18 10.82 -70.03
CA THR X 44 -21.11 10.79 -71.05
C THR X 44 -20.07 11.78 -70.64
N PRO X 45 -18.81 11.32 -70.47
CA PRO X 45 -17.77 12.31 -70.06
C PRO X 45 -17.61 13.44 -71.09
N LYS X 46 -17.53 14.69 -70.62
CA LYS X 46 -17.19 15.84 -71.48
C LYS X 46 -15.80 16.39 -71.08
N GLU X 47 -15.04 16.83 -72.08
CA GLU X 47 -13.88 17.74 -71.97
C GLU X 47 -14.00 18.83 -70.91
N TRP X 48 -12.95 18.94 -70.09
CA TRP X 48 -13.05 19.89 -69.01
C TRP X 48 -11.92 20.84 -69.02
N ARG X 49 -10.76 20.44 -69.56
CA ARG X 49 -9.60 21.37 -69.50
C ARG X 49 -9.80 22.45 -70.53
N HIS Y 1 -52.55 13.44 4.04
CA HIS Y 1 -52.70 12.33 3.01
C HIS Y 1 -53.27 12.69 1.60
N TYR Y 2 -52.91 11.88 0.61
CA TYR Y 2 -52.99 12.25 -0.81
C TYR Y 2 -54.10 11.46 -1.52
N GLU Y 3 -54.54 11.93 -2.67
CA GLU Y 3 -55.52 11.12 -3.44
C GLU Y 3 -54.73 9.96 -4.07
N GLU Y 4 -55.39 8.83 -4.20
CA GLU Y 4 -54.75 7.63 -4.62
C GLU Y 4 -55.54 7.03 -5.73
N GLY Y 5 -54.90 6.20 -6.55
CA GLY Y 5 -55.63 5.52 -7.61
C GLY Y 5 -55.44 6.09 -9.03
N PRO Y 6 -56.02 5.39 -10.04
CA PRO Y 6 -55.86 5.74 -11.43
C PRO Y 6 -56.17 7.24 -11.61
N GLY Y 7 -55.29 7.97 -12.28
CA GLY Y 7 -55.54 9.35 -12.60
C GLY Y 7 -55.28 10.25 -11.40
N LYS Y 8 -54.92 9.67 -10.25
CA LYS Y 8 -54.73 10.55 -9.07
C LYS Y 8 -53.28 10.60 -8.67
N ASN Y 9 -52.47 9.69 -9.17
CA ASN Y 9 -51.06 9.58 -8.72
C ASN Y 9 -50.11 10.31 -9.66
N ILE Y 10 -50.55 11.45 -10.18
CA ILE Y 10 -49.86 12.22 -11.27
C ILE Y 10 -50.00 13.73 -11.02
N PRO Y 11 -48.99 14.53 -11.43
CA PRO Y 11 -49.02 15.99 -11.20
C PRO Y 11 -49.89 16.76 -12.21
N PHE Y 12 -50.60 16.05 -13.09
CA PHE Y 12 -51.50 16.75 -14.00
C PHE Y 12 -52.87 16.07 -13.87
N SER Y 13 -53.92 16.80 -14.20
CA SER Y 13 -55.29 16.24 -14.26
C SER Y 13 -55.60 15.43 -15.54
N VAL Y 14 -56.31 14.32 -15.38
CA VAL Y 14 -56.89 13.60 -16.53
C VAL Y 14 -58.43 13.52 -16.40
N GLU Y 15 -58.92 14.42 -15.57
CA GLU Y 15 -60.34 14.57 -15.34
C GLU Y 15 -61.14 14.80 -16.64
N ASN Y 16 -60.57 15.59 -17.56
CA ASN Y 16 -61.23 15.96 -18.80
C ASN Y 16 -60.23 15.80 -19.95
N LYS Y 17 -60.56 14.91 -20.87
CA LYS Y 17 -59.62 14.48 -21.92
C LYS Y 17 -59.19 15.63 -22.84
N TRP Y 18 -60.05 16.66 -22.98
CA TRP Y 18 -59.70 17.89 -23.77
C TRP Y 18 -58.80 18.85 -23.03
N ARG Y 19 -59.03 19.15 -21.73
CA ARG Y 19 -58.01 19.95 -21.02
C ARG Y 19 -56.67 19.19 -21.11
N LEU Y 20 -56.74 17.87 -20.93
CA LEU Y 20 -55.54 17.07 -20.93
C LEU Y 20 -54.76 17.18 -22.26
N LEU Y 21 -55.50 17.04 -23.37
CA LEU Y 21 -54.93 17.24 -24.72
C LEU Y 21 -54.18 18.55 -24.83
N ALA Y 22 -54.76 19.60 -24.24
CA ALA Y 22 -54.15 20.95 -24.31
C ALA Y 22 -52.85 20.96 -23.49
N MET Y 23 -52.88 20.37 -22.26
CA MET Y 23 -51.64 20.32 -21.40
C MET Y 23 -50.50 19.56 -22.11
N MET Y 24 -50.84 18.41 -22.68
CA MET Y 24 -49.87 17.51 -23.33
C MET Y 24 -49.19 18.16 -24.51
N THR Y 25 -50.01 18.80 -25.30
CA THR Y 25 -49.65 19.71 -26.38
C THR Y 25 -48.69 20.79 -25.97
N LEU Y 26 -49.03 21.60 -24.97
CA LEU Y 26 -48.09 22.59 -24.44
C LEU Y 26 -46.84 21.88 -23.91
N PHE Y 27 -47.03 20.77 -23.21
CA PHE Y 27 -45.90 20.09 -22.61
C PHE Y 27 -44.94 19.57 -23.68
N PHE Y 28 -45.33 18.62 -24.52
CA PHE Y 28 -44.34 18.05 -25.44
C PHE Y 28 -44.03 19.00 -26.60
N GLY Y 29 -45.02 19.80 -27.02
CA GLY Y 29 -44.78 20.84 -27.98
C GLY Y 29 -43.73 21.85 -27.53
N SER Y 30 -43.76 22.27 -26.28
CA SER Y 30 -42.76 23.26 -25.87
C SER Y 30 -41.34 22.64 -26.01
N GLY Y 31 -41.16 21.38 -25.61
CA GLY Y 31 -39.85 20.75 -25.71
C GLY Y 31 -39.38 20.54 -27.15
N PHE Y 32 -40.25 20.04 -28.01
CA PHE Y 32 -39.88 19.96 -29.40
C PHE Y 32 -39.61 21.31 -30.04
N ALA Y 33 -40.36 22.36 -29.68
CA ALA Y 33 -40.16 23.71 -30.28
C ALA Y 33 -38.83 24.37 -29.85
N ALA Y 34 -38.38 24.08 -28.63
CA ALA Y 34 -37.24 24.86 -28.03
C ALA Y 34 -35.97 24.99 -28.91
N PRO Y 35 -35.43 23.87 -29.46
CA PRO Y 35 -34.26 23.91 -30.30
C PRO Y 35 -34.44 24.75 -31.57
N PHE Y 36 -35.62 24.70 -32.23
CA PHE Y 36 -35.84 25.54 -33.42
C PHE Y 36 -35.78 26.98 -33.05
N PHE Y 37 -36.37 27.35 -31.92
CA PHE Y 37 -36.26 28.75 -31.48
C PHE Y 37 -34.83 29.13 -31.02
N ILE Y 38 -34.04 28.16 -30.56
CA ILE Y 38 -32.69 28.52 -30.12
C ILE Y 38 -31.85 28.73 -31.35
N VAL Y 39 -32.00 27.85 -32.33
CA VAL Y 39 -31.35 28.01 -33.61
C VAL Y 39 -31.72 29.40 -34.23
N ARG Y 40 -33.01 29.74 -34.18
CA ARG Y 40 -33.46 31.06 -34.61
C ARG Y 40 -32.74 32.16 -33.85
N HIS Y 41 -32.64 31.99 -32.55
CA HIS Y 41 -32.00 32.96 -31.67
C HIS Y 41 -30.56 33.17 -32.08
N GLN Y 42 -29.84 32.07 -32.28
CA GLN Y 42 -28.45 32.13 -32.71
C GLN Y 42 -28.30 32.86 -34.08
N LEU Y 43 -29.16 32.48 -35.04
CA LEU Y 43 -29.15 33.08 -36.40
C LEU Y 43 -29.43 34.57 -36.44
N LEU Y 44 -30.37 35.04 -35.60
CA LEU Y 44 -30.70 36.44 -35.47
C LEU Y 44 -29.57 37.25 -34.78
N LYS Y 45 -28.53 36.57 -34.30
CA LYS Y 45 -27.34 37.26 -33.76
C LYS Y 45 -26.31 37.61 -34.86
N LYS Y 46 -25.91 36.59 -35.63
CA LYS Y 46 -24.84 36.61 -36.68
C LYS Y 46 -24.18 35.23 -36.65
N ILE Z 1 -53.11 -8.94 -20.09
CA ILE Z 1 -53.64 -8.11 -19.04
C ILE Z 1 -55.09 -7.96 -19.44
N THR Z 2 -56.03 -7.99 -18.50
CA THR Z 2 -57.41 -7.57 -18.82
C THR Z 2 -57.70 -6.27 -18.07
N ALA Z 3 -58.75 -5.57 -18.54
CA ALA Z 3 -59.13 -4.19 -18.14
C ALA Z 3 -60.66 -4.05 -18.12
N LYS Z 4 -61.20 -3.19 -17.26
CA LYS Z 4 -62.55 -2.80 -17.29
C LYS Z 4 -62.81 -2.05 -18.57
N PRO Z 5 -64.10 -1.98 -19.03
CA PRO Z 5 -64.32 -1.14 -20.19
C PRO Z 5 -63.91 0.33 -19.91
N ALA Z 6 -63.46 1.01 -20.95
CA ALA Z 6 -63.17 2.42 -20.85
C ALA Z 6 -64.24 3.19 -20.11
N LYS Z 7 -63.83 3.93 -19.07
CA LYS Z 7 -64.78 4.91 -18.43
C LYS Z 7 -65.39 5.97 -19.36
N THR Z 8 -64.57 6.45 -20.29
CA THR Z 8 -64.91 7.60 -21.13
C THR Z 8 -64.33 7.24 -22.51
N PRO Z 9 -64.98 6.30 -23.26
CA PRO Z 9 -64.43 5.80 -24.54
C PRO Z 9 -64.14 6.94 -25.46
N THR Z 10 -63.09 6.75 -26.27
CA THR Z 10 -62.63 7.76 -27.21
C THR Z 10 -62.86 7.21 -28.59
N SER Z 11 -63.88 7.73 -29.23
CA SER Z 11 -64.37 7.27 -30.50
C SER Z 11 -63.37 7.60 -31.58
N PRO Z 12 -63.53 6.98 -32.76
CA PRO Z 12 -62.64 7.34 -33.88
C PRO Z 12 -62.56 8.86 -34.17
N LYS Z 13 -63.70 9.58 -34.20
CA LYS Z 13 -63.68 11.07 -34.42
C LYS Z 13 -62.77 11.75 -33.38
N GLU Z 14 -62.99 11.43 -32.11
CA GLU Z 14 -62.16 11.96 -31.02
C GLU Z 14 -60.66 11.67 -31.16
N GLN Z 15 -60.34 10.43 -31.56
CA GLN Z 15 -58.98 10.06 -31.87
C GLN Z 15 -58.38 10.87 -33.01
N ALA Z 16 -59.16 11.05 -34.08
CA ALA Z 16 -58.82 11.97 -35.19
C ALA Z 16 -58.45 13.39 -34.70
N ILE Z 17 -59.20 13.93 -33.74
CA ILE Z 17 -58.89 15.22 -33.15
C ILE Z 17 -57.55 15.19 -32.37
N GLY Z 18 -57.43 14.23 -31.43
CA GLY Z 18 -56.23 14.11 -30.59
C GLY Z 18 -54.98 13.92 -31.43
N LEU Z 19 -55.12 13.10 -32.47
CA LEU Z 19 -53.99 12.81 -33.34
C LEU Z 19 -53.58 14.08 -34.10
N SER Z 20 -54.57 14.83 -34.60
CA SER Z 20 -54.37 16.06 -35.36
C SER Z 20 -53.72 17.16 -34.55
N VAL Z 21 -54.32 17.46 -33.39
CA VAL Z 21 -53.76 18.46 -32.47
C VAL Z 21 -52.27 18.10 -32.14
N THR Z 22 -52.02 16.80 -31.87
CA THR Z 22 -50.71 16.41 -31.39
C THR Z 22 -49.71 16.68 -32.50
N PHE Z 23 -50.00 16.14 -33.69
CA PHE Z 23 -49.09 16.33 -34.82
C PHE Z 23 -48.88 17.84 -35.10
N LEU Z 24 -49.95 18.62 -35.08
CA LEU Z 24 -49.83 20.06 -35.32
C LEU Z 24 -48.95 20.72 -34.24
N SER Z 25 -49.05 20.27 -33.00
CA SER Z 25 -48.31 20.90 -31.92
C SER Z 25 -46.77 20.71 -32.16
N PHE Z 26 -46.36 19.65 -32.87
CA PHE Z 26 -44.97 19.48 -33.22
C PHE Z 26 -44.63 20.24 -34.51
N LEU Z 27 -45.55 20.18 -35.46
CA LEU Z 27 -45.19 20.50 -36.82
C LEU Z 27 -45.26 22.01 -37.08
N LEU Z 28 -46.17 22.72 -36.39
CA LEU Z 28 -46.43 24.14 -36.73
C LEU Z 28 -45.39 25.13 -36.25
N PRO Z 29 -44.88 25.00 -34.98
CA PRO Z 29 -43.75 25.89 -34.55
C PRO Z 29 -42.44 25.58 -35.29
N ALA Z 30 -42.06 24.30 -35.41
CA ALA Z 30 -40.84 23.96 -36.16
C ALA Z 30 -40.98 24.48 -37.58
N GLY Z 31 -42.19 24.32 -38.13
CA GLY Z 31 -42.55 24.76 -39.47
C GLY Z 31 -42.32 26.25 -39.67
N TRP Z 32 -42.79 27.09 -38.73
CA TRP Z 32 -42.65 28.55 -38.79
C TRP Z 32 -41.15 28.89 -38.83
N VAL Z 33 -40.36 28.26 -37.95
CA VAL Z 33 -38.94 28.62 -37.81
C VAL Z 33 -38.19 28.26 -39.10
N LEU Z 34 -38.41 27.02 -39.58
CA LEU Z 34 -37.79 26.52 -40.83
C LEU Z 34 -38.21 27.32 -42.08
N TYR Z 35 -39.50 27.72 -42.14
CA TYR Z 35 -40.04 28.52 -43.22
C TYR Z 35 -39.26 29.86 -43.27
N HIS Z 36 -38.93 30.40 -42.12
CA HIS Z 36 -38.36 31.72 -42.07
C HIS Z 36 -36.87 31.76 -41.96
N LEU Z 37 -36.18 30.64 -42.16
CA LEU Z 37 -34.70 30.61 -42.09
C LEU Z 37 -33.99 31.80 -42.79
N ASP Z 38 -34.42 32.08 -44.01
CA ASP Z 38 -33.70 33.03 -44.83
C ASP Z 38 -33.88 34.47 -44.31
N ASN Z 39 -35.01 34.75 -43.66
CA ASN Z 39 -35.22 36.04 -43.01
C ASN Z 39 -34.24 36.19 -41.90
N TYR Z 40 -34.17 35.19 -41.01
CA TYR Z 40 -33.26 35.19 -39.85
C TYR Z 40 -31.88 35.64 -40.22
N LYS Z 41 -31.35 35.06 -41.30
CA LYS Z 41 -29.97 35.29 -41.71
C LYS Z 41 -29.63 36.75 -42.05
N LYS Z 42 -30.43 37.44 -42.89
CA LYS Z 42 -30.17 38.87 -43.05
C LYS Z 42 -31.02 39.60 -42.06
N SER Z 43 -30.39 39.98 -40.94
CA SER Z 43 -31.07 40.27 -39.66
C SER Z 43 -32.48 40.85 -39.69
N GLY AA 2 69.26 -4.70 -14.78
CA GLY AA 2 68.58 -3.67 -13.95
C GLY AA 2 69.32 -3.49 -12.64
N ASP AA 3 68.73 -2.69 -11.77
CA ASP AA 3 69.29 -2.36 -10.45
C ASP AA 3 68.99 -3.47 -9.40
N VAL AA 4 70.04 -4.24 -9.07
CA VAL AA 4 70.06 -5.35 -8.07
C VAL AA 4 69.56 -5.07 -6.62
N GLU AA 5 69.97 -3.96 -6.00
CA GLU AA 5 69.53 -3.70 -4.63
C GLU AA 5 68.11 -3.10 -4.56
N LYS AA 6 67.71 -2.36 -5.59
CA LYS AA 6 66.31 -2.02 -5.75
C LYS AA 6 65.50 -3.31 -5.83
N GLY AA 7 65.94 -4.23 -6.68
CA GLY AA 7 65.30 -5.56 -6.81
C GLY AA 7 65.36 -6.41 -5.54
N LYS AA 8 66.41 -6.20 -4.74
CA LYS AA 8 66.45 -6.82 -3.43
C LYS AA 8 65.26 -6.32 -2.56
N LYS AA 9 65.04 -5.00 -2.52
CA LYS AA 9 63.99 -4.47 -1.67
C LYS AA 9 62.60 -5.01 -2.10
N ILE AA 10 62.33 -4.98 -3.41
CA ILE AA 10 61.06 -5.48 -4.01
C ILE AA 10 60.83 -6.97 -3.65
N PHE AA 11 61.90 -7.78 -3.74
CA PHE AA 11 61.84 -9.19 -3.36
C PHE AA 11 61.54 -9.32 -1.86
N VAL AA 12 62.24 -8.54 -1.02
CA VAL AA 12 61.97 -8.64 0.43
C VAL AA 12 60.44 -8.34 0.67
N GLN AA 13 59.91 -7.30 0.04
CA GLN AA 13 58.58 -6.80 0.41
C GLN AA 13 57.45 -7.56 -0.21
N LYS AA 14 57.69 -8.15 -1.38
CA LYS AA 14 56.67 -8.81 -2.19
C LYS AA 14 56.80 -10.33 -2.31
N CYS AA 15 57.99 -10.88 -2.10
CA CYS AA 15 58.19 -12.34 -2.37
C CYS AA 15 58.86 -13.15 -1.23
N ALA AA 16 59.73 -12.51 -0.44
CA ALA AA 16 60.53 -13.23 0.57
C ALA AA 16 59.67 -14.09 1.50
N GLN AA 17 58.43 -13.64 1.74
CA GLN AA 17 57.51 -14.31 2.65
C GLN AA 17 57.01 -15.67 2.15
N CYS AA 18 57.05 -15.87 0.82
CA CYS AA 18 56.62 -17.13 0.20
C CYS AA 18 57.79 -17.83 -0.51
N HIS AA 19 58.95 -17.15 -0.61
CA HIS AA 19 60.17 -17.62 -1.31
C HIS AA 19 61.47 -17.35 -0.59
N THR AA 20 62.36 -18.33 -0.69
CA THR AA 20 63.78 -18.21 -0.33
C THR AA 20 64.62 -18.30 -1.59
N VAL AA 21 65.79 -17.66 -1.56
CA VAL AA 21 66.66 -17.54 -2.74
C VAL AA 21 67.91 -18.46 -2.76
N GLU AA 22 68.52 -18.67 -1.58
CA GLU AA 22 69.82 -19.39 -1.45
C GLU AA 22 69.81 -20.88 -1.85
N LYS AA 23 70.98 -21.42 -2.24
CA LYS AA 23 71.12 -22.87 -2.36
C LYS AA 23 71.01 -23.39 -0.95
N GLY AA 24 70.16 -24.37 -0.74
CA GLY AA 24 69.80 -24.77 0.60
C GLY AA 24 68.37 -24.34 0.83
N GLY AA 25 68.20 -23.14 1.37
CA GLY AA 25 66.89 -22.56 1.78
C GLY AA 25 65.62 -23.35 1.48
N LYS AA 26 64.79 -23.57 2.52
CA LYS AA 26 63.62 -24.48 2.44
C LYS AA 26 62.44 -23.89 1.66
N HIS AA 27 61.64 -24.78 1.10
CA HIS AA 27 60.38 -24.41 0.47
C HIS AA 27 59.47 -23.83 1.53
N LYS AA 28 58.86 -22.70 1.22
CA LYS AA 28 57.87 -22.07 2.10
C LYS AA 28 56.56 -22.23 1.34
N THR AA 29 55.61 -21.29 1.44
CA THR AA 29 54.39 -21.39 0.62
C THR AA 29 54.75 -21.73 -0.85
N GLY AA 30 55.83 -21.13 -1.35
CA GLY AA 30 56.30 -21.40 -2.72
C GLY AA 30 57.69 -22.03 -2.77
N PRO AA 31 58.06 -22.61 -3.94
CA PRO AA 31 59.35 -23.28 -4.12
C PRO AA 31 60.59 -22.41 -3.84
N ASN AA 32 61.68 -23.03 -3.36
CA ASN AA 32 63.00 -22.36 -3.35
C ASN AA 32 63.38 -22.00 -4.78
N LEU AA 33 64.25 -20.99 -4.94
CA LEU AA 33 64.55 -20.43 -6.28
C LEU AA 33 66.02 -20.49 -6.75
N HIS AA 34 66.91 -21.17 -6.01
CA HIS AA 34 68.29 -21.30 -6.49
C HIS AA 34 68.32 -22.02 -7.81
N GLY AA 35 68.94 -21.40 -8.82
CA GLY AA 35 69.18 -22.01 -10.14
C GLY AA 35 68.06 -21.81 -11.16
N LEU AA 36 67.35 -20.70 -11.01
CA LEU AA 36 66.07 -20.48 -11.71
C LEU AA 36 66.21 -20.25 -13.20
N PHE AA 37 67.16 -19.39 -13.55
CA PHE AA 37 67.41 -18.95 -14.93
C PHE AA 37 67.92 -20.10 -15.82
N GLY AA 38 67.91 -19.90 -17.14
CA GLY AA 38 68.29 -20.95 -18.13
C GLY AA 38 67.54 -22.29 -18.02
N ARG AA 39 66.63 -22.39 -17.05
CA ARG AA 39 66.00 -23.66 -16.69
C ARG AA 39 64.46 -23.70 -16.84
N LYS AA 40 63.96 -24.91 -17.13
CA LYS AA 40 62.51 -25.21 -17.27
C LYS AA 40 61.69 -24.86 -15.99
N THR AA 41 60.35 -24.79 -16.13
CA THR AA 41 59.44 -24.50 -15.00
C THR AA 41 58.99 -25.73 -14.22
N GLY AA 42 58.82 -25.56 -12.91
CA GLY AA 42 58.28 -26.60 -12.03
C GLY AA 42 59.26 -27.72 -11.71
N GLN AA 43 60.55 -27.39 -11.65
CA GLN AA 43 61.61 -28.40 -11.52
C GLN AA 43 62.40 -28.34 -10.18
N ALA AA 44 62.04 -27.44 -9.26
CA ALA AA 44 62.71 -27.38 -7.95
C ALA AA 44 62.45 -28.67 -7.14
N PRO AA 45 63.51 -29.45 -6.84
CA PRO AA 45 63.36 -30.78 -6.20
C PRO AA 45 62.43 -30.83 -4.97
N GLY AA 46 61.39 -31.67 -5.05
CA GLY AA 46 60.51 -31.93 -3.91
C GLY AA 46 59.52 -30.86 -3.55
N PHE AA 47 59.14 -29.99 -4.49
CA PHE AA 47 58.00 -29.07 -4.32
C PHE AA 47 56.78 -29.50 -5.15
N THR AA 48 55.58 -29.42 -4.56
CA THR AA 48 54.31 -29.82 -5.22
C THR AA 48 53.70 -28.69 -6.06
N TYR AA 49 53.96 -28.72 -7.37
CA TYR AA 49 53.42 -27.71 -8.29
C TYR AA 49 51.96 -28.04 -8.64
N THR AA 50 51.22 -27.05 -9.13
CA THR AA 50 49.96 -27.34 -9.82
C THR AA 50 50.37 -28.13 -11.06
N ASP AA 51 49.42 -28.61 -11.85
CA ASP AA 51 49.78 -29.15 -13.17
C ASP AA 51 50.08 -28.01 -14.15
N ALA AA 52 49.51 -26.83 -13.89
CA ALA AA 52 49.76 -25.65 -14.72
C ALA AA 52 51.23 -25.22 -14.68
N ASN AA 53 51.85 -25.29 -13.50
CA ASN AA 53 53.24 -24.89 -13.33
C ASN AA 53 54.22 -25.99 -13.73
N LYS AA 54 53.93 -27.23 -13.31
CA LYS AA 54 54.62 -28.42 -13.83
C LYS AA 54 54.66 -28.40 -15.36
N ASN AA 55 53.47 -28.39 -15.99
CA ASN AA 55 53.35 -28.56 -17.45
C ASN AA 55 53.37 -27.27 -18.29
N LYS AA 56 53.85 -26.15 -17.72
CA LYS AA 56 53.94 -24.88 -18.47
C LYS AA 56 54.84 -24.92 -19.71
N GLY AA 57 55.98 -25.62 -19.63
CA GLY AA 57 56.89 -25.80 -20.76
C GLY AA 57 57.63 -24.58 -21.33
N ILE AA 58 57.86 -23.56 -20.50
CA ILE AA 58 58.75 -22.47 -20.90
C ILE AA 58 60.03 -22.50 -20.04
N THR AA 59 61.09 -21.87 -20.56
CA THR AA 59 62.36 -21.77 -19.82
C THR AA 59 62.44 -20.39 -19.14
N TRP AA 60 62.70 -20.39 -17.82
CA TRP AA 60 62.96 -19.12 -17.12
C TRP AA 60 64.23 -18.46 -17.61
N LYS AA 61 64.12 -17.18 -17.93
CA LYS AA 61 65.23 -16.30 -18.34
C LYS AA 61 64.70 -14.90 -18.07
N GLU AA 62 65.48 -13.88 -18.40
CA GLU AA 62 65.05 -12.49 -18.21
C GLU AA 62 63.71 -12.18 -18.92
N GLU AA 63 63.58 -12.64 -20.16
CA GLU AA 63 62.41 -12.39 -21.01
C GLU AA 63 61.09 -12.97 -20.49
N THR AA 64 61.11 -14.25 -20.10
CA THR AA 64 59.90 -14.95 -19.63
C THR AA 64 59.49 -14.57 -18.21
N LEU AA 65 60.47 -14.17 -17.41
CA LEU AA 65 60.18 -13.63 -16.10
C LEU AA 65 59.57 -12.23 -16.22
N MET AA 66 59.85 -11.52 -17.31
CA MET AA 66 59.33 -10.16 -17.48
C MET AA 66 57.81 -10.22 -17.69
N GLU AA 67 57.36 -11.16 -18.52
CA GLU AA 67 55.94 -11.35 -18.77
C GLU AA 67 55.14 -11.90 -17.58
N TYR AA 68 55.68 -12.94 -16.94
CA TYR AA 68 55.07 -13.69 -15.81
C TYR AA 68 54.83 -12.89 -14.55
N LEU AA 69 55.86 -12.16 -14.13
CA LEU AA 69 55.77 -11.31 -12.96
C LEU AA 69 54.79 -10.12 -13.11
N GLU AA 70 54.51 -9.72 -14.37
CA GLU AA 70 53.54 -8.68 -14.65
C GLU AA 70 52.12 -9.10 -14.29
N ASN AA 71 51.85 -10.38 -14.50
CA ASN AA 71 50.54 -10.99 -14.27
C ASN AA 71 50.61 -12.56 -14.21
N PRO AA 72 50.96 -13.10 -13.01
CA PRO AA 72 51.23 -14.55 -12.91
C PRO AA 72 50.10 -15.52 -13.33
N LYS AA 73 48.86 -15.25 -12.93
CA LYS AA 73 47.79 -16.18 -13.30
C LYS AA 73 47.32 -16.05 -14.78
N LYS AA 74 47.61 -14.90 -15.40
CA LYS AA 74 47.42 -14.76 -16.85
C LYS AA 74 48.41 -15.66 -17.62
N TYR AA 75 49.67 -15.64 -17.19
CA TYR AA 75 50.73 -16.41 -17.83
C TYR AA 75 50.62 -17.92 -17.51
N ILE AA 76 50.39 -18.24 -16.23
CA ILE AA 76 50.20 -19.62 -15.79
C ILE AA 76 48.77 -19.81 -15.22
N PRO AA 77 47.78 -20.06 -16.11
CA PRO AA 77 46.43 -20.20 -15.60
C PRO AA 77 46.32 -21.47 -14.79
N GLY AA 78 45.78 -21.33 -13.58
CA GLY AA 78 45.60 -22.45 -12.66
C GLY AA 78 46.65 -22.45 -11.57
N THR AA 79 47.61 -21.53 -11.72
CA THR AA 79 48.69 -21.34 -10.75
C THR AA 79 48.14 -21.32 -9.31
N LYS AA 80 48.92 -21.78 -8.35
CA LYS AA 80 48.53 -21.61 -6.97
C LYS AA 80 49.25 -20.42 -6.30
N MET AA 81 50.26 -19.86 -6.98
CA MET AA 81 50.90 -18.61 -6.56
C MET AA 81 49.86 -17.50 -6.46
N ILE AA 82 49.62 -17.00 -5.26
CA ILE AA 82 48.70 -15.87 -5.09
C ILE AA 82 49.54 -14.58 -5.05
N PHE AA 83 49.57 -13.88 -6.18
CA PHE AA 83 50.28 -12.61 -6.34
C PHE AA 83 49.82 -11.91 -7.61
N ALA AA 84 49.27 -10.70 -7.42
CA ALA AA 84 48.60 -9.88 -8.44
C ALA AA 84 49.55 -9.57 -9.60
N GLY AA 85 50.75 -9.15 -9.26
CA GLY AA 85 51.74 -8.83 -10.26
C GLY AA 85 52.29 -7.41 -10.08
N ILE AA 86 53.37 -7.15 -10.81
CA ILE AA 86 54.15 -5.95 -10.62
C ILE AA 86 53.98 -5.17 -11.91
N LYS AA 87 53.27 -4.05 -11.81
CA LYS AA 87 52.91 -3.31 -13.00
C LYS AA 87 54.14 -2.68 -13.67
N LYS AA 88 55.04 -2.07 -12.89
CA LYS AA 88 56.10 -1.27 -13.50
C LYS AA 88 57.16 -2.13 -14.22
N LYS AA 89 57.45 -1.75 -15.48
CA LYS AA 89 58.49 -2.38 -16.29
C LYS AA 89 59.82 -2.31 -15.55
N THR AA 90 60.16 -1.09 -15.16
CA THR AA 90 61.38 -0.75 -14.44
C THR AA 90 61.57 -1.55 -13.11
N GLU AA 91 60.52 -1.65 -12.27
CA GLU AA 91 60.53 -2.55 -11.08
C GLU AA 91 60.66 -4.04 -11.43
N ARG AA 92 60.01 -4.47 -12.52
CA ARG AA 92 60.23 -5.84 -13.01
C ARG AA 92 61.68 -6.09 -13.45
N GLU AA 93 62.26 -5.11 -14.13
CA GLU AA 93 63.68 -5.16 -14.56
C GLU AA 93 64.65 -5.29 -13.36
N ASP AA 94 64.39 -4.53 -12.29
CA ASP AA 94 65.28 -4.52 -11.13
C ASP AA 94 65.16 -5.78 -10.32
N LEU AA 95 63.92 -6.25 -10.14
CA LEU AA 95 63.64 -7.49 -9.41
C LEU AA 95 64.28 -8.69 -10.12
N ILE AA 96 64.09 -8.77 -11.44
CA ILE AA 96 64.81 -9.72 -12.30
C ILE AA 96 66.36 -9.61 -12.18
N ALA AA 97 66.95 -8.41 -12.32
CA ALA AA 97 68.41 -8.26 -12.13
C ALA AA 97 68.91 -8.69 -10.75
N TYR AA 98 68.08 -8.50 -9.73
CA TYR AA 98 68.39 -9.02 -8.38
C TYR AA 98 68.31 -10.55 -8.33
N LEU AA 99 67.24 -11.10 -8.89
CA LEU AA 99 67.07 -12.55 -8.92
C LEU AA 99 68.14 -13.22 -9.80
N LYS AA 100 68.63 -12.52 -10.83
CA LYS AA 100 69.67 -13.02 -11.75
C LYS AA 100 70.94 -13.29 -10.94
N LYS AA 101 71.31 -12.32 -10.11
CA LYS AA 101 72.47 -12.44 -9.24
C LYS AA 101 72.19 -13.40 -8.06
N ALA AA 102 71.24 -13.04 -7.20
CA ALA AA 102 70.97 -13.78 -5.95
C ALA AA 102 70.63 -15.29 -6.03
N THR AA 103 69.98 -15.74 -7.12
CA THR AA 103 69.53 -17.16 -7.21
C THR AA 103 70.64 -18.10 -7.74
N ASN AA 104 71.89 -17.71 -7.51
CA ASN AA 104 73.01 -18.40 -8.07
C ASN AA 104 74.28 -17.97 -7.35
N GLU AA 105 74.31 -18.17 -6.03
CA GLU AA 105 75.44 -17.74 -5.22
C GLU AA 105 75.45 -16.20 -5.20
N GLY BA 2 8.52 42.92 -54.71
CA GLY BA 2 7.30 43.81 -54.84
C GLY BA 2 6.32 43.32 -55.90
N ASP BA 3 5.28 42.59 -55.46
CA ASP BA 3 4.38 41.80 -56.35
C ASP BA 3 2.87 41.82 -55.92
N VAL BA 4 2.12 42.79 -56.43
CA VAL BA 4 0.71 43.07 -56.09
C VAL BA 4 -0.27 41.85 -56.08
N GLU BA 5 -0.07 40.88 -56.98
CA GLU BA 5 -1.04 39.78 -57.12
C GLU BA 5 -0.77 38.62 -56.17
N LYS BA 6 0.51 38.28 -55.95
CA LYS BA 6 0.94 37.35 -54.89
C LYS BA 6 0.47 37.85 -53.54
N GLY BA 7 0.64 39.16 -53.32
CA GLY BA 7 0.07 39.92 -52.20
C GLY BA 7 -1.47 39.89 -52.07
N LYS BA 8 -2.17 40.02 -53.21
CA LYS BA 8 -3.65 39.97 -53.23
C LYS BA 8 -4.18 38.61 -52.68
N LYS BA 9 -3.65 37.49 -53.20
CA LYS BA 9 -3.97 36.14 -52.70
C LYS BA 9 -3.63 35.93 -51.20
N ILE BA 10 -2.42 36.35 -50.77
CA ILE BA 10 -2.06 36.39 -49.35
C ILE BA 10 -3.04 37.22 -48.49
N PHE BA 11 -3.46 38.39 -48.99
CA PHE BA 11 -4.52 39.17 -48.32
C PHE BA 11 -5.92 38.52 -48.34
N VAL BA 12 -6.27 37.88 -49.46
CA VAL BA 12 -7.57 37.21 -49.59
C VAL BA 12 -7.63 36.13 -48.48
N GLN BA 13 -6.52 35.39 -48.37
CA GLN BA 13 -6.44 34.17 -47.57
C GLN BA 13 -6.22 34.46 -46.07
N LYS BA 14 -5.41 35.49 -45.78
CA LYS BA 14 -4.99 35.78 -44.40
C LYS BA 14 -5.76 36.95 -43.70
N CYS BA 15 -6.39 37.84 -44.46
CA CYS BA 15 -6.97 39.06 -43.87
C CYS BA 15 -8.41 39.32 -44.29
N ALA BA 16 -8.76 38.85 -45.50
CA ALA BA 16 -10.01 39.20 -46.18
C ALA BA 16 -11.32 39.20 -45.34
N GLN BA 17 -11.59 38.17 -44.54
CA GLN BA 17 -12.84 38.17 -43.72
C GLN BA 17 -12.67 38.76 -42.30
N CYS BA 18 -11.60 39.52 -42.11
CA CYS BA 18 -11.46 40.39 -40.96
C CYS BA 18 -11.33 41.87 -41.41
N HIS BA 19 -11.11 42.06 -42.72
CA HIS BA 19 -10.77 43.38 -43.26
C HIS BA 19 -11.30 43.74 -44.61
N THR BA 20 -11.70 45.00 -44.73
CA THR BA 20 -12.16 45.58 -45.99
C THR BA 20 -11.17 46.64 -46.50
N VAL BA 21 -10.79 46.56 -47.78
CA VAL BA 21 -9.71 47.40 -48.37
C VAL BA 21 -10.15 48.69 -49.10
N GLU BA 22 -11.24 48.62 -49.87
CA GLU BA 22 -11.74 49.74 -50.70
C GLU BA 22 -12.07 51.03 -49.92
N LYS BA 23 -12.32 52.11 -50.65
CA LYS BA 23 -12.67 53.42 -50.06
C LYS BA 23 -14.00 53.39 -49.29
N GLY BA 24 -13.96 53.67 -47.99
CA GLY BA 24 -15.14 53.62 -47.12
C GLY BA 24 -15.93 52.32 -47.27
N GLY BA 25 -15.46 51.25 -46.65
CA GLY BA 25 -16.09 49.95 -46.80
C GLY BA 25 -16.25 49.19 -45.51
N LYS BA 26 -17.37 49.43 -44.82
CA LYS BA 26 -17.77 48.74 -43.58
C LYS BA 26 -16.70 47.86 -42.91
N HIS BA 27 -16.19 48.33 -41.76
CA HIS BA 27 -15.26 47.55 -40.95
C HIS BA 27 -15.88 46.21 -40.69
N LYS BA 28 -15.08 45.17 -40.66
CA LYS BA 28 -15.60 43.87 -40.20
C LYS BA 28 -15.13 43.69 -38.75
N THR BA 29 -14.54 42.54 -38.41
CA THR BA 29 -13.85 42.40 -37.12
C THR BA 29 -12.69 43.40 -37.04
N GLY BA 30 -12.00 43.58 -38.17
CA GLY BA 30 -10.96 44.60 -38.29
C GLY BA 30 -11.40 45.81 -39.10
N PRO BA 31 -10.84 47.00 -38.76
CA PRO BA 31 -11.26 48.29 -39.34
C PRO BA 31 -11.17 48.32 -40.86
N ASN BA 32 -11.90 49.25 -41.47
CA ASN BA 32 -11.73 49.54 -42.90
C ASN BA 32 -10.29 50.00 -43.15
N LEU BA 33 -9.73 49.63 -44.30
CA LEU BA 33 -8.34 49.96 -44.65
C LEU BA 33 -8.15 50.89 -45.88
N HIS BA 34 -9.14 51.72 -46.21
CA HIS BA 34 -8.96 52.73 -47.28
C HIS BA 34 -7.79 53.63 -46.98
N GLY BA 35 -6.91 53.83 -47.96
CA GLY BA 35 -5.78 54.78 -47.83
C GLY BA 35 -5.16 54.79 -46.45
N LEU BA 36 -4.52 53.67 -46.11
CA LEU BA 36 -3.95 53.44 -44.79
C LEU BA 36 -2.48 53.86 -44.78
N PHE BA 37 -1.85 53.76 -45.95
CA PHE BA 37 -0.48 54.19 -46.14
C PHE BA 37 -0.29 55.69 -45.77
N GLY BA 38 -0.27 55.99 -44.46
CA GLY BA 38 -0.21 57.37 -43.95
C GLY BA 38 -0.21 57.52 -42.44
N ARG BA 39 -1.40 57.78 -41.87
CA ARG BA 39 -1.58 58.26 -40.46
C ARG BA 39 -1.32 57.23 -39.32
N LYS BA 40 -1.63 57.63 -38.08
CA LYS BA 40 -1.23 56.88 -36.85
C LYS BA 40 -1.87 55.48 -36.63
N THR BA 41 -2.65 55.29 -35.55
CA THR BA 41 -3.21 53.97 -35.13
C THR BA 41 -4.57 53.99 -34.37
N GLY BA 42 -5.55 54.72 -34.90
CA GLY BA 42 -6.87 54.79 -34.28
C GLY BA 42 -7.79 55.65 -35.13
N GLN BA 43 -7.61 55.56 -36.44
CA GLN BA 43 -8.10 56.55 -37.40
C GLN BA 43 -9.43 56.28 -38.12
N ALA BA 44 -9.85 55.02 -38.20
CA ALA BA 44 -11.11 54.67 -38.89
C ALA BA 44 -12.35 55.09 -38.07
N PRO BA 45 -13.07 56.16 -38.50
CA PRO BA 45 -14.29 56.57 -37.76
C PRO BA 45 -15.30 55.43 -37.67
N GLY BA 46 -15.96 55.31 -36.53
CA GLY BA 46 -16.82 54.17 -36.23
C GLY BA 46 -16.14 53.12 -35.37
N PHE BA 47 -15.04 52.56 -35.87
CA PHE BA 47 -14.33 51.44 -35.22
C PHE BA 47 -13.73 51.77 -33.84
N THR BA 48 -14.23 51.08 -32.81
CA THR BA 48 -13.67 51.07 -31.43
C THR BA 48 -12.35 50.31 -31.42
N TYR BA 49 -11.29 50.94 -30.88
CA TYR BA 49 -9.95 50.35 -30.80
C TYR BA 49 -9.71 49.59 -29.49
N THR BA 50 -8.44 49.44 -29.13
CA THR BA 50 -8.10 49.20 -27.73
C THR BA 50 -7.46 50.51 -27.30
N ASP BA 51 -7.15 50.66 -26.02
CA ASP BA 51 -6.31 51.80 -25.62
C ASP BA 51 -4.91 51.53 -26.18
N ALA BA 52 -4.52 50.25 -26.18
CA ALA BA 52 -3.19 49.79 -26.58
C ALA BA 52 -2.89 50.06 -28.06
N ASN BA 53 -3.80 49.59 -28.90
CA ASN BA 53 -3.77 49.86 -30.33
C ASN BA 53 -3.82 51.36 -30.57
N LYS BA 54 -4.78 52.03 -29.93
CA LYS BA 54 -5.03 53.46 -30.12
C LYS BA 54 -3.91 54.38 -29.61
N ASN BA 55 -3.01 53.89 -28.76
CA ASN BA 55 -1.92 54.73 -28.21
C ASN BA 55 -0.48 54.30 -28.54
N LYS BA 56 -0.33 53.33 -29.44
CA LYS BA 56 0.98 52.95 -29.99
C LYS BA 56 1.65 54.10 -30.81
N GLY BA 57 0.86 55.00 -31.38
CA GLY BA 57 1.34 56.17 -32.15
C GLY BA 57 2.56 55.98 -33.06
N ILE BA 58 2.35 55.44 -34.25
CA ILE BA 58 3.42 55.23 -35.25
C ILE BA 58 2.89 55.40 -36.70
N THR BA 59 3.78 55.66 -37.66
CA THR BA 59 3.42 55.79 -39.11
C THR BA 59 3.10 54.41 -39.72
N TRP BA 60 2.43 54.39 -40.88
CA TRP BA 60 2.22 53.12 -41.60
C TRP BA 60 2.95 53.00 -42.91
N LYS BA 61 4.26 53.24 -42.88
CA LYS BA 61 5.09 53.02 -44.07
C LYS BA 61 5.33 51.52 -44.33
N GLU BA 62 5.91 51.22 -45.48
CA GLU BA 62 6.23 49.86 -45.93
C GLU BA 62 7.26 49.14 -45.03
N GLU BA 63 8.15 49.94 -44.45
CA GLU BA 63 9.20 49.53 -43.54
C GLU BA 63 8.70 48.91 -42.23
N THR BA 64 7.68 49.51 -41.61
CA THR BA 64 7.16 49.01 -40.32
C THR BA 64 5.83 48.20 -40.43
N LEU BA 65 5.50 47.79 -41.66
CA LEU BA 65 4.54 46.70 -41.91
C LEU BA 65 5.32 45.40 -42.08
N MET BA 66 6.53 45.50 -42.63
CA MET BA 66 7.47 44.37 -42.66
C MET BA 66 7.68 43.88 -41.24
N GLU BA 67 7.84 44.82 -40.32
CA GLU BA 67 7.99 44.50 -38.92
C GLU BA 67 6.65 44.11 -38.27
N TYR BA 68 5.63 44.96 -38.43
CA TYR BA 68 4.32 44.70 -37.82
C TYR BA 68 3.79 43.30 -38.13
N LEU BA 69 3.68 42.99 -39.43
CA LEU BA 69 3.06 41.77 -39.92
C LEU BA 69 3.88 40.50 -39.62
N GLU BA 70 5.14 40.69 -39.20
CA GLU BA 70 5.97 39.58 -38.79
C GLU BA 70 5.48 39.04 -37.44
N ASN BA 71 5.03 39.95 -36.57
CA ASN BA 71 4.67 39.62 -35.20
C ASN BA 71 3.74 40.69 -34.61
N PRO BA 72 2.42 40.61 -34.92
CA PRO BA 72 1.45 41.66 -34.47
C PRO BA 72 1.35 41.90 -32.93
N LYS BA 73 1.53 40.84 -32.13
CA LYS BA 73 1.55 40.96 -30.66
C LYS BA 73 2.95 41.31 -30.13
N LYS BA 74 4.00 41.06 -30.93
CA LYS BA 74 5.35 41.52 -30.62
C LYS BA 74 5.50 42.99 -30.93
N TYR BA 75 4.69 43.51 -31.85
CA TYR BA 75 4.68 44.95 -32.12
C TYR BA 75 3.71 45.75 -31.21
N ILE BA 76 2.49 45.24 -31.01
CA ILE BA 76 1.54 45.86 -30.07
C ILE BA 76 0.97 44.85 -29.07
N PRO BA 77 1.15 45.11 -27.76
CA PRO BA 77 0.52 44.28 -26.72
C PRO BA 77 -0.82 44.89 -26.27
N GLY BA 78 -1.80 44.03 -25.96
CA GLY BA 78 -3.16 44.50 -25.68
C GLY BA 78 -3.99 44.72 -26.94
N THR BA 79 -3.41 44.38 -28.10
CA THR BA 79 -4.14 44.35 -29.38
C THR BA 79 -5.06 43.13 -29.37
N LYS BA 80 -6.23 43.26 -30.00
CA LYS BA 80 -7.15 42.13 -30.09
C LYS BA 80 -7.24 41.56 -31.53
N MET BA 81 -6.43 42.11 -32.42
CA MET BA 81 -6.19 41.54 -33.73
C MET BA 81 -5.60 40.14 -33.54
N ILE BA 82 -6.41 39.10 -33.73
CA ILE BA 82 -5.95 37.72 -33.53
C ILE BA 82 -5.27 37.17 -34.79
N PHE BA 83 -3.97 37.41 -34.92
CA PHE BA 83 -3.16 36.90 -36.04
C PHE BA 83 -1.72 36.70 -35.59
N ALA BA 84 -1.24 35.46 -35.68
CA ALA BA 84 0.17 35.12 -35.39
C ALA BA 84 1.16 36.06 -36.12
N GLY BA 85 1.23 35.95 -37.45
CA GLY BA 85 2.12 36.75 -38.29
C GLY BA 85 2.58 36.04 -39.56
N ILE BA 86 3.01 36.81 -40.55
CA ILE BA 86 3.59 36.24 -41.75
C ILE BA 86 5.11 36.25 -41.60
N LYS BA 87 5.70 35.08 -41.47
CA LYS BA 87 7.13 34.98 -41.15
C LYS BA 87 8.03 35.32 -42.35
N LYS BA 88 7.58 34.90 -43.54
CA LYS BA 88 8.42 34.92 -44.71
C LYS BA 88 8.58 36.34 -45.16
N LYS BA 89 9.84 36.68 -45.45
CA LYS BA 89 10.23 38.01 -45.91
C LYS BA 89 9.53 38.37 -47.23
N THR BA 90 9.75 37.53 -48.25
CA THR BA 90 9.15 37.74 -49.57
C THR BA 90 7.62 37.93 -49.46
N GLU BA 91 6.97 37.17 -48.55
CA GLU BA 91 5.52 37.23 -48.39
C GLU BA 91 4.99 38.52 -47.78
N ARG BA 92 5.72 39.02 -46.79
CA ARG BA 92 5.39 40.31 -46.20
C ARG BA 92 5.67 41.43 -47.21
N GLU BA 93 6.66 41.24 -48.10
CA GLU BA 93 6.97 42.24 -49.18
C GLU BA 93 5.86 42.27 -50.20
N ASP BA 94 5.48 41.07 -50.67
CA ASP BA 94 4.37 40.93 -51.60
C ASP BA 94 3.05 41.51 -51.07
N LEU BA 95 2.56 41.01 -49.93
CA LEU BA 95 1.36 41.60 -49.27
C LEU BA 95 1.45 43.14 -49.09
N ILE BA 96 2.66 43.65 -48.83
CA ILE BA 96 2.88 45.10 -48.73
C ILE BA 96 2.67 45.85 -50.07
N ALA BA 97 3.12 45.25 -51.18
CA ALA BA 97 2.93 45.79 -52.54
C ALA BA 97 1.44 45.82 -52.96
N TYR BA 98 0.71 44.72 -52.75
CA TYR BA 98 -0.74 44.72 -52.92
C TYR BA 98 -1.43 45.79 -52.06
N LEU BA 99 -1.04 45.86 -50.79
CA LEU BA 99 -1.64 46.81 -49.85
C LEU BA 99 -1.48 48.27 -50.31
N LYS BA 100 -0.41 48.55 -51.07
CA LYS BA 100 -0.14 49.89 -51.64
C LYS BA 100 -1.16 50.28 -52.75
N LYS BA 101 -1.35 49.40 -53.74
CA LYS BA 101 -2.35 49.60 -54.79
C LYS BA 101 -3.76 49.62 -54.19
N ALA BA 102 -4.17 48.50 -53.59
CA ALA BA 102 -5.57 48.24 -53.25
C ALA BA 102 -6.20 49.22 -52.27
N THR BA 103 -5.44 49.65 -51.25
CA THR BA 103 -6.01 50.48 -50.18
C THR BA 103 -6.14 51.95 -50.60
N ASN BA 104 -5.21 52.39 -51.46
CA ASN BA 104 -5.11 53.80 -51.85
C ASN BA 104 -6.00 54.22 -53.02
N GLU BA 105 -6.78 55.28 -52.77
CA GLU BA 105 -7.73 55.87 -53.73
C GLU BA 105 -8.72 54.83 -54.31
#